data_9I8M
#
_entry.id   9I8M
#
_cell.length_a   1.00
_cell.length_b   1.00
_cell.length_c   1.00
_cell.angle_alpha   90.00
_cell.angle_beta   90.00
_cell.angle_gamma   90.00
#
_symmetry.space_group_name_H-M   'P 1'
#
loop_
_entity.id
_entity.type
_entity.pdbx_description
1 polymer 'Gamma-tubulin complex component'
2 polymer 'Gamma-tubulin complex component 3 homolog'
3 polymer 'Gamma-tubulin complex component'
4 polymer 'Gamma-tubulin complex component'
5 polymer 'Gamma-tubulin complex component 6'
6 polymer 'NEDD1 gamma-tubulin ring complex targeting factor L homeolog'
7 polymer 'Mitotic-spindle organizing protein 1'
#
loop_
_entity_poly.entity_id
_entity_poly.type
_entity_poly.pdbx_seq_one_letter_code
_entity_poly.pdbx_strand_id
1 'polypeptide(L)'
;MSEFRIHHDVNELISLLHVFGLEGADVYIDLLQKNRTPYVTTSVSTHSAKVKIAEFSRTPDDFLKKYEELKSKNTRNLDP
LVYLLSKLIEDKETLQYLQQNAKDKAELATSSVTSVSLPIAPNTSKISMQELEELRRQLETATVAVSCSHQPVEVLRKFL
RDKLNKKHTGHPVPVFPSWVYERPALTGDFMSFSNPSTDVTVSIGTLPLPSQETCLVEDLLYILIGVDGRYISVQPLVGR
QSRSFSVEQNLDSSVKELVNRILPVATNYSTVTRFVEENSSFEYGQVNHALGAAMRTLGKEYMILISQLEHLQRQGLLSL
QKLWFYIQPTLRTMEVLASIATSLNKGECFGGATLSLLHDRTFGYTGDSQAQELCLYLTKAASAPYFDILERWIYRGIIN
DPYSEFMVEEHELQKEKIQEDYNDKYWDQRYTIVQQQIPSFLQKVADKILSTGKYLNVVRECGHDVTCPDAKEITYTLKE
QAYVERIEKAYNYASKVLLDFLMEEEELVAHLRSIKHYFLMDQGDFFVHFMDLTEEELKKPVDDIIPTRLEALLELALRM
STANTDPFKDDLKIELMPHDLITQLLRVLAIETHQEKALINSDPTELALSGLESFSFDYIVKWPLSLIINRKALTRYQML
FRHMFYCKHVERLLCNVWISNKTAKQFSLHSAKWFAGAFTLRQRMLNFVQNIQYYMMFEVMEPTWHILEKNLKSASNIDD
VLSHHTSFLDNCLKDCMLTNPELLKIFSKLMSVCVMFTNCLQRFTQSMQVQTEMEHLTLEHGTMMGPPTQCERTEEALKK
KLTSKYLEEHIDKFPSSFGFESTINNFDSNFSAHLMDLLDKLSMYSTSDCEHSMINIIYRLDFNGFYTERLKQLSSERNQ
KSAPLLGPAQHAVSTK
;
A,C,E,G
2 'polypeptide(L)'
;MAVPDQKSPNVLLQNLCCRILGKGEADVAQQFQYAVRVIGSNFAPTVERDEFLVTEKIKKEFVRQRREADGALFSELHRK
LQSQGVLKNRWSILYLLLSLSEDPRKQPNKTSSFAALFAQALPRDAHSTPYYYARPQSLPLSYQDRNVQCAQNAASIGSS
GISSIGMYALNGPTPQSIIQGQSNQTPNMGDALRQQLGSRLAWTLAAGQQPSQQSTTTKGLPNTVSRNVPRTRREGDSSG
SVEITETSLVRDLLYVFQGIDGKFVKMCNSENCYKVDGKVAVSKSLKDITSKLSELGWLHNKIKKYTDQRSLDRAFGLVG
QSFCAALHQELKEYYRLLSVLHSQLQVEDDQGVNLGVESSLTLRRLLVWTFDPKIRLKTLAALVDHCQGRKGGELASAVH
AYTKTGDPYMRSLVQHILGLVAYPILNFLYRWIYDGELEDTYHEFFVASDPVVKTDRLWHDKYSLRKSMIPSFMTMDQSR
KVLLIGKSINFLHQVCHDQTPASKAMAVGKSAESPKDAAELFTDLENAFQTKIDAAYFDTSKYLLDVLNKNYNLLEHMQA
MRRYLLLGQGDFIRHLMDLLKPELVRPATTLYQHNLTGILETAVRATNAQFDNPEILKRLDVRLLEVSPGDTGWDVFSLD
YHVDGPIATVFTRECMSHYLRVFNFLWRAKRMEYILTDIWKGHMCNAKLLKGMPELSGVLHQCHILASEMVHFIHQMQYY
ITFEVLECSWDELWNKVLKAQDLDHIIAAHDVFLDTIISRCLLDSESRALLNQLRAVFDQIIEFQNAQDALYRAALEELQ
QRLQFEERKKERESEGEWGVTAAEEDVENKRIQEFQESIPKMRSQLRILTHFYQGIVQQFLVLLTTSTDESLRFLSFRLD
FNEHYKAREPRLRVSMGTRGRRSFHV
;
B,D,F,H,O,Q,R,S,T
3 'polypeptide(L)'
;MIHELLLALSGYPGSIFTWNKRTGLQVSQDIPFLHPGETSVLNRLCKLGTDYIRFTEFIEQYTGHVQQQDHHPSQQGQVG
LHGIYLRAFCRGLDSILQPYRQALLDLEQEFLADPHLSISHINYSLDQFHLLFPSIMVVVEQIKSQKIHGCQILETVYKH
SCGGLPPVRSALEKTLAVCHGVMYKQLSAWMLHGLLLDQYEEFFVRQGSSSGNLAAAFEEEEDDLGIGGLTGKQLRELQD
LRLIEEENMLAPSLKQFSLRAEMLPSYIPVRVAEKILFVGESVQMFENQNVNMSRTGSILKNQEDTFAAELHRLKQQPLF
SLVDFESVLDRIRSTVAEHLWKLMVEESDLLGQLKIIKDFYLLGRGELFQAFIDVAQNMLKTPPTAVTEHDVNVAFQLSA
HKVLLDDDNLLPLLNLTIDYHGKEHKDTSQPREGPFRDMSPREAPTSGWAALGLSYKVQWPLHILFTPAVLEKYNVVFKY
LLSVRRVQSELQHCWALQMQRKHLESNKTDAIKWRLQNHMAFLVDNLQYYLQVDVLESQFSQLLQQINSTRDFESIRLAH
DHFLSNLLAQSFILLKPVFHCLNEILELCHSFCSLVSQNLGPLDERGAGQLDILVKGFSCQSSLLFRILSSVRNHQINPD
LAQLLLRLDYNKYYTQAGGTLGSFGL
;
I,K
4 'polypeptide(L)'
;MAHWTRFERDQEGDIKKLVSLMSGIQDDQDGNFQQALQFAWSNFRFHRYLDVSSHTVLRTLEGIFEKLVVHSDLEKAESW
KRLTEEFLLLPLPNTEGTKTDSHFAVLSLLLCLSDSPSNHDYTEKPRKKENDEQEPFDWGKYLREGEDIEFSPDADTPEW
SEASEEEDAQEPPSREDSGIQVDRTPLEDPEKKGAPPLVSWKVGEPDARSWLEQHIVHQYWTSRAPRFSHSSHLHSNLSA
IWDQHLYTTDPLYTPDDKTIVTETQVIRETLWLLSGVKKLLIFQLNDGKVNVRNDIIVTHMTQNCLRSVLEQIAAYGQVV
FRLQKFIDEITGHGSEVPLPGTLPTAKKTTEAPFRTYQAFMWALYKYFISFKEELTEIEKCIINKDETVTLAIVLDKLAP
RLAQLKVLHRVFSTGIAEVPPDTRNVVRASHLLNTLYKAILDYDNVGEASEQTVSLLFCLWVETVRPYLEIVDEWIVHGN
LFDPAKEFIIQRNKDVPFNHRDFWYATYTLYSVSEKTENEDKMSDNASASSGSDQAPAGRQHTMVSFLKPVLKQIIMAGK
SMQLLKNLKCRTALQQDSSRDSDRKSLYTLFLESVQSRLQHGNDSVPDIITEQQVNKLSLIKMQSIVAKHLELDEVHDPL
LAINFVRLYLEQSDFLETFTCNEVCVDRSSESVTCQSFELTLRSCLYPHIGKQYLECCGNLMYTLKKDYRLVEYLQAMRN
FFLLEAGDTMYDFYTPIFDKIREKEPWLNLSYLNVQIQEAVGQRYPDDSTRLSVSFESVDLAKKKLPVHTLDGLILSYKV
PWPVDIVISSECQKIYNQVFLLLLLIKWAKYSLDVLQFNELGNASENESTKEGATVEPFPLPPLTSPSEPKGQQIHRMFL
LRVKLMHFVNSLHNYLMTRILHSTGLEFQHQVEEAKDLDQLIKIHYRYLSTIHDRCLLREKVSSVKEAIMKVLNVVLMFA
DRWHAGLGAWKKESIVKMESDFTNCHKFLVKVLNKAVCRGSFPHLESLALSLMAGMEQS
;
J
5 'polypeptide(L)'
;MDSITKLFGDLCESHMVGFPWRTALNSRKHSKNRTKQTLKKLAYDTLFVHLFQDEARKLQPNCTRLPVKNKIIMLSFNLR
ICGMSSEADRLEELVEYLEQSNGIQISDLHAVLELLVELSGTGPPQLLPPKRDYFKNNKYVGRNVKYQGYDYYDVQVFEA
DLGTTVAYQELEISTTIQRTLQIMEAAPGTGLPALSFFSQNDLSTDKFEKETRGSLFGALVHSRTNDMDIKLDMPPVPEN
ADLSGLAIKVPQSIDQSEDEGFQSASNMTPDSQSEPSMTPDIDVWEAVLTYGPSKRRCWERIGCPPGKREEPYVTEAGRE
AFDKLYKLHEGGLQILSATTLQPQLVLLEETDLVKAVLNVLIGVVSSTFSYNQALQSFAVKQGVYISGTSPDNVSSLLTQ
VAEYGTYYTRLSHFSLLTVLDSSHSNGLVFQAFTSGLRKYLQYYRACVLSTPASLTLLTISFLFRKLGRQLRYLAELCCI
GTLVTSATRGISTAFPTGVKLLSYLYKEALENSSNENYPVLLSLLKTSCEPYTRFIYDWVYSGVFRDVCGEFMIQVNEDY
LGFRDKRYWTHGYVLISKEVEDCVPVFLKHVANEIYICGKTINLLKLCCPKHYICWSDIPVPRISVTFSLEELKEMEKDC
AVYVARMERIARHSCISKEQKALQTEIARQELIIQARETTEKVFETFKDRKLAEKLSLDTKKRELFQKLKDQYEKEQERR
LTTKQEEADDDFSYAREIRDREKRLKALEEELELKTRQELIEHYSRLSEEATRKEQRALWKLQRHKLETIRLKFFLEEQK
RMQDLVANFPVDICEENLGVLPDGEISHQTDNTNDAGLGNIENEKSVPEQHALHNNNDEVYTAQNCISKSESLCVDVTLP
TENVHSQTSNASVLGVPSFDSNLCTPDVDIIDFLPTLPSENQEVAVVQSLVDDALISIGSDLNTDTKDKESLCALKSDLQ
ESSTGSEYDFKTILKPIACTQVSQGHIKIGEYSSNVQPARPRWSTHGHSSDSNIKIGNYVSDINVHQPKHSQHGHSSDSN
INISDHMSDVEPRLPRLNLHGHISTGHIKVGEYASDVEPSTPRHSVHGHASQGNIKIGENVSDVKLSRPRWNIHGHVSDA
NIKIGENTSEIAPLRPRWNIHGHASQSHIKIGELVSDIEPSQPRRTPFGHPSQSSIPIGDQPVEKYAQKSESEVHSSNST
IQHLLYSNIPDKNKDTGGTLTDSPVPVPDQGNSNDDTEKRSSTLEQRVQAADSVCDGEASPNTAQSLPCMSDTLDFGTNG
EENVGNDDHTWEKQQEYLKGLAEKYCLEKYQDSYELMSHPPVLHLYSNVMPNRFSFPTDSDIKSATDETTVQLIELLSLP
VLMKYSVTAPMVSHVYLVNKAIVDYYFVELKMERHFEAMRHFLLMEDGEFAQSLSDMLFEKLGSGQTPSELLNPLVLNSI
LNKALQYSLHGDSSLASNLTFALKYLPEVFTPTAPDALSCLELKYKVDWPLNIVITDTCMNKYSRIFSFLLQLKHMVWTL
RDVWFHLKRTALVNQASNSVQYRQLQLYRHEMQHFVKVIQGYIANQILHVTWCEFRNKLSAVSNLEEIYKTHADYLNKAL
FRGLLTEKAAPLMNIIHSIFSLILKFRLQLISQSWICDTGKQMAVHPNFGLMQQSYNTFKYYSDFLFEVVSKLVNRGYQP
HLEDFLLRINFNSYYKQS
;
L
6 'polypeptide(L)'
;MESRGGGGRVRLPGTTMQDNIRFVSAGDDVKIWDYSSMTTVEQFNPHSASHPVSSLCWSSNNHFLVTASGSGDKIVVSSC
KSKPVPLLELAEGKKQTCVNLNSSSQYVVSGGLDNTVNIWDLKSKRLHRSLKDHKDEVTCVTFNANDCYVASGSMSGEII
LHNVTTNLSSTPFGHGSSQPIRHLKYSYVKKSLLGTVSDSGSVTLWDANSQNPYHVFESAHKAPASGICFSPVNDLLLVT
VGLDKRIICYDVSSKILLQTVVAESPLTAVDFMPDGATLAVGSSRGKIYLYDLRMLSSPVKTVSAHKTSVQCIQFQHSNI
YKSSKGPSSKSSILSTAVNKKPSTKTAAGGTQSANITKDLPPSAISSLPQPVMPVDSKVLRVNDDKSGFPRSTSLDIIPS
KETDFAKTSDYKSIDSFGRSSLGDIFSPVRDDASHFRGAEDLSCKGNDLDYLPQFSTIPSSRRNPVGANTQGIHGSPLHL
IIESPIKEEDESQDSELKTRKPQLLKQDFRESSSKPASVDQNNLNNSPINSVTRTPEAIEKTGHQILSQLKSDVPAHGTK
IASPKVAATMSTQLASSLSEKIADTLASDRTGAPLTAIQINFIKNMIEETLDDFREACHRDIVNLQVEMIKQFHIQSSEI
QMLLERYSLNESLVSEIEKLREENKRLRANF
;
U,V,W,X
7 'polypeptide(L)' MANASGNMSAVRETMDVLLEISRLLNTGLDMETLSICVRLCEQGINPEALSSVIKELRRASDTLKASESTAS o,p,q,r,s,t
#
# COMPACT_ATOMS: atom_id res chain seq x y z
N LEU A 209 70.10 3.77 -47.99
CA LEU A 209 71.34 3.64 -47.16
C LEU A 209 71.11 3.34 -45.67
N PRO A 210 70.33 4.07 -44.89
CA PRO A 210 69.70 3.44 -43.67
C PRO A 210 68.43 2.72 -44.02
N SER A 211 67.80 3.00 -45.18
CA SER A 211 66.44 2.64 -45.64
C SER A 211 66.36 1.18 -45.98
N GLN A 212 67.58 0.71 -46.40
CA GLN A 212 67.82 -0.60 -46.90
C GLN A 212 67.72 -1.64 -45.83
N GLU A 213 67.81 -1.24 -44.51
CA GLU A 213 67.64 -2.19 -43.48
C GLU A 213 66.17 -2.62 -43.33
N THR A 214 65.20 -1.71 -43.67
CA THR A 214 63.77 -2.01 -43.65
C THR A 214 63.36 -2.77 -44.90
N CYS A 215 64.08 -2.47 -45.98
CA CYS A 215 63.83 -3.08 -47.26
C CYS A 215 64.11 -4.61 -47.24
N LEU A 216 65.09 -5.10 -46.47
CA LEU A 216 65.39 -6.51 -46.26
C LEU A 216 64.46 -7.20 -45.32
N VAL A 217 63.71 -6.49 -44.45
CA VAL A 217 62.61 -6.93 -43.67
C VAL A 217 61.47 -7.35 -44.58
N GLU A 218 61.11 -6.47 -45.54
CA GLU A 218 60.01 -6.71 -46.38
C GLU A 218 60.34 -7.90 -47.27
N ASP A 219 61.64 -8.17 -47.71
CA ASP A 219 62.14 -9.24 -48.44
C ASP A 219 62.09 -10.55 -47.63
N LEU A 220 62.17 -10.45 -46.27
CA LEU A 220 62.15 -11.61 -45.42
C LEU A 220 60.80 -12.21 -45.30
N LEU A 221 59.72 -11.43 -45.37
CA LEU A 221 58.40 -11.89 -45.13
C LEU A 221 57.92 -12.81 -46.23
N TYR A 222 58.59 -12.73 -47.48
CA TYR A 222 58.32 -13.61 -48.60
C TYR A 222 59.06 -14.99 -48.40
N ILE A 223 60.15 -15.02 -47.56
CA ILE A 223 60.85 -16.31 -47.41
C ILE A 223 59.95 -17.25 -46.65
N LEU A 224 59.21 -16.67 -45.71
CA LEU A 224 58.37 -17.50 -44.82
C LEU A 224 57.24 -18.25 -45.50
N ILE A 225 56.63 -17.61 -46.58
CA ILE A 225 55.68 -18.10 -47.53
C ILE A 225 56.32 -19.16 -48.32
N GLY A 226 57.56 -18.92 -48.92
CA GLY A 226 58.29 -19.99 -49.59
C GLY A 226 58.62 -19.49 -50.95
N VAL A 227 58.52 -18.14 -51.15
CA VAL A 227 58.59 -17.49 -52.49
C VAL A 227 59.61 -16.42 -52.51
N ASP A 228 59.80 -15.89 -53.78
CA ASP A 228 60.86 -15.05 -54.25
C ASP A 228 60.76 -13.71 -53.50
N GLY A 229 61.94 -13.15 -53.27
CA GLY A 229 62.16 -11.91 -52.59
C GLY A 229 62.24 -10.85 -53.64
N ARG A 230 62.63 -9.61 -53.24
CA ARG A 230 62.82 -8.60 -54.22
C ARG A 230 64.26 -8.32 -54.36
N TYR A 231 65.07 -8.95 -53.50
CA TYR A 231 66.52 -8.79 -53.51
C TYR A 231 67.13 -9.96 -52.70
N ILE A 232 66.28 -10.97 -52.39
CA ILE A 232 66.67 -12.19 -51.75
C ILE A 232 66.13 -13.32 -52.59
N SER A 233 67.08 -14.17 -53.13
CA SER A 233 66.74 -15.18 -54.07
C SER A 233 66.26 -16.40 -53.35
N VAL A 234 65.28 -17.12 -53.99
CA VAL A 234 64.64 -18.40 -53.63
C VAL A 234 65.00 -19.36 -54.68
N GLN A 235 65.52 -20.52 -54.24
CA GLN A 235 66.01 -21.59 -55.06
C GLN A 235 65.14 -22.74 -54.69
N PRO A 236 64.31 -23.24 -55.63
CA PRO A 236 63.54 -24.41 -55.37
C PRO A 236 64.35 -25.64 -55.74
N LEU A 237 65.42 -25.84 -55.01
CA LEU A 237 66.33 -26.87 -55.22
C LEU A 237 65.64 -28.25 -54.97
N VAL A 238 66.23 -29.29 -55.63
CA VAL A 238 65.99 -30.67 -55.35
C VAL A 238 66.32 -31.06 -53.91
N GLY A 239 65.50 -31.97 -53.31
CA GLY A 239 65.66 -32.33 -51.86
C GLY A 239 64.96 -31.36 -51.00
N ARG A 240 64.68 -31.87 -49.81
CA ARG A 240 63.72 -31.29 -48.84
C ARG A 240 64.30 -31.49 -47.47
N GLN A 241 63.98 -30.45 -46.66
CA GLN A 241 64.49 -30.32 -45.36
C GLN A 241 65.37 -29.09 -45.41
N SER A 242 66.18 -28.86 -46.54
CA SER A 242 67.08 -27.84 -46.66
C SER A 242 67.24 -27.58 -48.12
N ARG A 243 66.72 -26.32 -48.43
CA ARG A 243 67.04 -25.72 -49.68
C ARG A 243 67.68 -24.43 -49.23
N SER A 244 68.59 -23.86 -50.03
CA SER A 244 69.46 -22.83 -49.62
C SER A 244 68.91 -21.55 -50.26
N PHE A 245 68.84 -20.40 -49.56
CA PHE A 245 68.36 -19.17 -50.01
C PHE A 245 69.54 -18.25 -49.91
N SER A 246 69.76 -17.54 -51.05
CA SER A 246 70.99 -16.83 -51.26
C SER A 246 70.68 -15.36 -51.05
N VAL A 247 71.24 -14.87 -49.94
CA VAL A 247 71.15 -13.57 -49.43
C VAL A 247 72.19 -12.68 -49.95
N GLU A 248 71.80 -11.70 -50.82
CA GLU A 248 72.64 -10.65 -51.44
C GLU A 248 72.97 -9.57 -50.41
N GLN A 249 74.18 -9.60 -49.89
CA GLN A 249 74.88 -8.57 -49.10
C GLN A 249 74.63 -7.11 -49.47
N ASN A 250 74.60 -6.23 -48.46
CA ASN A 250 74.40 -4.84 -48.57
C ASN A 250 75.24 -4.23 -47.50
N LEU A 251 75.59 -2.94 -47.65
CA LEU A 251 76.52 -2.24 -46.83
C LEU A 251 75.94 -2.14 -45.42
N ASP A 252 76.74 -2.49 -44.36
CA ASP A 252 76.44 -2.55 -42.94
C ASP A 252 76.38 -3.98 -42.74
N SER A 253 77.51 -4.62 -42.26
CA SER A 253 77.79 -6.05 -42.18
C SER A 253 77.03 -6.64 -41.06
N SER A 254 76.56 -5.78 -40.10
CA SER A 254 75.94 -6.25 -38.92
C SER A 254 74.53 -6.68 -39.17
N VAL A 255 73.77 -6.07 -40.02
CA VAL A 255 72.35 -6.35 -40.19
C VAL A 255 72.16 -7.53 -41.10
N LYS A 256 73.23 -7.93 -41.79
CA LYS A 256 73.33 -9.08 -42.68
C LYS A 256 73.63 -10.39 -41.99
N GLU A 257 74.35 -10.35 -40.85
CA GLU A 257 74.60 -11.50 -40.03
C GLU A 257 73.30 -11.81 -39.26
N LEU A 258 72.60 -10.70 -38.82
CA LEU A 258 71.34 -10.64 -38.08
C LEU A 258 70.21 -11.26 -38.83
N VAL A 259 70.12 -11.05 -40.18
CA VAL A 259 69.10 -11.60 -41.01
C VAL A 259 69.41 -13.02 -41.31
N ASN A 260 70.75 -13.37 -41.24
CA ASN A 260 71.22 -14.67 -41.55
C ASN A 260 70.90 -15.55 -40.45
N ARG A 261 70.60 -14.93 -39.24
CA ARG A 261 70.33 -15.60 -37.99
C ARG A 261 68.91 -16.11 -37.97
N ILE A 262 67.97 -15.26 -38.53
CA ILE A 262 66.54 -15.53 -38.52
C ILE A 262 66.19 -16.36 -39.70
N LEU A 263 67.16 -16.42 -40.73
CA LEU A 263 66.88 -17.07 -42.00
C LEU A 263 66.53 -18.59 -41.86
N PRO A 264 67.18 -19.47 -41.05
CA PRO A 264 66.88 -20.92 -40.96
C PRO A 264 65.54 -21.20 -40.40
N VAL A 265 64.94 -20.30 -39.57
CA VAL A 265 63.67 -20.39 -38.96
C VAL A 265 62.57 -20.37 -40.01
N ALA A 266 62.70 -19.53 -41.05
CA ALA A 266 61.73 -19.51 -42.16
C ALA A 266 61.94 -20.71 -43.06
N THR A 267 63.16 -21.12 -43.26
CA THR A 267 63.59 -22.19 -44.12
C THR A 267 63.10 -23.56 -43.84
N ASN A 268 63.07 -23.96 -42.55
CA ASN A 268 62.77 -25.40 -42.24
C ASN A 268 61.18 -25.69 -42.41
N TYR A 269 60.31 -24.72 -42.20
CA TYR A 269 58.90 -24.69 -42.49
C TYR A 269 58.61 -24.77 -43.98
N SER A 270 59.35 -23.93 -44.75
CA SER A 270 59.03 -23.67 -46.14
C SER A 270 59.21 -24.91 -46.98
N THR A 271 60.11 -25.86 -46.64
CA THR A 271 60.32 -27.06 -47.35
C THR A 271 59.24 -28.00 -47.01
N VAL A 272 58.90 -28.18 -45.75
CA VAL A 272 58.09 -29.32 -45.35
C VAL A 272 56.68 -29.25 -45.69
N THR A 273 56.11 -28.06 -45.77
CA THR A 273 54.70 -27.97 -46.26
C THR A 273 54.64 -28.38 -47.75
N ARG A 274 55.66 -28.06 -48.58
CA ARG A 274 55.52 -27.99 -50.00
C ARG A 274 55.19 -29.31 -50.61
N PHE A 275 55.92 -30.38 -50.23
CA PHE A 275 55.79 -31.59 -51.00
C PHE A 275 54.61 -32.34 -50.38
N VAL A 276 54.24 -32.15 -49.02
CA VAL A 276 53.33 -33.04 -48.35
C VAL A 276 51.91 -32.59 -48.68
N GLU A 277 51.64 -31.25 -49.01
CA GLU A 277 50.30 -30.74 -49.44
C GLU A 277 49.99 -31.25 -50.82
N GLU A 278 50.93 -31.81 -51.61
CA GLU A 278 50.55 -32.24 -52.98
C GLU A 278 50.47 -33.78 -52.97
N ASN A 279 51.31 -34.36 -52.12
CA ASN A 279 51.40 -35.71 -51.96
C ASN A 279 50.14 -36.32 -51.36
N SER A 280 49.49 -35.50 -50.44
CA SER A 280 48.28 -35.86 -49.72
C SER A 280 47.14 -36.01 -50.67
N SER A 281 47.06 -35.11 -51.65
CA SER A 281 45.95 -35.04 -52.66
C SER A 281 45.96 -36.27 -53.56
N PHE A 282 47.11 -37.01 -53.59
CA PHE A 282 47.34 -38.15 -54.43
C PHE A 282 46.99 -39.43 -53.74
N GLU A 283 46.47 -39.34 -52.47
CA GLU A 283 46.21 -40.49 -51.62
C GLU A 283 44.81 -41.03 -51.88
N TYR A 284 44.58 -42.36 -51.59
CA TYR A 284 43.45 -43.03 -52.23
C TYR A 284 42.29 -43.07 -51.25
N GLY A 285 42.36 -42.56 -49.97
CA GLY A 285 41.35 -42.83 -48.95
C GLY A 285 42.08 -43.02 -47.66
N GLN A 286 43.36 -43.39 -47.71
CA GLN A 286 44.29 -43.55 -46.65
C GLN A 286 44.35 -42.37 -45.69
N VAL A 287 44.76 -42.69 -44.37
CA VAL A 287 44.90 -41.71 -43.28
C VAL A 287 45.97 -40.61 -43.51
N ASN A 288 46.98 -40.93 -44.34
CA ASN A 288 47.90 -39.90 -44.74
C ASN A 288 47.30 -38.71 -45.59
N HIS A 289 46.05 -38.83 -46.19
CA HIS A 289 45.39 -37.72 -46.84
C HIS A 289 44.63 -36.81 -45.87
N ALA A 290 44.11 -37.30 -44.77
CA ALA A 290 43.53 -36.60 -43.65
C ALA A 290 44.56 -35.87 -42.80
N LEU A 291 45.76 -36.50 -42.72
CA LEU A 291 46.98 -35.99 -42.06
C LEU A 291 47.63 -34.79 -42.80
N GLY A 292 47.78 -34.91 -44.11
CA GLY A 292 48.48 -33.91 -44.90
C GLY A 292 47.58 -32.73 -45.03
N ALA A 293 46.24 -32.94 -45.04
CA ALA A 293 45.22 -31.91 -45.10
C ALA A 293 45.12 -31.13 -43.81
N ALA A 294 45.46 -31.73 -42.63
CA ALA A 294 45.43 -31.07 -41.35
C ALA A 294 46.63 -30.21 -41.12
N MET A 295 47.76 -30.62 -41.76
CA MET A 295 48.98 -29.82 -41.76
C MET A 295 48.83 -28.42 -42.48
N ARG A 296 48.06 -28.43 -43.60
CA ARG A 296 47.72 -27.34 -44.51
C ARG A 296 46.81 -26.33 -43.79
N THR A 297 45.97 -26.79 -42.87
CA THR A 297 45.23 -26.00 -42.04
C THR A 297 46.03 -25.13 -41.02
N LEU A 298 47.08 -25.77 -40.37
CA LEU A 298 47.99 -25.24 -39.41
C LEU A 298 48.96 -24.34 -40.21
N GLY A 299 49.08 -24.60 -41.53
CA GLY A 299 49.93 -23.86 -42.42
C GLY A 299 49.31 -22.63 -42.87
N LYS A 300 47.91 -22.50 -42.79
CA LYS A 300 47.25 -21.28 -43.06
C LYS A 300 47.60 -20.32 -41.97
N GLU A 301 47.59 -20.84 -40.71
CA GLU A 301 47.68 -20.00 -39.54
C GLU A 301 49.07 -19.46 -39.19
N TYR A 302 50.11 -20.05 -39.75
CA TYR A 302 51.48 -19.64 -39.71
C TYR A 302 51.59 -18.35 -40.54
N MET A 303 50.85 -18.26 -41.65
CA MET A 303 50.84 -17.16 -42.59
C MET A 303 50.11 -15.95 -42.16
N ILE A 304 49.36 -16.10 -40.99
CA ILE A 304 48.59 -15.06 -40.35
C ILE A 304 49.72 -14.22 -39.70
N LEU A 305 50.78 -14.87 -39.19
CA LEU A 305 51.83 -14.11 -38.48
C LEU A 305 52.64 -13.33 -39.51
N ILE A 306 52.72 -13.82 -40.76
CA ILE A 306 53.49 -13.28 -41.82
C ILE A 306 52.85 -12.01 -42.26
N SER A 307 51.50 -11.99 -42.33
CA SER A 307 50.69 -10.89 -42.72
C SER A 307 50.48 -9.93 -41.58
N GLN A 308 50.52 -10.34 -40.28
CA GLN A 308 50.46 -9.43 -39.16
C GLN A 308 51.72 -8.67 -38.92
N LEU A 309 52.87 -9.34 -39.35
CA LEU A 309 54.11 -8.62 -39.36
C LEU A 309 54.17 -7.55 -40.45
N GLU A 310 53.54 -7.81 -41.64
CA GLU A 310 53.55 -6.94 -42.84
C GLU A 310 52.52 -5.82 -42.64
N HIS A 311 51.58 -6.06 -41.70
CA HIS A 311 50.68 -4.96 -41.36
C HIS A 311 51.37 -3.84 -40.54
N LEU A 312 52.40 -4.33 -39.67
CA LEU A 312 53.23 -3.44 -38.90
C LEU A 312 54.36 -2.84 -39.66
N GLN A 313 54.49 -3.30 -41.00
CA GLN A 313 55.49 -2.72 -41.96
C GLN A 313 54.66 -1.83 -42.91
N ARG A 314 54.14 -0.71 -42.48
CA ARG A 314 53.66 0.38 -43.31
C ARG A 314 54.70 1.50 -43.31
N GLN A 315 55.47 1.48 -42.23
CA GLN A 315 56.65 2.26 -41.97
C GLN A 315 57.21 1.39 -40.87
N GLY A 316 58.50 1.45 -40.58
CA GLY A 316 59.13 0.44 -39.70
C GLY A 316 58.76 0.54 -38.26
N LEU A 317 58.04 -0.49 -37.83
CA LEU A 317 57.61 -0.61 -36.44
C LEU A 317 58.21 -1.87 -35.83
N LEU A 318 59.04 -2.61 -36.60
CA LEU A 318 59.66 -3.82 -36.20
C LEU A 318 61.06 -3.83 -36.68
N SER A 319 61.84 -4.64 -35.94
CA SER A 319 63.21 -5.01 -36.21
C SER A 319 63.35 -6.53 -36.16
N LEU A 320 64.54 -7.14 -36.57
CA LEU A 320 64.80 -8.53 -36.82
C LEU A 320 64.70 -9.34 -35.54
N GLN A 321 65.04 -8.70 -34.36
CA GLN A 321 64.90 -9.19 -33.02
C GLN A 321 63.48 -9.27 -32.55
N LYS A 322 62.57 -8.33 -33.02
CA LYS A 322 61.20 -8.22 -32.64
C LYS A 322 60.41 -9.31 -33.43
N LEU A 323 60.94 -9.72 -34.62
CA LEU A 323 60.40 -10.82 -35.33
C LEU A 323 60.63 -12.16 -34.67
N TRP A 324 61.84 -12.34 -34.07
CA TRP A 324 62.28 -13.62 -33.47
C TRP A 324 61.58 -13.89 -32.20
N PHE A 325 61.18 -12.87 -31.46
CA PHE A 325 60.60 -13.04 -30.17
C PHE A 325 59.20 -13.49 -30.41
N TYR A 326 58.67 -13.18 -31.58
CA TYR A 326 57.30 -13.52 -31.99
C TYR A 326 57.19 -14.92 -32.50
N ILE A 327 58.18 -15.47 -33.24
CA ILE A 327 58.16 -16.83 -33.86
C ILE A 327 58.90 -17.69 -32.80
N GLN A 328 59.08 -17.25 -31.52
CA GLN A 328 59.76 -17.99 -30.49
C GLN A 328 58.92 -19.19 -30.12
N PRO A 329 57.62 -19.24 -29.85
CA PRO A 329 56.93 -20.53 -29.69
C PRO A 329 56.78 -21.28 -31.03
N THR A 330 56.76 -20.66 -32.22
CA THR A 330 56.38 -21.23 -33.51
C THR A 330 57.66 -21.98 -33.94
N LEU A 331 58.85 -21.66 -33.31
CA LEU A 331 60.07 -22.49 -33.54
C LEU A 331 60.02 -23.85 -32.91
N ARG A 332 59.32 -24.03 -31.78
CA ARG A 332 59.09 -25.30 -31.21
C ARG A 332 57.94 -26.07 -31.86
N THR A 333 57.00 -25.38 -32.62
CA THR A 333 55.90 -25.98 -33.28
C THR A 333 56.40 -26.61 -34.64
N MET A 334 57.36 -25.92 -35.28
CA MET A 334 57.78 -26.21 -36.60
C MET A 334 58.76 -27.29 -36.68
N GLU A 335 59.50 -27.51 -35.59
CA GLU A 335 60.54 -28.50 -35.49
C GLU A 335 59.98 -29.87 -35.22
N VAL A 336 58.74 -29.98 -34.65
CA VAL A 336 58.05 -31.17 -34.41
C VAL A 336 57.10 -31.48 -35.53
N LEU A 337 56.82 -30.51 -36.44
CA LEU A 337 56.18 -30.92 -37.72
C LEU A 337 57.23 -31.41 -38.75
N ALA A 338 58.54 -31.06 -38.47
CA ALA A 338 59.64 -31.26 -39.33
C ALA A 338 59.97 -32.80 -39.33
N SER A 339 59.85 -33.49 -38.15
CA SER A 339 60.22 -34.92 -38.06
C SER A 339 59.16 -35.84 -38.53
N ILE A 340 57.91 -35.34 -38.56
CA ILE A 340 56.79 -36.12 -39.15
C ILE A 340 56.97 -36.40 -40.59
N ALA A 341 57.41 -35.32 -41.37
CA ALA A 341 57.42 -35.31 -42.79
C ALA A 341 58.56 -36.14 -43.31
N THR A 342 59.64 -36.28 -42.52
CA THR A 342 60.82 -37.08 -42.83
C THR A 342 60.54 -38.54 -42.49
N SER A 343 59.74 -38.87 -41.36
CA SER A 343 59.63 -40.26 -40.96
C SER A 343 58.72 -41.15 -41.86
N LEU A 344 57.67 -40.55 -42.40
CA LEU A 344 56.70 -41.10 -43.28
C LEU A 344 57.19 -41.27 -44.76
N ASN A 345 58.38 -40.69 -45.12
CA ASN A 345 59.06 -40.85 -46.41
C ASN A 345 60.13 -41.93 -46.23
N LYS A 346 60.76 -42.08 -45.03
CA LYS A 346 61.75 -43.08 -44.75
C LYS A 346 61.17 -44.52 -44.88
N GLY A 347 59.93 -44.75 -44.34
CA GLY A 347 59.31 -45.99 -44.36
C GLY A 347 58.72 -46.21 -45.67
N GLU A 348 58.28 -45.09 -46.32
CA GLU A 348 57.35 -44.98 -47.46
C GLU A 348 56.04 -45.58 -47.16
N CYS A 349 55.53 -45.10 -46.02
CA CYS A 349 54.42 -45.59 -45.27
C CYS A 349 53.09 -45.50 -46.04
N PHE A 350 52.30 -46.49 -45.62
CA PHE A 350 50.94 -46.59 -46.10
C PHE A 350 50.23 -46.50 -44.77
N GLY A 351 48.85 -46.58 -44.86
CA GLY A 351 47.91 -46.09 -43.91
C GLY A 351 47.92 -46.79 -42.55
N GLY A 352 48.19 -48.12 -42.55
CA GLY A 352 48.30 -48.91 -41.27
C GLY A 352 49.60 -48.62 -40.42
N ALA A 353 50.72 -48.38 -41.09
CA ALA A 353 51.93 -48.06 -40.37
C ALA A 353 52.19 -46.61 -40.08
N THR A 354 51.47 -45.59 -40.72
CA THR A 354 51.46 -44.22 -40.46
C THR A 354 51.03 -43.98 -39.08
N LEU A 355 49.83 -44.56 -38.68
CA LEU A 355 49.24 -44.33 -37.38
C LEU A 355 50.07 -44.94 -36.23
N SER A 356 50.83 -45.99 -36.54
CA SER A 356 51.73 -46.64 -35.61
C SER A 356 52.82 -45.77 -35.18
N LEU A 357 53.37 -44.95 -36.08
CA LEU A 357 54.32 -43.98 -35.67
C LEU A 357 53.79 -42.78 -34.83
N LEU A 358 52.64 -42.23 -35.25
CA LEU A 358 52.07 -40.97 -34.69
C LEU A 358 51.59 -41.22 -33.28
N HIS A 359 51.23 -42.45 -32.96
CA HIS A 359 50.78 -42.94 -31.64
C HIS A 359 51.77 -42.64 -30.61
N ASP A 360 53.09 -43.01 -30.90
CA ASP A 360 54.14 -42.76 -29.88
C ASP A 360 54.36 -41.26 -29.66
N ARG A 361 54.00 -40.37 -30.62
CA ARG A 361 54.22 -38.96 -30.50
C ARG A 361 53.29 -38.35 -29.46
N THR A 362 52.02 -38.81 -29.39
CA THR A 362 51.01 -38.27 -28.55
C THR A 362 51.00 -38.80 -27.18
N PHE A 363 52.13 -39.38 -26.83
CA PHE A 363 52.30 -40.16 -25.62
C PHE A 363 53.78 -40.12 -25.41
N GLY A 364 54.50 -39.26 -26.14
CA GLY A 364 55.91 -39.01 -25.81
C GLY A 364 56.15 -37.59 -26.05
N TYR A 365 57.38 -37.13 -25.70
CA TYR A 365 57.98 -35.90 -25.99
C TYR A 365 57.43 -34.81 -25.05
N THR A 366 58.33 -33.94 -24.57
CA THR A 366 57.81 -32.68 -23.89
C THR A 366 58.91 -31.64 -24.08
N GLY A 367 58.57 -30.33 -24.10
CA GLY A 367 59.53 -29.27 -24.05
C GLY A 367 58.92 -27.93 -24.20
N ASP A 368 57.83 -27.85 -24.97
CA ASP A 368 57.11 -26.60 -25.12
C ASP A 368 55.71 -26.97 -24.80
N SER A 369 54.83 -25.97 -24.60
CA SER A 369 53.41 -26.10 -24.35
C SER A 369 52.97 -26.40 -25.78
N GLN A 370 53.30 -25.52 -26.73
CA GLN A 370 52.60 -25.40 -28.02
C GLN A 370 52.85 -26.56 -28.95
N ALA A 371 54.01 -27.24 -28.74
CA ALA A 371 54.41 -28.44 -29.44
C ALA A 371 53.52 -29.59 -29.05
N GLN A 372 53.22 -29.82 -27.74
CA GLN A 372 52.34 -30.92 -27.40
C GLN A 372 50.94 -30.60 -27.76
N GLU A 373 50.63 -29.32 -27.78
CA GLU A 373 49.30 -28.82 -27.97
C GLU A 373 48.74 -29.11 -29.34
N LEU A 374 49.61 -28.92 -30.38
CA LEU A 374 49.31 -29.10 -31.81
C LEU A 374 49.24 -30.57 -32.02
N CYS A 375 50.17 -31.26 -31.31
CA CYS A 375 50.38 -32.74 -31.53
C CYS A 375 49.29 -33.57 -30.86
N LEU A 376 48.47 -32.97 -29.94
CA LEU A 376 47.22 -33.76 -29.60
C LEU A 376 46.26 -33.73 -30.82
N TYR A 377 46.04 -32.52 -31.44
CA TYR A 377 44.95 -32.25 -32.34
C TYR A 377 45.12 -33.09 -33.55
N LEU A 378 46.38 -33.05 -34.19
CA LEU A 378 46.57 -33.60 -35.55
C LEU A 378 46.61 -35.16 -35.45
N THR A 379 47.08 -35.72 -34.32
CA THR A 379 47.18 -37.17 -34.20
C THR A 379 45.81 -37.84 -33.96
N LYS A 380 44.87 -37.18 -33.27
CA LYS A 380 43.48 -37.55 -33.18
C LYS A 380 42.78 -37.36 -34.50
N ALA A 381 43.10 -36.36 -35.27
CA ALA A 381 42.50 -36.10 -36.58
C ALA A 381 43.00 -37.08 -37.73
N ALA A 382 43.97 -37.94 -37.38
CA ALA A 382 44.51 -39.00 -38.28
C ALA A 382 43.97 -40.28 -37.86
N SER A 383 43.81 -40.41 -36.60
CA SER A 383 43.10 -41.52 -36.07
C SER A 383 41.59 -41.54 -36.24
N ALA A 384 40.88 -40.39 -36.39
CA ALA A 384 39.49 -40.22 -36.47
C ALA A 384 38.90 -40.79 -37.81
N PRO A 385 39.41 -40.66 -39.08
CA PRO A 385 39.11 -41.50 -40.19
C PRO A 385 39.10 -42.96 -40.04
N TYR A 386 40.17 -43.41 -39.38
CA TYR A 386 40.34 -44.76 -38.95
C TYR A 386 39.26 -45.30 -38.04
N PHE A 387 38.87 -44.45 -37.04
CA PHE A 387 37.78 -44.80 -36.14
C PHE A 387 36.43 -44.92 -36.92
N ASP A 388 36.17 -44.10 -37.97
CA ASP A 388 34.84 -43.96 -38.58
C ASP A 388 34.56 -45.29 -39.28
N ILE A 389 35.53 -45.89 -40.00
CA ILE A 389 35.48 -47.20 -40.65
C ILE A 389 35.69 -48.34 -39.63
N LEU A 390 36.27 -48.01 -38.47
CA LEU A 390 36.57 -49.00 -37.40
C LEU A 390 35.27 -49.54 -36.94
N GLU A 391 34.26 -48.71 -36.67
CA GLU A 391 32.93 -49.13 -36.24
C GLU A 391 32.20 -49.84 -37.41
N ARG A 392 32.55 -49.51 -38.69
CA ARG A 392 32.10 -50.20 -39.90
C ARG A 392 32.62 -51.64 -40.12
N TRP A 393 33.80 -52.02 -39.57
CA TRP A 393 34.36 -53.33 -39.70
C TRP A 393 33.89 -54.11 -38.51
N ILE A 394 33.64 -53.53 -37.31
CA ILE A 394 33.61 -54.28 -36.07
C ILE A 394 32.19 -54.55 -35.80
N TYR A 395 31.28 -54.01 -36.61
CA TYR A 395 29.88 -54.24 -36.47
C TYR A 395 29.27 -54.69 -37.84
N ARG A 396 29.53 -53.94 -38.87
CA ARG A 396 28.91 -54.28 -40.19
C ARG A 396 29.63 -55.34 -41.05
N GLY A 397 30.94 -55.54 -40.79
CA GLY A 397 31.81 -56.43 -41.55
C GLY A 397 31.95 -56.03 -43.02
N ILE A 398 32.37 -54.73 -43.20
CA ILE A 398 32.63 -54.18 -44.50
C ILE A 398 33.67 -53.21 -44.19
N ILE A 399 34.45 -52.82 -45.27
CA ILE A 399 35.54 -51.86 -45.40
C ILE A 399 34.93 -50.99 -46.44
N ASN A 400 35.23 -49.69 -46.32
CA ASN A 400 34.92 -48.66 -47.25
C ASN A 400 36.14 -48.20 -47.98
N ASP A 401 37.19 -47.93 -47.13
CA ASP A 401 38.56 -47.74 -47.69
C ASP A 401 39.05 -48.74 -48.77
N PRO A 402 39.90 -48.35 -49.73
CA PRO A 402 40.41 -49.21 -50.81
C PRO A 402 41.43 -50.20 -50.28
N TYR A 403 42.35 -49.73 -49.37
CA TYR A 403 43.23 -50.63 -48.61
C TYR A 403 42.80 -50.34 -47.22
N SER A 404 42.29 -51.42 -46.54
CA SER A 404 42.14 -51.45 -45.14
C SER A 404 43.48 -51.32 -44.37
N GLU A 405 43.51 -50.78 -43.15
CA GLU A 405 44.62 -50.38 -42.25
C GLU A 405 44.72 -51.36 -41.12
N PHE A 406 43.74 -52.37 -41.10
CA PHE A 406 43.58 -53.27 -39.94
C PHE A 406 44.62 -54.37 -40.08
N MET A 407 44.68 -55.39 -39.07
CA MET A 407 45.45 -56.66 -39.10
C MET A 407 45.23 -57.46 -40.38
N VAL A 408 44.04 -57.50 -40.92
CA VAL A 408 43.63 -58.45 -41.95
C VAL A 408 42.94 -57.50 -43.00
N GLU A 409 42.94 -57.91 -44.26
CA GLU A 409 42.11 -57.34 -45.30
C GLU A 409 41.07 -58.38 -45.38
N GLU A 410 40.06 -58.28 -46.25
CA GLU A 410 38.91 -59.20 -46.30
C GLU A 410 39.36 -60.41 -46.99
N HIS A 411 38.54 -61.48 -46.93
CA HIS A 411 38.67 -62.77 -47.55
C HIS A 411 38.04 -62.55 -48.95
N TRP A 427 34.06 -72.49 -41.08
CA TRP A 427 35.28 -71.96 -41.71
C TRP A 427 35.23 -70.41 -41.60
N ASP A 428 36.50 -69.83 -41.48
CA ASP A 428 36.62 -68.41 -41.09
C ASP A 428 38.17 -68.20 -40.82
N GLN A 429 38.97 -68.90 -41.65
CA GLN A 429 40.41 -68.70 -41.72
C GLN A 429 40.65 -68.80 -43.25
N ARG A 430 40.66 -67.64 -43.97
CA ARG A 430 40.76 -67.58 -45.41
C ARG A 430 41.20 -66.16 -45.79
N TYR A 431 41.98 -65.60 -44.83
CA TYR A 431 42.45 -64.21 -44.79
C TYR A 431 43.85 -63.98 -45.33
N THR A 432 44.09 -62.64 -45.67
CA THR A 432 45.33 -62.16 -46.14
C THR A 432 45.70 -61.22 -45.03
N ILE A 433 46.80 -61.69 -44.29
CA ILE A 433 47.37 -60.99 -43.16
C ILE A 433 48.40 -60.01 -43.77
N VAL A 434 48.17 -58.70 -43.74
CA VAL A 434 49.15 -57.73 -44.13
C VAL A 434 49.65 -57.27 -42.70
N GLN A 435 50.98 -57.21 -42.59
CA GLN A 435 51.67 -56.66 -41.45
C GLN A 435 52.19 -55.32 -41.85
N GLN A 436 52.09 -55.07 -43.15
CA GLN A 436 52.55 -53.86 -43.72
C GLN A 436 51.60 -52.74 -43.44
N GLN A 437 50.35 -53.06 -43.12
CA GLN A 437 49.28 -52.24 -42.72
C GLN A 437 48.78 -52.99 -41.55
N ILE A 438 48.92 -52.36 -40.41
CA ILE A 438 48.63 -52.91 -39.10
C ILE A 438 47.87 -51.85 -38.45
N PRO A 439 47.02 -52.13 -37.48
CA PRO A 439 46.44 -51.28 -36.46
C PRO A 439 47.29 -50.17 -35.89
N SER A 440 46.57 -49.15 -35.37
CA SER A 440 47.14 -47.93 -34.97
C SER A 440 47.72 -47.98 -33.59
N PHE A 441 47.37 -49.07 -32.76
CA PHE A 441 47.88 -49.08 -31.37
C PHE A 441 48.67 -50.34 -31.23
N LEU A 442 48.94 -50.65 -29.92
CA LEU A 442 49.62 -51.84 -29.49
C LEU A 442 48.86 -53.01 -29.85
N GLN A 443 49.55 -54.20 -30.10
CA GLN A 443 49.01 -55.40 -30.70
C GLN A 443 47.81 -56.10 -30.05
N LYS A 444 47.51 -55.81 -28.71
CA LYS A 444 46.52 -56.41 -27.92
C LYS A 444 45.04 -56.28 -28.33
N VAL A 445 44.77 -55.10 -28.91
CA VAL A 445 43.50 -54.82 -29.59
C VAL A 445 43.42 -55.41 -31.02
N ALA A 446 44.59 -55.61 -31.61
CA ALA A 446 44.77 -56.14 -32.94
C ALA A 446 44.37 -57.62 -32.97
N ASP A 447 44.58 -58.38 -31.91
CA ASP A 447 44.27 -59.75 -31.76
C ASP A 447 42.77 -59.96 -31.60
N LYS A 448 42.10 -58.97 -30.94
CA LYS A 448 40.76 -58.81 -30.74
C LYS A 448 39.97 -58.26 -31.99
N ILE A 449 40.57 -57.51 -32.90
CA ILE A 449 40.05 -57.09 -34.13
C ILE A 449 39.95 -58.32 -35.07
N LEU A 450 41.00 -59.20 -35.04
CA LEU A 450 40.90 -60.47 -35.80
C LEU A 450 39.75 -61.27 -35.23
N SER A 451 39.59 -61.49 -33.94
CA SER A 451 38.59 -62.40 -33.41
C SER A 451 37.14 -62.01 -33.73
N THR A 452 36.89 -60.65 -33.74
CA THR A 452 35.61 -60.08 -34.08
C THR A 452 35.24 -60.46 -35.55
N GLY A 453 36.18 -60.35 -36.50
CA GLY A 453 35.97 -60.52 -37.88
C GLY A 453 35.65 -61.96 -38.18
N LYS A 454 36.10 -62.93 -37.28
CA LYS A 454 35.65 -64.34 -37.35
C LYS A 454 34.17 -64.54 -37.10
N TYR A 455 33.60 -63.83 -36.04
CA TYR A 455 32.12 -63.89 -35.84
C TYR A 455 31.43 -63.27 -36.96
N LEU A 456 31.93 -62.25 -37.51
CA LEU A 456 31.38 -61.39 -38.56
C LEU A 456 31.58 -62.05 -39.87
N ASN A 457 32.24 -63.24 -39.97
CA ASN A 457 32.52 -64.00 -41.22
C ASN A 457 31.49 -65.08 -41.32
N VAL A 458 31.03 -65.61 -40.13
CA VAL A 458 30.10 -66.66 -39.96
C VAL A 458 28.79 -66.31 -40.46
N VAL A 459 28.39 -65.05 -40.33
CA VAL A 459 27.15 -64.53 -40.85
C VAL A 459 27.26 -64.32 -42.35
N ARG A 460 28.48 -64.25 -42.86
CA ARG A 460 28.64 -64.09 -44.29
C ARG A 460 28.58 -65.44 -44.95
N GLU A 461 29.07 -66.51 -44.24
CA GLU A 461 29.30 -67.89 -44.55
C GLU A 461 27.97 -68.60 -44.83
N CYS A 462 26.93 -68.32 -44.05
CA CYS A 462 25.62 -68.72 -44.31
C CYS A 462 24.85 -67.52 -43.72
N GLY A 463 24.10 -66.82 -44.58
CA GLY A 463 23.27 -65.70 -44.30
C GLY A 463 22.50 -65.60 -43.00
N HIS A 464 22.45 -64.35 -42.44
CA HIS A 464 21.82 -64.17 -41.20
C HIS A 464 21.67 -62.67 -40.88
N ASP A 465 20.96 -62.33 -39.79
CA ASP A 465 20.75 -60.99 -39.29
C ASP A 465 22.06 -60.42 -38.97
N VAL A 466 22.38 -59.40 -39.81
CA VAL A 466 23.62 -58.70 -39.69
C VAL A 466 23.31 -57.29 -39.17
N THR A 467 22.02 -57.04 -38.79
CA THR A 467 21.49 -55.82 -38.24
C THR A 467 21.27 -55.98 -36.73
N CYS A 468 21.75 -57.08 -36.05
CA CYS A 468 21.88 -57.23 -34.61
C CYS A 468 22.68 -56.26 -33.82
N PRO A 469 23.82 -55.84 -34.29
CA PRO A 469 24.46 -54.62 -33.69
C PRO A 469 23.88 -53.32 -34.10
N ASP A 470 23.43 -52.49 -33.15
CA ASP A 470 23.19 -51.08 -33.27
C ASP A 470 23.14 -50.50 -31.87
N ALA A 471 23.12 -51.41 -30.83
CA ALA A 471 23.01 -50.99 -29.41
C ALA A 471 24.42 -50.87 -28.90
N LYS A 472 25.50 -51.04 -29.73
CA LYS A 472 26.88 -50.81 -29.43
C LYS A 472 27.23 -49.71 -30.42
N GLU A 473 26.26 -48.98 -31.00
CA GLU A 473 26.45 -47.93 -31.93
C GLU A 473 25.52 -46.76 -31.56
N ILE A 474 24.88 -46.71 -30.40
CA ILE A 474 24.06 -45.65 -29.89
C ILE A 474 25.03 -44.69 -29.24
N THR A 475 26.16 -45.31 -28.76
CA THR A 475 27.27 -44.60 -28.26
C THR A 475 28.37 -44.75 -29.21
N TYR A 476 29.25 -43.68 -29.40
CA TYR A 476 30.42 -43.76 -30.36
C TYR A 476 31.64 -44.09 -29.61
N THR A 477 32.68 -44.55 -30.42
CA THR A 477 33.99 -45.12 -29.84
C THR A 477 34.97 -43.88 -29.50
N LEU A 478 35.83 -43.51 -30.50
CA LEU A 478 36.56 -42.25 -30.43
C LEU A 478 37.57 -42.15 -29.31
N LYS A 479 38.53 -43.14 -29.10
CA LYS A 479 39.46 -43.13 -27.98
C LYS A 479 40.77 -43.60 -28.47
N GLU A 480 41.78 -42.96 -27.90
CA GLU A 480 43.16 -43.30 -28.05
C GLU A 480 43.92 -43.29 -26.75
N GLN A 481 43.19 -42.95 -25.66
CA GLN A 481 43.71 -43.01 -24.30
C GLN A 481 43.15 -44.28 -23.63
N ALA A 482 42.18 -44.96 -24.28
CA ALA A 482 41.56 -46.22 -23.74
C ALA A 482 40.82 -46.79 -24.90
N TYR A 483 41.60 -47.12 -25.97
CA TYR A 483 41.18 -47.89 -27.15
C TYR A 483 40.90 -49.29 -26.77
N VAL A 484 41.47 -49.74 -25.62
CA VAL A 484 41.35 -51.10 -25.16
C VAL A 484 39.97 -51.34 -24.69
N GLU A 485 39.27 -50.36 -24.18
CA GLU A 485 37.97 -50.58 -23.60
C GLU A 485 36.85 -50.73 -24.60
N ARG A 486 36.92 -49.85 -25.65
CA ARG A 486 35.97 -49.79 -26.71
C ARG A 486 36.12 -50.94 -27.59
N ILE A 487 37.31 -51.49 -27.83
CA ILE A 487 37.52 -52.71 -28.60
C ILE A 487 37.04 -53.92 -27.80
N GLU A 488 37.19 -53.90 -26.43
CA GLU A 488 36.73 -55.00 -25.61
C GLU A 488 35.15 -54.99 -25.63
N LYS A 489 34.57 -53.79 -25.73
CA LYS A 489 33.15 -53.72 -25.71
C LYS A 489 32.55 -54.04 -27.06
N ALA A 490 33.40 -53.96 -28.12
CA ALA A 490 33.13 -54.29 -29.45
C ALA A 490 33.39 -55.76 -29.69
N TYR A 491 34.04 -56.48 -28.74
CA TYR A 491 34.37 -57.87 -28.83
C TYR A 491 33.27 -58.73 -28.22
N ASN A 492 32.81 -58.54 -26.93
CA ASN A 492 31.88 -59.36 -26.15
C ASN A 492 30.49 -59.17 -26.66
N TYR A 493 30.24 -57.97 -27.21
CA TYR A 493 28.97 -57.65 -27.96
C TYR A 493 28.87 -58.52 -29.22
N ALA A 494 29.98 -58.67 -29.99
CA ALA A 494 30.07 -59.54 -31.18
C ALA A 494 30.11 -61.02 -30.93
N SER A 495 30.53 -61.53 -29.74
CA SER A 495 30.54 -62.84 -29.25
C SER A 495 29.16 -63.39 -28.91
N LYS A 496 28.27 -62.41 -28.46
CA LYS A 496 27.01 -62.79 -27.89
C LYS A 496 25.90 -62.92 -28.87
N VAL A 497 25.97 -62.07 -29.92
CA VAL A 497 24.83 -61.90 -30.91
C VAL A 497 24.96 -63.01 -31.84
N LEU A 498 26.12 -63.81 -31.80
CA LEU A 498 26.41 -64.96 -32.57
C LEU A 498 25.54 -65.99 -31.94
N GLU B 246 51.58 0.22 -59.00
CA GLU B 246 51.08 -0.51 -57.82
C GLU B 246 49.73 -1.03 -58.10
N THR B 247 48.75 -0.10 -58.14
CA THR B 247 47.33 -0.44 -58.17
C THR B 247 46.86 -1.13 -59.45
N SER B 248 47.58 -0.99 -60.58
CA SER B 248 47.20 -1.59 -61.76
C SER B 248 47.12 -3.08 -61.77
N LEU B 249 48.08 -3.81 -61.12
CA LEU B 249 48.08 -5.25 -61.13
C LEU B 249 47.11 -5.78 -60.01
N VAL B 250 46.85 -4.91 -59.03
CA VAL B 250 45.79 -5.17 -58.09
C VAL B 250 44.45 -5.17 -58.71
N ARG B 251 44.20 -4.22 -59.62
CA ARG B 251 42.94 -4.29 -60.28
C ARG B 251 42.83 -5.31 -61.35
N ASP B 252 43.97 -5.81 -61.97
CA ASP B 252 43.95 -6.83 -63.07
C ASP B 252 43.45 -8.16 -62.60
N LEU B 253 43.85 -8.60 -61.42
CA LEU B 253 43.64 -9.94 -60.94
C LEU B 253 42.19 -10.12 -60.41
N LEU B 254 41.44 -9.04 -60.20
CA LEU B 254 40.02 -9.06 -59.74
C LEU B 254 39.24 -9.31 -60.93
N TYR B 255 39.71 -8.82 -62.12
CA TYR B 255 38.99 -8.86 -63.38
C TYR B 255 39.15 -10.20 -64.12
N VAL B 256 40.28 -10.94 -63.81
CA VAL B 256 40.48 -12.35 -64.24
C VAL B 256 39.69 -13.34 -63.46
N PHE B 257 39.42 -12.89 -62.17
CA PHE B 257 38.52 -13.64 -61.34
C PHE B 257 37.08 -13.60 -61.78
N GLN B 258 36.66 -12.42 -62.30
CA GLN B 258 35.36 -12.31 -62.99
C GLN B 258 35.34 -12.76 -64.45
N GLY B 259 36.52 -12.94 -65.12
CA GLY B 259 36.45 -13.42 -66.46
C GLY B 259 37.89 -13.58 -67.03
N ILE B 260 38.39 -12.68 -67.85
CA ILE B 260 39.65 -12.73 -68.40
C ILE B 260 39.92 -11.26 -68.77
N ASP B 261 41.23 -10.90 -68.78
CA ASP B 261 41.71 -9.50 -68.91
C ASP B 261 41.44 -8.58 -67.69
N GLY B 262 41.63 -7.24 -67.81
CA GLY B 262 41.56 -6.42 -66.65
C GLY B 262 42.20 -5.03 -66.90
N LYS B 263 43.38 -4.97 -67.58
CA LYS B 263 44.18 -3.85 -67.80
C LYS B 263 45.20 -4.20 -68.84
N PHE B 264 45.40 -5.51 -69.05
CA PHE B 264 46.43 -5.98 -69.98
C PHE B 264 45.77 -7.09 -70.65
N VAL B 265 46.36 -7.62 -71.71
CA VAL B 265 45.96 -8.67 -72.53
C VAL B 265 46.88 -9.86 -72.33
N LYS B 266 46.21 -10.97 -72.17
CA LYS B 266 46.75 -12.32 -72.10
C LYS B 266 45.77 -13.15 -72.83
N MET B 267 44.40 -12.94 -72.56
CA MET B 267 43.31 -13.47 -73.30
C MET B 267 43.31 -15.02 -73.45
N CYS B 268 43.49 -15.68 -72.29
CA CYS B 268 43.50 -17.16 -72.24
C CYS B 268 42.01 -17.57 -72.03
N ASN B 269 41.37 -18.06 -73.02
CA ASN B 269 40.11 -18.75 -73.05
C ASN B 269 40.47 -20.26 -73.27
N SER B 270 41.72 -20.62 -73.15
CA SER B 270 42.07 -22.04 -73.36
C SER B 270 43.23 -22.22 -72.44
N GLU B 271 44.16 -23.19 -72.80
CA GLU B 271 45.49 -23.30 -72.26
C GLU B 271 45.67 -23.54 -70.77
N ASN B 272 46.62 -22.89 -70.12
CA ASN B 272 46.65 -22.59 -68.72
C ASN B 272 46.80 -21.08 -68.74
N CYS B 273 45.80 -20.41 -68.11
CA CYS B 273 45.69 -18.97 -67.92
C CYS B 273 46.80 -18.43 -67.07
N TYR B 274 47.37 -17.29 -67.49
CA TYR B 274 48.56 -16.80 -67.01
C TYR B 274 48.44 -15.32 -67.18
N LYS B 275 49.17 -14.59 -66.30
CA LYS B 275 49.11 -13.13 -66.22
C LYS B 275 50.44 -12.62 -66.63
N VAL B 276 50.42 -11.65 -67.62
CA VAL B 276 51.59 -10.96 -68.00
C VAL B 276 51.54 -9.54 -67.55
N ASP B 277 52.40 -9.04 -66.63
CA ASP B 277 52.30 -7.71 -66.06
C ASP B 277 52.44 -6.71 -67.13
N GLY B 278 53.34 -6.80 -68.10
CA GLY B 278 53.47 -5.82 -69.17
C GLY B 278 53.82 -4.43 -68.70
N LYS B 279 54.91 -4.23 -67.88
CA LYS B 279 55.28 -2.94 -67.35
C LYS B 279 56.81 -2.98 -67.45
N VAL B 280 57.42 -1.79 -67.20
CA VAL B 280 58.83 -1.50 -67.31
C VAL B 280 59.35 -1.78 -65.87
N ALA B 281 58.44 -1.97 -64.84
CA ALA B 281 58.78 -2.00 -63.44
C ALA B 281 58.63 -3.50 -63.35
N VAL B 282 59.80 -4.18 -63.15
CA VAL B 282 59.86 -5.60 -62.93
C VAL B 282 60.71 -5.68 -61.69
N SER B 283 60.14 -6.64 -60.84
CA SER B 283 60.64 -7.16 -59.66
C SER B 283 60.34 -8.56 -59.74
N LYS B 284 61.08 -9.30 -58.84
CA LYS B 284 60.97 -10.72 -58.75
C LYS B 284 59.88 -11.20 -57.91
N SER B 285 59.15 -10.37 -57.11
CA SER B 285 58.03 -10.85 -56.36
C SER B 285 56.77 -10.82 -57.23
N LEU B 286 56.74 -9.98 -58.31
CA LEU B 286 55.77 -9.87 -59.37
C LEU B 286 55.76 -11.15 -60.13
N LYS B 287 56.90 -11.88 -60.28
CA LYS B 287 56.85 -13.17 -60.92
C LYS B 287 56.06 -14.19 -60.04
N ASP B 288 56.13 -14.15 -58.70
CA ASP B 288 55.47 -15.10 -57.91
C ASP B 288 54.01 -14.83 -57.80
N ILE B 289 53.54 -13.56 -57.91
CA ILE B 289 52.16 -13.17 -57.86
C ILE B 289 51.38 -13.56 -59.10
N THR B 290 52.00 -13.52 -60.28
CA THR B 290 51.36 -13.99 -61.52
C THR B 290 51.14 -15.52 -61.50
N SER B 291 52.05 -16.26 -60.76
CA SER B 291 51.91 -17.75 -60.66
C SER B 291 50.91 -18.01 -59.57
N LYS B 292 50.53 -17.06 -58.71
CA LYS B 292 49.41 -17.12 -57.77
C LYS B 292 48.07 -17.06 -58.54
N LEU B 293 48.03 -16.16 -59.52
CA LEU B 293 46.90 -15.85 -60.33
C LEU B 293 46.60 -17.06 -61.22
N SER B 294 47.61 -17.86 -61.58
CA SER B 294 47.58 -18.73 -62.68
C SER B 294 46.49 -19.80 -62.55
N GLU B 295 46.44 -20.44 -61.34
CA GLU B 295 45.54 -21.50 -61.05
C GLU B 295 44.33 -20.99 -60.26
N LEU B 296 44.32 -19.69 -59.90
CA LEU B 296 43.07 -19.16 -59.52
C LEU B 296 42.07 -18.89 -60.70
N GLY B 297 42.53 -18.22 -61.84
CA GLY B 297 41.76 -17.79 -62.99
C GLY B 297 41.47 -18.96 -63.86
N TRP B 298 42.40 -19.96 -63.95
CA TRP B 298 42.14 -21.07 -64.88
C TRP B 298 41.11 -22.02 -64.41
N LEU B 299 41.09 -22.30 -63.12
CA LEU B 299 40.17 -23.23 -62.43
C LEU B 299 38.78 -22.72 -62.29
N HIS B 300 38.65 -21.35 -62.41
CA HIS B 300 37.38 -20.60 -62.54
C HIS B 300 36.89 -20.81 -63.98
N ASN B 301 37.81 -20.80 -64.98
CA ASN B 301 37.56 -20.95 -66.38
C ASN B 301 37.16 -22.34 -66.73
N LYS B 302 37.53 -23.34 -65.87
CA LYS B 302 37.06 -24.70 -66.12
C LYS B 302 35.58 -24.92 -65.93
N ILE B 303 34.94 -24.11 -65.06
CA ILE B 303 33.54 -24.15 -64.80
C ILE B 303 32.82 -23.50 -65.96
N LYS B 304 33.41 -22.44 -66.54
CA LYS B 304 32.86 -21.77 -67.66
C LYS B 304 32.95 -22.60 -68.88
N LYS B 305 34.01 -23.43 -69.04
CA LYS B 305 34.17 -24.27 -70.19
C LYS B 305 33.10 -25.26 -70.15
N TYR B 306 32.62 -25.78 -68.98
CA TYR B 306 31.60 -26.86 -68.90
C TYR B 306 30.16 -26.37 -69.04
N THR B 307 29.77 -25.27 -68.44
CA THR B 307 28.41 -24.83 -68.44
C THR B 307 28.01 -24.10 -69.67
N ASP B 308 28.99 -23.75 -70.59
CA ASP B 308 28.88 -23.13 -71.86
C ASP B 308 29.08 -24.21 -72.83
N GLN B 309 29.69 -25.35 -72.40
CA GLN B 309 29.68 -26.52 -73.26
C GLN B 309 28.34 -27.13 -73.28
N ARG B 310 27.59 -27.09 -72.15
CA ARG B 310 26.19 -27.43 -72.19
C ARG B 310 25.29 -26.43 -72.89
N SER B 311 25.57 -25.13 -72.68
CA SER B 311 24.93 -24.04 -73.38
C SER B 311 23.42 -23.98 -73.05
N LEU B 312 23.10 -24.34 -71.78
CA LEU B 312 21.89 -24.94 -71.26
C LEU B 312 20.96 -25.47 -72.41
N ASP B 313 20.88 -26.85 -72.54
CA ASP B 313 20.06 -27.47 -73.55
C ASP B 313 19.14 -28.60 -73.06
N ARG B 314 18.13 -28.90 -73.88
CA ARG B 314 17.16 -30.01 -73.63
C ARG B 314 17.74 -31.47 -73.84
N ALA B 315 18.80 -31.52 -74.61
CA ALA B 315 19.58 -32.77 -74.82
C ALA B 315 20.57 -32.80 -73.66
N PHE B 316 20.35 -33.80 -72.85
CA PHE B 316 20.94 -33.84 -71.54
C PHE B 316 20.42 -32.82 -70.60
N GLY B 317 19.10 -32.57 -70.64
CA GLY B 317 18.48 -31.51 -69.86
C GLY B 317 18.24 -32.13 -68.49
N LEU B 318 18.39 -33.49 -68.35
CA LEU B 318 18.49 -34.12 -67.01
C LEU B 318 19.99 -34.10 -66.75
N VAL B 319 20.53 -35.08 -66.06
CA VAL B 319 21.70 -35.16 -65.25
C VAL B 319 22.87 -34.28 -65.63
N GLY B 320 23.24 -34.30 -66.90
CA GLY B 320 24.25 -33.53 -67.51
C GLY B 320 24.18 -32.00 -67.16
N GLN B 321 22.94 -31.48 -67.17
CA GLN B 321 22.74 -30.06 -66.90
C GLN B 321 22.44 -29.79 -65.36
N SER B 322 22.09 -30.86 -64.63
CA SER B 322 21.94 -30.79 -63.14
C SER B 322 23.32 -30.67 -62.52
N PHE B 323 24.29 -31.34 -63.18
CA PHE B 323 25.71 -31.15 -62.81
C PHE B 323 26.22 -29.74 -63.10
N CYS B 324 25.67 -29.11 -64.12
CA CYS B 324 26.12 -27.70 -64.41
C CYS B 324 25.53 -26.75 -63.36
N ALA B 325 24.34 -27.22 -62.86
CA ALA B 325 23.55 -26.56 -61.79
C ALA B 325 24.11 -26.48 -60.45
N ALA B 326 24.80 -27.59 -60.08
CA ALA B 326 25.63 -27.66 -58.95
C ALA B 326 26.89 -26.76 -58.95
N LEU B 327 27.63 -26.77 -60.10
CA LEU B 327 28.73 -25.95 -60.38
C LEU B 327 28.42 -24.49 -60.51
N HIS B 328 27.15 -24.08 -60.59
CA HIS B 328 26.69 -22.74 -60.71
C HIS B 328 26.47 -22.18 -59.22
N GLN B 329 26.29 -23.12 -58.30
CA GLN B 329 26.20 -22.70 -56.92
C GLN B 329 27.54 -22.39 -56.26
N GLU B 330 28.63 -22.91 -56.82
CA GLU B 330 29.92 -22.63 -56.37
C GLU B 330 30.60 -21.58 -57.27
N LEU B 331 29.95 -21.29 -58.47
CA LEU B 331 30.34 -20.20 -59.26
C LEU B 331 30.11 -18.93 -58.54
N LYS B 332 28.95 -18.79 -57.88
CA LYS B 332 28.60 -17.56 -57.24
C LYS B 332 29.47 -17.16 -56.11
N GLU B 333 29.85 -18.16 -55.28
CA GLU B 333 30.60 -18.06 -54.01
C GLU B 333 32.03 -17.68 -54.30
N TYR B 334 32.53 -18.11 -55.55
CA TYR B 334 33.76 -17.70 -56.07
C TYR B 334 33.78 -16.17 -56.29
N TYR B 335 32.70 -15.59 -56.79
CA TYR B 335 32.55 -14.18 -57.01
C TYR B 335 32.45 -13.30 -55.76
N ARG B 336 31.97 -13.99 -54.66
CA ARG B 336 31.73 -13.39 -53.40
C ARG B 336 32.92 -13.00 -52.53
N LEU B 337 34.03 -13.70 -52.63
CA LEU B 337 35.19 -13.33 -51.85
C LEU B 337 35.90 -12.15 -52.65
N LEU B 338 35.59 -12.15 -53.98
CA LEU B 338 35.98 -11.16 -54.96
C LEU B 338 35.21 -9.85 -54.85
N SER B 339 34.01 -9.81 -54.25
CA SER B 339 33.20 -8.60 -54.04
C SER B 339 33.55 -7.95 -52.76
N VAL B 340 33.96 -8.67 -51.70
CA VAL B 340 34.40 -8.05 -50.47
C VAL B 340 35.80 -7.50 -50.66
N LEU B 341 36.61 -8.03 -51.66
CA LEU B 341 37.90 -7.45 -52.04
C LEU B 341 37.76 -6.27 -52.95
N HIS B 342 36.66 -6.15 -53.68
CA HIS B 342 36.41 -4.98 -54.49
C HIS B 342 35.83 -3.91 -53.63
N SER B 343 35.12 -4.25 -52.49
CA SER B 343 34.66 -3.31 -51.50
C SER B 343 35.74 -2.69 -50.71
N GLN B 344 36.85 -3.42 -50.39
CA GLN B 344 38.04 -2.81 -49.81
C GLN B 344 38.72 -1.80 -50.71
N LEU B 345 38.72 -2.09 -52.07
CA LEU B 345 39.54 -1.32 -53.02
C LEU B 345 38.97 0.00 -53.28
N GLN B 346 37.72 0.04 -53.74
CA GLN B 346 36.96 1.23 -54.14
C GLN B 346 36.37 1.63 -52.93
N VAL B 347 36.05 2.96 -52.81
CA VAL B 347 35.46 3.45 -51.53
C VAL B 347 34.15 2.89 -51.11
N GLU B 348 34.05 2.73 -49.76
CA GLU B 348 32.89 1.93 -49.11
C GLU B 348 31.86 2.86 -48.39
N SER B 359 40.93 2.13 -47.46
CA SER B 359 41.06 1.28 -48.60
C SER B 359 42.43 0.69 -48.53
N SER B 360 42.46 -0.42 -49.30
CA SER B 360 43.65 -1.29 -49.27
C SER B 360 43.66 -2.07 -50.44
N LEU B 361 44.87 -2.46 -50.78
CA LEU B 361 45.30 -3.23 -51.86
C LEU B 361 45.28 -4.68 -51.40
N THR B 362 45.73 -5.64 -52.33
CA THR B 362 46.00 -7.06 -51.98
C THR B 362 47.29 -7.11 -51.14
N LEU B 363 47.34 -7.91 -50.03
CA LEU B 363 48.63 -7.93 -49.27
C LEU B 363 48.72 -9.36 -48.85
N ARG B 364 49.52 -9.67 -47.79
CA ARG B 364 49.78 -10.98 -47.34
C ARG B 364 48.59 -11.59 -46.64
N ARG B 365 47.70 -10.73 -46.05
CA ARG B 365 46.38 -10.91 -45.47
C ARG B 365 45.56 -11.61 -46.49
N LEU B 366 45.38 -10.96 -47.69
CA LEU B 366 44.57 -11.35 -48.72
C LEU B 366 45.17 -12.53 -49.43
N LEU B 367 46.46 -12.63 -49.27
CA LEU B 367 47.14 -13.74 -49.90
C LEU B 367 46.79 -15.07 -49.32
N VAL B 368 46.48 -15.26 -47.98
CA VAL B 368 46.10 -16.52 -47.31
C VAL B 368 44.59 -16.69 -47.37
N TRP B 369 43.81 -15.60 -47.30
CA TRP B 369 42.34 -15.61 -47.53
C TRP B 369 41.81 -16.38 -48.71
N THR B 370 42.47 -16.29 -49.85
CA THR B 370 42.14 -16.87 -51.13
C THR B 370 42.48 -18.32 -51.14
N PHE B 371 43.36 -18.82 -50.20
CA PHE B 371 43.91 -20.17 -50.31
C PHE B 371 43.01 -21.27 -49.81
N ASP B 372 41.94 -20.88 -49.08
CA ASP B 372 40.88 -21.75 -48.77
C ASP B 372 39.98 -21.91 -50.03
N PRO B 373 39.70 -20.87 -50.92
CA PRO B 373 39.19 -21.13 -52.23
C PRO B 373 40.12 -21.91 -53.09
N LYS B 374 41.46 -21.70 -52.90
CA LYS B 374 42.41 -22.30 -53.84
C LYS B 374 42.28 -23.84 -53.83
N ILE B 375 42.25 -24.47 -52.61
CA ILE B 375 42.14 -25.88 -52.43
C ILE B 375 40.74 -26.40 -52.77
N ARG B 376 39.70 -25.52 -52.58
CA ARG B 376 38.35 -25.77 -52.95
C ARG B 376 38.17 -25.89 -54.44
N LEU B 377 38.89 -25.01 -55.22
CA LEU B 377 38.86 -25.06 -56.70
C LEU B 377 39.72 -26.17 -57.21
N LYS B 378 40.66 -26.81 -56.51
CA LYS B 378 41.35 -27.96 -56.97
C LYS B 378 40.52 -29.21 -56.92
N THR B 379 39.61 -29.29 -55.87
CA THR B 379 38.59 -30.30 -55.82
C THR B 379 37.56 -30.15 -56.88
N LEU B 380 37.03 -28.90 -57.06
CA LEU B 380 36.02 -28.65 -58.02
C LEU B 380 36.38 -28.64 -59.47
N ALA B 381 37.71 -28.40 -59.72
CA ALA B 381 38.21 -28.50 -61.05
C ALA B 381 38.50 -29.98 -61.40
N ALA B 382 38.94 -30.75 -60.35
CA ALA B 382 39.16 -32.17 -60.46
C ALA B 382 37.96 -32.94 -60.61
N LEU B 383 36.78 -32.36 -60.19
CA LEU B 383 35.42 -33.05 -60.18
C LEU B 383 34.85 -33.08 -61.53
N VAL B 384 35.29 -32.18 -62.37
CA VAL B 384 34.73 -32.00 -63.72
C VAL B 384 35.71 -32.70 -64.59
N ASP B 385 37.00 -32.82 -64.17
CA ASP B 385 37.99 -33.46 -65.02
C ASP B 385 37.79 -34.93 -65.07
N HIS B 386 37.17 -35.41 -63.98
CA HIS B 386 36.93 -36.80 -63.78
C HIS B 386 36.03 -37.38 -64.83
N CYS B 387 34.96 -36.67 -65.22
CA CYS B 387 33.84 -36.99 -66.01
C CYS B 387 33.53 -35.74 -66.87
N GLN B 388 33.83 -35.97 -68.21
CA GLN B 388 33.47 -35.14 -69.31
C GLN B 388 32.57 -35.90 -70.23
N GLY B 389 32.14 -37.15 -69.90
CA GLY B 389 31.04 -37.86 -70.59
C GLY B 389 29.78 -37.20 -70.40
N ARG B 390 28.73 -37.68 -71.13
CA ARG B 390 27.42 -37.05 -71.20
C ARG B 390 26.37 -38.02 -70.94
N LYS B 391 26.53 -38.96 -69.97
CA LYS B 391 25.58 -39.95 -69.59
C LYS B 391 25.32 -39.71 -68.16
N GLY B 392 24.11 -39.97 -67.69
CA GLY B 392 23.76 -39.84 -66.26
C GLY B 392 24.32 -40.92 -65.40
N GLY B 393 24.48 -42.21 -65.88
CA GLY B 393 25.04 -43.29 -65.07
C GLY B 393 26.45 -43.21 -64.75
N GLU B 394 27.28 -42.71 -65.65
CA GLU B 394 28.73 -42.63 -65.49
C GLU B 394 29.13 -41.29 -64.92
N LEU B 395 28.13 -40.32 -64.87
CA LEU B 395 28.41 -39.14 -64.10
C LEU B 395 28.35 -39.47 -62.59
N ALA B 396 27.46 -40.43 -62.26
CA ALA B 396 27.07 -40.77 -60.90
C ALA B 396 28.14 -41.72 -60.36
N SER B 397 28.86 -42.43 -61.22
CA SER B 397 30.03 -43.26 -60.83
C SER B 397 31.28 -42.46 -60.73
N ALA B 398 31.34 -41.29 -61.40
CA ALA B 398 32.56 -40.54 -61.36
C ALA B 398 32.76 -39.67 -60.11
N VAL B 399 31.71 -38.84 -59.72
CA VAL B 399 31.72 -37.88 -58.65
C VAL B 399 31.55 -38.53 -57.32
N HIS B 400 31.04 -39.77 -57.30
CA HIS B 400 30.94 -40.51 -56.05
C HIS B 400 32.25 -41.18 -55.70
N ALA B 401 33.12 -41.50 -56.71
CA ALA B 401 34.43 -42.08 -56.58
C ALA B 401 35.46 -41.04 -56.13
N TYR B 402 35.10 -39.75 -56.25
CA TYR B 402 35.97 -38.65 -55.82
C TYR B 402 35.58 -38.25 -54.39
N THR B 403 34.62 -39.04 -53.79
CA THR B 403 34.17 -38.99 -52.36
C THR B 403 34.89 -40.12 -51.55
N LYS B 404 35.48 -41.11 -52.17
CA LYS B 404 36.23 -42.21 -51.62
C LYS B 404 37.50 -41.75 -51.03
N THR B 405 38.14 -40.72 -51.68
CA THR B 405 39.36 -40.04 -51.20
C THR B 405 39.07 -39.44 -49.84
N GLY B 406 40.23 -39.33 -49.12
CA GLY B 406 40.46 -38.64 -47.88
C GLY B 406 40.15 -37.18 -47.95
N ASP B 407 40.42 -36.52 -46.77
CA ASP B 407 40.25 -35.09 -46.56
C ASP B 407 38.79 -34.73 -46.22
N PRO B 408 38.34 -34.50 -44.98
CA PRO B 408 36.94 -34.31 -44.76
C PRO B 408 36.44 -32.89 -45.05
N TYR B 409 37.43 -32.03 -45.47
CA TYR B 409 37.07 -30.69 -45.81
C TYR B 409 36.39 -30.66 -47.17
N MET B 410 36.97 -31.52 -48.06
CA MET B 410 36.43 -31.74 -49.44
C MET B 410 35.45 -32.90 -49.53
N ARG B 411 35.33 -33.78 -48.55
CA ARG B 411 34.34 -34.77 -48.53
C ARG B 411 32.99 -34.22 -48.32
N SER B 412 32.84 -33.13 -47.50
CA SER B 412 31.59 -32.43 -47.26
C SER B 412 31.24 -31.58 -48.48
N LEU B 413 32.23 -31.04 -49.15
CA LEU B 413 32.11 -30.18 -50.31
C LEU B 413 31.58 -30.87 -51.52
N VAL B 414 32.07 -32.10 -51.83
CA VAL B 414 31.64 -33.00 -52.87
C VAL B 414 30.43 -33.80 -52.61
N GLN B 415 30.09 -33.97 -51.25
CA GLN B 415 28.98 -34.74 -50.80
C GLN B 415 27.74 -34.00 -51.15
N HIS B 416 27.86 -32.65 -51.09
CA HIS B 416 26.85 -31.61 -51.41
C HIS B 416 26.77 -31.43 -52.83
N ILE B 417 27.74 -31.73 -53.66
CA ILE B 417 27.63 -31.67 -55.14
C ILE B 417 26.94 -32.93 -55.48
N LEU B 418 27.23 -34.04 -54.82
CA LEU B 418 26.76 -35.35 -55.12
C LEU B 418 25.27 -35.57 -54.83
N GLY B 419 24.70 -34.84 -53.94
CA GLY B 419 23.27 -34.85 -53.62
C GLY B 419 22.50 -34.20 -54.72
N LEU B 420 23.19 -33.28 -55.47
CA LEU B 420 22.52 -32.46 -56.42
C LEU B 420 22.65 -32.95 -57.83
N VAL B 421 23.71 -33.70 -58.11
CA VAL B 421 23.89 -34.51 -59.33
C VAL B 421 22.81 -35.58 -59.22
N ALA B 422 22.57 -36.11 -57.95
CA ALA B 422 21.64 -37.13 -57.69
C ALA B 422 20.18 -36.76 -57.66
N TYR B 423 19.83 -35.39 -57.68
CA TYR B 423 18.44 -34.91 -57.57
C TYR B 423 17.49 -35.25 -58.66
N PRO B 424 17.88 -35.39 -59.92
CA PRO B 424 17.07 -36.04 -61.00
C PRO B 424 17.14 -37.54 -60.85
N ILE B 425 18.29 -38.12 -60.30
CA ILE B 425 18.57 -39.54 -60.39
C ILE B 425 17.63 -40.26 -59.50
N LEU B 426 17.40 -39.84 -58.30
CA LEU B 426 16.46 -40.53 -57.37
C LEU B 426 15.05 -40.14 -57.66
N ASN B 427 14.87 -39.00 -58.41
CA ASN B 427 13.64 -38.56 -58.95
C ASN B 427 13.28 -39.47 -60.13
N PHE B 428 14.28 -40.19 -60.81
CA PHE B 428 13.96 -41.13 -61.85
C PHE B 428 13.47 -42.41 -61.20
N LEU B 429 13.90 -42.57 -59.93
CA LEU B 429 13.95 -43.95 -59.32
C LEU B 429 12.54 -44.31 -58.85
N TYR B 430 12.03 -43.57 -57.89
CA TYR B 430 10.91 -44.11 -57.09
C TYR B 430 9.66 -43.98 -57.78
N ARG B 431 9.48 -43.08 -58.81
CA ARG B 431 8.26 -42.97 -59.58
C ARG B 431 8.16 -44.20 -60.39
N TRP B 432 9.28 -44.80 -60.95
CA TRP B 432 9.21 -45.94 -61.84
C TRP B 432 8.93 -47.23 -61.08
N ILE B 433 9.32 -47.18 -59.78
CA ILE B 433 9.15 -48.24 -58.82
C ILE B 433 7.74 -48.28 -58.39
N TYR B 434 6.99 -47.21 -58.16
CA TYR B 434 5.68 -47.27 -57.54
C TYR B 434 4.71 -47.37 -58.64
N ASP B 435 4.97 -46.59 -59.80
CA ASP B 435 4.05 -46.53 -60.89
C ASP B 435 4.55 -47.00 -62.22
N GLY B 436 5.76 -46.51 -62.69
CA GLY B 436 6.35 -46.99 -63.95
C GLY B 436 6.79 -45.87 -64.86
N GLU B 437 6.62 -44.64 -64.30
CA GLU B 437 6.95 -43.39 -64.98
C GLU B 437 8.35 -43.17 -65.50
N LEU B 438 8.53 -42.43 -66.62
CA LEU B 438 9.72 -42.33 -67.50
C LEU B 438 9.56 -40.91 -68.12
N GLU B 439 10.79 -40.45 -68.61
CA GLU B 439 10.87 -39.10 -69.21
C GLU B 439 12.10 -39.09 -70.01
N ASP B 440 12.96 -40.13 -69.71
CA ASP B 440 14.17 -40.44 -70.44
C ASP B 440 13.83 -40.87 -71.83
N THR B 441 14.28 -40.05 -72.81
CA THR B 441 14.19 -40.34 -74.22
C THR B 441 15.52 -40.34 -74.82
N TYR B 442 16.51 -40.02 -74.06
CA TYR B 442 17.91 -39.99 -74.39
C TYR B 442 18.64 -41.18 -73.80
N HIS B 443 18.11 -41.79 -72.69
CA HIS B 443 18.63 -43.00 -72.05
C HIS B 443 19.67 -42.71 -71.07
N GLU B 444 19.54 -41.45 -70.45
CA GLU B 444 20.49 -40.97 -69.46
C GLU B 444 20.16 -41.42 -68.11
N PHE B 445 18.97 -42.09 -68.02
CA PHE B 445 18.47 -42.82 -66.82
C PHE B 445 19.27 -44.07 -67.01
N PHE B 446 19.91 -44.56 -65.89
CA PHE B 446 20.81 -45.74 -65.97
C PHE B 446 20.04 -46.97 -66.29
N VAL B 447 18.79 -47.09 -65.77
CA VAL B 447 17.84 -48.03 -66.31
C VAL B 447 17.35 -47.47 -67.62
N ALA B 448 17.60 -48.13 -68.83
CA ALA B 448 17.10 -47.64 -70.08
C ALA B 448 15.77 -48.30 -70.42
N SER B 449 15.21 -47.96 -71.56
CA SER B 449 13.94 -48.42 -72.08
C SER B 449 13.82 -48.54 -73.56
N ASP B 450 12.93 -49.47 -74.03
CA ASP B 450 12.73 -49.81 -75.40
C ASP B 450 13.91 -49.98 -76.32
N PRO B 451 14.68 -50.99 -76.12
CA PRO B 451 15.60 -51.43 -77.16
C PRO B 451 14.88 -52.26 -78.17
N VAL B 452 13.76 -52.90 -77.72
CA VAL B 452 13.07 -53.85 -78.50
C VAL B 452 11.68 -53.30 -78.65
N VAL B 453 10.93 -53.76 -79.71
CA VAL B 453 9.54 -53.29 -79.89
C VAL B 453 8.57 -53.53 -78.77
N LYS B 454 7.48 -52.68 -78.64
CA LYS B 454 6.61 -52.65 -77.47
C LYS B 454 5.34 -53.31 -77.85
N THR B 455 5.03 -54.46 -77.25
CA THR B 455 3.90 -55.29 -77.60
C THR B 455 3.14 -55.43 -76.32
N ASP B 456 1.91 -55.98 -76.38
CA ASP B 456 1.11 -56.28 -75.25
C ASP B 456 1.91 -57.17 -74.29
N ARG B 457 1.82 -56.97 -72.90
CA ARG B 457 2.69 -57.66 -71.98
C ARG B 457 2.35 -59.10 -71.91
N LEU B 458 3.38 -59.91 -71.53
CA LEU B 458 3.32 -61.33 -71.27
C LEU B 458 4.62 -61.65 -70.53
N TRP B 459 5.14 -60.57 -69.87
CA TRP B 459 6.42 -60.46 -69.26
C TRP B 459 7.49 -60.18 -70.28
N HIS B 460 7.31 -59.38 -71.37
CA HIS B 460 8.34 -59.13 -72.41
C HIS B 460 9.19 -57.99 -71.91
N ASP B 461 10.29 -57.74 -72.59
CA ASP B 461 11.31 -56.75 -72.28
C ASP B 461 10.96 -55.36 -72.73
N LYS B 462 11.34 -54.30 -71.92
CA LYS B 462 11.03 -52.97 -72.14
C LYS B 462 11.95 -52.26 -71.15
N TYR B 463 12.87 -53.05 -70.44
CA TYR B 463 13.81 -52.41 -69.55
C TYR B 463 15.12 -53.14 -69.68
N SER B 464 16.27 -52.42 -69.86
CA SER B 464 17.56 -53.10 -69.83
C SER B 464 18.39 -52.12 -69.04
N LEU B 465 18.76 -52.56 -67.86
CA LEU B 465 19.35 -51.72 -66.82
C LEU B 465 20.82 -51.44 -67.05
N ARG B 466 21.51 -52.26 -67.90
CA ARG B 466 22.79 -52.01 -68.53
C ARG B 466 23.80 -52.33 -67.49
N LYS B 467 24.53 -53.50 -67.60
CA LYS B 467 25.44 -53.90 -66.60
C LYS B 467 26.81 -53.23 -66.83
N SER B 468 26.81 -51.86 -66.96
CA SER B 468 28.07 -51.20 -67.34
C SER B 468 27.95 -49.79 -66.96
N MET B 469 27.03 -49.36 -66.02
CA MET B 469 26.80 -47.88 -65.90
C MET B 469 26.05 -47.53 -64.65
N ILE B 470 26.09 -48.51 -63.69
CA ILE B 470 25.40 -48.44 -62.45
C ILE B 470 26.10 -47.42 -61.55
N PRO B 471 25.43 -46.31 -61.09
CA PRO B 471 25.90 -45.48 -60.00
C PRO B 471 26.60 -46.12 -58.90
N SER B 472 27.80 -45.59 -58.53
CA SER B 472 28.68 -46.23 -57.54
C SER B 472 28.03 -46.20 -56.15
N PHE B 473 26.98 -45.31 -55.85
CA PHE B 473 26.17 -45.29 -54.65
C PHE B 473 25.12 -46.37 -54.65
N MET B 474 24.81 -47.03 -55.79
CA MET B 474 23.95 -48.18 -55.69
C MET B 474 24.81 -49.46 -55.78
N THR B 475 24.20 -50.57 -55.38
CA THR B 475 24.84 -51.83 -55.32
C THR B 475 24.14 -52.67 -56.38
N MET B 476 24.84 -53.71 -56.88
CA MET B 476 24.39 -54.40 -58.05
C MET B 476 23.21 -55.31 -57.72
N ASP B 477 23.18 -55.91 -56.51
CA ASP B 477 22.18 -56.90 -56.19
C ASP B 477 20.87 -56.13 -55.91
N GLN B 478 20.94 -54.81 -55.70
CA GLN B 478 19.75 -54.02 -55.53
C GLN B 478 19.21 -53.49 -56.82
N SER B 479 20.07 -53.30 -57.77
CA SER B 479 19.62 -52.88 -59.03
C SER B 479 18.84 -54.06 -59.74
N ARG B 480 19.24 -55.30 -59.41
CA ARG B 480 18.62 -56.53 -59.74
C ARG B 480 17.26 -56.71 -59.12
N LYS B 481 17.05 -56.08 -57.91
CA LYS B 481 15.76 -56.20 -57.31
C LYS B 481 14.75 -55.26 -57.88
N VAL B 482 15.24 -54.04 -58.21
CA VAL B 482 14.34 -52.97 -58.72
C VAL B 482 13.89 -53.14 -60.15
N LEU B 483 14.62 -54.03 -60.86
CA LEU B 483 14.37 -54.33 -62.26
C LEU B 483 13.07 -55.07 -62.38
N LEU B 484 12.73 -56.02 -61.48
CA LEU B 484 11.51 -56.80 -61.44
C LEU B 484 10.38 -55.90 -60.92
N ILE B 485 10.63 -54.84 -60.08
CA ILE B 485 9.69 -54.03 -59.45
C ILE B 485 9.02 -53.14 -60.52
N GLY B 486 9.85 -52.69 -61.52
CA GLY B 486 9.50 -51.83 -62.66
C GLY B 486 8.68 -52.66 -63.66
N LYS B 487 9.02 -53.97 -63.78
CA LYS B 487 8.41 -54.91 -64.69
C LYS B 487 7.09 -55.40 -64.16
N SER B 488 6.91 -55.57 -62.82
CA SER B 488 5.76 -56.16 -62.23
C SER B 488 4.65 -55.22 -62.14
N ILE B 489 4.91 -53.92 -62.00
CA ILE B 489 3.93 -52.86 -62.05
C ILE B 489 3.46 -52.41 -63.43
N ASN B 490 4.29 -52.54 -64.48
CA ASN B 490 4.05 -52.15 -65.86
C ASN B 490 3.34 -53.24 -66.52
N PHE B 491 3.39 -54.47 -65.91
CA PHE B 491 2.70 -55.62 -66.29
C PHE B 491 1.29 -55.60 -65.73
N LEU B 492 1.01 -54.71 -64.77
CA LEU B 492 -0.35 -54.28 -64.34
C LEU B 492 -0.67 -52.93 -65.01
N HIS B 493 -0.47 -52.96 -66.33
CA HIS B 493 -1.01 -51.95 -67.24
C HIS B 493 -1.94 -52.74 -68.17
N GLN B 494 -2.10 -54.11 -67.91
CA GLN B 494 -3.07 -54.94 -68.56
C GLN B 494 -4.30 -55.02 -67.60
N VAL B 495 -4.26 -54.20 -66.55
CA VAL B 495 -5.40 -53.87 -65.74
C VAL B 495 -5.12 -52.32 -65.55
N CYS B 496 -6.10 -51.57 -64.98
CA CYS B 496 -6.04 -50.17 -65.02
C CYS B 496 -5.44 -49.69 -63.77
N HIS B 497 -5.21 -50.64 -62.80
CA HIS B 497 -4.64 -50.33 -61.53
C HIS B 497 -3.16 -50.16 -61.69
N ASP B 498 -2.88 -48.84 -61.76
CA ASP B 498 -1.53 -48.32 -61.92
C ASP B 498 -0.91 -47.75 -60.67
N GLN B 499 -1.74 -47.85 -59.57
CA GLN B 499 -1.37 -47.33 -58.25
C GLN B 499 -0.12 -47.99 -57.67
N THR B 500 0.35 -47.38 -56.53
CA THR B 500 1.44 -47.90 -55.75
C THR B 500 0.93 -49.23 -55.09
N PRO B 501 1.73 -50.28 -55.11
CA PRO B 501 1.18 -51.57 -54.78
C PRO B 501 1.11 -51.71 -53.26
N ALA B 502 0.12 -52.45 -52.77
CA ALA B 502 -0.06 -52.71 -51.37
C ALA B 502 -0.30 -51.42 -50.54
N SER B 503 0.67 -50.92 -49.74
CA SER B 503 0.52 -49.76 -48.95
C SER B 503 0.60 -48.55 -49.82
N LYS B 504 -0.31 -47.56 -49.57
CA LYS B 504 -0.36 -46.25 -50.13
C LYS B 504 0.52 -45.26 -49.40
N ALA B 505 1.21 -45.72 -48.32
CA ALA B 505 2.13 -44.99 -47.51
C ALA B 505 3.46 -44.81 -48.30
N MET B 506 3.74 -45.55 -49.44
CA MET B 506 4.88 -45.41 -50.30
C MET B 506 4.66 -44.24 -51.26
N ALA B 507 3.39 -43.83 -51.60
CA ALA B 507 3.18 -42.91 -52.69
C ALA B 507 3.39 -41.51 -52.16
N VAL B 508 3.12 -41.30 -50.79
CA VAL B 508 3.29 -40.06 -50.14
C VAL B 508 4.75 -39.76 -50.08
N GLY B 509 5.62 -40.77 -49.91
CA GLY B 509 7.02 -40.56 -49.73
C GLY B 509 7.76 -39.79 -50.83
N LYS B 510 7.46 -39.96 -52.20
CA LYS B 510 8.20 -39.38 -53.26
C LYS B 510 7.93 -37.91 -53.23
N SER B 511 6.66 -37.51 -53.01
CA SER B 511 6.21 -36.16 -52.95
C SER B 511 6.83 -35.33 -51.83
N ALA B 512 6.91 -35.95 -50.63
CA ALA B 512 7.62 -35.35 -49.51
C ALA B 512 9.07 -35.16 -49.69
N GLU B 513 9.73 -36.21 -50.28
CA GLU B 513 11.18 -36.39 -50.40
C GLU B 513 11.84 -35.37 -51.30
N SER B 514 11.26 -34.92 -52.48
CA SER B 514 11.91 -34.05 -53.41
C SER B 514 12.11 -32.73 -52.76
N PRO B 515 11.22 -32.08 -52.05
CA PRO B 515 11.46 -30.88 -51.14
C PRO B 515 12.43 -31.13 -49.97
N LYS B 516 12.35 -32.26 -49.27
CA LYS B 516 13.22 -32.62 -48.19
C LYS B 516 14.72 -32.70 -48.48
N ASP B 517 15.06 -33.30 -49.66
CA ASP B 517 16.39 -33.20 -50.17
C ASP B 517 16.91 -31.82 -50.56
N ALA B 518 16.01 -30.91 -51.20
CA ALA B 518 16.40 -29.56 -51.54
C ALA B 518 16.83 -28.60 -50.47
N ALA B 519 16.12 -28.78 -49.35
CA ALA B 519 16.08 -27.92 -48.20
C ALA B 519 17.20 -28.08 -47.29
N GLU B 520 17.79 -29.30 -47.35
CA GLU B 520 18.89 -29.67 -46.46
C GLU B 520 20.16 -29.27 -47.13
N LEU B 521 21.21 -30.04 -46.86
CA LEU B 521 22.52 -29.56 -47.32
C LEU B 521 22.86 -30.34 -48.54
N PHE B 522 21.91 -31.02 -49.27
CA PHE B 522 22.17 -31.75 -50.49
C PHE B 522 22.99 -32.98 -50.26
N THR B 523 22.34 -33.91 -49.51
CA THR B 523 23.00 -35.05 -49.03
C THR B 523 22.34 -36.16 -49.83
N ASP B 524 23.15 -37.07 -50.38
CA ASP B 524 22.65 -38.21 -51.06
C ASP B 524 22.55 -39.32 -50.05
N LEU B 525 21.33 -39.78 -49.79
CA LEU B 525 21.03 -40.77 -48.82
C LEU B 525 21.09 -41.98 -49.69
N GLU B 526 22.00 -42.91 -49.42
CA GLU B 526 22.28 -44.13 -50.22
C GLU B 526 22.41 -45.43 -49.28
N ASN B 527 21.69 -45.45 -48.13
CA ASN B 527 21.57 -46.56 -47.27
C ASN B 527 20.41 -46.38 -46.37
N ALA B 528 19.81 -45.16 -46.46
CA ALA B 528 18.50 -44.94 -45.90
C ALA B 528 17.46 -45.14 -46.86
N PHE B 529 17.79 -44.87 -48.18
CA PHE B 529 16.92 -45.09 -49.31
C PHE B 529 16.71 -46.50 -49.60
N GLN B 530 17.68 -47.32 -49.26
CA GLN B 530 17.77 -48.76 -49.62
C GLN B 530 16.79 -49.56 -48.73
N THR B 531 16.15 -48.92 -47.75
CA THR B 531 15.35 -49.67 -46.75
C THR B 531 13.99 -49.84 -47.34
N LYS B 532 13.28 -48.78 -47.88
CA LYS B 532 11.99 -48.79 -48.34
C LYS B 532 11.76 -49.25 -49.79
N ILE B 533 12.84 -49.48 -50.56
CA ILE B 533 12.86 -50.07 -51.86
C ILE B 533 12.96 -51.58 -51.72
N ASP B 534 13.40 -52.08 -50.57
CA ASP B 534 13.19 -53.49 -50.15
C ASP B 534 11.78 -53.76 -49.94
N ALA B 535 11.04 -52.85 -49.20
CA ALA B 535 9.65 -52.96 -48.89
C ALA B 535 8.66 -52.79 -50.02
N ALA B 536 9.21 -52.33 -51.14
CA ALA B 536 8.44 -52.26 -52.39
C ALA B 536 8.42 -53.48 -53.20
N TYR B 537 9.59 -54.27 -53.17
CA TYR B 537 9.81 -55.56 -53.71
C TYR B 537 8.86 -56.46 -52.97
N PHE B 538 8.64 -56.26 -51.65
CA PHE B 538 7.78 -57.09 -50.83
C PHE B 538 6.34 -56.81 -51.03
N ASP B 539 6.02 -55.53 -51.36
CA ASP B 539 4.64 -55.08 -51.67
C ASP B 539 4.10 -55.70 -52.94
N THR B 540 4.80 -55.60 -54.08
CA THR B 540 4.26 -55.72 -55.44
C THR B 540 4.10 -57.20 -55.85
N SER B 541 4.69 -58.16 -55.09
CA SER B 541 4.65 -59.55 -55.28
C SER B 541 3.39 -60.21 -54.68
N LYS B 542 2.87 -59.82 -53.44
CA LYS B 542 1.57 -60.25 -52.96
C LYS B 542 0.47 -59.56 -53.67
N TYR B 543 0.57 -58.28 -54.09
CA TYR B 543 -0.40 -57.56 -54.91
C TYR B 543 -0.64 -58.16 -56.32
N LEU B 544 0.46 -58.68 -56.99
CA LEU B 544 0.55 -59.24 -58.30
C LEU B 544 -0.17 -60.53 -58.37
N LEU B 545 -0.19 -61.31 -57.22
CA LEU B 545 -0.94 -62.53 -57.02
C LEU B 545 -2.33 -62.32 -56.47
N ASP B 546 -2.67 -61.11 -55.92
CA ASP B 546 -3.95 -60.93 -55.27
C ASP B 546 -4.99 -60.35 -56.30
N VAL B 547 -4.50 -59.72 -57.43
CA VAL B 547 -5.42 -59.23 -58.48
C VAL B 547 -5.90 -60.45 -59.29
N LEU B 548 -5.12 -61.55 -59.42
CA LEU B 548 -5.56 -62.77 -60.01
C LEU B 548 -6.43 -63.39 -58.94
N ASN B 549 -6.19 -63.26 -57.63
CA ASN B 549 -7.04 -63.88 -56.57
C ASN B 549 -8.28 -62.92 -56.40
N LEU C 209 40.71 6.10 -64.14
CA LEU C 209 40.48 4.72 -64.44
C LEU C 209 39.43 4.09 -63.58
N PRO C 210 39.31 4.28 -62.28
CA PRO C 210 38.11 4.02 -61.52
C PRO C 210 36.87 4.90 -61.88
N SER C 211 37.00 6.14 -62.26
CA SER C 211 35.92 7.00 -62.62
C SER C 211 35.14 6.63 -63.87
N GLN C 212 35.83 6.20 -64.94
CA GLN C 212 35.15 5.73 -66.10
C GLN C 212 34.31 4.46 -65.92
N GLU C 213 34.78 3.59 -65.03
CA GLU C 213 34.18 2.32 -64.72
C GLU C 213 32.88 2.56 -64.00
N THR C 214 32.77 3.49 -62.98
CA THR C 214 31.57 3.86 -62.26
C THR C 214 30.55 4.65 -63.06
N CYS C 215 30.93 5.28 -64.21
CA CYS C 215 30.01 5.83 -65.18
C CYS C 215 29.24 4.71 -65.79
N LEU C 216 29.88 3.61 -66.29
CA LEU C 216 29.16 2.53 -66.96
C LEU C 216 28.29 1.61 -66.04
N VAL C 217 28.50 1.65 -64.72
CA VAL C 217 27.63 1.15 -63.75
C VAL C 217 26.22 1.91 -63.82
N GLU C 218 26.18 3.24 -63.95
CA GLU C 218 25.01 4.10 -64.01
C GLU C 218 24.30 3.91 -65.35
N ASP C 219 24.98 3.73 -66.57
CA ASP C 219 24.45 3.51 -67.92
C ASP C 219 23.91 2.16 -68.14
N LEU C 220 24.38 1.13 -67.39
CA LEU C 220 23.84 -0.21 -67.47
C LEU C 220 22.44 -0.25 -66.93
N LEU C 221 22.06 0.57 -65.90
CA LEU C 221 20.74 0.47 -65.32
C LEU C 221 19.67 0.96 -66.29
N TYR C 222 20.06 1.98 -67.11
CA TYR C 222 19.17 2.42 -68.12
C TYR C 222 18.92 1.46 -69.24
N ILE C 223 20.02 0.69 -69.57
CA ILE C 223 19.97 -0.33 -70.61
C ILE C 223 19.09 -1.44 -70.14
N LEU C 224 19.19 -1.72 -68.82
CA LEU C 224 18.57 -2.99 -68.38
C LEU C 224 16.97 -2.79 -68.50
N ILE C 225 16.49 -1.53 -68.50
CA ILE C 225 15.00 -1.23 -68.65
C ILE C 225 14.52 -1.81 -69.96
N GLY C 226 15.38 -1.59 -71.00
CA GLY C 226 15.11 -2.14 -72.33
C GLY C 226 14.94 -0.99 -73.30
N VAL C 227 15.66 0.13 -73.08
CA VAL C 227 15.42 1.42 -73.68
C VAL C 227 16.71 1.93 -73.99
N ASP C 228 16.74 3.12 -74.69
CA ASP C 228 17.82 3.95 -74.90
C ASP C 228 18.69 4.06 -73.69
N GLY C 229 20.01 3.98 -73.99
CA GLY C 229 21.08 4.19 -73.03
C GLY C 229 21.67 5.52 -73.37
N ARG C 230 22.81 5.88 -72.71
CA ARG C 230 23.30 7.22 -72.82
C ARG C 230 24.51 7.20 -73.67
N TYR C 231 25.68 6.71 -73.17
CA TYR C 231 26.88 6.53 -73.94
C TYR C 231 26.97 5.11 -74.25
N ILE C 232 25.83 4.37 -74.20
CA ILE C 232 25.81 2.92 -74.53
C ILE C 232 24.72 2.97 -75.56
N SER C 233 25.04 2.87 -76.86
CA SER C 233 24.27 3.27 -77.98
C SER C 233 23.68 2.02 -78.47
N VAL C 234 22.40 1.99 -78.75
CA VAL C 234 21.70 0.73 -79.00
C VAL C 234 20.94 0.86 -80.35
N GLN C 235 20.99 -0.19 -81.14
CA GLN C 235 20.44 -0.16 -82.51
C GLN C 235 19.70 -1.47 -82.71
N PRO C 236 18.41 -1.46 -82.95
CA PRO C 236 17.66 -2.66 -83.27
C PRO C 236 17.97 -3.04 -84.69
N LEU C 237 18.24 -4.32 -85.01
CA LEU C 237 18.66 -4.69 -86.36
C LEU C 237 17.39 -4.93 -87.15
N VAL C 238 16.57 -5.97 -86.75
CA VAL C 238 15.26 -6.22 -87.30
C VAL C 238 14.24 -6.24 -86.10
N GLY C 239 13.76 -5.08 -85.73
CA GLY C 239 12.65 -4.88 -84.70
C GLY C 239 12.84 -5.52 -83.32
N ARG C 240 13.90 -5.30 -82.61
CA ARG C 240 14.25 -5.61 -81.25
C ARG C 240 14.27 -7.08 -81.06
N GLN C 241 14.81 -7.87 -82.07
CA GLN C 241 14.97 -9.27 -81.90
C GLN C 241 16.40 -9.54 -81.48
N SER C 242 17.38 -8.72 -82.07
CA SER C 242 18.75 -8.51 -81.77
C SER C 242 18.99 -7.06 -81.81
N ARG C 243 19.87 -6.56 -80.90
CA ARG C 243 20.14 -5.18 -80.71
C ARG C 243 21.65 -5.17 -80.46
N SER C 244 22.40 -4.46 -81.31
CA SER C 244 23.84 -4.34 -81.10
C SER C 244 24.06 -3.11 -80.26
N PHE C 245 24.89 -3.31 -79.21
CA PHE C 245 25.27 -2.27 -78.30
C PHE C 245 26.64 -1.83 -78.81
N SER C 246 27.00 -0.48 -78.61
CA SER C 246 28.27 0.03 -78.97
C SER C 246 28.64 0.78 -77.74
N VAL C 247 29.47 0.12 -76.94
CA VAL C 247 30.20 0.45 -75.74
C VAL C 247 31.28 1.37 -76.18
N GLU C 248 31.65 2.28 -75.21
CA GLU C 248 32.78 3.20 -75.38
C GLU C 248 34.11 2.50 -75.35
N GLN C 249 35.16 3.30 -75.71
CA GLN C 249 36.50 2.86 -75.70
C GLN C 249 37.11 3.52 -74.46
N ASN C 250 37.95 2.71 -73.73
CA ASN C 250 38.49 3.16 -72.48
C ASN C 250 39.92 2.58 -72.40
N LEU C 251 40.69 3.02 -71.42
CA LEU C 251 42.12 2.72 -71.27
C LEU C 251 42.24 1.57 -70.28
N ASP C 252 41.03 1.07 -69.78
CA ASP C 252 40.90 -0.10 -68.93
C ASP C 252 40.67 -1.25 -69.92
N SER C 253 41.25 -2.48 -69.66
CA SER C 253 41.04 -3.63 -70.55
C SER C 253 40.01 -4.50 -69.91
N SER C 254 39.01 -3.86 -69.12
CA SER C 254 37.89 -4.55 -68.58
C SER C 254 36.78 -4.52 -69.53
N VAL C 255 37.12 -4.40 -70.92
CA VAL C 255 36.24 -4.36 -71.99
C VAL C 255 35.63 -5.66 -72.16
N LYS C 256 36.30 -6.81 -71.71
CA LYS C 256 35.77 -8.11 -71.88
C LYS C 256 34.64 -8.21 -70.99
N GLU C 257 34.74 -7.64 -69.74
CA GLU C 257 33.69 -7.79 -68.74
C GLU C 257 32.49 -6.97 -69.04
N LEU C 258 32.72 -5.91 -69.89
CA LEU C 258 31.64 -5.09 -70.45
C LEU C 258 30.79 -5.85 -71.38
N VAL C 259 31.36 -6.72 -72.25
CA VAL C 259 30.77 -7.48 -73.38
C VAL C 259 29.95 -8.62 -72.71
N ASN C 260 30.34 -9.05 -71.42
CA ASN C 260 29.65 -9.97 -70.60
C ASN C 260 28.48 -9.39 -69.88
N ARG C 261 28.16 -8.09 -69.95
CA ARG C 261 26.94 -7.56 -69.45
C ARG C 261 25.93 -7.32 -70.54
N ILE C 262 26.36 -7.44 -71.86
CA ILE C 262 25.55 -7.35 -73.06
C ILE C 262 24.53 -8.51 -73.23
N LEU C 263 25.02 -9.77 -72.95
CA LEU C 263 24.28 -10.95 -73.31
C LEU C 263 23.15 -11.25 -72.39
N PRO C 264 23.08 -11.04 -71.09
CA PRO C 264 21.89 -11.05 -70.24
C PRO C 264 20.80 -10.23 -70.83
N VAL C 265 21.10 -8.94 -71.06
CA VAL C 265 20.13 -7.97 -71.48
C VAL C 265 19.66 -8.21 -72.93
N ALA C 266 20.44 -9.01 -73.70
CA ALA C 266 20.06 -9.50 -75.06
C ALA C 266 18.80 -10.24 -75.00
N THR C 267 18.64 -11.09 -73.96
CA THR C 267 17.48 -11.85 -73.85
C THR C 267 16.35 -11.19 -73.12
N ASN C 268 16.68 -10.03 -72.54
CA ASN C 268 15.70 -9.27 -71.85
C ASN C 268 14.51 -8.83 -72.71
N TYR C 269 14.78 -7.97 -73.65
CA TYR C 269 13.82 -7.29 -74.54
C TYR C 269 13.07 -8.20 -75.50
N SER C 270 13.75 -9.30 -75.88
CA SER C 270 13.29 -10.18 -76.96
C SER C 270 12.20 -11.15 -76.55
N THR C 271 12.04 -11.34 -75.24
CA THR C 271 10.86 -11.91 -74.64
C THR C 271 9.65 -11.00 -74.95
N VAL C 272 9.78 -9.73 -74.54
CA VAL C 272 8.68 -8.80 -74.58
C VAL C 272 8.16 -8.49 -75.98
N THR C 273 9.11 -8.31 -76.98
CA THR C 273 8.82 -7.93 -78.34
C THR C 273 8.10 -9.03 -79.10
N ARG C 274 8.53 -10.36 -78.92
CA ARG C 274 8.01 -11.61 -79.42
C ARG C 274 6.57 -11.92 -78.99
N PHE C 275 6.17 -11.60 -77.70
CA PHE C 275 4.94 -12.01 -77.12
C PHE C 275 3.82 -11.00 -77.47
N VAL C 276 4.23 -9.72 -77.78
CA VAL C 276 3.29 -8.68 -78.22
C VAL C 276 2.93 -8.76 -79.63
N GLU C 277 3.73 -9.43 -80.48
CA GLU C 277 3.38 -9.74 -81.89
C GLU C 277 2.25 -10.68 -82.04
N GLU C 278 2.07 -11.57 -81.04
CA GLU C 278 0.98 -12.44 -80.98
C GLU C 278 -0.18 -11.79 -80.52
N ASN C 279 -0.05 -11.12 -79.36
CA ASN C 279 -1.21 -10.68 -78.62
C ASN C 279 -1.87 -9.42 -79.22
N SER C 280 -1.18 -8.62 -80.03
CA SER C 280 -1.81 -7.49 -80.69
C SER C 280 -2.39 -7.65 -82.08
N SER C 281 -2.13 -8.74 -82.78
CA SER C 281 -2.51 -9.07 -84.14
C SER C 281 -3.70 -10.03 -84.18
N PHE C 282 -4.21 -10.66 -83.02
CA PHE C 282 -5.31 -11.60 -83.20
C PHE C 282 -6.12 -11.47 -82.01
N GLU C 283 -5.47 -11.10 -80.88
CA GLU C 283 -5.92 -10.85 -79.53
C GLU C 283 -6.16 -12.14 -78.88
N TYR C 284 -5.11 -13.03 -78.79
CA TYR C 284 -5.19 -14.35 -78.20
C TYR C 284 -5.57 -14.26 -76.76
N GLY C 285 -6.57 -15.02 -76.31
CA GLY C 285 -7.00 -15.09 -74.93
C GLY C 285 -6.87 -16.56 -74.55
N GLN C 286 -6.43 -17.41 -75.46
CA GLN C 286 -6.23 -18.85 -75.12
C GLN C 286 -4.85 -19.01 -74.46
N VAL C 287 -3.74 -18.66 -75.10
CA VAL C 287 -2.48 -18.97 -74.50
C VAL C 287 -1.45 -17.82 -74.55
N ASN C 288 -1.31 -17.17 -75.69
CA ASN C 288 -0.18 -16.29 -76.07
C ASN C 288 -0.19 -14.96 -75.38
N HIS C 289 -1.37 -14.35 -75.07
CA HIS C 289 -1.47 -13.11 -74.30
C HIS C 289 -1.63 -13.46 -72.90
N ALA C 290 -1.91 -14.71 -72.54
CA ALA C 290 -1.90 -15.19 -71.18
C ALA C 290 -0.54 -15.21 -70.61
N LEU C 291 0.42 -15.66 -71.44
CA LEU C 291 1.83 -15.89 -71.27
C LEU C 291 2.51 -14.60 -71.48
N GLY C 292 1.78 -13.71 -72.26
CA GLY C 292 2.21 -12.34 -72.38
C GLY C 292 2.00 -11.63 -71.06
N ALA C 293 0.94 -11.96 -70.34
CA ALA C 293 0.64 -11.40 -69.05
C ALA C 293 1.36 -11.99 -67.95
N ALA C 294 1.75 -13.25 -67.97
CA ALA C 294 2.58 -13.78 -66.91
C ALA C 294 3.93 -13.18 -67.00
N MET C 295 4.39 -12.90 -68.26
CA MET C 295 5.70 -12.41 -68.54
C MET C 295 5.83 -10.89 -68.30
N ARG C 296 4.71 -10.14 -68.46
CA ARG C 296 4.68 -8.74 -68.12
C ARG C 296 4.77 -8.59 -66.63
N THR C 297 4.14 -9.56 -65.86
CA THR C 297 4.20 -9.64 -64.37
C THR C 297 5.65 -9.90 -63.82
N LEU C 298 6.44 -10.81 -64.49
CA LEU C 298 7.87 -11.05 -64.20
C LEU C 298 8.67 -9.82 -64.70
N GLY C 299 8.08 -8.97 -65.64
CA GLY C 299 8.59 -7.73 -66.06
C GLY C 299 8.47 -6.60 -65.09
N LYS C 300 7.40 -6.52 -64.32
CA LYS C 300 7.22 -5.56 -63.22
C LYS C 300 8.20 -5.90 -62.10
N GLU C 301 8.36 -7.17 -61.81
CA GLU C 301 9.22 -7.61 -60.73
C GLU C 301 10.70 -7.57 -61.11
N TYR C 302 10.98 -7.59 -62.39
CA TYR C 302 12.29 -7.20 -62.97
C TYR C 302 12.55 -5.71 -62.68
N MET C 303 11.56 -4.78 -62.99
CA MET C 303 11.84 -3.34 -63.02
C MET C 303 11.91 -2.63 -61.75
N ILE C 304 11.48 -3.26 -60.65
CA ILE C 304 11.53 -2.85 -59.31
C ILE C 304 12.84 -3.16 -58.71
N LEU C 305 13.51 -4.22 -59.22
CA LEU C 305 14.87 -4.57 -58.98
C LEU C 305 15.82 -3.60 -59.72
N ILE C 306 15.34 -3.04 -60.82
CA ILE C 306 16.05 -1.94 -61.47
C ILE C 306 16.01 -0.68 -60.58
N SER C 307 14.85 -0.40 -59.94
CA SER C 307 14.68 0.67 -58.95
C SER C 307 15.32 0.49 -57.64
N GLN C 308 15.60 -0.79 -57.39
CA GLN C 308 16.28 -1.12 -56.15
C GLN C 308 17.70 -0.81 -56.34
N LEU C 309 18.24 -0.91 -57.60
CA LEU C 309 19.59 -0.55 -57.75
C LEU C 309 19.83 0.95 -57.94
N GLU C 310 18.91 1.72 -58.48
CA GLU C 310 19.01 3.12 -58.68
C GLU C 310 18.98 3.92 -57.39
N HIS C 311 18.27 3.40 -56.40
CA HIS C 311 18.36 3.96 -55.07
C HIS C 311 19.74 3.89 -54.44
N LEU C 312 20.36 2.71 -54.59
CA LEU C 312 21.73 2.41 -54.25
C LEU C 312 22.75 3.14 -55.07
N GLN C 313 22.46 3.51 -56.35
CA GLN C 313 23.38 4.15 -57.22
C GLN C 313 23.59 5.65 -56.96
N ARG C 314 22.79 6.27 -56.09
CA ARG C 314 22.95 7.62 -55.63
C ARG C 314 23.78 7.48 -54.28
N GLN C 315 24.42 6.32 -54.04
CA GLN C 315 25.48 6.32 -53.01
C GLN C 315 26.68 5.65 -53.60
N GLY C 316 27.84 5.70 -52.97
CA GLY C 316 29.01 4.93 -53.37
C GLY C 316 28.84 3.46 -52.80
N LEU C 317 28.61 2.45 -53.66
CA LEU C 317 28.50 1.10 -53.27
C LEU C 317 28.69 0.40 -54.59
N LEU C 318 27.66 0.46 -55.50
CA LEU C 318 27.62 -0.47 -56.61
C LEU C 318 28.81 -0.19 -57.63
N SER C 319 29.48 -1.21 -58.09
CA SER C 319 30.40 -1.05 -59.18
C SER C 319 30.16 -2.37 -59.94
N LEU C 320 31.03 -2.76 -60.92
CA LEU C 320 30.90 -3.71 -62.04
C LEU C 320 30.20 -4.95 -61.60
N GLN C 321 30.77 -5.70 -60.66
CA GLN C 321 30.37 -6.98 -60.21
C GLN C 321 29.78 -6.98 -58.84
N LYS C 322 29.54 -5.79 -58.19
CA LYS C 322 28.64 -5.61 -57.14
C LYS C 322 27.20 -5.89 -57.51
N LEU C 323 26.78 -5.60 -58.75
CA LEU C 323 25.45 -5.77 -59.20
C LEU C 323 25.15 -7.16 -59.67
N TRP C 324 26.22 -7.99 -59.82
CA TRP C 324 26.15 -9.21 -60.64
C TRP C 324 25.64 -10.36 -59.83
N PHE C 325 25.46 -10.18 -58.50
CA PHE C 325 24.82 -11.07 -57.66
C PHE C 325 23.31 -10.91 -57.72
N TYR C 326 22.82 -9.80 -58.26
CA TYR C 326 21.39 -9.51 -58.50
C TYR C 326 21.14 -10.02 -59.84
N ILE C 327 22.12 -9.95 -60.73
CA ILE C 327 22.07 -10.39 -62.13
C ILE C 327 22.04 -11.90 -62.21
N GLN C 328 22.62 -12.63 -61.26
CA GLN C 328 22.67 -14.06 -61.29
C GLN C 328 21.42 -14.93 -61.08
N PRO C 329 20.41 -14.79 -60.21
CA PRO C 329 19.11 -15.53 -60.19
C PRO C 329 18.21 -15.14 -61.29
N THR C 330 18.33 -13.84 -61.75
CA THR C 330 17.58 -13.30 -62.78
C THR C 330 18.11 -13.77 -64.13
N LEU C 331 19.46 -14.08 -64.35
CA LEU C 331 20.05 -14.48 -65.55
C LEU C 331 19.47 -15.84 -65.95
N ARG C 332 19.41 -16.78 -64.94
CA ARG C 332 18.84 -18.13 -65.08
C ARG C 332 17.40 -18.08 -65.37
N THR C 333 16.75 -17.04 -64.86
CA THR C 333 15.32 -16.84 -64.99
C THR C 333 14.95 -16.39 -66.44
N MET C 334 15.54 -15.31 -66.95
CA MET C 334 15.28 -14.75 -68.24
C MET C 334 15.83 -15.48 -69.40
N GLU C 335 16.93 -16.27 -69.30
CA GLU C 335 17.58 -17.04 -70.40
C GLU C 335 16.66 -18.22 -70.76
N VAL C 336 15.85 -18.82 -69.80
CA VAL C 336 15.04 -19.94 -70.13
C VAL C 336 13.71 -19.45 -70.70
N LEU C 337 13.24 -18.22 -70.26
CA LEU C 337 11.98 -17.63 -70.69
C LEU C 337 12.15 -17.18 -72.08
N ALA C 338 13.37 -16.73 -72.48
CA ALA C 338 13.74 -16.31 -73.83
C ALA C 338 13.98 -17.44 -74.80
N SER C 339 14.57 -18.58 -74.32
CA SER C 339 14.73 -19.76 -75.17
C SER C 339 13.29 -20.47 -75.29
N ILE C 340 12.40 -20.19 -74.38
CA ILE C 340 10.98 -20.50 -74.47
C ILE C 340 10.29 -19.62 -75.58
N ALA C 341 10.58 -18.28 -75.65
CA ALA C 341 9.82 -17.32 -76.47
C ALA C 341 10.20 -17.40 -77.92
N THR C 342 11.42 -17.95 -78.28
CA THR C 342 11.98 -18.05 -79.60
C THR C 342 11.24 -19.09 -80.38
N SER C 343 11.03 -20.24 -79.69
CA SER C 343 10.30 -21.37 -80.17
C SER C 343 8.83 -21.14 -80.23
N LEU C 344 8.14 -20.27 -79.43
CA LEU C 344 6.69 -20.11 -79.58
C LEU C 344 6.28 -19.24 -80.69
N ASN C 345 7.10 -18.28 -81.00
CA ASN C 345 6.71 -17.22 -81.87
C ASN C 345 7.04 -17.57 -83.21
N LYS C 346 8.27 -18.08 -83.37
CA LYS C 346 8.88 -18.26 -84.61
C LYS C 346 8.65 -19.72 -85.02
N GLY C 347 8.16 -20.61 -84.01
CA GLY C 347 7.78 -21.97 -84.17
C GLY C 347 6.51 -21.98 -84.92
N GLU C 348 5.63 -21.00 -84.52
CA GLU C 348 4.23 -20.86 -84.91
C GLU C 348 3.42 -21.85 -84.09
N CYS C 349 2.97 -21.37 -82.92
CA CYS C 349 2.35 -22.17 -81.84
C CYS C 349 1.33 -21.28 -81.24
N PHE C 350 0.06 -21.76 -81.06
CA PHE C 350 -1.00 -21.00 -80.44
C PHE C 350 -1.85 -22.22 -79.87
N GLY C 351 -2.90 -21.92 -79.03
CA GLY C 351 -3.75 -22.96 -78.36
C GLY C 351 -2.87 -23.98 -77.69
N GLY C 352 -3.19 -25.28 -77.72
CA GLY C 352 -2.55 -26.34 -76.95
C GLY C 352 -1.17 -26.55 -77.31
N ALA C 353 -0.72 -26.18 -78.52
CA ALA C 353 0.61 -26.39 -79.11
C ALA C 353 1.72 -25.69 -78.36
N THR C 354 1.34 -24.56 -77.64
CA THR C 354 2.14 -23.77 -76.79
C THR C 354 2.43 -24.51 -75.48
N LEU C 355 1.38 -25.17 -74.96
CA LEU C 355 1.37 -25.93 -73.70
C LEU C 355 2.31 -27.12 -73.76
N SER C 356 2.30 -27.71 -74.92
CA SER C 356 3.09 -28.88 -75.37
C SER C 356 4.61 -28.55 -75.41
N LEU C 357 4.90 -27.32 -75.83
CA LEU C 357 6.29 -26.81 -75.70
C LEU C 357 6.73 -26.58 -74.21
N LEU C 358 5.88 -26.01 -73.38
CA LEU C 358 6.15 -25.61 -72.02
C LEU C 358 6.29 -26.80 -71.09
N HIS C 359 5.75 -27.93 -71.59
CA HIS C 359 5.64 -29.23 -71.00
C HIS C 359 6.98 -29.95 -71.14
N ASP C 360 7.64 -29.65 -72.24
CA ASP C 360 8.91 -30.21 -72.59
C ASP C 360 10.04 -29.49 -71.92
N ARG C 361 9.72 -28.24 -71.54
CA ARG C 361 10.57 -27.39 -70.67
C ARG C 361 10.54 -27.85 -69.29
N THR C 362 9.41 -28.46 -68.78
CA THR C 362 9.41 -28.84 -67.38
C THR C 362 10.29 -30.06 -67.29
N PHE C 363 10.31 -30.85 -68.40
CA PHE C 363 11.07 -32.07 -68.39
C PHE C 363 12.59 -31.71 -68.36
N GLY C 364 12.93 -30.78 -69.32
CA GLY C 364 14.25 -30.41 -69.69
C GLY C 364 14.86 -29.54 -68.54
N TYR C 365 14.05 -28.85 -67.78
CA TYR C 365 14.57 -28.02 -66.77
C TYR C 365 14.29 -28.61 -65.38
N THR C 366 14.66 -29.86 -65.12
CA THR C 366 14.59 -30.44 -63.78
C THR C 366 15.89 -30.05 -63.17
N GLY C 367 16.97 -29.86 -63.99
CA GLY C 367 18.30 -29.58 -63.41
C GLY C 367 18.20 -28.08 -63.19
N ASP C 368 18.61 -27.64 -62.01
CA ASP C 368 18.42 -26.31 -61.63
C ASP C 368 17.05 -26.06 -61.20
N SER C 369 16.87 -25.74 -59.88
CA SER C 369 15.66 -25.53 -59.17
C SER C 369 15.09 -24.26 -59.55
N GLN C 370 15.86 -23.22 -59.71
CA GLN C 370 15.42 -21.90 -60.22
C GLN C 370 14.90 -21.98 -61.63
N ALA C 371 15.51 -22.80 -62.51
CA ALA C 371 15.01 -23.00 -63.82
C ALA C 371 13.76 -23.68 -63.88
N GLN C 372 13.52 -24.61 -62.90
CA GLN C 372 12.37 -25.51 -62.81
C GLN C 372 11.17 -24.68 -62.34
N GLU C 373 11.43 -23.57 -61.56
CA GLU C 373 10.36 -22.86 -60.92
C GLU C 373 9.71 -21.98 -61.91
N LEU C 374 10.41 -21.42 -62.90
CA LEU C 374 9.84 -20.60 -63.92
C LEU C 374 8.94 -21.27 -64.88
N CYS C 375 9.26 -22.43 -65.52
CA CYS C 375 8.45 -23.11 -66.54
C CYS C 375 7.32 -23.85 -65.92
N LEU C 376 7.47 -24.12 -64.61
CA LEU C 376 6.32 -24.58 -63.85
C LEU C 376 5.21 -23.50 -63.77
N TYR C 377 5.65 -22.29 -63.46
CA TYR C 377 4.86 -21.16 -63.22
C TYR C 377 4.34 -20.66 -64.51
N LEU C 378 5.07 -20.71 -65.66
CA LEU C 378 4.60 -20.31 -66.99
C LEU C 378 3.65 -21.27 -67.60
N THR C 379 3.89 -22.64 -67.35
CA THR C 379 3.01 -23.60 -67.95
C THR C 379 1.66 -23.69 -67.27
N LYS C 380 1.53 -23.21 -66.04
CA LYS C 380 0.26 -23.12 -65.39
C LYS C 380 -0.51 -21.80 -65.50
N ALA C 381 0.22 -20.76 -65.81
CA ALA C 381 -0.24 -19.43 -66.03
C ALA C 381 -0.74 -19.29 -67.51
N ALA C 382 -0.32 -20.28 -68.37
CA ALA C 382 -0.70 -20.34 -69.78
C ALA C 382 -1.92 -21.22 -70.01
N SER C 383 -2.19 -22.09 -69.00
CA SER C 383 -3.29 -23.03 -69.00
C SER C 383 -4.47 -22.52 -68.29
N ALA C 384 -4.41 -21.50 -67.45
CA ALA C 384 -5.52 -21.07 -66.60
C ALA C 384 -6.55 -20.38 -67.48
N PRO C 385 -6.30 -19.70 -68.59
CA PRO C 385 -7.43 -19.54 -69.52
C PRO C 385 -7.90 -20.75 -70.24
N TYR C 386 -6.95 -21.50 -70.80
CA TYR C 386 -7.28 -22.60 -71.68
C TYR C 386 -8.05 -23.80 -71.03
N PHE C 387 -7.84 -24.12 -69.75
CA PHE C 387 -8.61 -25.07 -68.92
C PHE C 387 -10.02 -24.62 -68.66
N ASP C 388 -10.29 -23.32 -68.68
CA ASP C 388 -11.61 -22.92 -68.28
C ASP C 388 -12.62 -23.20 -69.38
N ILE C 389 -12.10 -23.20 -70.66
CA ILE C 389 -12.96 -23.34 -71.82
C ILE C 389 -13.39 -24.81 -71.96
N LEU C 390 -12.43 -25.72 -71.63
CA LEU C 390 -12.69 -27.13 -71.60
C LEU C 390 -13.51 -27.49 -70.42
N GLU C 391 -13.46 -26.76 -69.33
CA GLU C 391 -14.24 -27.06 -68.13
C GLU C 391 -15.74 -26.85 -68.42
N ARG C 392 -16.21 -25.81 -69.08
CA ARG C 392 -17.63 -25.58 -69.32
C ARG C 392 -18.25 -26.52 -70.36
N TRP C 393 -17.35 -27.13 -71.17
CA TRP C 393 -17.66 -28.14 -72.08
C TRP C 393 -17.91 -29.36 -71.33
N ILE C 394 -17.12 -29.79 -70.36
CA ILE C 394 -17.28 -31.09 -69.76
C ILE C 394 -18.24 -31.01 -68.57
N TYR C 395 -18.51 -29.79 -68.03
CA TYR C 395 -19.36 -29.58 -66.80
C TYR C 395 -20.74 -29.19 -67.33
N ARG C 396 -20.82 -28.03 -67.97
CA ARG C 396 -22.07 -27.47 -68.37
C ARG C 396 -22.51 -28.12 -69.66
N GLY C 397 -21.79 -28.04 -70.83
CA GLY C 397 -22.15 -28.49 -72.17
C GLY C 397 -22.31 -27.29 -73.08
N ILE C 398 -21.67 -26.14 -72.73
CA ILE C 398 -21.68 -24.96 -73.61
C ILE C 398 -20.29 -24.72 -74.05
N ILE C 399 -20.06 -24.27 -75.27
CA ILE C 399 -18.75 -23.94 -75.76
C ILE C 399 -19.02 -22.83 -76.71
N ASN C 400 -18.08 -21.87 -76.82
CA ASN C 400 -18.10 -20.98 -77.95
C ASN C 400 -16.62 -20.86 -78.27
N ASP C 401 -16.18 -20.81 -79.48
CA ASP C 401 -14.82 -20.62 -79.88
C ASP C 401 -14.75 -19.56 -80.87
N PRO C 402 -14.19 -18.39 -80.63
CA PRO C 402 -14.27 -17.27 -81.55
C PRO C 402 -12.90 -17.23 -82.16
N TYR C 403 -11.82 -17.63 -81.34
CA TYR C 403 -10.47 -17.61 -81.88
C TYR C 403 -10.03 -19.06 -82.12
N SER C 404 -10.89 -20.11 -81.83
CA SER C 404 -10.62 -21.55 -81.86
C SER C 404 -9.83 -21.82 -80.58
N GLU C 405 -10.45 -21.49 -79.41
CA GLU C 405 -9.73 -21.39 -78.15
C GLU C 405 -9.42 -22.80 -77.67
N PHE C 406 -10.32 -23.77 -78.03
CA PHE C 406 -10.25 -25.17 -77.62
C PHE C 406 -10.43 -25.92 -78.88
N MET C 407 -10.15 -27.18 -78.80
CA MET C 407 -9.87 -28.02 -79.85
C MET C 407 -11.10 -28.41 -80.64
N VAL C 408 -12.19 -28.57 -79.86
CA VAL C 408 -13.50 -28.89 -80.31
C VAL C 408 -14.05 -27.62 -80.84
N GLU C 409 -14.43 -27.64 -82.13
CA GLU C 409 -14.95 -26.59 -82.97
C GLU C 409 -16.17 -27.24 -83.51
N GLU C 410 -17.34 -26.65 -83.11
CA GLU C 410 -18.72 -26.96 -83.49
C GLU C 410 -18.89 -27.01 -84.97
N HIS C 411 -19.93 -27.66 -85.55
CA HIS C 411 -20.06 -27.66 -86.97
C HIS C 411 -19.16 -28.72 -87.59
N TRP C 427 -24.33 -32.84 -81.70
CA TRP C 427 -24.68 -34.19 -82.22
C TRP C 427 -23.96 -34.50 -83.58
N ASP C 428 -24.15 -33.71 -84.63
CA ASP C 428 -23.51 -33.83 -85.87
C ASP C 428 -22.52 -32.62 -85.93
N GLN C 429 -22.44 -31.82 -84.83
CA GLN C 429 -21.40 -30.85 -84.55
C GLN C 429 -20.11 -31.60 -84.22
N ARG C 430 -18.89 -31.11 -84.76
CA ARG C 430 -17.77 -32.02 -84.60
C ARG C 430 -17.04 -31.94 -83.30
N TYR C 431 -16.22 -32.96 -82.90
CA TYR C 431 -15.48 -33.08 -81.65
C TYR C 431 -14.08 -33.24 -82.15
N THR C 432 -13.52 -32.19 -82.79
CA THR C 432 -12.18 -32.17 -83.39
C THR C 432 -11.14 -32.17 -82.36
N ILE C 433 -10.05 -32.87 -82.63
CA ILE C 433 -8.92 -32.84 -81.79
C ILE C 433 -7.93 -32.52 -82.90
N VAL C 434 -7.43 -31.28 -82.90
CA VAL C 434 -6.58 -30.67 -83.91
C VAL C 434 -5.19 -30.74 -83.41
N GLN C 435 -4.20 -30.64 -84.28
CA GLN C 435 -2.82 -30.71 -84.06
C GLN C 435 -2.05 -29.39 -84.19
N GLN C 436 -2.81 -28.26 -84.36
CA GLN C 436 -2.33 -26.90 -84.15
C GLN C 436 -2.61 -26.51 -82.76
N GLN C 437 -3.29 -27.35 -81.97
CA GLN C 437 -3.51 -27.14 -80.58
C GLN C 437 -3.31 -28.48 -80.06
N ILE C 438 -2.19 -29.18 -80.33
CA ILE C 438 -1.97 -30.52 -79.86
C ILE C 438 -1.93 -30.48 -78.29
N PRO C 439 -2.39 -31.53 -77.47
CA PRO C 439 -2.51 -31.30 -76.01
C PRO C 439 -1.22 -31.63 -75.43
N SER C 440 -0.94 -31.01 -74.23
CA SER C 440 0.08 -31.33 -73.33
C SER C 440 0.06 -32.78 -72.80
N PHE C 441 -1.21 -33.24 -72.59
CA PHE C 441 -1.63 -34.59 -72.12
C PHE C 441 -1.75 -35.41 -73.34
N LEU C 442 -1.69 -36.79 -73.14
CA LEU C 442 -1.87 -37.89 -74.07
C LEU C 442 -3.01 -37.61 -75.01
N GLN C 443 -2.91 -38.23 -76.15
CA GLN C 443 -3.90 -37.99 -77.15
C GLN C 443 -5.14 -38.82 -76.75
N LYS C 444 -4.84 -39.95 -76.11
CA LYS C 444 -5.85 -40.83 -75.60
C LYS C 444 -6.74 -40.27 -74.55
N VAL C 445 -6.17 -39.51 -73.57
CA VAL C 445 -6.95 -38.97 -72.52
C VAL C 445 -7.66 -37.76 -73.06
N ALA C 446 -7.27 -37.15 -74.19
CA ALA C 446 -7.98 -36.03 -74.82
C ALA C 446 -9.25 -36.50 -75.44
N ASP C 447 -9.35 -37.79 -75.89
CA ASP C 447 -10.51 -38.31 -76.30
C ASP C 447 -11.53 -38.27 -75.22
N LYS C 448 -11.14 -38.47 -73.96
CA LYS C 448 -12.07 -38.63 -72.78
C LYS C 448 -12.71 -37.28 -72.45
N ILE C 449 -12.05 -36.12 -72.81
CA ILE C 449 -12.51 -34.75 -72.74
C ILE C 449 -13.63 -34.63 -73.67
N LEU C 450 -13.40 -35.14 -74.92
CA LEU C 450 -14.16 -34.97 -76.13
C LEU C 450 -15.51 -35.50 -75.98
N SER C 451 -15.50 -36.74 -75.35
CA SER C 451 -16.71 -37.52 -75.25
C SER C 451 -17.57 -37.39 -74.01
N THR C 452 -17.16 -36.56 -73.12
CA THR C 452 -17.95 -36.04 -72.03
C THR C 452 -18.90 -35.06 -72.58
N GLY C 453 -18.37 -34.16 -73.45
CA GLY C 453 -19.06 -33.20 -74.20
C GLY C 453 -19.95 -33.66 -75.27
N LYS C 454 -19.78 -34.90 -75.78
CA LYS C 454 -20.64 -35.47 -76.78
C LYS C 454 -22.11 -35.61 -76.46
N TYR C 455 -22.43 -36.01 -75.21
CA TYR C 455 -23.71 -36.27 -74.66
C TYR C 455 -24.22 -35.08 -73.86
N LEU C 456 -23.45 -33.93 -73.77
CA LEU C 456 -23.99 -32.76 -73.12
C LEU C 456 -24.20 -31.64 -74.14
N ASN C 457 -23.78 -31.83 -75.42
CA ASN C 457 -23.83 -30.88 -76.51
C ASN C 457 -24.92 -31.28 -77.51
N VAL C 458 -25.77 -30.26 -77.79
CA VAL C 458 -26.80 -30.26 -78.73
C VAL C 458 -26.27 -29.52 -79.99
N GLN C 481 -0.65 -35.81 -59.54
CA GLN C 481 -0.77 -34.41 -60.02
C GLN C 481 -2.26 -34.13 -60.16
N ALA C 482 -3.00 -34.89 -60.99
CA ALA C 482 -4.45 -35.18 -60.91
C ALA C 482 -5.18 -34.04 -61.62
N TYR C 483 -4.83 -33.80 -62.91
CA TYR C 483 -5.67 -32.92 -63.72
C TYR C 483 -6.36 -33.64 -64.84
N VAL C 484 -5.94 -34.91 -65.07
CA VAL C 484 -6.57 -35.95 -65.91
C VAL C 484 -7.72 -36.61 -65.18
N GLU C 485 -7.83 -36.51 -63.83
CA GLU C 485 -8.96 -37.21 -63.10
C GLU C 485 -10.11 -36.35 -63.11
N ARG C 486 -9.90 -34.98 -63.31
CA ARG C 486 -10.91 -34.02 -63.49
C ARG C 486 -11.72 -34.23 -64.70
N ILE C 487 -11.08 -34.78 -65.77
CA ILE C 487 -11.83 -35.16 -66.88
C ILE C 487 -12.59 -36.46 -66.78
N GLU C 488 -12.02 -37.43 -65.91
CA GLU C 488 -12.53 -38.78 -65.78
C GLU C 488 -13.75 -38.80 -64.87
N LYS C 489 -13.67 -37.89 -63.86
CA LYS C 489 -14.85 -37.71 -63.01
C LYS C 489 -15.95 -36.89 -63.67
N ALA C 490 -15.63 -36.02 -64.68
CA ALA C 490 -16.57 -35.46 -65.69
C ALA C 490 -17.19 -36.55 -66.56
N TYR C 491 -16.42 -37.53 -66.96
CA TYR C 491 -16.74 -38.50 -67.91
C TYR C 491 -17.73 -39.62 -67.42
N ASN C 492 -17.75 -39.90 -66.08
CA ASN C 492 -18.55 -40.90 -65.42
C ASN C 492 -19.92 -40.35 -65.12
N TYR C 493 -20.04 -38.99 -65.07
CA TYR C 493 -21.22 -38.21 -64.78
C TYR C 493 -21.99 -38.30 -66.05
N ALA C 494 -21.36 -38.01 -67.22
CA ALA C 494 -22.00 -37.97 -68.47
C ALA C 494 -22.38 -39.37 -68.99
N SER C 495 -21.79 -40.43 -68.59
CA SER C 495 -22.03 -41.78 -69.19
C SER C 495 -21.26 -42.70 -68.24
N GLU D 246 17.53 18.31 -63.00
CA GLU D 246 17.04 16.90 -62.67
C GLU D 246 15.58 16.99 -62.33
N THR D 247 15.30 17.60 -61.15
CA THR D 247 14.06 17.48 -60.45
C THR D 247 13.01 18.23 -61.10
N SER D 248 13.41 19.32 -61.89
CA SER D 248 12.60 20.22 -62.71
C SER D 248 11.90 19.50 -63.82
N LEU D 249 12.63 18.57 -64.49
CA LEU D 249 12.14 17.74 -65.63
C LEU D 249 11.25 16.61 -65.19
N VAL D 250 11.37 16.11 -63.90
CA VAL D 250 10.34 15.31 -63.23
C VAL D 250 9.05 16.14 -63.04
N ARG D 251 9.14 17.42 -62.59
CA ARG D 251 7.99 18.26 -62.42
C ARG D 251 7.25 18.48 -63.68
N ASP D 252 7.99 18.54 -64.82
CA ASP D 252 7.53 18.96 -66.14
C ASP D 252 6.62 17.79 -66.71
N LEU D 253 6.97 16.52 -66.48
CA LEU D 253 6.26 15.31 -66.94
C LEU D 253 5.05 14.91 -66.17
N LEU D 254 4.93 15.42 -64.95
CA LEU D 254 3.88 15.14 -63.97
C LEU D 254 2.63 15.89 -64.44
N TYR D 255 2.77 17.13 -64.95
CA TYR D 255 1.74 18.00 -65.40
C TYR D 255 1.12 17.46 -66.64
N VAL D 256 1.87 16.64 -67.49
CA VAL D 256 1.30 16.06 -68.71
C VAL D 256 0.31 14.98 -68.34
N PHE D 257 0.63 14.27 -67.28
CA PHE D 257 -0.31 13.22 -66.65
C PHE D 257 -1.49 13.81 -66.07
N GLN D 258 -1.34 14.97 -65.42
CA GLN D 258 -2.35 15.69 -64.71
C GLN D 258 -3.30 16.45 -65.58
N GLY D 259 -2.99 16.65 -66.90
CA GLY D 259 -3.74 17.56 -67.71
C GLY D 259 -3.20 17.49 -69.07
N ILE D 260 -2.83 18.59 -69.67
CA ILE D 260 -2.25 18.63 -71.02
C ILE D 260 -1.27 19.79 -71.06
N ASP D 261 -0.08 19.52 -71.61
CA ASP D 261 1.17 20.18 -71.48
C ASP D 261 1.63 20.43 -70.03
N GLY D 262 2.69 21.15 -69.85
CA GLY D 262 3.45 21.36 -68.65
C GLY D 262 4.15 22.66 -68.88
N LYS D 263 5.51 22.70 -68.61
CA LYS D 263 6.24 23.93 -68.63
C LYS D 263 6.62 24.25 -70.04
N PHE D 264 6.61 23.22 -70.91
CA PHE D 264 6.90 23.37 -72.30
C PHE D 264 5.81 22.59 -72.93
N VAL D 265 5.44 23.01 -74.13
CA VAL D 265 4.23 22.57 -74.78
C VAL D 265 4.57 21.34 -75.62
N LYS D 266 3.59 20.46 -75.86
CA LYS D 266 3.92 19.13 -76.36
C LYS D 266 4.16 19.15 -77.86
N MET D 267 3.63 20.18 -78.62
CA MET D 267 3.16 20.04 -79.96
C MET D 267 4.16 20.67 -80.81
N CYS D 268 4.76 19.91 -81.75
CA CYS D 268 5.57 20.44 -82.86
C CYS D 268 4.65 21.08 -83.86
N ASN D 269 3.49 20.41 -84.11
CA ASN D 269 2.60 20.79 -85.24
C ASN D 269 1.28 21.23 -84.59
N SER D 270 0.60 20.13 -84.17
CA SER D 270 -0.66 20.21 -83.45
C SER D 270 -0.93 18.91 -82.68
N GLU D 271 0.02 17.94 -82.79
CA GLU D 271 -0.06 16.59 -82.28
C GLU D 271 0.68 16.41 -81.00
N ASN D 272 0.33 15.32 -80.31
CA ASN D 272 0.52 15.12 -78.94
C ASN D 272 1.70 14.24 -78.69
N CYS D 273 2.46 13.86 -79.78
CA CYS D 273 3.67 13.06 -79.68
C CYS D 273 4.73 13.75 -78.86
N TYR D 274 5.04 13.28 -77.61
CA TYR D 274 6.06 13.63 -76.73
C TYR D 274 6.15 15.10 -76.59
N LYS D 275 7.40 15.64 -76.34
CA LYS D 275 7.43 17.08 -76.03
C LYS D 275 8.65 17.65 -76.66
N VAL D 276 8.70 18.97 -76.77
CA VAL D 276 9.89 19.70 -77.24
C VAL D 276 11.12 19.40 -76.43
N ASP D 277 12.32 19.30 -77.07
CA ASP D 277 13.57 19.32 -76.36
C ASP D 277 13.73 20.71 -75.95
N GLY D 278 13.49 21.16 -74.73
CA GLY D 278 13.72 22.52 -74.32
C GLY D 278 14.18 22.46 -72.83
N LYS D 279 14.73 21.29 -72.44
CA LYS D 279 15.05 21.01 -71.01
C LYS D 279 16.27 21.78 -70.53
N VAL D 280 16.55 21.88 -69.21
CA VAL D 280 17.67 22.68 -68.71
C VAL D 280 18.92 21.71 -68.80
N ALA D 281 18.67 20.36 -68.54
CA ALA D 281 19.70 19.36 -68.62
C ALA D 281 19.36 18.56 -69.81
N VAL D 282 20.39 18.30 -70.68
CA VAL D 282 20.25 17.53 -71.94
C VAL D 282 21.28 16.50 -71.78
N SER D 283 20.95 15.27 -71.94
CA SER D 283 21.89 14.17 -71.96
C SER D 283 21.35 13.44 -73.13
N LYS D 284 21.70 12.14 -73.16
CA LYS D 284 21.20 11.17 -74.18
C LYS D 284 20.29 10.18 -73.43
N SER D 285 20.18 10.44 -72.11
CA SER D 285 19.15 9.91 -71.25
C SER D 285 17.93 10.83 -71.32
N LEU D 286 18.10 11.96 -72.03
CA LEU D 286 16.99 12.89 -72.35
C LEU D 286 15.94 12.27 -73.26
N LYS D 287 16.41 11.36 -74.13
CA LYS D 287 15.63 10.77 -75.25
C LYS D 287 14.70 9.76 -74.76
N ASP D 288 15.00 9.29 -73.47
CA ASP D 288 14.13 8.32 -72.83
C ASP D 288 13.33 8.92 -71.75
N ILE D 289 13.66 10.09 -71.03
CA ILE D 289 12.82 10.82 -70.04
C ILE D 289 11.68 11.55 -70.76
N THR D 290 11.87 11.82 -72.06
CA THR D 290 10.87 12.41 -72.97
C THR D 290 9.86 11.44 -73.49
N SER D 291 10.25 10.15 -73.53
CA SER D 291 9.52 8.96 -74.04
C SER D 291 9.03 8.21 -72.88
N LYS D 292 9.06 8.90 -71.74
CA LYS D 292 8.56 8.33 -70.50
C LYS D 292 7.82 9.52 -69.84
N LEU D 293 7.40 10.51 -70.67
CA LEU D 293 6.76 11.72 -70.20
C LEU D 293 5.41 11.88 -70.94
N SER D 294 5.19 11.13 -72.05
CA SER D 294 3.91 11.19 -72.72
C SER D 294 3.59 9.83 -73.16
N GLU D 295 4.04 8.78 -72.32
CA GLU D 295 3.89 7.40 -72.64
C GLU D 295 2.43 7.04 -72.42
N LEU D 296 1.68 7.78 -71.59
CA LEU D 296 0.40 7.54 -71.05
C LEU D 296 -0.26 8.92 -71.03
N GLY D 297 0.50 9.96 -71.53
CA GLY D 297 0.00 11.31 -71.56
C GLY D 297 -0.96 11.58 -72.60
N TRP D 298 -0.85 10.85 -73.71
CA TRP D 298 -1.74 10.82 -74.83
C TRP D 298 -3.09 10.25 -74.44
N LEU D 299 -2.99 9.20 -73.54
CA LEU D 299 -4.04 8.35 -73.13
C LEU D 299 -4.76 8.93 -71.88
N HIS D 300 -4.23 9.94 -71.22
CA HIS D 300 -4.87 10.69 -70.12
C HIS D 300 -5.75 11.72 -70.67
N ASN D 301 -5.29 12.45 -71.72
CA ASN D 301 -5.97 13.61 -72.17
C ASN D 301 -7.08 13.23 -73.13
N LYS D 302 -6.98 11.98 -73.71
CA LYS D 302 -7.97 11.49 -74.56
C LYS D 302 -9.11 11.22 -73.72
N ILE D 303 -8.99 10.58 -72.50
CA ILE D 303 -10.24 10.30 -71.72
C ILE D 303 -10.80 11.60 -71.06
N LYS D 304 -9.87 12.49 -70.62
CA LYS D 304 -10.22 13.73 -69.95
C LYS D 304 -11.02 14.72 -70.76
N LYS D 305 -10.68 14.83 -72.05
CA LYS D 305 -11.28 15.50 -73.16
C LYS D 305 -12.57 14.92 -73.59
N TYR D 306 -12.86 13.61 -73.41
CA TYR D 306 -14.14 13.02 -73.65
C TYR D 306 -15.18 13.48 -72.61
N THR D 307 -14.63 13.62 -71.30
CA THR D 307 -15.34 13.90 -70.15
C THR D 307 -15.60 15.43 -70.15
N ASP D 308 -14.68 16.22 -70.81
CA ASP D 308 -14.86 17.63 -71.04
C ASP D 308 -16.01 17.86 -71.95
N GLN D 309 -16.24 16.98 -72.95
CA GLN D 309 -17.30 17.19 -73.93
C GLN D 309 -18.66 16.72 -73.34
N ARG D 310 -18.55 16.02 -72.22
CA ARG D 310 -19.70 15.37 -71.64
C ARG D 310 -20.31 16.43 -70.84
N SER D 311 -21.57 16.78 -71.13
CA SER D 311 -22.40 17.76 -70.46
C SER D 311 -23.78 17.89 -70.88
N LEU D 312 -24.25 16.89 -71.66
CA LEU D 312 -25.67 16.71 -72.00
C LEU D 312 -26.49 16.24 -70.83
N ASP D 313 -27.76 16.73 -70.91
CA ASP D 313 -28.89 16.36 -70.07
C ASP D 313 -29.61 15.28 -70.72
N ARG D 314 -29.21 14.89 -71.92
CA ARG D 314 -29.22 13.61 -72.60
C ARG D 314 -29.89 13.93 -73.92
N ALA D 315 -29.54 13.19 -75.00
CA ALA D 315 -29.74 13.49 -76.38
C ALA D 315 -28.79 12.52 -77.10
N PHE D 316 -29.34 11.88 -78.20
CA PHE D 316 -28.70 10.87 -79.11
C PHE D 316 -28.08 9.73 -78.37
N GLY D 317 -28.96 9.03 -77.54
CA GLY D 317 -28.45 7.90 -76.78
C GLY D 317 -28.32 8.32 -75.34
N LEU D 318 -28.97 7.52 -74.46
CA LEU D 318 -28.80 7.69 -73.04
C LEU D 318 -27.52 7.01 -72.54
N VAL D 319 -27.18 5.92 -73.26
CA VAL D 319 -26.18 4.93 -72.88
C VAL D 319 -24.81 5.40 -73.10
N GLY D 320 -24.72 6.35 -74.02
CA GLY D 320 -23.41 6.82 -74.45
C GLY D 320 -22.63 7.57 -73.42
N GLN D 321 -23.37 8.45 -72.71
CA GLN D 321 -22.97 9.27 -71.64
C GLN D 321 -22.94 8.60 -70.30
N SER D 322 -23.66 7.48 -70.19
CA SER D 322 -23.59 6.61 -68.97
C SER D 322 -22.25 5.95 -68.96
N PHE D 323 -21.71 5.54 -70.17
CA PHE D 323 -20.38 4.90 -70.44
C PHE D 323 -19.35 5.84 -70.08
N CYS D 324 -19.61 7.15 -70.33
CA CYS D 324 -18.65 8.20 -70.11
C CYS D 324 -18.47 8.67 -68.71
N ALA D 325 -19.50 8.45 -67.91
CA ALA D 325 -19.47 8.53 -66.44
C ALA D 325 -18.56 7.49 -65.79
N ALA D 326 -18.58 6.26 -66.26
CA ALA D 326 -17.74 5.14 -65.75
C ALA D 326 -16.26 5.43 -66.01
N LEU D 327 -16.05 6.05 -67.20
CA LEU D 327 -14.71 6.54 -67.51
C LEU D 327 -14.24 7.75 -66.68
N HIS D 328 -15.18 8.55 -66.08
CA HIS D 328 -14.90 9.66 -65.21
C HIS D 328 -14.59 9.15 -63.80
N GLN D 329 -15.15 7.99 -63.42
CA GLN D 329 -14.77 7.36 -62.21
C GLN D 329 -13.37 6.71 -62.23
N GLU D 330 -12.93 6.13 -63.38
CA GLU D 330 -11.60 5.54 -63.44
C GLU D 330 -10.56 6.56 -63.81
N LEU D 331 -11.02 7.74 -64.29
CA LEU D 331 -10.16 8.85 -64.30
C LEU D 331 -9.78 9.29 -62.87
N LYS D 332 -10.78 9.25 -61.93
CA LYS D 332 -10.71 9.77 -60.64
C LYS D 332 -9.66 9.14 -59.76
N GLU D 333 -9.62 7.80 -59.94
CA GLU D 333 -8.67 6.96 -59.27
C GLU D 333 -7.26 7.17 -59.77
N TYR D 334 -7.08 7.57 -61.03
CA TYR D 334 -5.90 7.79 -61.70
C TYR D 334 -5.21 9.00 -61.11
N TYR D 335 -6.01 9.92 -60.52
CA TYR D 335 -5.48 11.17 -60.05
C TYR D 335 -4.78 11.06 -58.67
N ARG D 336 -5.16 10.05 -57.91
CA ARG D 336 -4.64 9.65 -56.56
C ARG D 336 -3.21 9.07 -56.65
N LEU D 337 -2.80 8.46 -57.83
CA LEU D 337 -1.52 7.93 -58.08
C LEU D 337 -0.50 8.99 -58.50
N LEU D 338 -1.01 10.17 -58.93
CA LEU D 338 -0.33 11.41 -59.25
C LEU D 338 -0.20 12.22 -58.03
N SER D 339 -1.17 12.12 -57.03
CA SER D 339 -1.03 12.97 -55.86
C SER D 339 0.04 12.50 -54.94
N VAL D 340 0.44 11.16 -54.94
CA VAL D 340 1.55 10.53 -54.19
C VAL D 340 2.91 10.86 -54.85
N LEU D 341 2.94 11.30 -56.17
CA LEU D 341 4.19 11.66 -56.88
C LEU D 341 4.56 13.03 -56.46
N HIS D 342 3.47 13.83 -56.34
CA HIS D 342 3.61 15.26 -56.07
C HIS D 342 4.03 15.38 -54.65
N SER D 343 3.48 14.47 -53.82
CA SER D 343 3.76 14.40 -52.40
C SER D 343 5.19 14.00 -52.08
N GLN D 344 5.90 13.38 -53.01
CA GLN D 344 7.33 12.96 -52.88
C GLN D 344 8.21 14.03 -53.60
N LEU D 345 7.66 14.93 -54.40
CA LEU D 345 8.45 15.80 -55.20
C LEU D 345 8.37 17.24 -54.73
N GLN D 346 7.79 17.49 -53.59
CA GLN D 346 7.88 18.79 -53.01
C GLN D 346 7.94 18.63 -51.52
N VAL D 347 8.39 19.67 -50.78
CA VAL D 347 8.24 19.76 -49.34
C VAL D 347 6.85 19.97 -48.86
N GLU D 348 6.41 19.08 -47.89
CA GLU D 348 5.05 19.20 -47.29
C GLU D 348 5.11 20.11 -46.06
N SER D 359 16.83 7.58 -53.79
CA SER D 359 16.22 8.92 -53.72
C SER D 359 14.70 8.85 -53.88
N SER D 360 13.98 10.00 -53.88
CA SER D 360 12.55 10.12 -54.03
C SER D 360 12.31 11.16 -55.14
N LEU D 361 13.42 11.84 -55.54
CA LEU D 361 13.52 12.93 -56.55
C LEU D 361 13.99 12.11 -57.74
N THR D 362 14.33 10.85 -57.63
CA THR D 362 14.60 9.99 -58.80
C THR D 362 13.39 9.85 -59.64
N LEU D 363 13.63 9.77 -61.01
CA LEU D 363 12.59 9.56 -61.94
C LEU D 363 12.38 8.14 -62.36
N ARG D 364 13.10 7.12 -61.75
CA ARG D 364 12.92 5.68 -62.07
C ARG D 364 11.94 5.10 -61.07
N ARG D 365 11.84 5.66 -59.84
CA ARG D 365 10.88 5.03 -58.96
C ARG D 365 9.47 5.15 -59.43
N LEU D 366 9.14 6.38 -59.94
CA LEU D 366 7.81 6.63 -60.39
C LEU D 366 7.49 5.94 -61.70
N LEU D 367 8.52 5.57 -62.48
CA LEU D 367 8.27 4.84 -63.66
C LEU D 367 7.54 3.53 -63.43
N VAL D 368 7.95 2.85 -62.39
CA VAL D 368 7.39 1.53 -62.08
C VAL D 368 6.06 1.64 -61.44
N TRP D 369 5.76 2.84 -60.92
CA TRP D 369 4.55 3.07 -60.21
C TRP D 369 3.40 3.61 -61.11
N THR D 370 3.81 3.93 -62.39
CA THR D 370 2.99 4.29 -63.50
C THR D 370 2.93 3.16 -64.48
N PHE D 371 3.81 2.11 -64.36
CA PHE D 371 3.94 1.00 -65.22
C PHE D 371 2.84 0.05 -64.97
N ASP D 372 2.30 -0.10 -63.74
CA ASP D 372 1.08 -0.89 -63.49
C ASP D 372 -0.08 -0.13 -64.17
N PRO D 373 -0.28 1.22 -63.98
CA PRO D 373 -1.18 2.09 -64.76
C PRO D 373 -1.00 2.23 -66.25
N LYS D 374 0.15 1.85 -66.82
CA LYS D 374 0.47 1.81 -68.21
C LYS D 374 -0.26 0.66 -69.00
N ILE D 375 -0.64 -0.44 -68.36
CA ILE D 375 -1.54 -1.49 -68.84
C ILE D 375 -3.02 -1.19 -68.58
N ARG D 376 -3.32 -0.18 -67.68
CA ARG D 376 -4.65 0.25 -67.32
C ARG D 376 -5.35 1.34 -68.05
N LEU D 377 -4.66 2.50 -68.18
CA LEU D 377 -5.29 3.71 -68.68
C LEU D 377 -5.10 3.70 -70.26
N LYS D 378 -4.11 2.92 -70.67
CA LYS D 378 -3.81 2.68 -72.12
C LYS D 378 -4.82 1.89 -72.83
N THR D 379 -5.36 0.83 -72.26
CA THR D 379 -6.49 -0.01 -72.83
C THR D 379 -7.84 0.57 -72.53
N LEU D 380 -7.97 1.63 -71.67
CA LEU D 380 -9.19 2.34 -71.48
C LEU D 380 -9.36 3.38 -72.63
N ALA D 381 -8.25 3.87 -73.18
CA ALA D 381 -8.06 4.70 -74.40
C ALA D 381 -8.29 3.80 -75.57
N ALA D 382 -8.07 2.44 -75.47
CA ALA D 382 -8.37 1.59 -76.59
C ALA D 382 -9.85 1.32 -76.71
N LEU D 383 -10.55 1.30 -75.58
CA LEU D 383 -11.94 1.08 -75.41
C LEU D 383 -12.76 2.27 -75.78
N VAL D 384 -12.23 3.55 -75.78
CA VAL D 384 -13.09 4.69 -76.17
C VAL D 384 -13.05 4.86 -77.62
N ASP D 385 -12.00 4.32 -78.26
CA ASP D 385 -11.90 4.30 -79.73
C ASP D 385 -12.61 3.15 -80.40
N HIS D 386 -13.07 2.21 -79.52
CA HIS D 386 -13.87 1.02 -79.95
C HIS D 386 -15.39 1.27 -79.72
N CYS D 387 -15.78 2.35 -79.11
CA CYS D 387 -17.14 2.54 -78.80
C CYS D 387 -17.40 3.90 -79.33
N GLN D 388 -18.10 3.83 -80.53
CA GLN D 388 -18.72 4.99 -81.20
C GLN D 388 -20.17 4.78 -81.22
N GLY D 389 -20.61 3.65 -80.56
CA GLY D 389 -22.03 3.31 -80.27
C GLY D 389 -22.65 4.32 -79.39
N ARG D 390 -23.96 4.42 -79.36
CA ARG D 390 -24.58 5.33 -78.39
C ARG D 390 -25.89 4.77 -77.91
N LYS D 391 -26.28 3.61 -78.44
CA LYS D 391 -27.35 2.80 -77.92
C LYS D 391 -26.57 1.49 -77.76
N GLY D 392 -26.52 1.02 -76.52
CA GLY D 392 -25.81 -0.15 -75.95
C GLY D 392 -25.97 -1.34 -76.85
N GLY D 393 -24.96 -2.28 -76.86
CA GLY D 393 -24.91 -3.41 -77.76
C GLY D 393 -23.92 -3.07 -78.87
N GLU D 394 -23.14 -1.97 -78.66
CA GLU D 394 -21.94 -1.74 -79.37
C GLU D 394 -20.93 -1.45 -78.30
N LEU D 395 -21.44 -0.82 -77.22
CA LEU D 395 -20.71 -0.57 -76.03
C LEU D 395 -20.64 -1.78 -75.13
N ALA D 396 -21.73 -2.47 -75.23
CA ALA D 396 -21.97 -3.70 -74.39
C ALA D 396 -21.24 -4.85 -75.00
N SER D 397 -21.06 -4.73 -76.33
CA SER D 397 -20.30 -5.69 -77.16
C SER D 397 -18.85 -5.45 -77.22
N ALA D 398 -18.46 -4.29 -76.65
CA ALA D 398 -17.08 -3.79 -76.60
C ALA D 398 -16.36 -4.23 -75.35
N VAL D 399 -16.97 -3.97 -74.09
CA VAL D 399 -16.43 -4.29 -72.87
C VAL D 399 -16.31 -5.78 -72.50
N HIS D 400 -17.12 -6.63 -73.16
CA HIS D 400 -17.18 -8.06 -73.19
C HIS D 400 -16.14 -8.69 -74.07
N ALA D 401 -15.66 -7.89 -75.00
CA ALA D 401 -14.67 -8.35 -75.98
C ALA D 401 -13.24 -8.06 -75.51
N TYR D 402 -13.05 -7.48 -74.30
CA TYR D 402 -11.77 -7.30 -73.70
C TYR D 402 -11.69 -8.12 -72.50
N THR D 403 -12.70 -8.97 -72.21
CA THR D 403 -12.60 -10.03 -71.25
C THR D 403 -12.41 -11.32 -72.06
N LYS D 404 -12.50 -11.24 -73.41
CA LYS D 404 -12.25 -12.37 -74.30
C LYS D 404 -10.71 -12.48 -74.67
N THR D 405 -9.87 -11.45 -74.48
CA THR D 405 -8.42 -11.58 -74.51
C THR D 405 -7.86 -11.59 -73.07
N GLY D 406 -6.74 -12.38 -72.76
CA GLY D 406 -5.96 -12.56 -71.61
C GLY D 406 -5.50 -11.31 -70.95
N ASP D 407 -4.79 -11.46 -69.81
CA ASP D 407 -4.21 -10.39 -69.02
C ASP D 407 -5.17 -10.02 -67.88
N PRO D 408 -5.07 -10.31 -66.62
CA PRO D 408 -6.06 -10.08 -65.64
C PRO D 408 -5.87 -8.63 -65.12
N TYR D 409 -5.02 -7.81 -65.73
CA TYR D 409 -4.98 -6.44 -65.36
C TYR D 409 -5.83 -5.49 -66.15
N MET D 410 -6.30 -6.02 -67.31
CA MET D 410 -7.29 -5.34 -68.10
C MET D 410 -8.60 -6.10 -68.00
N ARG D 411 -8.61 -7.35 -67.52
CA ARG D 411 -9.85 -8.09 -67.29
C ARG D 411 -10.63 -7.56 -66.17
N SER D 412 -9.94 -7.06 -65.15
CA SER D 412 -10.57 -6.36 -64.03
C SER D 412 -11.17 -5.07 -64.48
N LEU D 413 -10.57 -4.33 -65.45
CA LEU D 413 -11.05 -2.94 -65.73
C LEU D 413 -12.24 -3.02 -66.54
N VAL D 414 -12.24 -3.91 -67.56
CA VAL D 414 -13.44 -4.05 -68.32
C VAL D 414 -14.52 -4.88 -67.71
N GLN D 415 -14.35 -5.69 -66.69
CA GLN D 415 -15.46 -6.38 -66.09
C GLN D 415 -16.21 -5.42 -65.18
N HIS D 416 -15.52 -4.42 -64.59
CA HIS D 416 -16.22 -3.29 -63.83
C HIS D 416 -17.29 -2.51 -64.68
N ILE D 417 -16.92 -2.15 -65.92
CA ILE D 417 -17.64 -1.26 -66.76
C ILE D 417 -18.88 -1.90 -67.29
N LEU D 418 -18.79 -3.27 -67.50
CA LEU D 418 -19.81 -4.05 -68.05
C LEU D 418 -21.04 -3.93 -67.21
N GLY D 419 -20.87 -3.95 -65.87
CA GLY D 419 -21.98 -3.72 -64.99
C GLY D 419 -22.66 -2.36 -64.86
N LEU D 420 -22.03 -1.28 -65.46
CA LEU D 420 -22.42 0.08 -65.47
C LEU D 420 -22.89 0.64 -66.86
N VAL D 421 -22.39 0.05 -68.00
CA VAL D 421 -23.05 0.10 -69.28
C VAL D 421 -24.37 -0.61 -69.22
N ALA D 422 -24.44 -1.74 -68.44
CA ALA D 422 -25.63 -2.56 -68.18
C ALA D 422 -26.69 -1.85 -67.33
N TYR D 423 -26.29 -0.78 -66.56
CA TYR D 423 -27.14 -0.28 -65.53
C TYR D 423 -28.36 0.46 -66.04
N PRO D 424 -28.43 1.20 -67.16
CA PRO D 424 -29.64 1.64 -67.77
C PRO D 424 -30.37 0.41 -68.46
N ILE D 425 -29.68 -0.57 -69.05
CA ILE D 425 -30.32 -1.61 -69.82
C ILE D 425 -31.24 -2.48 -68.92
N LEU D 426 -30.78 -2.92 -67.77
CA LEU D 426 -31.66 -3.73 -66.80
C LEU D 426 -32.58 -2.87 -66.05
N ASN D 427 -32.35 -1.52 -65.80
CA ASN D 427 -33.32 -0.63 -65.10
C ASN D 427 -34.54 -0.23 -65.91
N PHE D 428 -34.37 -0.34 -67.23
CA PHE D 428 -35.40 -0.22 -68.25
C PHE D 428 -36.17 -1.51 -68.39
N LEU D 429 -35.56 -2.70 -68.07
CA LEU D 429 -36.05 -3.98 -68.29
C LEU D 429 -37.05 -4.36 -67.30
N TYR D 430 -36.71 -4.22 -66.02
CA TYR D 430 -37.47 -4.82 -64.93
C TYR D 430 -38.80 -4.16 -64.94
N ARG D 431 -38.85 -2.79 -65.23
CA ARG D 431 -40.09 -2.04 -65.22
C ARG D 431 -41.07 -2.50 -66.28
N TRP D 432 -40.51 -2.92 -67.44
CA TRP D 432 -41.17 -3.35 -68.65
C TRP D 432 -41.62 -4.84 -68.66
N ILE D 433 -41.08 -5.70 -67.72
CA ILE D 433 -41.60 -7.04 -67.53
C ILE D 433 -42.90 -6.89 -66.80
N TYR D 434 -42.93 -5.97 -65.77
CA TYR D 434 -43.92 -5.90 -64.76
C TYR D 434 -45.13 -5.07 -65.05
N ASP D 435 -44.94 -3.90 -65.60
CA ASP D 435 -46.02 -2.94 -65.87
C ASP D 435 -46.10 -2.65 -67.38
N GLY D 436 -44.91 -2.36 -67.99
CA GLY D 436 -44.74 -2.02 -69.38
C GLY D 436 -44.46 -0.59 -69.41
N GLU D 437 -43.99 0.02 -68.22
CA GLU D 437 -43.49 1.38 -68.11
C GLU D 437 -42.38 1.68 -69.01
N LEU D 438 -42.42 2.96 -69.41
CA LEU D 438 -41.61 3.49 -70.44
C LEU D 438 -41.06 4.84 -69.97
N GLU D 439 -39.71 4.98 -70.12
CA GLU D 439 -39.16 6.21 -69.56
C GLU D 439 -37.85 6.38 -70.20
N ASP D 440 -37.94 6.38 -71.58
CA ASP D 440 -36.89 6.55 -72.51
C ASP D 440 -37.59 7.41 -73.59
N THR D 441 -36.77 8.36 -74.17
CA THR D 441 -37.10 9.29 -75.20
C THR D 441 -35.94 9.15 -76.16
N TYR D 442 -34.77 8.70 -75.65
CA TYR D 442 -33.53 8.60 -76.45
C TYR D 442 -33.15 7.18 -76.60
N HIS D 443 -33.89 6.23 -75.90
CA HIS D 443 -33.76 4.82 -76.03
C HIS D 443 -32.56 4.31 -75.33
N GLU D 444 -32.82 3.63 -74.18
CA GLU D 444 -31.76 3.14 -73.33
C GLU D 444 -31.72 1.62 -73.37
N PHE D 445 -32.47 1.06 -74.40
CA PHE D 445 -32.72 -0.36 -74.53
C PHE D 445 -32.34 -0.55 -75.91
N PHE D 446 -32.34 -1.79 -76.35
CA PHE D 446 -31.98 -2.29 -77.66
C PHE D 446 -33.19 -2.48 -78.53
N VAL D 447 -34.41 -2.22 -77.93
CA VAL D 447 -35.67 -2.31 -78.70
C VAL D 447 -36.08 -0.87 -78.63
N ALA D 448 -36.37 -0.29 -79.78
CA ALA D 448 -37.00 0.99 -79.96
C ALA D 448 -38.42 0.91 -79.46
N SER D 449 -38.83 1.96 -78.79
CA SER D 449 -40.06 2.21 -78.07
C SER D 449 -41.09 2.94 -78.97
N ASP D 450 -42.25 2.24 -79.12
CA ASP D 450 -43.30 2.46 -80.07
C ASP D 450 -42.94 3.01 -81.43
N PRO D 451 -42.36 2.24 -82.32
CA PRO D 451 -42.12 2.71 -83.74
C PRO D 451 -43.40 2.50 -84.49
N VAL D 452 -44.32 1.60 -84.00
CA VAL D 452 -45.46 1.18 -84.75
C VAL D 452 -46.43 1.58 -83.66
N VAL D 453 -47.20 2.70 -83.97
CA VAL D 453 -48.20 3.24 -83.13
C VAL D 453 -49.31 2.21 -82.69
N LYS D 454 -49.81 2.37 -81.42
CA LYS D 454 -50.83 1.57 -80.81
C LYS D 454 -52.18 1.84 -81.40
N THR D 455 -52.83 0.76 -81.81
CA THR D 455 -54.12 0.69 -82.43
C THR D 455 -54.74 -0.48 -81.68
N ASP D 456 -56.01 -0.69 -81.95
CA ASP D 456 -56.78 -1.72 -81.36
C ASP D 456 -56.17 -3.02 -81.92
N ARG D 457 -55.60 -3.90 -81.05
CA ARG D 457 -54.67 -4.95 -81.54
C ARG D 457 -55.28 -6.31 -81.79
N LEU D 458 -54.68 -7.12 -82.65
CA LEU D 458 -55.00 -8.49 -82.91
C LEU D 458 -54.04 -9.31 -82.06
N TRP D 459 -53.18 -8.54 -81.34
CA TRP D 459 -52.00 -8.97 -80.61
C TRP D 459 -50.86 -8.93 -81.61
N HIS D 460 -50.66 -7.74 -82.21
CA HIS D 460 -49.66 -7.50 -83.22
C HIS D 460 -48.48 -6.77 -82.55
N ASP D 461 -47.33 -6.58 -83.34
CA ASP D 461 -46.11 -5.99 -82.91
C ASP D 461 -46.41 -4.50 -82.81
N LYS D 462 -46.13 -3.97 -81.62
CA LYS D 462 -46.13 -2.51 -81.37
C LYS D 462 -44.73 -2.09 -81.23
N TYR D 463 -43.74 -2.98 -81.39
CA TYR D 463 -42.33 -2.73 -81.26
C TYR D 463 -41.60 -3.52 -82.32
N SER D 464 -40.60 -2.93 -83.06
CA SER D 464 -39.88 -3.69 -84.08
C SER D 464 -38.44 -3.66 -83.50
N LEU D 465 -37.74 -4.81 -83.44
CA LEU D 465 -36.44 -4.83 -82.82
C LEU D 465 -35.32 -4.54 -83.76
N ARG D 466 -34.21 -3.90 -83.29
CA ARG D 466 -32.94 -3.71 -84.05
C ARG D 466 -32.10 -4.80 -83.70
N LYS D 467 -31.57 -5.52 -84.74
CA LYS D 467 -30.70 -6.64 -84.55
C LYS D 467 -29.24 -6.09 -84.63
N SER D 468 -29.15 -4.80 -85.09
CA SER D 468 -28.01 -4.04 -85.46
C SER D 468 -27.10 -3.74 -84.28
N MET D 469 -27.70 -3.43 -83.11
CA MET D 469 -27.06 -3.36 -81.80
C MET D 469 -27.83 -4.32 -80.91
N ILE D 470 -27.08 -5.22 -80.22
CA ILE D 470 -27.62 -6.24 -79.39
C ILE D 470 -26.46 -6.32 -78.33
N PRO D 471 -26.76 -6.42 -77.00
CA PRO D 471 -25.80 -6.80 -75.94
C PRO D 471 -25.18 -8.15 -76.14
N SER D 472 -24.15 -8.42 -75.41
CA SER D 472 -23.50 -9.75 -75.45
C SER D 472 -23.96 -10.51 -74.25
N PHE D 473 -24.71 -9.89 -73.33
CA PHE D 473 -25.40 -10.44 -72.30
C PHE D 473 -26.84 -10.67 -72.74
N MET D 474 -27.17 -10.52 -74.07
CA MET D 474 -28.36 -10.99 -74.69
C MET D 474 -27.87 -11.46 -76.01
N THR D 475 -28.89 -11.81 -76.82
CA THR D 475 -28.77 -12.28 -78.19
C THR D 475 -29.98 -11.87 -79.02
N MET D 476 -30.02 -12.23 -80.32
CA MET D 476 -31.04 -11.87 -81.26
C MET D 476 -32.34 -12.52 -80.91
N ASP D 477 -32.26 -13.85 -80.52
CA ASP D 477 -33.40 -14.62 -80.14
C ASP D 477 -33.82 -14.29 -78.72
N GLN D 478 -32.90 -13.75 -77.85
CA GLN D 478 -33.34 -13.35 -76.50
C GLN D 478 -33.95 -12.02 -76.45
N SER D 479 -33.66 -11.20 -77.49
CA SER D 479 -34.09 -9.80 -77.66
C SER D 479 -35.52 -9.90 -78.06
N ARG D 480 -35.77 -10.91 -78.91
CA ARG D 480 -37.09 -11.06 -79.51
C ARG D 480 -38.09 -11.66 -78.54
N LYS D 481 -37.57 -12.42 -77.54
CA LYS D 481 -38.41 -12.95 -76.47
C LYS D 481 -39.01 -11.92 -75.57
N VAL D 482 -38.18 -10.89 -75.14
CA VAL D 482 -38.56 -9.93 -74.17
C VAL D 482 -39.49 -8.87 -74.73
N LEU D 483 -39.50 -8.70 -76.03
CA LEU D 483 -40.50 -7.91 -76.75
C LEU D 483 -41.85 -8.57 -76.59
N LEU D 484 -41.94 -9.94 -76.54
CA LEU D 484 -43.10 -10.71 -76.30
C LEU D 484 -43.57 -10.63 -74.84
N ILE D 485 -42.75 -10.26 -73.82
CA ILE D 485 -43.16 -9.99 -72.51
C ILE D 485 -43.76 -8.57 -72.38
N GLY D 486 -43.30 -7.70 -73.29
CA GLY D 486 -43.76 -6.39 -73.26
C GLY D 486 -45.07 -6.20 -73.86
N LYS D 487 -45.44 -7.17 -74.74
CA LYS D 487 -46.75 -7.27 -75.41
C LYS D 487 -47.74 -7.92 -74.54
N SER D 488 -47.25 -8.89 -73.73
CA SER D 488 -48.15 -9.65 -72.96
C SER D 488 -48.64 -8.78 -71.79
N ILE D 489 -47.82 -7.74 -71.31
CA ILE D 489 -48.21 -6.94 -70.19
C ILE D 489 -49.26 -5.97 -70.69
N ASN D 490 -49.20 -5.70 -72.08
CA ASN D 490 -50.14 -4.81 -72.74
C ASN D 490 -51.45 -5.57 -73.11
N ASP D 524 -23.21 -8.19 -65.85
CA ASP D 524 -22.33 -8.91 -64.87
C ASP D 524 -22.17 -10.27 -65.26
N LEU D 525 -23.27 -11.06 -65.19
CA LEU D 525 -23.31 -12.41 -65.47
C LEU D 525 -23.75 -12.33 -66.95
N GLU D 526 -23.11 -13.21 -67.80
CA GLU D 526 -23.05 -12.97 -69.20
C GLU D 526 -23.92 -14.00 -69.94
N ASN D 527 -24.45 -15.04 -69.22
CA ASN D 527 -25.33 -16.02 -69.84
C ASN D 527 -26.46 -16.33 -68.86
N ALA D 528 -26.37 -15.77 -67.66
CA ALA D 528 -27.34 -16.05 -66.58
C ALA D 528 -28.40 -14.93 -66.58
N PHE D 529 -28.16 -13.82 -67.30
CA PHE D 529 -29.19 -12.81 -67.49
C PHE D 529 -30.18 -13.41 -68.54
N GLN D 530 -29.79 -14.33 -69.47
CA GLN D 530 -30.68 -14.79 -70.58
C GLN D 530 -31.55 -15.86 -70.00
N THR D 531 -31.25 -16.37 -68.77
CA THR D 531 -31.95 -17.45 -68.13
C THR D 531 -33.15 -16.77 -67.46
N LYS D 532 -32.97 -15.69 -66.70
CA LYS D 532 -33.93 -15.11 -65.94
C LYS D 532 -34.91 -14.26 -66.63
N ILE D 533 -34.68 -13.91 -67.93
CA ILE D 533 -35.70 -13.31 -68.75
C ILE D 533 -36.67 -14.30 -69.27
N ASP D 534 -36.25 -15.57 -69.35
CA ASP D 534 -37.05 -16.68 -69.76
C ASP D 534 -37.90 -17.17 -68.61
N ALA D 535 -37.49 -16.88 -67.38
CA ALA D 535 -38.34 -16.98 -66.24
C ALA D 535 -39.20 -15.77 -65.98
N ALA D 536 -39.21 -14.75 -66.88
CA ALA D 536 -40.13 -13.71 -66.85
C ALA D 536 -41.21 -13.97 -67.94
N TYR D 537 -40.76 -14.58 -69.06
CA TYR D 537 -41.56 -15.15 -70.13
C TYR D 537 -42.50 -16.18 -69.56
N PHE D 538 -42.05 -16.98 -68.56
CA PHE D 538 -42.70 -18.09 -67.87
C PHE D 538 -43.67 -17.61 -66.78
N ASP D 539 -43.38 -16.42 -66.21
CA ASP D 539 -44.16 -15.86 -65.06
C ASP D 539 -45.44 -15.02 -65.49
N THR D 540 -45.29 -14.31 -66.62
CA THR D 540 -46.36 -13.60 -67.33
C THR D 540 -47.25 -14.59 -68.10
N SER D 541 -46.73 -15.86 -68.36
CA SER D 541 -47.48 -16.81 -69.09
C SER D 541 -48.41 -17.55 -68.24
N LYS D 542 -47.96 -17.96 -66.98
CA LYS D 542 -48.71 -18.77 -66.03
C LYS D 542 -49.67 -17.94 -65.12
N LEU E 209 8.77 27.33 -58.15
CA LEU E 209 7.70 26.46 -58.68
C LEU E 209 6.83 25.77 -57.67
N PRO E 210 7.30 25.01 -56.71
CA PRO E 210 6.38 24.36 -55.77
C PRO E 210 5.74 25.38 -54.80
N SER E 211 6.49 26.50 -54.55
CA SER E 211 6.05 27.64 -53.75
C SER E 211 5.07 28.60 -54.39
N GLN E 212 5.09 28.69 -55.77
CA GLN E 212 4.29 29.48 -56.73
C GLN E 212 2.93 28.85 -56.86
N GLU E 213 2.82 27.59 -56.62
CA GLU E 213 1.52 26.90 -56.60
C GLU E 213 0.70 27.25 -55.34
N THR E 214 1.39 27.57 -54.28
CA THR E 214 0.95 27.66 -52.90
C THR E 214 0.08 28.86 -52.59
N CYS E 215 0.39 30.05 -53.18
CA CYS E 215 -0.48 31.20 -52.96
C CYS E 215 -1.68 31.18 -53.91
N LEU E 216 -1.57 30.33 -55.01
CA LEU E 216 -2.68 30.11 -55.85
C LEU E 216 -3.68 29.15 -55.25
N VAL E 217 -3.37 28.37 -54.08
CA VAL E 217 -4.41 27.50 -53.41
C VAL E 217 -5.28 28.48 -52.62
N GLU E 218 -4.60 29.50 -52.03
CA GLU E 218 -5.18 30.50 -51.12
C GLU E 218 -6.03 31.45 -51.86
N ASP E 219 -5.54 31.84 -53.05
CA ASP E 219 -6.26 32.76 -53.94
C ASP E 219 -7.57 32.14 -54.47
N LEU E 220 -7.46 30.84 -54.75
CA LEU E 220 -8.52 29.99 -55.25
C LEU E 220 -9.68 29.85 -54.23
N LEU E 221 -9.27 29.76 -52.92
CA LEU E 221 -10.24 29.61 -51.86
C LEU E 221 -11.23 30.79 -51.78
N TYR E 222 -10.81 32.06 -52.04
CA TYR E 222 -11.75 33.16 -52.06
C TYR E 222 -12.65 33.17 -53.26
N ILE E 223 -12.23 32.55 -54.35
CA ILE E 223 -12.96 32.34 -55.56
C ILE E 223 -14.09 31.35 -55.34
N LEU E 224 -13.97 30.26 -54.55
CA LEU E 224 -14.95 29.23 -54.25
C LEU E 224 -16.04 29.74 -53.29
N ILE E 225 -15.69 30.67 -52.39
CA ILE E 225 -16.61 31.40 -51.52
C ILE E 225 -17.49 32.30 -52.37
N GLY E 226 -16.85 32.82 -53.46
CA GLY E 226 -17.47 33.70 -54.44
C GLY E 226 -16.84 35.01 -54.48
N VAL E 227 -16.17 35.46 -53.37
CA VAL E 227 -15.52 36.75 -53.30
C VAL E 227 -14.39 36.93 -54.23
N ASP E 228 -13.74 38.05 -54.15
CA ASP E 228 -12.72 38.53 -55.04
C ASP E 228 -11.42 37.86 -54.63
N GLY E 229 -10.69 37.43 -55.65
CA GLY E 229 -9.43 36.77 -55.34
C GLY E 229 -8.36 37.76 -55.45
N ARG E 230 -7.05 37.27 -55.27
CA ARG E 230 -5.84 38.07 -55.16
C ARG E 230 -5.03 38.11 -56.43
N TYR E 231 -5.50 37.33 -57.51
CA TYR E 231 -4.77 37.20 -58.81
C TYR E 231 -5.71 36.46 -59.74
N ILE E 232 -6.91 36.06 -59.20
CA ILE E 232 -7.97 35.48 -60.04
C ILE E 232 -9.06 36.48 -59.75
N SER E 233 -9.57 37.14 -60.82
CA SER E 233 -10.56 38.24 -60.81
C SER E 233 -11.83 37.57 -61.14
N VAL E 234 -12.94 38.17 -60.59
CA VAL E 234 -14.29 37.70 -60.66
C VAL E 234 -15.00 38.71 -61.53
N GLN E 235 -15.85 38.19 -62.45
CA GLN E 235 -16.43 38.90 -63.59
C GLN E 235 -17.73 38.36 -63.89
N PRO E 236 -18.78 39.25 -63.85
CA PRO E 236 -20.09 38.93 -64.40
C PRO E 236 -19.86 39.32 -65.83
N LEU E 237 -20.40 38.53 -66.80
CA LEU E 237 -20.42 38.97 -68.12
C LEU E 237 -21.46 38.19 -68.85
N VAL E 238 -22.34 37.54 -68.12
CA VAL E 238 -23.34 36.73 -68.67
C VAL E 238 -24.56 36.97 -67.88
N GLY E 239 -25.72 36.95 -68.61
CA GLY E 239 -27.04 37.25 -68.06
C GLY E 239 -27.59 36.14 -67.24
N ARG E 240 -27.17 34.88 -67.58
CA ARG E 240 -27.27 33.65 -66.71
C ARG E 240 -26.46 33.96 -65.47
N GLN E 241 -26.67 33.13 -64.42
CA GLN E 241 -26.28 33.28 -63.03
C GLN E 241 -24.83 32.91 -62.76
N SER E 242 -24.23 32.11 -63.67
CA SER E 242 -22.91 31.78 -63.67
C SER E 242 -22.03 32.92 -63.72
N ARG E 243 -20.82 32.82 -63.10
CA ARG E 243 -19.78 33.90 -63.18
C ARG E 243 -18.53 33.35 -63.74
N SER E 244 -17.90 34.16 -64.62
CA SER E 244 -16.72 33.85 -65.32
C SER E 244 -15.53 34.12 -64.46
N PHE E 245 -14.49 33.29 -64.51
CA PHE E 245 -13.25 33.50 -63.78
C PHE E 245 -12.05 33.53 -64.70
N SER E 246 -11.27 34.67 -64.50
CA SER E 246 -10.09 34.90 -65.32
C SER E 246 -8.99 34.93 -64.41
N VAL E 247 -7.94 34.09 -64.65
CA VAL E 247 -6.72 34.23 -63.93
C VAL E 247 -5.88 35.26 -64.68
N GLU E 248 -5.15 36.09 -63.98
CA GLU E 248 -4.24 37.04 -64.53
C GLU E 248 -2.90 36.29 -64.76
N GLN E 249 -1.98 37.17 -65.20
CA GLN E 249 -0.69 36.79 -65.61
C GLN E 249 0.18 36.07 -64.55
N ASN E 250 1.18 35.38 -65.12
CA ASN E 250 2.05 34.36 -64.53
C ASN E 250 3.25 34.49 -65.37
N LEU E 251 4.36 34.01 -64.84
CA LEU E 251 5.57 33.94 -65.62
C LEU E 251 5.95 32.55 -65.83
N ASP E 252 4.99 31.65 -65.53
CA ASP E 252 5.09 30.24 -65.71
C ASP E 252 3.80 29.77 -66.19
N SER E 253 3.85 29.13 -67.38
CA SER E 253 2.67 28.62 -68.06
C SER E 253 2.29 27.34 -67.44
N SER E 254 3.11 26.71 -66.57
CA SER E 254 2.84 25.41 -65.91
C SER E 254 1.75 25.55 -64.92
N VAL E 255 1.90 26.54 -64.07
CA VAL E 255 0.83 26.96 -63.16
C VAL E 255 -0.40 27.68 -63.89
N LYS E 256 -0.24 28.32 -65.07
CA LYS E 256 -1.32 28.92 -65.81
C LYS E 256 -2.37 27.93 -66.22
N GLU E 257 -1.99 26.76 -66.72
CA GLU E 257 -2.95 25.78 -67.14
C GLU E 257 -3.61 25.01 -65.92
N LEU E 258 -2.85 24.99 -64.80
CA LEU E 258 -3.30 24.22 -63.67
C LEU E 258 -4.45 24.92 -63.00
N VAL E 259 -4.34 26.26 -63.01
CA VAL E 259 -5.33 27.09 -62.37
C VAL E 259 -6.59 27.03 -63.21
N ASN E 260 -6.47 26.88 -64.50
CA ASN E 260 -7.55 27.03 -65.38
C ASN E 260 -8.56 25.96 -65.28
N ARG E 261 -8.19 24.75 -64.83
CA ARG E 261 -9.10 23.61 -64.84
C ARG E 261 -9.85 23.56 -63.57
N ILE E 262 -9.57 24.44 -62.62
CA ILE E 262 -10.25 24.42 -61.32
C ILE E 262 -11.40 25.47 -61.42
N LEU E 263 -11.29 26.42 -62.37
CA LEU E 263 -12.16 27.48 -62.61
C LEU E 263 -13.56 27.04 -63.10
N PRO E 264 -13.79 25.98 -63.85
CA PRO E 264 -15.13 25.36 -64.23
C PRO E 264 -15.89 24.89 -63.05
N VAL E 265 -15.29 24.95 -61.77
CA VAL E 265 -15.83 24.36 -60.53
C VAL E 265 -16.68 25.38 -59.74
N ALA E 266 -16.16 26.66 -59.56
CA ALA E 266 -16.85 27.79 -59.00
C ALA E 266 -17.82 28.35 -59.95
N THR E 267 -17.70 27.94 -61.28
CA THR E 267 -18.66 28.23 -62.31
C THR E 267 -20.02 27.58 -62.04
N ASN E 268 -20.01 26.31 -61.56
CA ASN E 268 -21.24 25.59 -61.33
C ASN E 268 -21.82 25.79 -59.97
N TYR E 269 -20.97 26.29 -59.07
CA TYR E 269 -21.35 26.75 -57.79
C TYR E 269 -22.18 28.01 -57.71
N SER E 270 -21.74 29.05 -58.53
CA SER E 270 -22.21 30.37 -58.54
C SER E 270 -23.61 30.39 -59.25
N THR E 271 -23.99 29.28 -59.99
CA THR E 271 -25.25 29.18 -60.69
C THR E 271 -26.44 29.07 -59.80
N VAL E 272 -26.31 28.11 -58.86
CA VAL E 272 -27.25 27.63 -57.96
C VAL E 272 -27.33 28.46 -56.73
N THR E 273 -26.21 29.07 -56.32
CA THR E 273 -26.16 29.86 -55.07
C THR E 273 -26.69 31.21 -55.26
N ARG E 274 -26.51 31.79 -56.43
CA ARG E 274 -27.13 33.04 -56.76
C ARG E 274 -28.61 32.94 -56.97
N PHE E 275 -29.07 31.79 -57.49
CA PHE E 275 -30.46 31.52 -57.82
C PHE E 275 -31.34 31.56 -56.50
N VAL E 276 -30.84 30.91 -55.42
CA VAL E 276 -31.59 30.77 -54.17
C VAL E 276 -31.57 31.94 -53.35
N GLU E 277 -30.65 32.90 -53.59
CA GLU E 277 -30.59 34.12 -52.83
C GLU E 277 -31.35 35.20 -53.53
N GLU E 278 -31.53 35.14 -54.85
CA GLU E 278 -32.51 35.84 -55.70
C GLU E 278 -33.93 35.40 -55.35
N ASN E 279 -34.16 34.18 -55.00
CA ASN E 279 -35.50 33.74 -54.56
C ASN E 279 -35.93 34.19 -53.15
N SER E 280 -35.02 34.27 -52.15
CA SER E 280 -35.33 34.70 -50.80
C SER E 280 -35.41 36.22 -50.75
N SER E 281 -34.55 37.00 -51.54
CA SER E 281 -34.48 38.43 -51.52
C SER E 281 -35.63 39.11 -52.13
N PHE E 282 -36.03 38.51 -53.29
CA PHE E 282 -37.24 38.99 -53.92
C PHE E 282 -38.24 37.93 -53.69
N GLU E 283 -39.28 38.02 -52.81
CA GLU E 283 -39.89 36.92 -52.08
C GLU E 283 -40.72 36.10 -53.09
N TYR E 284 -40.91 34.79 -52.83
CA TYR E 284 -41.70 33.89 -53.57
C TYR E 284 -42.27 33.02 -52.44
N GLY E 285 -43.58 32.59 -52.62
CA GLY E 285 -44.10 31.53 -51.86
C GLY E 285 -44.67 30.55 -52.83
N GLN E 286 -43.72 29.62 -53.26
CA GLN E 286 -43.97 28.74 -54.41
C GLN E 286 -43.24 27.46 -54.16
N VAL E 287 -43.60 26.50 -55.00
CA VAL E 287 -42.91 25.24 -55.11
C VAL E 287 -41.53 25.41 -55.71
N ASN E 288 -41.23 26.46 -56.46
CA ASN E 288 -39.90 26.71 -56.96
C ASN E 288 -39.09 27.22 -55.74
N HIS E 289 -39.78 27.75 -54.67
CA HIS E 289 -39.10 28.13 -53.38
C HIS E 289 -38.57 26.94 -52.69
N ALA E 290 -39.42 25.88 -52.60
CA ALA E 290 -39.08 24.69 -51.90
C ALA E 290 -38.04 23.94 -52.68
N LEU E 291 -37.93 24.07 -54.03
CA LEU E 291 -36.76 23.57 -54.76
C LEU E 291 -35.45 24.25 -54.34
N GLY E 292 -35.55 25.60 -54.11
CA GLY E 292 -34.44 26.44 -53.75
C GLY E 292 -33.88 26.18 -52.30
N ALA E 293 -34.82 25.69 -51.45
CA ALA E 293 -34.49 25.06 -50.10
C ALA E 293 -33.70 23.71 -50.22
N ALA E 294 -34.18 22.93 -51.22
CA ALA E 294 -33.60 21.64 -51.51
C ALA E 294 -32.14 21.72 -52.02
N MET E 295 -31.83 22.79 -52.76
CA MET E 295 -30.50 23.09 -53.29
C MET E 295 -29.67 23.78 -52.27
N ARG E 296 -30.32 24.37 -51.27
CA ARG E 296 -29.61 25.08 -50.24
C ARG E 296 -28.90 24.20 -49.31
N THR E 297 -29.53 23.02 -48.97
CA THR E 297 -28.95 22.02 -48.07
C THR E 297 -27.84 21.30 -48.73
N LEU E 298 -27.72 21.23 -50.08
CA LEU E 298 -26.60 20.61 -50.73
C LEU E 298 -25.46 21.60 -50.72
N GLY E 299 -25.72 22.97 -50.71
CA GLY E 299 -24.84 24.08 -50.65
C GLY E 299 -24.17 24.18 -49.22
N LYS E 300 -24.79 23.66 -48.15
CA LYS E 300 -24.29 23.56 -46.81
C LYS E 300 -23.05 22.67 -46.71
N GLU E 301 -23.06 21.45 -47.35
CA GLU E 301 -21.95 20.57 -47.29
C GLU E 301 -20.79 21.15 -48.12
N TYR E 302 -21.06 22.02 -49.14
CA TYR E 302 -20.09 22.53 -50.08
C TYR E 302 -19.24 23.54 -49.43
N MET E 303 -19.79 24.48 -48.63
CA MET E 303 -19.16 25.61 -48.09
C MET E 303 -18.39 25.22 -46.85
N ILE E 304 -18.68 24.01 -46.27
CA ILE E 304 -17.97 23.43 -45.18
C ILE E 304 -16.76 22.61 -45.77
N LEU E 305 -16.80 22.21 -47.07
CA LEU E 305 -15.67 21.60 -47.74
C LEU E 305 -14.53 22.66 -47.93
N ILE E 306 -14.98 23.93 -48.19
CA ILE E 306 -14.11 25.05 -48.43
C ILE E 306 -13.36 25.40 -47.14
N SER E 307 -14.04 25.29 -45.98
CA SER E 307 -13.40 25.36 -44.73
C SER E 307 -12.49 24.28 -44.25
N GLN E 308 -12.75 23.01 -44.61
CA GLN E 308 -11.94 21.83 -44.19
C GLN E 308 -10.60 21.90 -44.94
N LEU E 309 -10.62 22.24 -46.27
CA LEU E 309 -9.42 22.32 -47.14
C LEU E 309 -8.69 23.59 -46.84
N GLU E 310 -9.38 24.67 -46.33
CA GLU E 310 -8.73 25.85 -45.75
C GLU E 310 -8.17 25.55 -44.36
N HIS E 311 -8.62 24.48 -43.61
CA HIS E 311 -7.91 24.08 -42.41
C HIS E 311 -6.57 23.42 -42.60
N LEU E 312 -6.44 22.75 -43.80
CA LEU E 312 -5.20 22.09 -43.99
C LEU E 312 -4.21 22.96 -44.69
N GLN E 313 -4.59 24.18 -45.09
CA GLN E 313 -3.83 25.19 -45.81
C GLN E 313 -3.02 25.96 -44.70
N ARG E 314 -3.53 26.07 -43.43
CA ARG E 314 -2.75 26.58 -42.24
C ARG E 314 -1.72 25.59 -41.75
N GLN E 315 -1.95 24.27 -42.06
CA GLN E 315 -1.04 23.12 -41.91
C GLN E 315 -0.50 22.72 -43.24
N GLY E 316 -0.28 23.73 -44.11
CA GLY E 316 -0.07 23.74 -45.51
C GLY E 316 0.90 22.64 -45.96
N LEU E 317 0.41 22.10 -47.09
CA LEU E 317 1.09 21.04 -47.84
C LEU E 317 0.33 20.87 -49.15
N LEU E 318 -0.72 21.65 -49.47
CA LEU E 318 -1.64 21.34 -50.53
C LEU E 318 -1.08 21.74 -51.84
N SER E 319 -1.17 20.94 -52.86
CA SER E 319 -0.71 21.19 -54.30
C SER E 319 -1.97 21.69 -54.88
N LEU E 320 -1.96 21.94 -56.18
CA LEU E 320 -3.12 22.28 -56.98
C LEU E 320 -3.62 21.01 -57.56
N GLN E 321 -2.87 19.90 -57.34
CA GLN E 321 -3.12 18.64 -57.99
C GLN E 321 -3.64 17.64 -57.08
N LYS E 322 -3.02 17.67 -55.83
CA LYS E 322 -3.45 16.93 -54.70
C LYS E 322 -4.81 17.36 -54.17
N LEU E 323 -5.03 18.65 -54.24
CA LEU E 323 -6.22 19.40 -53.91
C LEU E 323 -7.33 19.19 -54.92
N TRP E 324 -6.96 18.81 -56.23
CA TRP E 324 -7.98 18.70 -57.30
C TRP E 324 -8.86 17.53 -57.12
N PHE E 325 -8.27 16.56 -56.50
CA PHE E 325 -8.89 15.27 -56.22
C PHE E 325 -10.09 15.38 -55.39
N TYR E 326 -10.02 16.29 -54.40
CA TYR E 326 -11.11 16.49 -53.42
C TYR E 326 -12.21 17.32 -54.04
N ILE E 327 -11.88 18.05 -55.11
CA ILE E 327 -12.73 19.04 -55.81
C ILE E 327 -13.55 18.38 -56.85
N GLN E 328 -13.12 17.15 -57.17
CA GLN E 328 -13.63 16.31 -58.22
C GLN E 328 -14.95 15.61 -57.85
N PRO E 329 -15.18 15.08 -56.60
CA PRO E 329 -16.47 14.75 -56.01
C PRO E 329 -17.53 15.81 -56.02
N THR E 330 -17.20 17.08 -55.80
CA THR E 330 -18.10 18.18 -55.52
C THR E 330 -18.34 18.98 -56.72
N LEU E 331 -17.67 18.61 -57.80
CA LEU E 331 -17.82 19.09 -59.13
C LEU E 331 -19.03 18.36 -59.76
N ARG E 332 -19.14 17.05 -59.36
CA ARG E 332 -20.27 16.26 -59.76
C ARG E 332 -21.62 16.73 -59.23
N THR E 333 -21.66 16.98 -57.92
CA THR E 333 -22.83 17.51 -57.21
C THR E 333 -23.26 18.84 -57.68
N MET E 334 -22.35 19.79 -57.99
CA MET E 334 -22.73 21.09 -58.43
C MET E 334 -23.05 21.18 -59.95
N GLU E 335 -22.52 20.25 -60.74
CA GLU E 335 -22.65 20.38 -62.20
C GLU E 335 -24.14 20.04 -62.50
N VAL E 336 -24.70 19.01 -61.80
CA VAL E 336 -26.07 18.58 -61.95
C VAL E 336 -27.03 19.64 -61.56
N LEU E 337 -26.81 20.32 -60.45
CA LEU E 337 -27.70 21.45 -60.02
C LEU E 337 -27.58 22.61 -60.94
N ALA E 338 -26.47 22.99 -61.52
CA ALA E 338 -26.23 24.11 -62.35
C ALA E 338 -26.99 24.03 -63.67
N SER E 339 -27.09 22.88 -64.18
CA SER E 339 -27.78 22.51 -65.38
C SER E 339 -29.27 22.44 -65.17
N ILE E 340 -29.78 22.15 -63.91
CA ILE E 340 -31.22 22.35 -63.61
C ILE E 340 -31.49 23.79 -63.54
N ALA E 341 -30.66 24.71 -62.91
CA ALA E 341 -30.89 26.10 -62.67
C ALA E 341 -30.86 26.94 -63.85
N THR E 342 -29.91 26.66 -64.83
CA THR E 342 -29.83 27.38 -66.15
C THR E 342 -31.03 27.18 -67.03
N SER E 343 -31.58 25.96 -67.08
CA SER E 343 -32.81 25.55 -67.80
C SER E 343 -34.05 26.27 -67.19
N LEU E 344 -34.08 26.52 -65.86
CA LEU E 344 -35.17 27.31 -65.28
C LEU E 344 -35.17 28.77 -65.52
N ASN E 345 -33.96 29.42 -65.71
CA ASN E 345 -33.91 30.81 -66.11
C ASN E 345 -34.44 31.01 -67.55
N LYS E 346 -34.15 30.10 -68.55
CA LYS E 346 -34.62 30.27 -69.92
C LYS E 346 -36.08 30.04 -70.13
N GLY E 347 -36.62 29.20 -69.17
CA GLY E 347 -37.98 28.77 -69.14
C GLY E 347 -38.86 29.79 -68.52
N GLU E 348 -38.35 30.29 -67.36
CA GLU E 348 -39.12 31.18 -66.61
C GLU E 348 -40.29 30.43 -65.95
N CYS E 349 -39.94 29.22 -65.57
CA CYS E 349 -40.88 28.24 -64.97
C CYS E 349 -41.30 28.63 -63.56
N PHE E 350 -42.60 28.35 -63.31
CA PHE E 350 -43.34 28.59 -62.12
C PHE E 350 -44.21 27.34 -61.97
N GLY E 351 -44.47 27.01 -60.63
CA GLY E 351 -45.46 25.94 -60.41
C GLY E 351 -45.13 24.69 -60.95
N GLY E 352 -46.08 23.92 -61.62
CA GLY E 352 -46.02 22.62 -62.16
C GLY E 352 -45.09 22.47 -63.29
N ALA E 353 -44.75 23.59 -63.95
CA ALA E 353 -43.79 23.69 -65.03
C ALA E 353 -42.40 23.32 -64.47
N THR E 354 -42.13 23.68 -63.15
CA THR E 354 -40.88 23.30 -62.52
C THR E 354 -40.84 21.86 -62.10
N LEU E 355 -41.99 21.32 -61.62
CA LEU E 355 -42.13 19.94 -61.18
C LEU E 355 -41.88 19.02 -62.32
N SER E 356 -42.38 19.27 -63.56
CA SER E 356 -42.21 18.33 -64.65
C SER E 356 -40.85 18.44 -65.22
N LEU E 357 -40.15 19.57 -64.98
CA LEU E 357 -38.82 19.78 -65.59
C LEU E 357 -37.94 18.86 -64.93
N LEU E 358 -38.21 18.71 -63.58
CA LEU E 358 -37.42 17.96 -62.64
C LEU E 358 -37.61 16.50 -62.83
N HIS E 359 -38.79 16.08 -63.36
CA HIS E 359 -39.13 14.71 -63.68
C HIS E 359 -38.36 14.28 -64.89
N ASP E 360 -38.01 15.25 -65.78
CA ASP E 360 -37.35 15.01 -67.03
C ASP E 360 -35.86 14.71 -66.72
N ARG E 361 -35.42 15.34 -65.66
CA ARG E 361 -34.05 15.05 -65.20
C ARG E 361 -33.88 13.81 -64.43
N THR E 362 -34.95 13.23 -63.79
CA THR E 362 -34.78 11.88 -63.21
C THR E 362 -34.70 10.74 -64.22
N PHE E 363 -35.22 11.00 -65.40
CA PHE E 363 -35.14 9.98 -66.44
C PHE E 363 -33.71 10.01 -66.96
N GLY E 364 -33.21 11.29 -67.35
CA GLY E 364 -32.00 11.40 -68.12
C GLY E 364 -30.79 11.02 -67.33
N TYR E 365 -30.71 11.39 -66.01
CA TYR E 365 -29.61 11.07 -65.18
C TYR E 365 -29.86 9.76 -64.32
N THR E 366 -30.17 8.68 -65.08
CA THR E 366 -30.19 7.37 -64.44
C THR E 366 -29.29 6.61 -65.35
N GLY E 367 -28.08 6.25 -64.77
CA GLY E 367 -27.04 5.58 -65.44
C GLY E 367 -25.77 6.24 -65.11
N ASP E 368 -25.79 7.35 -64.34
CA ASP E 368 -24.76 7.89 -63.59
C ASP E 368 -25.44 7.90 -62.26
N SER E 369 -25.02 7.11 -61.26
CA SER E 369 -25.63 6.84 -60.05
C SER E 369 -25.66 8.08 -59.19
N GLN E 370 -24.55 8.87 -59.18
CA GLN E 370 -24.31 9.95 -58.26
C GLN E 370 -25.04 11.23 -58.74
N ALA E 371 -25.36 11.32 -60.08
CA ALA E 371 -26.23 12.31 -60.60
C ALA E 371 -27.64 12.14 -60.39
N GLN E 372 -28.17 10.89 -60.17
CA GLN E 372 -29.49 10.44 -59.89
C GLN E 372 -29.89 10.83 -58.51
N GLU E 373 -28.91 10.81 -57.70
CA GLU E 373 -29.19 11.14 -56.33
C GLU E 373 -29.68 12.57 -56.00
N LEU E 374 -29.08 13.52 -56.71
CA LEU E 374 -29.42 14.86 -56.55
C LEU E 374 -30.74 15.22 -57.17
N CYS E 375 -31.00 14.71 -58.45
CA CYS E 375 -32.20 15.02 -59.19
C CYS E 375 -33.39 14.29 -58.63
N LEU E 376 -33.17 13.12 -58.02
CA LEU E 376 -34.28 12.49 -57.27
C LEU E 376 -34.66 13.33 -56.09
N TYR E 377 -33.71 13.85 -55.33
CA TYR E 377 -33.94 14.59 -54.13
C TYR E 377 -34.67 15.88 -54.29
N LEU E 378 -34.38 16.55 -55.44
CA LEU E 378 -35.08 17.76 -55.80
C LEU E 378 -36.52 17.52 -56.16
N THR E 379 -36.90 16.45 -56.91
CA THR E 379 -38.24 16.12 -57.33
C THR E 379 -39.11 15.66 -56.19
N LYS E 380 -38.49 14.83 -55.28
CA LYS E 380 -39.21 14.44 -54.09
C LYS E 380 -39.47 15.56 -53.07
N ALA E 381 -38.44 16.45 -52.88
CA ALA E 381 -38.53 17.49 -51.86
C ALA E 381 -39.34 18.70 -52.33
N ALA E 382 -39.60 18.73 -53.67
CA ALA E 382 -40.37 19.77 -54.31
C ALA E 382 -41.79 19.23 -54.38
N SER E 383 -42.09 17.88 -54.27
CA SER E 383 -43.38 17.25 -54.41
C SER E 383 -44.06 17.20 -53.07
N ALA E 384 -43.20 17.15 -52.04
CA ALA E 384 -43.72 17.01 -50.66
C ALA E 384 -44.42 18.37 -50.24
N PRO E 385 -44.05 19.55 -50.71
CA PRO E 385 -44.92 20.72 -50.53
C PRO E 385 -46.18 20.65 -51.38
N TYR E 386 -46.05 20.24 -52.67
CA TYR E 386 -47.06 20.30 -53.78
C TYR E 386 -48.20 19.36 -53.48
N PHE E 387 -47.96 18.05 -53.06
CA PHE E 387 -48.92 17.15 -52.63
C PHE E 387 -49.50 17.33 -51.28
N ASP E 388 -48.91 18.20 -50.47
CA ASP E 388 -49.58 18.64 -49.21
C ASP E 388 -50.59 19.71 -49.41
N ILE E 389 -50.38 20.58 -50.44
CA ILE E 389 -51.25 21.61 -50.92
C ILE E 389 -52.44 20.89 -51.53
N LEU E 390 -52.29 19.65 -52.10
CA LEU E 390 -53.36 18.72 -52.42
C LEU E 390 -54.17 18.24 -51.25
N GLU E 391 -53.59 17.85 -50.08
CA GLU E 391 -54.35 17.24 -48.97
C GLU E 391 -55.17 18.30 -48.24
N ARG E 392 -54.68 19.59 -48.25
CA ARG E 392 -55.34 20.71 -47.59
C ARG E 392 -56.44 21.21 -48.43
N TRP E 393 -56.44 20.81 -49.74
CA TRP E 393 -57.52 21.01 -50.75
C TRP E 393 -58.54 19.91 -50.70
N ILE E 394 -58.24 18.78 -50.03
CA ILE E 394 -59.19 17.65 -49.81
C ILE E 394 -60.02 18.02 -48.64
N TYR E 395 -59.30 18.68 -47.61
CA TYR E 395 -59.84 18.94 -46.25
C TYR E 395 -60.64 20.25 -46.22
N ARG E 396 -60.24 21.29 -46.95
CA ARG E 396 -60.93 22.50 -47.14
C ARG E 396 -60.92 22.83 -48.69
N GLY E 397 -62.10 23.08 -49.28
CA GLY E 397 -62.30 23.12 -50.69
C GLY E 397 -61.72 24.40 -51.34
N ILE E 398 -61.28 25.38 -50.48
CA ILE E 398 -60.78 26.71 -50.85
C ILE E 398 -59.36 26.79 -50.29
N ILE E 399 -58.38 27.09 -51.18
CA ILE E 399 -56.95 27.24 -50.91
C ILE E 399 -56.57 28.68 -51.15
N ASN E 400 -55.46 29.13 -50.56
CA ASN E 400 -54.87 30.42 -50.88
C ASN E 400 -53.50 30.12 -51.32
N ASP E 401 -53.05 30.52 -52.52
CA ASP E 401 -51.63 30.36 -52.93
C ASP E 401 -51.07 31.74 -52.92
N PRO E 402 -49.87 32.01 -52.45
CA PRO E 402 -49.31 33.37 -52.36
C PRO E 402 -48.94 33.94 -53.77
N TYR E 403 -48.70 33.02 -54.73
CA TYR E 403 -48.54 33.21 -56.17
C TYR E 403 -49.30 32.05 -56.71
N SER E 404 -48.65 30.92 -57.17
CA SER E 404 -49.27 29.73 -57.55
C SER E 404 -48.37 28.64 -57.02
N GLU E 405 -48.90 27.80 -56.18
CA GLU E 405 -48.22 26.65 -55.78
C GLU E 405 -49.02 25.40 -56.22
N PHE E 406 -50.16 25.59 -56.94
CA PHE E 406 -51.01 24.46 -57.29
C PHE E 406 -51.60 24.96 -58.60
N MET E 407 -52.09 23.97 -59.38
CA MET E 407 -52.69 24.11 -60.70
C MET E 407 -54.02 24.84 -60.82
N VAL E 408 -54.86 24.55 -59.78
CA VAL E 408 -56.30 24.96 -59.70
C VAL E 408 -56.29 26.44 -59.85
N GLU E 409 -57.30 26.99 -60.63
CA GLU E 409 -57.41 28.39 -60.89
C GLU E 409 -58.72 28.64 -60.20
N GLU E 410 -58.72 29.71 -59.37
CA GLU E 410 -59.81 30.16 -58.52
C GLU E 410 -60.23 31.49 -59.07
N HIS E 411 -61.54 31.70 -58.92
CA HIS E 411 -62.18 32.90 -59.34
C HIS E 411 -62.13 33.93 -58.30
N TRP E 427 -74.37 23.37 -60.23
CA TRP E 427 -72.92 23.59 -60.66
C TRP E 427 -71.95 22.76 -59.91
N ASP E 428 -70.67 22.62 -60.35
CA ASP E 428 -69.67 21.65 -59.82
C ASP E 428 -68.41 22.40 -59.48
N GLN E 429 -68.49 23.76 -59.55
CA GLN E 429 -67.35 24.61 -59.28
C GLN E 429 -66.32 24.54 -60.40
N ARG E 430 -65.85 25.73 -60.86
CA ARG E 430 -64.93 25.77 -61.96
C ARG E 430 -63.54 25.76 -61.38
N TYR E 431 -62.87 24.61 -61.10
CA TYR E 431 -61.55 24.50 -60.45
C TYR E 431 -60.60 24.06 -61.57
N THR E 432 -61.13 24.03 -62.90
CA THR E 432 -60.30 24.08 -64.17
C THR E 432 -58.99 24.85 -64.04
N ILE E 433 -58.04 24.30 -64.86
CA ILE E 433 -56.67 24.50 -64.67
C ILE E 433 -56.16 25.18 -65.89
N VAL E 434 -55.12 26.02 -65.70
CA VAL E 434 -54.17 26.39 -66.75
C VAL E 434 -53.45 25.20 -67.33
N GLN E 435 -53.07 25.21 -68.64
CA GLN E 435 -52.25 24.18 -69.21
C GLN E 435 -50.81 24.56 -69.21
N GLN E 436 -50.31 24.85 -68.00
CA GLN E 436 -48.99 25.18 -67.73
C GLN E 436 -48.60 24.56 -66.43
N GLN E 437 -49.54 24.44 -65.49
CA GLN E 437 -49.09 23.87 -64.20
C GLN E 437 -49.85 22.58 -64.01
N ILE E 438 -49.15 21.48 -63.69
CA ILE E 438 -49.71 20.14 -63.54
C ILE E 438 -48.80 19.48 -62.57
N PRO E 439 -49.05 18.29 -62.03
CA PRO E 439 -48.07 17.51 -61.26
C PRO E 439 -46.69 17.26 -62.05
N SER E 440 -45.72 16.59 -61.41
CA SER E 440 -44.45 16.14 -62.02
C SER E 440 -44.70 15.06 -62.98
N PHE E 441 -45.72 14.31 -62.87
CA PHE E 441 -46.23 13.37 -63.81
C PHE E 441 -47.02 14.09 -64.96
N LEU E 442 -47.41 13.35 -66.03
CA LEU E 442 -48.16 13.80 -67.22
C LEU E 442 -49.62 14.10 -66.78
N GLN E 443 -50.46 14.48 -67.74
CA GLN E 443 -51.76 14.92 -67.51
C GLN E 443 -52.79 13.96 -67.07
N LYS E 444 -52.57 12.66 -67.30
CA LYS E 444 -53.55 11.65 -67.00
C LYS E 444 -53.86 11.42 -65.52
N VAL E 445 -52.84 11.64 -64.61
CA VAL E 445 -53.02 11.58 -63.18
C VAL E 445 -53.60 12.89 -62.72
N ALA E 446 -53.52 14.01 -63.50
CA ALA E 446 -53.98 15.33 -63.20
C ALA E 446 -55.50 15.27 -63.23
N ASP E 447 -56.00 14.43 -64.17
CA ASP E 447 -57.36 14.28 -64.48
C ASP E 447 -58.11 13.72 -63.30
N LYS E 448 -57.38 12.90 -62.46
CA LYS E 448 -57.86 12.24 -61.31
C LYS E 448 -58.26 13.26 -60.18
N ILE E 449 -57.41 14.30 -59.91
CA ILE E 449 -57.61 15.35 -58.95
C ILE E 449 -58.49 16.48 -59.46
N LEU E 450 -58.71 16.66 -60.80
CA LEU E 450 -59.61 17.64 -61.31
C LEU E 450 -60.96 17.11 -60.98
N SER E 451 -61.30 15.82 -61.29
CA SER E 451 -62.59 15.32 -60.91
C SER E 451 -62.78 15.12 -59.39
N THR E 452 -61.68 15.11 -58.53
CA THR E 452 -61.87 15.12 -57.11
C THR E 452 -62.61 16.37 -56.65
N GLY E 453 -62.26 17.57 -57.17
CA GLY E 453 -62.89 18.83 -56.73
C GLY E 453 -64.24 19.01 -57.40
N LYS E 454 -64.59 18.35 -58.59
CA LYS E 454 -65.88 18.48 -59.21
C LYS E 454 -66.86 17.73 -58.31
N TYR E 455 -66.42 16.57 -57.78
CA TYR E 455 -67.15 15.70 -56.95
C TYR E 455 -67.24 16.18 -55.51
N LEU E 456 -66.29 16.96 -55.01
CA LEU E 456 -66.26 17.46 -53.62
C LEU E 456 -67.27 18.54 -53.45
N ASN E 457 -67.64 19.26 -54.48
CA ASN E 457 -68.80 20.15 -54.47
C ASN E 457 -70.16 19.38 -54.49
N VAL E 458 -70.14 18.15 -54.95
CA VAL E 458 -71.28 17.22 -54.81
C VAL E 458 -71.32 16.58 -53.34
N GLN E 481 -46.34 4.18 -60.50
CA GLN E 481 -45.26 4.18 -59.56
C GLN E 481 -45.87 3.77 -58.21
N ALA E 482 -45.69 4.50 -57.07
CA ALA E 482 -46.44 4.23 -55.83
C ALA E 482 -46.47 5.64 -55.21
N TYR E 483 -46.23 6.64 -56.04
CA TYR E 483 -46.30 8.01 -55.63
C TYR E 483 -47.34 8.62 -56.47
N VAL E 484 -47.98 7.74 -57.28
CA VAL E 484 -49.15 8.19 -57.98
C VAL E 484 -50.34 7.45 -57.44
N GLU E 485 -50.18 6.59 -56.43
CA GLU E 485 -51.25 5.89 -55.73
C GLU E 485 -51.50 6.69 -54.42
N ARG E 486 -50.77 7.79 -54.12
CA ARG E 486 -51.15 8.83 -53.17
C ARG E 486 -52.00 9.79 -53.87
N ILE E 487 -52.19 9.80 -55.23
CA ILE E 487 -53.24 10.49 -55.96
C ILE E 487 -54.48 9.58 -55.91
N GLU E 488 -54.27 8.22 -55.77
CA GLU E 488 -55.41 7.24 -55.92
C GLU E 488 -56.21 7.30 -54.67
N LYS E 489 -55.61 7.61 -53.50
CA LYS E 489 -56.40 7.67 -52.27
C LYS E 489 -57.32 8.84 -52.18
N ALA E 490 -57.11 9.86 -53.05
CA ALA E 490 -57.97 11.06 -53.10
C ALA E 490 -59.17 10.87 -53.97
N TYR E 491 -58.95 10.29 -55.14
CA TYR E 491 -60.03 9.85 -56.01
C TYR E 491 -60.91 8.69 -55.62
N ASN E 492 -60.41 7.74 -54.74
CA ASN E 492 -61.20 6.72 -54.14
C ASN E 492 -62.15 7.36 -53.14
N TYR E 493 -61.66 8.42 -52.40
CA TYR E 493 -62.43 9.21 -51.45
C TYR E 493 -63.41 10.03 -52.19
N ALA E 494 -63.08 10.42 -53.48
CA ALA E 494 -64.01 11.02 -54.35
C ALA E 494 -65.20 10.23 -54.75
N SER E 495 -65.14 8.87 -55.04
CA SER E 495 -66.33 8.00 -55.31
C SER E 495 -67.17 7.92 -54.11
N LYS E 496 -66.63 7.75 -52.87
CA LYS E 496 -67.46 7.62 -51.65
C LYS E 496 -68.20 8.86 -51.31
N VAL E 497 -67.66 10.10 -51.56
CA VAL E 497 -68.35 11.41 -51.24
C VAL E 497 -69.47 11.75 -52.24
N LEU E 498 -69.43 11.09 -53.48
CA LEU E 498 -70.42 11.14 -54.55
C LEU E 498 -71.64 10.37 -54.13
N GLU F 246 -4.30 42.40 -37.66
CA GLU F 246 -4.37 41.03 -38.31
C GLU F 246 -5.31 40.10 -37.51
N THR F 247 -4.96 39.53 -36.37
CA THR F 247 -5.77 38.62 -35.57
C THR F 247 -6.77 39.42 -34.82
N SER F 248 -6.45 40.73 -34.50
CA SER F 248 -7.31 41.72 -33.95
C SER F 248 -8.58 42.01 -34.74
N LEU F 249 -8.44 41.78 -36.09
CA LEU F 249 -9.51 42.00 -37.05
C LEU F 249 -10.53 40.90 -36.91
N VAL F 250 -10.11 39.64 -36.51
CA VAL F 250 -10.86 38.40 -36.40
C VAL F 250 -11.74 38.57 -35.17
N ARG F 251 -11.22 39.29 -34.12
CA ARG F 251 -11.96 39.54 -32.89
C ARG F 251 -13.01 40.52 -33.06
N ASP F 252 -12.76 41.50 -33.97
CA ASP F 252 -13.43 42.70 -34.11
C ASP F 252 -14.79 42.44 -34.66
N LEU F 253 -14.99 41.40 -35.54
CA LEU F 253 -16.22 41.00 -36.20
C LEU F 253 -17.25 40.29 -35.30
N LEU F 254 -16.83 39.67 -34.18
CA LEU F 254 -17.61 38.94 -33.17
C LEU F 254 -18.53 39.93 -32.52
N TYR F 255 -18.11 41.19 -32.37
CA TYR F 255 -18.72 42.25 -31.70
C TYR F 255 -19.74 42.96 -32.63
N VAL F 256 -19.63 42.80 -33.99
CA VAL F 256 -20.55 43.24 -35.00
C VAL F 256 -21.74 42.35 -34.92
N PHE F 257 -21.65 41.08 -34.44
CA PHE F 257 -22.85 40.33 -34.23
C PHE F 257 -23.61 40.81 -32.95
N GLN F 258 -22.79 41.29 -31.96
CA GLN F 258 -23.27 41.58 -30.59
C GLN F 258 -23.92 42.87 -30.39
N GLY F 259 -23.70 43.75 -31.37
CA GLY F 259 -23.87 45.13 -31.34
C GLY F 259 -24.02 45.54 -32.73
N ILE F 260 -23.39 46.70 -33.05
CA ILE F 260 -23.19 47.15 -34.44
C ILE F 260 -21.75 47.61 -34.57
N ASP F 261 -21.04 47.63 -33.36
CA ASP F 261 -19.77 48.38 -33.23
C ASP F 261 -18.77 47.60 -32.45
N GLY F 262 -17.48 47.70 -32.92
CA GLY F 262 -16.33 47.03 -32.42
C GLY F 262 -15.24 48.13 -32.09
N LYS F 263 -13.97 47.71 -32.41
CA LYS F 263 -12.74 48.55 -32.26
C LYS F 263 -12.72 49.78 -33.13
N PHE F 264 -13.32 49.63 -34.38
CA PHE F 264 -13.39 50.73 -35.29
C PHE F 264 -14.75 51.27 -35.18
N VAL F 265 -14.94 52.63 -35.43
CA VAL F 265 -16.29 53.21 -35.34
C VAL F 265 -16.97 52.79 -36.60
N LYS F 266 -18.21 52.22 -36.53
CA LYS F 266 -18.99 51.75 -37.65
C LYS F 266 -20.36 52.43 -37.54
N MET F 267 -21.07 52.33 -38.68
CA MET F 267 -22.43 52.76 -38.58
C MET F 267 -23.33 51.90 -39.49
N CYS F 268 -24.73 51.89 -39.33
CA CYS F 268 -25.67 51.21 -40.26
C CYS F 268 -26.34 52.38 -40.94
N ASN F 269 -26.43 52.24 -42.26
CA ASN F 269 -27.22 53.16 -43.08
C ASN F 269 -28.30 52.32 -43.59
N SER F 270 -28.63 52.34 -44.88
CA SER F 270 -29.60 51.48 -45.54
C SER F 270 -29.43 50.07 -45.26
N GLU F 271 -28.20 49.57 -45.20
CA GLU F 271 -27.96 48.22 -44.77
C GLU F 271 -26.52 48.15 -44.46
N ASN F 272 -26.05 47.41 -43.40
CA ASN F 272 -24.74 46.83 -43.29
C ASN F 272 -23.89 47.66 -42.48
N CYS F 273 -23.32 46.97 -41.48
CA CYS F 273 -22.27 47.52 -40.61
C CYS F 273 -21.04 47.72 -41.45
N TYR F 274 -20.53 48.99 -41.37
CA TYR F 274 -19.39 49.43 -42.16
C TYR F 274 -18.12 48.77 -41.68
N LYS F 275 -17.03 48.74 -42.56
CA LYS F 275 -15.76 48.06 -42.22
C LYS F 275 -14.56 49.00 -42.47
N VAL F 276 -13.71 49.17 -41.45
CA VAL F 276 -12.40 49.58 -41.61
C VAL F 276 -11.55 48.41 -41.18
N ASP F 277 -10.56 47.98 -42.03
CA ASP F 277 -9.69 46.80 -41.82
C ASP F 277 -8.32 47.29 -41.41
N GLY F 278 -8.25 48.61 -41.10
CA GLY F 278 -7.12 49.50 -40.89
C GLY F 278 -6.14 49.40 -41.93
N LYS F 279 -4.80 49.57 -41.55
CA LYS F 279 -3.69 49.64 -42.40
C LYS F 279 -3.61 48.46 -43.31
N VAL F 280 -3.00 48.69 -44.51
CA VAL F 280 -2.66 47.58 -45.37
C VAL F 280 -1.46 46.80 -44.82
N ALA F 281 -1.72 45.50 -44.72
CA ALA F 281 -0.91 44.59 -44.07
C ALA F 281 -1.62 43.32 -44.08
N VAL F 282 -2.84 43.24 -44.72
CA VAL F 282 -3.63 42.02 -44.88
C VAL F 282 -4.29 42.01 -46.25
N SER F 283 -4.76 40.88 -46.79
CA SER F 283 -5.27 40.75 -48.18
C SER F 283 -6.54 41.57 -48.50
N LYS F 284 -6.67 42.14 -49.75
CA LYS F 284 -7.87 42.91 -50.15
C LYS F 284 -8.93 41.96 -50.66
N SER F 285 -9.58 41.26 -49.70
CA SER F 285 -10.39 40.14 -49.99
C SER F 285 -10.87 39.55 -48.74
N LEU F 286 -10.52 39.98 -47.47
CA LEU F 286 -11.09 39.47 -46.23
C LEU F 286 -12.19 40.48 -45.92
N LYS F 287 -12.16 41.68 -46.48
CA LYS F 287 -13.13 42.70 -46.27
C LYS F 287 -14.46 42.38 -46.89
N ASP F 288 -14.45 41.39 -47.82
CA ASP F 288 -15.55 40.92 -48.50
C ASP F 288 -16.18 39.83 -47.66
N ILE F 289 -15.35 39.08 -46.90
CA ILE F 289 -15.72 38.02 -46.05
C ILE F 289 -16.48 38.65 -44.97
N THR F 290 -15.86 39.80 -44.47
CA THR F 290 -16.49 40.51 -43.29
C THR F 290 -17.64 41.36 -43.76
N SER F 291 -17.83 41.68 -45.08
CA SER F 291 -19.18 42.17 -45.52
C SER F 291 -20.35 41.25 -45.48
N LYS F 292 -20.16 39.89 -45.64
CA LYS F 292 -21.24 38.87 -45.61
C LYS F 292 -21.77 38.80 -44.18
N LEU F 293 -20.88 39.13 -43.24
CA LEU F 293 -21.02 38.99 -41.83
C LEU F 293 -21.68 40.28 -41.23
N SER F 294 -21.61 41.46 -42.00
CA SER F 294 -22.11 42.76 -41.65
C SER F 294 -23.61 42.74 -41.66
N GLU F 295 -24.25 41.93 -42.53
CA GLU F 295 -25.69 41.91 -42.68
C GLU F 295 -26.30 41.29 -41.54
N LEU F 296 -25.58 40.46 -40.76
CA LEU F 296 -26.01 39.74 -39.52
C LEU F 296 -25.94 40.71 -38.40
N GLY F 297 -25.11 41.83 -38.42
CA GLY F 297 -25.09 42.86 -37.44
C GLY F 297 -26.13 43.82 -37.74
N TRP F 298 -26.42 44.01 -39.07
CA TRP F 298 -27.57 44.85 -39.37
C TRP F 298 -28.90 44.18 -39.03
N LEU F 299 -29.02 42.82 -39.25
CA LEU F 299 -30.17 41.98 -38.93
C LEU F 299 -30.34 41.83 -37.38
N HIS F 300 -29.31 41.96 -36.55
CA HIS F 300 -29.35 41.77 -35.10
C HIS F 300 -30.10 42.97 -34.60
N ASN F 301 -29.81 44.14 -35.08
CA ASN F 301 -30.30 45.41 -34.58
C ASN F 301 -31.76 45.70 -34.98
N LYS F 302 -32.27 44.96 -36.05
CA LYS F 302 -33.73 44.90 -36.44
C LYS F 302 -34.50 44.15 -35.25
N ILE F 303 -33.93 43.08 -34.60
CA ILE F 303 -34.56 42.43 -33.46
C ILE F 303 -34.25 43.28 -32.26
N LYS F 304 -33.11 43.95 -32.16
CA LYS F 304 -32.75 44.66 -30.90
C LYS F 304 -33.63 45.81 -30.51
N LYS F 305 -34.21 46.60 -31.50
CA LYS F 305 -35.09 47.68 -31.25
C LYS F 305 -36.44 47.16 -30.69
N TYR F 306 -36.87 45.94 -31.13
CA TYR F 306 -38.05 45.33 -30.71
C TYR F 306 -38.01 44.91 -29.33
N THR F 307 -36.90 44.44 -28.89
CA THR F 307 -36.62 44.07 -27.55
C THR F 307 -36.41 45.23 -26.58
N ASP F 308 -36.09 46.41 -27.13
CA ASP F 308 -36.05 47.64 -26.35
C ASP F 308 -37.51 48.03 -26.17
N GLN F 309 -38.38 47.74 -27.15
CA GLN F 309 -39.78 48.01 -27.07
C GLN F 309 -40.59 46.89 -26.36
N ARG F 310 -39.85 45.80 -25.94
CA ARG F 310 -40.46 44.66 -25.25
C ARG F 310 -40.43 45.04 -23.69
N SER F 311 -39.32 45.76 -23.32
CA SER F 311 -38.87 46.11 -22.07
C SER F 311 -39.25 47.51 -21.70
N LEU F 312 -40.59 47.68 -21.59
CA LEU F 312 -41.47 48.78 -21.35
C LEU F 312 -42.32 48.51 -20.16
N ASP F 313 -42.87 49.58 -19.63
CA ASP F 313 -43.81 49.38 -18.50
C ASP F 313 -45.07 48.61 -18.87
N ARG F 314 -45.76 48.93 -20.02
CA ARG F 314 -46.58 48.04 -20.79
C ARG F 314 -47.46 48.97 -21.55
N ALA F 315 -47.61 48.80 -22.85
CA ALA F 315 -48.04 49.80 -23.87
C ALA F 315 -47.53 49.27 -25.20
N PHE F 316 -48.28 49.60 -26.32
CA PHE F 316 -48.05 49.24 -27.73
C PHE F 316 -48.60 47.84 -27.96
N GLY F 317 -49.86 47.59 -27.57
CA GLY F 317 -50.54 46.41 -27.96
C GLY F 317 -50.56 45.52 -26.79
N LEU F 318 -51.40 44.45 -26.95
CA LEU F 318 -51.20 43.35 -25.98
C LEU F 318 -50.84 42.13 -26.88
N VAL F 319 -51.23 42.31 -28.19
CA VAL F 319 -50.78 41.58 -29.30
C VAL F 319 -49.40 42.07 -29.68
N GLY F 320 -49.28 43.44 -29.62
CA GLY F 320 -48.12 44.15 -30.12
C GLY F 320 -46.91 43.92 -29.23
N GLN F 321 -47.17 43.45 -27.93
CA GLN F 321 -46.15 43.16 -26.96
C GLN F 321 -45.95 41.68 -26.86
N SER F 322 -46.59 40.94 -27.79
CA SER F 322 -46.37 39.52 -27.90
C SER F 322 -45.45 39.15 -29.02
N PHE F 323 -45.58 39.92 -30.18
CA PHE F 323 -44.73 39.74 -31.30
C PHE F 323 -43.23 40.00 -30.95
N CYS F 324 -43.01 41.07 -30.16
CA CYS F 324 -41.71 41.46 -29.61
C CYS F 324 -41.23 40.47 -28.53
N ALA F 325 -42.15 39.96 -27.64
CA ALA F 325 -41.77 39.06 -26.54
C ALA F 325 -41.40 37.70 -27.05
N ALA F 326 -42.11 37.27 -28.14
CA ALA F 326 -41.83 36.03 -28.81
C ALA F 326 -40.50 36.03 -29.56
N LEU F 327 -40.15 37.25 -30.09
CA LEU F 327 -38.96 37.50 -30.87
C LEU F 327 -37.77 37.59 -29.90
N HIS F 328 -38.00 37.75 -28.60
CA HIS F 328 -36.96 37.80 -27.54
C HIS F 328 -36.53 36.46 -27.12
N GLN F 329 -37.43 35.46 -27.26
CA GLN F 329 -37.05 34.12 -27.01
C GLN F 329 -36.14 33.69 -28.17
N GLU F 330 -36.29 34.34 -29.34
CA GLU F 330 -35.38 34.07 -30.46
C GLU F 330 -34.08 34.79 -30.33
N LEU F 331 -34.01 35.96 -29.57
CA LEU F 331 -32.87 36.83 -29.58
C LEU F 331 -31.76 36.16 -28.78
N LYS F 332 -32.19 35.44 -27.72
CA LYS F 332 -31.30 34.78 -26.75
C LYS F 332 -30.62 33.55 -27.27
N GLU F 333 -31.22 32.88 -28.32
CA GLU F 333 -30.64 31.65 -29.01
C GLU F 333 -29.50 32.01 -29.87
N TYR F 334 -29.52 33.34 -30.36
CA TYR F 334 -28.47 33.79 -31.19
C TYR F 334 -27.22 33.95 -30.31
N TYR F 335 -27.43 34.32 -29.05
CA TYR F 335 -26.33 34.71 -28.25
C TYR F 335 -25.52 33.59 -27.82
N ARG F 336 -26.19 32.48 -27.54
CA ARG F 336 -25.46 31.26 -27.19
C ARG F 336 -24.61 30.58 -28.28
N LEU F 337 -25.02 30.77 -29.59
CA LEU F 337 -24.23 30.34 -30.70
C LEU F 337 -22.96 31.13 -30.82
N LEU F 338 -23.06 32.46 -30.55
CA LEU F 338 -22.03 33.45 -30.67
C LEU F 338 -21.08 33.33 -29.51
N SER F 339 -21.49 32.91 -28.27
CA SER F 339 -20.63 32.88 -27.13
C SER F 339 -19.80 31.56 -27.18
N VAL F 340 -20.33 30.51 -27.84
CA VAL F 340 -19.63 29.28 -28.10
C VAL F 340 -18.68 29.60 -29.29
N LEU F 341 -19.01 30.52 -30.16
CA LEU F 341 -18.21 30.89 -31.32
C LEU F 341 -17.12 31.79 -30.93
N HIS F 342 -17.35 32.54 -29.81
CA HIS F 342 -16.44 33.43 -29.14
C HIS F 342 -15.46 32.63 -28.29
N SER F 343 -15.93 31.37 -27.89
CA SER F 343 -15.07 30.48 -27.14
C SER F 343 -14.05 29.67 -27.96
N GLN F 344 -14.34 29.62 -29.29
CA GLN F 344 -13.38 29.04 -30.20
C GLN F 344 -12.21 29.94 -30.59
N LEU F 345 -12.37 31.30 -30.47
CA LEU F 345 -11.53 32.27 -31.09
C LEU F 345 -10.26 32.43 -30.27
N GLN F 346 -10.43 32.18 -28.95
CA GLN F 346 -9.36 32.21 -27.90
C GLN F 346 -8.39 31.12 -28.38
N VAL F 347 -7.09 31.34 -28.27
CA VAL F 347 -6.06 30.41 -28.77
C VAL F 347 -6.11 29.03 -28.07
N GLU F 348 -5.97 27.91 -28.81
CA GLU F 348 -6.08 26.59 -28.21
C GLU F 348 -5.19 25.66 -29.06
N SER F 359 -10.76 25.90 -33.49
CA SER F 359 -10.42 27.36 -33.52
C SER F 359 -11.37 28.08 -34.46
N SER F 360 -11.20 29.45 -34.47
CA SER F 360 -11.94 30.41 -35.35
C SER F 360 -11.08 31.54 -35.73
N LEU F 361 -9.73 31.34 -35.69
CA LEU F 361 -8.78 32.21 -36.40
C LEU F 361 -9.01 32.29 -37.91
N THR F 362 -9.34 31.07 -38.50
CA THR F 362 -9.80 30.92 -39.83
C THR F 362 -11.07 31.69 -40.12
N LEU F 363 -11.24 32.03 -41.43
CA LEU F 363 -12.36 32.89 -41.77
C LEU F 363 -13.37 32.11 -42.60
N ARG F 364 -13.11 30.92 -43.18
CA ARG F 364 -14.05 30.19 -43.99
C ARG F 364 -15.05 29.42 -43.04
N ARG F 365 -14.67 29.44 -41.78
CA ARG F 365 -15.39 28.80 -40.71
C ARG F 365 -16.16 29.75 -39.87
N LEU F 366 -15.96 31.09 -39.98
CA LEU F 366 -16.83 32.04 -39.34
C LEU F 366 -17.95 32.16 -40.29
N LEU F 367 -17.67 31.90 -41.59
CA LEU F 367 -18.68 32.03 -42.53
C LEU F 367 -19.87 31.04 -42.34
N VAL F 368 -19.54 29.72 -42.02
CA VAL F 368 -20.52 28.59 -41.98
C VAL F 368 -21.11 28.41 -40.56
N TRP F 369 -20.50 28.99 -39.58
CA TRP F 369 -20.94 29.03 -38.22
C TRP F 369 -22.01 30.07 -37.98
N THR F 370 -22.06 31.01 -38.94
CA THR F 370 -23.13 32.02 -38.86
C THR F 370 -24.24 31.61 -39.93
N PHE F 371 -24.06 30.58 -40.81
CA PHE F 371 -24.98 30.36 -41.88
C PHE F 371 -26.28 29.76 -41.39
N ASP F 372 -26.18 28.90 -40.35
CA ASP F 372 -27.38 28.46 -39.69
C ASP F 372 -28.09 29.56 -38.94
N PRO F 373 -27.43 30.48 -38.26
CA PRO F 373 -28.09 31.69 -37.79
C PRO F 373 -28.71 32.62 -38.86
N LYS F 374 -28.11 32.69 -40.07
CA LYS F 374 -28.48 33.57 -41.15
C LYS F 374 -29.81 33.23 -41.70
N ILE F 375 -30.12 31.93 -41.90
CA ILE F 375 -31.36 31.51 -42.56
C ILE F 375 -32.62 31.83 -41.74
N ARG F 376 -32.39 31.91 -40.40
CA ARG F 376 -33.37 32.16 -39.39
C ARG F 376 -33.63 33.68 -39.46
N LEU F 377 -32.59 34.45 -39.30
CA LEU F 377 -32.62 35.88 -38.75
C LEU F 377 -33.03 36.92 -39.79
N LYS F 378 -32.91 36.58 -41.08
CA LYS F 378 -33.24 37.52 -42.19
C LYS F 378 -34.73 37.47 -42.43
N THR F 379 -35.36 36.28 -42.12
CA THR F 379 -36.78 36.17 -42.25
C THR F 379 -37.53 36.67 -41.06
N LEU F 380 -36.81 36.85 -39.93
CA LEU F 380 -37.19 37.45 -38.72
C LEU F 380 -37.04 39.02 -38.70
N ALA F 381 -36.03 39.52 -39.46
CA ALA F 381 -35.84 40.89 -39.91
C ALA F 381 -36.85 41.31 -40.91
N ALA F 382 -37.25 40.33 -41.77
CA ALA F 382 -38.19 40.68 -42.90
C ALA F 382 -39.54 40.79 -42.30
N LEU F 383 -39.75 40.07 -41.20
CA LEU F 383 -41.03 40.00 -40.45
C LEU F 383 -41.17 41.21 -39.56
N VAL F 384 -40.03 41.93 -39.29
CA VAL F 384 -40.07 43.11 -38.54
C VAL F 384 -40.44 44.28 -39.46
N ASP F 385 -40.12 44.26 -40.82
CA ASP F 385 -40.50 45.20 -41.77
C ASP F 385 -41.95 45.09 -42.11
N HIS F 386 -42.45 43.78 -42.01
CA HIS F 386 -43.80 43.33 -42.23
C HIS F 386 -44.77 43.77 -41.11
N CYS F 387 -44.23 44.14 -39.93
CA CYS F 387 -45.01 44.69 -38.85
C CYS F 387 -44.79 46.08 -38.56
N GLN F 388 -45.88 46.81 -38.14
CA GLN F 388 -45.76 48.17 -37.60
C GLN F 388 -47.04 48.42 -36.79
N GLY F 389 -48.09 47.62 -36.98
CA GLY F 389 -49.33 47.70 -36.30
C GLY F 389 -49.00 47.11 -34.92
N ARG F 390 -49.69 47.64 -33.89
CA ARG F 390 -49.62 47.31 -32.56
C ARG F 390 -51.04 47.06 -32.11
N LYS F 391 -51.94 46.54 -32.96
CA LYS F 391 -53.31 46.08 -32.60
C LYS F 391 -53.44 44.84 -33.36
N GLY F 392 -54.29 43.90 -32.81
CA GLY F 392 -54.48 42.58 -33.45
C GLY F 392 -55.46 42.70 -34.67
N GLY F 393 -55.48 41.65 -35.45
CA GLY F 393 -56.34 41.52 -36.64
C GLY F 393 -55.59 41.86 -37.90
N GLU F 394 -54.29 42.25 -37.75
CA GLU F 394 -53.45 42.64 -38.78
C GLU F 394 -52.10 42.26 -38.34
N LEU F 395 -51.85 42.02 -37.06
CA LEU F 395 -50.59 41.38 -36.61
C LEU F 395 -50.78 39.90 -36.79
N ALA F 396 -52.09 39.41 -36.69
CA ALA F 396 -52.48 38.03 -36.99
C ALA F 396 -52.38 37.74 -38.50
N SER F 397 -52.65 38.77 -39.31
CA SER F 397 -52.44 38.76 -40.74
C SER F 397 -50.99 38.84 -41.18
N ALA F 398 -50.08 39.16 -40.24
CA ALA F 398 -48.66 39.20 -40.55
C ALA F 398 -48.05 37.81 -40.45
N VAL F 399 -48.29 37.04 -39.30
CA VAL F 399 -47.59 35.76 -39.06
C VAL F 399 -48.26 34.53 -39.82
N HIS F 400 -49.53 34.75 -40.14
CA HIS F 400 -50.41 33.90 -40.93
C HIS F 400 -50.09 33.96 -42.34
N ALA F 401 -49.29 34.93 -42.80
CA ALA F 401 -49.03 35.05 -44.23
C ALA F 401 -47.63 34.49 -44.50
N TYR F 402 -46.80 34.38 -43.48
CA TYR F 402 -45.54 33.77 -43.60
C TYR F 402 -45.55 32.30 -43.44
N THR F 403 -46.61 31.65 -43.06
CA THR F 403 -46.83 30.30 -43.00
C THR F 403 -47.60 29.88 -44.31
N LYS F 404 -47.66 30.69 -45.39
CA LYS F 404 -48.30 30.18 -46.65
C LYS F 404 -47.27 30.09 -47.75
N THR F 405 -46.23 30.93 -47.58
CA THR F 405 -45.06 31.02 -48.45
C THR F 405 -44.24 29.75 -48.14
N GLY F 406 -43.71 29.15 -49.21
CA GLY F 406 -42.87 27.96 -49.23
C GLY F 406 -41.58 28.10 -48.48
N ASP F 407 -40.75 27.05 -48.50
CA ASP F 407 -39.43 26.92 -47.92
C ASP F 407 -39.82 26.40 -46.55
N PRO F 408 -39.94 25.09 -46.31
CA PRO F 408 -40.40 24.48 -45.06
C PRO F 408 -39.30 24.57 -43.95
N TYR F 409 -38.13 25.26 -44.27
CA TYR F 409 -37.14 25.59 -43.24
C TYR F 409 -37.47 26.92 -42.48
N MET F 410 -38.29 27.78 -43.09
CA MET F 410 -38.59 29.02 -42.46
C MET F 410 -40.02 29.00 -41.99
N ARG F 411 -40.75 28.02 -42.52
CA ARG F 411 -42.17 27.81 -42.09
C ARG F 411 -42.30 27.43 -40.69
N SER F 412 -41.32 26.70 -40.09
CA SER F 412 -41.34 26.26 -38.68
C SER F 412 -41.06 27.43 -37.76
N LEU F 413 -40.20 28.41 -38.27
CA LEU F 413 -39.72 29.51 -37.47
C LEU F 413 -40.75 30.48 -37.12
N VAL F 414 -41.59 30.80 -38.14
CA VAL F 414 -42.70 31.72 -38.17
C VAL F 414 -43.93 31.04 -37.54
N GLN F 415 -44.04 29.71 -37.43
CA GLN F 415 -45.06 29.01 -36.67
C GLN F 415 -44.89 29.21 -35.17
N HIS F 416 -43.59 29.36 -34.64
CA HIS F 416 -43.34 29.65 -33.22
C HIS F 416 -43.80 31.05 -32.77
N ILE F 417 -43.70 32.10 -33.66
CA ILE F 417 -44.19 33.35 -33.35
C ILE F 417 -45.72 33.32 -33.46
N LEU F 418 -46.36 32.47 -34.39
CA LEU F 418 -47.85 32.54 -34.62
C LEU F 418 -48.59 32.19 -33.35
N GLY F 419 -48.22 31.12 -32.56
CA GLY F 419 -48.83 30.69 -31.38
C GLY F 419 -48.71 31.69 -30.22
N LEU F 420 -47.77 32.70 -30.24
CA LEU F 420 -47.53 33.70 -29.21
C LEU F 420 -48.24 34.99 -29.55
N VAL F 421 -48.21 35.36 -30.86
CA VAL F 421 -48.99 36.41 -31.46
C VAL F 421 -50.46 36.11 -31.32
N ALA F 422 -50.91 34.90 -31.43
CA ALA F 422 -52.29 34.49 -31.11
C ALA F 422 -52.65 34.36 -29.63
N TYR F 423 -51.67 34.30 -28.72
CA TYR F 423 -51.96 33.94 -27.35
C TYR F 423 -52.74 34.97 -26.56
N PRO F 424 -52.56 36.27 -26.72
CA PRO F 424 -53.55 37.26 -26.11
C PRO F 424 -54.84 37.28 -26.81
N ILE F 425 -54.93 36.98 -28.10
CA ILE F 425 -56.12 37.12 -28.96
C ILE F 425 -57.20 36.10 -28.44
N LEU F 426 -56.68 34.92 -28.11
CA LEU F 426 -57.50 33.86 -27.47
C LEU F 426 -57.77 34.04 -26.03
N ASN F 427 -56.86 34.86 -25.29
CA ASN F 427 -57.14 35.18 -23.89
C ASN F 427 -58.28 36.19 -23.72
N PHE F 428 -58.63 36.92 -24.76
CA PHE F 428 -59.80 37.78 -24.85
C PHE F 428 -61.10 37.00 -25.19
N LEU F 429 -60.96 35.81 -25.77
CA LEU F 429 -62.08 35.04 -26.26
C LEU F 429 -62.70 34.26 -25.09
N TYR F 430 -61.96 33.41 -24.37
CA TYR F 430 -62.57 32.55 -23.34
C TYR F 430 -62.99 33.25 -22.01
N ARG F 431 -62.35 34.39 -21.73
CA ARG F 431 -62.67 35.19 -20.63
C ARG F 431 -63.97 35.95 -20.71
N TRP F 432 -64.31 36.39 -21.92
CA TRP F 432 -65.57 37.06 -22.31
C TRP F 432 -66.77 36.17 -22.24
N ILE F 433 -66.60 34.82 -22.31
CA ILE F 433 -67.53 33.79 -21.99
C ILE F 433 -67.79 33.85 -20.49
N TYR F 434 -66.76 34.07 -19.65
CA TYR F 434 -66.78 33.80 -18.24
C TYR F 434 -67.30 34.98 -17.41
N ASP F 435 -66.76 36.17 -17.70
CA ASP F 435 -66.88 37.37 -16.85
C ASP F 435 -67.85 38.28 -17.42
N GLY F 436 -67.74 38.50 -18.77
CA GLY F 436 -68.49 39.39 -19.49
C GLY F 436 -67.83 40.72 -19.58
N GLU F 437 -66.47 40.63 -19.73
CA GLU F 437 -65.59 41.80 -19.79
C GLU F 437 -64.85 41.67 -21.11
N LEU F 438 -64.32 42.78 -21.66
CA LEU F 438 -63.62 42.70 -22.88
C LEU F 438 -62.41 43.54 -22.67
N GLU F 439 -61.27 42.97 -23.08
CA GLU F 439 -59.97 43.62 -22.84
C GLU F 439 -59.69 44.44 -24.08
N ASP F 440 -59.50 45.80 -23.80
CA ASP F 440 -59.13 46.83 -24.75
C ASP F 440 -58.31 47.83 -24.02
N THR F 441 -57.15 48.22 -24.63
CA THR F 441 -56.39 49.29 -24.16
C THR F 441 -56.26 50.23 -25.32
N TYR F 442 -56.34 49.75 -26.58
CA TYR F 442 -55.99 50.54 -27.75
C TYR F 442 -56.84 50.03 -28.84
N HIS F 443 -57.64 48.99 -28.47
CA HIS F 443 -58.43 48.22 -29.42
C HIS F 443 -57.55 47.32 -30.18
N GLU F 444 -56.96 46.30 -29.48
CA GLU F 444 -56.16 45.26 -30.11
C GLU F 444 -56.94 43.95 -30.11
N PHE F 445 -58.22 43.98 -29.78
CA PHE F 445 -59.19 42.89 -29.78
C PHE F 445 -59.98 43.27 -30.99
N PHE F 446 -60.52 42.31 -31.74
CA PHE F 446 -61.10 42.62 -33.04
C PHE F 446 -62.65 43.02 -32.94
N VAL F 447 -63.28 42.89 -31.78
CA VAL F 447 -64.65 43.36 -31.61
C VAL F 447 -64.61 44.84 -31.20
N ALA F 448 -65.64 45.59 -31.67
CA ALA F 448 -65.90 46.91 -31.22
C ALA F 448 -66.64 46.83 -29.91
N SER F 449 -66.43 47.92 -29.09
CA SER F 449 -66.89 47.97 -27.71
C SER F 449 -67.37 49.36 -27.46
N ASP F 450 -68.76 49.54 -27.33
CA ASP F 450 -69.50 50.75 -27.42
C ASP F 450 -69.17 51.49 -28.73
N PRO F 451 -69.50 50.83 -29.91
CA PRO F 451 -69.61 51.49 -31.21
C PRO F 451 -70.80 52.47 -31.23
N VAL F 452 -71.90 52.17 -30.51
CA VAL F 452 -73.16 52.79 -30.64
C VAL F 452 -73.55 52.82 -29.25
N VAL F 453 -74.19 53.93 -28.84
CA VAL F 453 -74.67 54.04 -27.49
C VAL F 453 -75.69 53.00 -27.10
N LYS F 454 -75.61 52.57 -25.81
CA LYS F 454 -76.42 51.49 -25.18
C LYS F 454 -77.87 51.92 -25.09
N THR F 455 -78.66 50.87 -25.30
CA THR F 455 -80.12 50.88 -25.30
C THR F 455 -80.51 49.66 -24.47
N ASP F 456 -81.76 49.66 -24.09
CA ASP F 456 -82.47 48.56 -23.45
C ASP F 456 -82.53 47.34 -24.37
N ARG F 457 -82.19 46.13 -23.79
CA ARG F 457 -81.80 45.05 -24.72
C ARG F 457 -82.91 44.49 -25.65
N LEU F 458 -82.51 44.22 -26.92
CA LEU F 458 -83.32 43.68 -28.00
C LEU F 458 -82.35 43.05 -29.02
N TRP F 459 -81.11 42.86 -28.53
CA TRP F 459 -79.95 42.40 -29.27
C TRP F 459 -79.37 43.50 -30.08
N HIS F 460 -79.49 44.78 -29.65
CA HIS F 460 -79.03 45.93 -30.29
C HIS F 460 -77.56 45.86 -30.39
N ASP F 461 -77.05 46.31 -31.59
CA ASP F 461 -75.60 46.32 -31.85
C ASP F 461 -74.86 47.00 -30.73
N LYS F 462 -73.86 46.31 -30.14
CA LYS F 462 -72.96 47.04 -29.21
C LYS F 462 -71.71 46.18 -29.32
N TYR F 463 -71.70 45.23 -30.34
CA TYR F 463 -70.52 44.44 -30.64
C TYR F 463 -70.57 44.24 -32.08
N SER F 464 -69.45 44.47 -32.82
CA SER F 464 -69.52 44.26 -34.23
C SER F 464 -68.13 43.79 -34.56
N LEU F 465 -67.98 42.86 -35.55
CA LEU F 465 -66.75 42.28 -35.99
C LEU F 465 -65.67 43.12 -36.63
N ARG F 466 -66.05 44.14 -37.43
CA ARG F 466 -65.07 45.00 -38.12
C ARG F 466 -64.48 44.37 -39.33
N LYS F 467 -64.33 45.21 -40.34
CA LYS F 467 -63.87 44.79 -41.65
C LYS F 467 -62.52 45.36 -41.94
N SER F 468 -61.89 45.84 -40.81
CA SER F 468 -60.54 46.37 -41.02
C SER F 468 -59.64 45.49 -40.27
N MET F 469 -60.11 45.06 -39.08
CA MET F 469 -59.39 44.17 -38.21
C MET F 469 -60.19 42.94 -37.87
N ILE F 470 -59.70 41.76 -38.42
CA ILE F 470 -60.22 40.46 -38.00
C ILE F 470 -59.05 39.53 -37.93
N PRO F 471 -58.81 38.58 -36.98
CA PRO F 471 -57.85 37.49 -37.07
C PRO F 471 -58.12 36.71 -38.35
N SER F 472 -57.01 36.43 -39.07
CA SER F 472 -57.11 35.86 -40.39
C SER F 472 -56.65 34.40 -40.28
N PHE F 473 -56.52 33.95 -39.02
CA PHE F 473 -56.39 32.60 -38.75
C PHE F 473 -57.75 31.94 -38.87
N MET F 474 -58.74 32.81 -38.82
CA MET F 474 -60.15 32.54 -39.00
C MET F 474 -60.55 33.01 -40.36
N THR F 475 -61.28 32.19 -41.13
CA THR F 475 -61.65 32.38 -42.50
C THR F 475 -62.52 33.64 -42.70
N MET F 476 -63.60 33.66 -42.02
CA MET F 476 -64.56 34.70 -41.96
C MET F 476 -65.69 34.15 -41.03
N ASP F 477 -65.46 33.11 -40.28
CA ASP F 477 -66.38 32.41 -39.39
C ASP F 477 -66.44 33.00 -38.13
N GLN F 478 -65.53 33.94 -37.78
CA GLN F 478 -65.39 34.64 -36.47
C GLN F 478 -66.47 35.64 -36.29
N SER F 479 -67.20 35.99 -37.41
CA SER F 479 -68.31 36.89 -37.38
C SER F 479 -69.50 36.47 -36.51
N ARG F 480 -69.87 35.14 -36.63
CA ARG F 480 -70.93 34.50 -35.95
C ARG F 480 -70.57 34.18 -34.52
N LYS F 481 -69.27 34.03 -34.27
CA LYS F 481 -68.70 33.65 -33.07
C LYS F 481 -68.80 34.69 -31.96
N VAL F 482 -68.59 35.96 -32.39
CA VAL F 482 -68.59 37.06 -31.51
C VAL F 482 -69.92 37.65 -31.19
N LEU F 483 -70.96 37.41 -32.00
CA LEU F 483 -72.33 37.81 -31.74
C LEU F 483 -72.99 36.73 -30.92
N LEU F 484 -72.55 35.45 -31.01
CA LEU F 484 -73.08 34.46 -30.06
C LEU F 484 -72.73 34.88 -28.62
N ILE F 485 -71.35 35.08 -28.42
CA ILE F 485 -70.77 35.26 -27.06
C ILE F 485 -71.18 36.56 -26.49
N GLY F 486 -71.13 37.69 -27.32
CA GLY F 486 -71.50 39.01 -26.91
C GLY F 486 -72.91 39.20 -26.61
N LYS F 487 -73.83 38.61 -27.39
CA LYS F 487 -75.30 38.66 -27.09
C LYS F 487 -75.71 37.92 -25.81
N SER F 488 -75.06 36.75 -25.62
CA SER F 488 -75.33 35.76 -24.61
C SER F 488 -74.98 36.32 -23.20
N ILE F 489 -74.11 37.34 -23.05
CA ILE F 489 -73.81 37.91 -21.74
C ILE F 489 -74.97 38.87 -21.30
N ASN F 490 -75.54 39.51 -22.35
CA ASN F 490 -76.54 40.54 -22.19
C ASN F 490 -77.93 39.96 -22.54
N ASP F 524 -53.53 29.19 -34.11
CA ASP F 524 -53.84 27.89 -33.55
C ASP F 524 -55.25 27.65 -33.95
N LEU F 525 -56.30 28.21 -33.35
CA LEU F 525 -57.73 28.16 -33.52
C LEU F 525 -57.99 28.66 -34.90
N GLU F 526 -58.76 27.85 -35.69
CA GLU F 526 -59.20 28.10 -37.06
C GLU F 526 -60.71 27.91 -37.21
N ASN F 527 -61.25 27.20 -36.18
CA ASN F 527 -62.65 27.02 -35.98
C ASN F 527 -62.89 25.99 -34.87
N ALA F 528 -61.80 25.74 -34.06
CA ALA F 528 -61.70 24.94 -32.92
C ALA F 528 -61.86 25.79 -31.63
N PHE F 529 -62.71 26.85 -31.73
CA PHE F 529 -63.12 27.65 -30.56
C PHE F 529 -64.59 28.05 -30.91
N GLN F 530 -65.53 27.73 -30.00
CA GLN F 530 -66.90 28.02 -30.31
C GLN F 530 -67.20 29.50 -30.01
N LEU G 209 -6.23 41.93 -25.08
CA LEU G 209 -7.65 41.87 -25.68
C LEU G 209 -8.43 40.79 -24.88
N PRO G 210 -8.15 39.49 -24.62
CA PRO G 210 -9.11 38.64 -23.90
C PRO G 210 -9.03 38.93 -22.40
N SER G 211 -7.87 39.50 -22.06
CA SER G 211 -7.61 39.95 -20.68
C SER G 211 -8.43 41.17 -20.24
N GLN G 212 -8.72 42.10 -21.17
CA GLN G 212 -9.52 43.27 -20.77
C GLN G 212 -11.00 42.96 -20.53
N GLU G 213 -11.54 41.99 -21.17
CA GLU G 213 -12.85 41.45 -20.86
C GLU G 213 -12.94 40.80 -19.46
N THR G 214 -11.93 40.04 -19.05
CA THR G 214 -11.94 39.13 -17.85
C THR G 214 -12.02 39.89 -16.58
N CYS G 215 -11.16 40.95 -16.41
CA CYS G 215 -11.27 41.70 -15.24
C CYS G 215 -12.51 42.59 -15.16
N LEU G 216 -13.15 43.00 -16.32
CA LEU G 216 -14.36 43.82 -16.37
C LEU G 216 -15.55 42.92 -16.15
N VAL G 217 -15.42 41.62 -16.46
CA VAL G 217 -16.47 40.64 -16.09
C VAL G 217 -16.48 40.54 -14.59
N GLU G 218 -15.31 40.58 -13.97
CA GLU G 218 -15.23 40.52 -12.55
C GLU G 218 -15.70 41.76 -11.83
N ASP G 219 -15.43 42.93 -12.40
CA ASP G 219 -15.97 44.19 -11.98
C ASP G 219 -17.45 44.33 -12.13
N LEU G 220 -18.04 43.77 -13.14
CA LEU G 220 -19.44 43.80 -13.40
C LEU G 220 -20.11 42.94 -12.29
N LEU G 221 -19.51 41.81 -11.87
CA LEU G 221 -20.07 40.96 -10.91
C LEU G 221 -20.01 41.62 -9.56
N TYR G 222 -19.04 42.46 -9.27
CA TYR G 222 -18.93 43.16 -8.04
C TYR G 222 -20.04 44.23 -7.89
N ILE G 223 -20.49 44.94 -8.90
CA ILE G 223 -21.51 45.92 -9.03
C ILE G 223 -22.89 45.31 -8.80
N LEU G 224 -23.07 44.07 -9.25
CA LEU G 224 -24.35 43.43 -9.22
C LEU G 224 -24.79 42.90 -7.95
N ILE G 225 -23.83 42.66 -7.04
CA ILE G 225 -24.02 42.47 -5.60
C ILE G 225 -24.55 43.71 -5.00
N GLY G 226 -23.96 44.87 -5.45
CA GLY G 226 -24.40 46.18 -4.91
C GLY G 226 -23.18 46.85 -4.35
N VAL G 227 -21.97 46.38 -4.78
CA VAL G 227 -20.65 46.75 -4.21
C VAL G 227 -19.70 47.34 -5.19
N ASP G 228 -19.06 48.55 -4.93
CA ASP G 228 -18.18 49.28 -5.81
C ASP G 228 -17.08 48.42 -6.45
N GLY G 229 -16.84 48.72 -7.78
CA GLY G 229 -15.90 48.15 -8.68
C GLY G 229 -14.49 48.58 -8.45
N ARG G 230 -13.68 48.08 -9.42
CA ARG G 230 -12.28 48.43 -9.46
C ARG G 230 -12.18 49.53 -10.45
N TYR G 231 -12.90 49.43 -11.58
CA TYR G 231 -12.84 50.36 -12.67
C TYR G 231 -14.21 50.88 -13.04
N ILE G 232 -15.28 50.39 -12.31
CA ILE G 232 -16.61 50.85 -12.44
C ILE G 232 -16.85 51.57 -11.12
N SER G 233 -16.97 52.91 -11.12
CA SER G 233 -17.36 53.56 -9.86
C SER G 233 -18.83 54.04 -9.84
N VAL G 234 -19.38 54.13 -8.63
CA VAL G 234 -20.79 54.48 -8.48
C VAL G 234 -20.87 55.93 -7.95
N GLN G 235 -21.58 56.79 -8.67
CA GLN G 235 -21.77 58.23 -8.40
C GLN G 235 -23.29 58.35 -8.13
N PRO G 236 -23.86 58.90 -7.05
CA PRO G 236 -25.29 59.03 -6.86
C PRO G 236 -25.59 60.26 -7.63
N LEU G 237 -26.78 60.28 -8.30
CA LEU G 237 -27.33 61.41 -8.97
C LEU G 237 -28.67 61.70 -8.44
N VAL G 238 -29.52 60.69 -8.24
CA VAL G 238 -30.86 60.85 -7.66
C VAL G 238 -30.79 60.25 -6.24
N GLY G 239 -29.61 60.12 -5.62
CA GLY G 239 -29.50 59.36 -4.32
C GLY G 239 -29.50 57.90 -4.42
N ARG G 240 -28.86 57.31 -5.44
CA ARG G 240 -28.88 55.92 -5.75
C ARG G 240 -30.21 55.17 -5.71
N GLN G 241 -31.19 55.66 -6.48
CA GLN G 241 -32.44 55.01 -6.79
C GLN G 241 -32.27 54.57 -8.24
N SER G 242 -31.45 55.33 -9.06
CA SER G 242 -30.92 54.96 -10.33
C SER G 242 -29.56 55.58 -10.21
N ARG G 243 -28.55 54.70 -10.49
CA ARG G 243 -27.17 55.02 -10.36
C ARG G 243 -26.61 55.46 -11.62
N SER G 244 -26.00 56.64 -11.69
CA SER G 244 -25.32 57.10 -12.88
C SER G 244 -23.95 56.55 -12.72
N PHE G 245 -23.66 55.34 -13.33
CA PHE G 245 -22.36 54.62 -13.35
C PHE G 245 -21.42 55.32 -14.28
N SER G 246 -20.11 55.30 -13.97
CA SER G 246 -19.14 55.71 -14.86
C SER G 246 -18.09 54.55 -14.85
N VAL G 247 -17.86 53.84 -15.94
CA VAL G 247 -16.72 53.09 -16.14
C VAL G 247 -15.67 54.08 -16.64
N GLU G 248 -14.40 53.89 -16.13
CA GLU G 248 -13.30 54.82 -16.38
C GLU G 248 -12.61 54.19 -17.56
N GLN G 249 -11.79 54.99 -18.29
CA GLN G 249 -11.14 54.69 -19.55
C GLN G 249 -10.35 53.46 -19.42
N ASN G 250 -10.53 52.62 -20.52
CA ASN G 250 -9.78 51.46 -20.70
C ASN G 250 -9.18 51.67 -22.05
N LEU G 251 -8.05 51.09 -22.23
CA LEU G 251 -7.32 51.14 -23.50
C LEU G 251 -8.03 50.67 -24.77
N ASP G 252 -8.73 49.50 -24.69
CA ASP G 252 -9.57 48.90 -25.70
C ASP G 252 -10.99 49.38 -25.61
N SER G 253 -11.42 50.14 -26.63
CA SER G 253 -12.68 50.84 -26.70
C SER G 253 -13.81 49.89 -27.06
N SER G 254 -13.50 48.71 -27.65
CA SER G 254 -14.51 47.74 -28.08
C SER G 254 -15.18 47.20 -26.84
N VAL G 255 -14.37 46.77 -25.83
CA VAL G 255 -14.80 46.07 -24.60
C VAL G 255 -15.55 47.02 -23.66
N LYS G 256 -15.17 48.31 -23.69
CA LYS G 256 -15.87 49.35 -22.99
C LYS G 256 -17.30 49.64 -23.45
N GLU G 257 -17.60 49.67 -24.79
CA GLU G 257 -18.98 49.84 -25.23
C GLU G 257 -19.85 48.62 -24.97
N LEU G 258 -19.35 47.35 -24.85
CA LEU G 258 -20.08 46.17 -24.55
C LEU G 258 -20.38 46.09 -23.12
N VAL G 259 -19.51 46.63 -22.27
CA VAL G 259 -19.65 46.66 -20.80
C VAL G 259 -20.80 47.54 -20.43
N ASN G 260 -21.01 48.59 -21.24
CA ASN G 260 -22.16 49.50 -21.01
C ASN G 260 -23.50 48.84 -21.12
N ARG G 261 -23.61 47.69 -21.90
CA ARG G 261 -24.85 47.00 -22.09
C ARG G 261 -25.32 46.31 -20.84
N ILE G 262 -24.40 46.03 -19.88
CA ILE G 262 -24.63 45.22 -18.77
C ILE G 262 -24.84 46.01 -17.52
N LEU G 263 -24.45 47.28 -17.46
CA LEU G 263 -24.72 48.23 -16.37
C LEU G 263 -26.18 48.68 -16.12
N PRO G 264 -27.16 48.77 -16.96
CA PRO G 264 -28.54 49.03 -16.68
C PRO G 264 -29.27 47.90 -15.86
N VAL G 265 -28.62 46.71 -15.79
CA VAL G 265 -29.08 45.58 -14.99
C VAL G 265 -28.97 45.96 -13.49
N ALA G 266 -27.84 46.62 -13.22
CA ALA G 266 -27.49 47.18 -11.90
C ALA G 266 -28.26 48.44 -11.50
N THR G 267 -28.70 49.28 -12.47
CA THR G 267 -29.56 50.45 -12.27
C THR G 267 -30.93 50.01 -11.86
N ASN G 268 -31.46 48.90 -12.50
CA ASN G 268 -32.70 48.32 -12.16
C ASN G 268 -32.61 47.59 -10.87
N TYR G 269 -31.42 47.14 -10.39
CA TYR G 269 -31.21 46.56 -9.08
C TYR G 269 -31.22 47.55 -7.98
N SER G 270 -30.87 48.86 -8.20
CA SER G 270 -30.89 49.83 -7.19
C SER G 270 -32.35 50.24 -6.92
N THR G 271 -33.35 49.97 -7.87
CA THR G 271 -34.68 50.39 -7.82
C THR G 271 -35.36 49.59 -6.75
N VAL G 272 -34.90 48.31 -6.50
CA VAL G 272 -35.56 47.30 -5.71
C VAL G 272 -34.95 47.37 -4.27
N THR G 273 -33.72 47.83 -4.20
CA THR G 273 -33.11 48.00 -2.88
C THR G 273 -33.65 49.23 -2.13
N ARG G 274 -34.27 50.18 -2.91
CA ARG G 274 -34.96 51.31 -2.37
C ARG G 274 -36.38 51.05 -2.17
N PHE G 275 -36.91 50.00 -2.81
CA PHE G 275 -38.22 49.58 -2.47
C PHE G 275 -38.38 48.95 -1.11
N VAL G 276 -37.37 48.09 -0.75
CA VAL G 276 -37.42 47.41 0.55
C VAL G 276 -36.95 48.26 1.76
N GLU G 277 -36.28 49.40 1.49
CA GLU G 277 -35.96 50.43 2.41
C GLU G 277 -37.10 51.35 2.61
N GLU G 278 -37.87 51.58 1.52
CA GLU G 278 -38.93 52.57 1.50
C GLU G 278 -40.06 52.22 2.34
N ASN G 279 -40.57 50.93 2.32
CA ASN G 279 -41.76 50.65 3.04
C ASN G 279 -41.51 50.48 4.51
N SER G 280 -40.21 50.08 4.83
CA SER G 280 -39.76 50.01 6.25
C SER G 280 -39.64 51.33 6.95
N SER G 281 -39.21 52.39 6.22
CA SER G 281 -39.07 53.73 6.78
C SER G 281 -40.40 54.29 7.30
N PHE G 282 -41.53 53.84 6.70
CA PHE G 282 -42.81 54.34 7.09
C PHE G 282 -43.40 53.51 8.26
N GLU G 283 -42.85 52.26 8.45
CA GLU G 283 -43.33 51.25 9.33
C GLU G 283 -44.75 50.95 9.09
N TYR G 284 -45.11 50.53 7.83
CA TYR G 284 -46.46 50.05 7.64
C TYR G 284 -46.75 48.71 8.31
N GLY G 285 -48.02 48.43 8.41
CA GLY G 285 -48.43 47.20 8.80
C GLY G 285 -49.26 46.80 7.61
N GLN G 286 -49.17 47.56 6.46
CA GLN G 286 -50.00 47.39 5.27
C GLN G 286 -49.39 46.20 4.45
N VAL G 287 -50.09 45.89 3.38
CA VAL G 287 -49.75 44.90 2.42
C VAL G 287 -48.66 45.35 1.46
N ASN G 288 -48.27 46.64 1.58
CA ASN G 288 -47.10 47.24 0.83
C ASN G 288 -45.78 46.89 1.43
N HIS G 289 -45.85 46.60 2.76
CA HIS G 289 -44.73 46.22 3.56
C HIS G 289 -44.45 44.80 3.19
N ALA G 290 -45.46 43.96 2.84
CA ALA G 290 -45.43 42.58 2.47
C ALA G 290 -45.17 42.34 1.00
N LEU G 291 -45.41 43.38 0.12
CA LEU G 291 -45.10 43.38 -1.30
C LEU G 291 -43.58 43.44 -1.45
N GLY G 292 -42.94 44.21 -0.57
CA GLY G 292 -41.52 44.34 -0.43
C GLY G 292 -40.89 43.11 0.14
N ALA G 293 -41.66 42.29 0.88
CA ALA G 293 -41.12 41.09 1.48
C ALA G 293 -40.93 40.07 0.44
N ALA G 294 -41.80 40.10 -0.62
CA ALA G 294 -41.61 39.33 -1.80
C ALA G 294 -40.47 39.76 -2.61
N MET G 295 -40.25 41.12 -2.70
CA MET G 295 -39.17 41.58 -3.52
C MET G 295 -37.84 41.31 -2.81
N ARG G 296 -37.82 41.19 -1.46
CA ARG G 296 -36.62 40.69 -0.75
C ARG G 296 -36.36 39.23 -1.10
N THR G 297 -37.40 38.36 -1.38
CA THR G 297 -37.30 36.89 -1.78
C THR G 297 -36.71 36.66 -3.13
N LEU G 298 -37.15 37.52 -4.09
CA LEU G 298 -36.65 37.60 -5.48
C LEU G 298 -35.27 38.16 -5.51
N GLY G 299 -34.96 38.93 -4.46
CA GLY G 299 -33.66 39.44 -4.20
C GLY G 299 -32.74 38.48 -3.52
N LYS G 300 -33.20 37.53 -2.63
CA LYS G 300 -32.40 36.48 -2.09
C LYS G 300 -32.03 35.41 -3.11
N GLU G 301 -32.95 35.00 -4.04
CA GLU G 301 -32.69 34.03 -5.07
C GLU G 301 -31.82 34.62 -6.14
N TYR G 302 -31.75 35.97 -6.27
CA TYR G 302 -30.89 36.58 -7.28
C TYR G 302 -29.48 36.38 -7.05
N MET G 303 -29.14 36.45 -5.77
CA MET G 303 -27.81 36.49 -5.29
C MET G 303 -27.04 35.16 -5.49
N ILE G 304 -27.77 34.08 -5.67
CA ILE G 304 -27.29 32.77 -5.97
C ILE G 304 -26.84 32.72 -7.36
N LEU G 305 -27.49 33.47 -8.29
CA LEU G 305 -27.19 33.54 -9.70
C LEU G 305 -25.95 34.36 -10.01
N ILE G 306 -25.70 35.47 -9.19
CA ILE G 306 -24.45 36.19 -9.35
C ILE G 306 -23.30 35.46 -8.77
N SER G 307 -23.55 34.78 -7.62
CA SER G 307 -22.46 34.14 -6.91
C SER G 307 -21.89 32.90 -7.55
N GLN G 308 -22.67 32.26 -8.47
CA GLN G 308 -22.33 31.23 -9.31
C GLN G 308 -21.35 31.55 -10.39
N LEU G 309 -21.58 32.80 -10.98
CA LEU G 309 -20.82 33.46 -11.98
C LEU G 309 -19.50 33.79 -11.39
N GLU G 310 -19.50 34.17 -10.13
CA GLU G 310 -18.33 34.45 -9.35
C GLU G 310 -17.39 33.26 -9.09
N HIS G 311 -18.03 32.17 -8.80
CA HIS G 311 -17.53 30.82 -8.71
C HIS G 311 -16.95 30.23 -10.00
N LEU G 312 -17.59 30.62 -11.15
CA LEU G 312 -17.17 30.21 -12.42
C LEU G 312 -15.82 30.93 -12.86
N GLN G 313 -15.51 32.15 -12.36
CA GLN G 313 -14.30 32.88 -12.65
C GLN G 313 -13.14 32.36 -11.88
N ARG G 314 -13.36 31.66 -10.74
CA ARG G 314 -12.29 31.33 -9.80
C ARG G 314 -11.29 30.32 -10.45
N GLN G 315 -11.86 29.18 -10.85
CA GLN G 315 -11.30 28.17 -11.73
C GLN G 315 -12.28 28.04 -12.83
N GLY G 316 -11.67 27.92 -14.06
CA GLY G 316 -12.47 27.97 -15.30
C GLY G 316 -12.73 29.39 -15.62
N LEU G 317 -13.58 29.72 -16.66
CA LEU G 317 -13.67 31.09 -17.09
C LEU G 317 -15.01 31.46 -17.66
N LEU G 318 -15.23 32.76 -17.57
CA LEU G 318 -16.31 33.44 -18.21
C LEU G 318 -15.76 34.71 -18.77
N SER G 319 -15.79 34.68 -20.17
CA SER G 319 -15.66 35.87 -21.09
C SER G 319 -16.93 36.75 -21.02
N LEU G 320 -16.91 37.88 -21.79
CA LEU G 320 -17.96 38.85 -21.70
C LEU G 320 -19.28 38.38 -22.22
N GLN G 321 -19.30 37.43 -23.22
CA GLN G 321 -20.52 36.95 -23.87
C GLN G 321 -21.02 35.75 -23.13
N LYS G 322 -20.12 35.06 -22.47
CA LYS G 322 -20.35 34.03 -21.43
C LYS G 322 -21.05 34.64 -20.27
N LEU G 323 -20.73 35.89 -19.94
CA LEU G 323 -21.48 36.70 -18.94
C LEU G 323 -22.90 36.97 -19.43
N TRP G 324 -22.93 37.48 -20.68
CA TRP G 324 -24.01 38.17 -21.25
C TRP G 324 -25.31 37.35 -21.35
N PHE G 325 -25.13 36.09 -21.81
CA PHE G 325 -26.22 35.17 -21.95
C PHE G 325 -26.57 34.49 -20.65
N TYR G 326 -25.76 34.51 -19.58
CA TYR G 326 -26.26 34.16 -18.26
C TYR G 326 -27.00 35.23 -17.49
N ILE G 327 -26.71 36.53 -17.67
CA ILE G 327 -27.41 37.66 -17.04
C ILE G 327 -28.77 37.76 -17.66
N GLN G 328 -28.88 37.23 -18.92
CA GLN G 328 -29.94 37.56 -19.80
C GLN G 328 -31.31 37.03 -19.38
N PRO G 329 -31.44 35.87 -18.76
CA PRO G 329 -32.64 35.49 -18.03
C PRO G 329 -33.20 36.36 -16.88
N THR G 330 -32.44 37.27 -16.23
CA THR G 330 -32.87 38.05 -15.02
C THR G 330 -32.90 39.58 -15.19
N LEU G 331 -32.39 40.18 -16.27
CA LEU G 331 -32.43 41.61 -16.52
C LEU G 331 -33.86 41.86 -16.95
N ARG G 332 -34.62 40.87 -17.42
CA ARG G 332 -35.94 41.01 -17.81
C ARG G 332 -36.90 40.94 -16.68
N THR G 333 -36.52 40.14 -15.68
CA THR G 333 -37.34 40.04 -14.44
C THR G 333 -37.20 41.28 -13.58
N MET G 334 -36.01 41.82 -13.43
CA MET G 334 -35.58 43.01 -12.75
C MET G 334 -36.39 44.18 -13.29
N GLU G 335 -36.52 44.28 -14.62
CA GLU G 335 -37.13 45.44 -15.23
C GLU G 335 -38.68 45.47 -15.03
N VAL G 336 -39.35 44.27 -14.81
CA VAL G 336 -40.72 44.15 -14.47
C VAL G 336 -41.00 44.44 -13.04
N LEU G 337 -40.10 44.06 -12.13
CA LEU G 337 -40.10 44.41 -10.75
C LEU G 337 -39.75 45.82 -10.43
N ALA G 338 -38.95 46.42 -11.33
CA ALA G 338 -38.52 47.82 -11.20
C ALA G 338 -39.66 48.76 -11.54
N SER G 339 -40.43 48.41 -12.53
CA SER G 339 -41.55 49.26 -12.92
C SER G 339 -42.76 49.18 -12.03
N ILE G 340 -42.97 47.98 -11.38
CA ILE G 340 -43.96 47.96 -10.29
C ILE G 340 -43.46 48.83 -9.15
N ALA G 341 -42.20 48.84 -8.77
CA ALA G 341 -41.71 49.65 -7.66
C ALA G 341 -41.71 51.11 -7.91
N THR G 342 -41.42 51.67 -9.11
CA THR G 342 -41.41 53.08 -9.45
C THR G 342 -42.75 53.69 -9.61
N SER G 343 -43.84 52.88 -9.94
CA SER G 343 -45.12 53.33 -10.01
C SER G 343 -45.78 53.50 -8.66
N LEU G 344 -45.33 52.62 -7.76
CA LEU G 344 -45.69 52.66 -6.36
C LEU G 344 -45.07 53.80 -5.61
N ASN G 345 -43.81 54.29 -6.00
CA ASN G 345 -43.12 55.45 -5.38
C ASN G 345 -43.73 56.80 -5.69
N LYS G 346 -44.66 57.14 -4.75
CA LYS G 346 -45.36 58.38 -4.71
C LYS G 346 -45.68 58.58 -3.27
N GLY G 347 -45.34 57.63 -2.35
CA GLY G 347 -45.59 57.60 -0.96
C GLY G 347 -47.02 57.02 -0.67
N GLU G 348 -47.44 56.11 -1.55
CA GLU G 348 -48.70 55.47 -1.54
C GLU G 348 -48.60 54.10 -2.11
N CYS G 349 -49.34 53.08 -1.62
CA CYS G 349 -50.69 53.17 -1.25
C CYS G 349 -50.75 52.44 0.09
N PHE G 350 -51.89 52.55 0.83
CA PHE G 350 -52.31 51.77 1.92
C PHE G 350 -53.09 50.64 1.30
N GLY G 351 -53.60 49.67 2.08
CA GLY G 351 -53.96 48.35 1.69
C GLY G 351 -54.63 48.05 0.46
N GLY G 352 -55.82 48.56 0.27
CA GLY G 352 -56.61 48.06 -0.89
C GLY G 352 -56.22 48.54 -2.28
N ALA G 353 -55.58 49.72 -2.41
CA ALA G 353 -55.24 50.30 -3.69
C ALA G 353 -53.87 49.92 -4.18
N THR G 354 -53.12 49.26 -3.18
CA THR G 354 -51.89 48.61 -3.54
C THR G 354 -52.27 47.46 -4.41
N LEU G 355 -53.34 46.77 -3.99
CA LEU G 355 -53.87 45.60 -4.57
C LEU G 355 -54.56 45.84 -5.86
N SER G 356 -55.19 47.04 -5.92
CA SER G 356 -55.88 47.44 -7.12
C SER G 356 -54.88 47.70 -8.25
N LEU G 357 -53.74 48.35 -7.89
CA LEU G 357 -52.70 48.75 -8.75
C LEU G 357 -52.02 47.50 -9.38
N LEU G 358 -51.73 46.39 -8.59
CA LEU G 358 -51.02 45.15 -8.92
C LEU G 358 -51.96 44.30 -9.74
N HIS G 359 -53.29 44.39 -9.59
CA HIS G 359 -54.17 43.64 -10.43
C HIS G 359 -54.23 44.20 -11.89
N ASP G 360 -54.23 45.54 -12.03
CA ASP G 360 -54.26 46.17 -13.33
C ASP G 360 -53.02 45.83 -14.06
N ARG G 361 -51.82 45.71 -13.33
CA ARG G 361 -50.62 45.43 -13.99
C ARG G 361 -50.52 43.97 -14.50
N THR G 362 -51.19 43.08 -13.74
CA THR G 362 -51.27 41.63 -14.13
C THR G 362 -52.20 41.45 -15.36
N PHE G 363 -53.26 42.26 -15.44
CA PHE G 363 -54.19 42.31 -16.54
C PHE G 363 -53.67 43.05 -17.74
N GLY G 364 -52.56 43.83 -17.50
CA GLY G 364 -51.80 44.47 -18.61
C GLY G 364 -50.90 43.59 -19.30
N TYR G 365 -50.19 42.78 -18.54
CA TYR G 365 -49.08 41.97 -18.97
C TYR G 365 -49.55 40.79 -19.78
N THR G 366 -50.90 40.65 -19.82
CA THR G 366 -51.63 39.51 -20.35
C THR G 366 -51.25 39.25 -21.81
N GLY G 367 -50.67 38.05 -22.02
CA GLY G 367 -50.31 37.60 -23.36
C GLY G 367 -48.80 37.45 -23.55
N ASP G 368 -47.95 37.99 -22.65
CA ASP G 368 -46.58 37.73 -22.39
C ASP G 368 -46.66 36.83 -21.21
N SER G 369 -46.26 35.56 -21.34
CA SER G 369 -46.59 34.45 -20.45
C SER G 369 -45.58 34.60 -19.30
N GLN G 370 -44.55 35.50 -19.55
CA GLN G 370 -43.48 35.72 -18.61
C GLN G 370 -43.88 36.41 -17.34
N ALA G 371 -44.58 37.50 -17.48
CA ALA G 371 -44.92 38.28 -16.30
C ALA G 371 -46.21 37.80 -15.67
N GLN G 372 -46.82 36.77 -16.23
CA GLN G 372 -48.01 36.27 -15.60
C GLN G 372 -47.69 35.51 -14.34
N GLU G 373 -46.56 34.70 -14.43
CA GLU G 373 -46.00 33.96 -13.33
C GLU G 373 -45.33 34.80 -12.33
N LEU G 374 -44.64 35.84 -12.67
CA LEU G 374 -43.87 36.69 -11.75
C LEU G 374 -44.76 37.61 -10.93
N CYS G 375 -45.85 38.15 -11.55
CA CYS G 375 -46.86 38.90 -10.98
C CYS G 375 -47.82 38.00 -10.25
N LEU G 376 -47.86 36.67 -10.51
CA LEU G 376 -48.63 35.75 -9.79
C LEU G 376 -48.13 35.61 -8.33
N TYR G 377 -46.73 35.57 -8.14
CA TYR G 377 -46.24 35.39 -6.73
C TYR G 377 -46.34 36.63 -5.87
N LEU G 378 -46.27 37.78 -6.57
CA LEU G 378 -46.36 39.03 -5.89
C LEU G 378 -47.85 39.24 -5.42
N THR G 379 -48.89 38.99 -6.22
CA THR G 379 -50.27 39.37 -5.99
C THR G 379 -50.99 38.48 -4.89
N LYS G 380 -50.38 37.32 -4.49
CA LYS G 380 -50.84 36.35 -3.50
C LYS G 380 -50.24 36.41 -2.14
N ALA G 381 -49.06 37.08 -2.08
CA ALA G 381 -48.39 37.39 -0.78
C ALA G 381 -48.98 38.72 -0.34
N ALA G 382 -49.36 39.59 -1.35
CA ALA G 382 -50.04 40.85 -1.13
C ALA G 382 -51.38 40.47 -0.68
N SER G 383 -51.99 39.37 -1.16
CA SER G 383 -53.37 39.03 -0.75
C SER G 383 -53.41 38.24 0.48
N ALA G 384 -52.20 37.79 0.99
CA ALA G 384 -52.11 36.93 2.18
C ALA G 384 -52.64 37.64 3.46
N PRO G 385 -52.38 38.91 3.70
CA PRO G 385 -53.10 39.55 4.75
C PRO G 385 -54.41 40.02 4.37
N TYR G 386 -54.66 40.37 3.09
CA TYR G 386 -55.89 41.00 2.71
C TYR G 386 -57.14 40.12 2.90
N PHE G 387 -57.07 38.80 2.70
CA PHE G 387 -58.17 37.87 2.80
C PHE G 387 -58.44 37.43 4.24
N ASP G 388 -57.50 37.74 5.14
CA ASP G 388 -57.76 37.76 6.56
C ASP G 388 -58.89 38.70 6.91
N ILE G 389 -58.69 40.06 6.56
CA ILE G 389 -59.53 41.11 7.07
C ILE G 389 -60.88 41.19 6.30
N LEU G 390 -60.78 40.63 5.06
CA LEU G 390 -61.97 40.23 4.27
C LEU G 390 -62.93 39.26 5.00
N GLU G 391 -62.44 38.11 5.62
CA GLU G 391 -63.20 37.17 6.35
C GLU G 391 -63.83 37.72 7.57
N ARG G 392 -63.12 38.64 8.23
CA ARG G 392 -63.58 39.28 9.47
C ARG G 392 -64.83 40.13 9.26
N TRP G 393 -65.05 40.52 8.00
CA TRP G 393 -66.15 41.37 7.60
C TRP G 393 -67.35 40.55 7.13
N ILE G 394 -67.05 39.39 6.52
CA ILE G 394 -68.10 38.58 5.90
C ILE G 394 -68.60 37.57 6.90
N TYR G 395 -67.96 37.31 8.06
CA TYR G 395 -68.43 36.34 9.04
C TYR G 395 -68.71 37.05 10.33
N ARG G 396 -68.17 38.30 10.60
CA ARG G 396 -68.44 38.93 11.91
C ARG G 396 -68.82 40.34 11.67
N GLY G 397 -68.39 40.99 10.49
CA GLY G 397 -68.66 42.40 10.20
C GLY G 397 -67.67 43.27 11.06
N ILE G 398 -66.56 42.66 11.57
CA ILE G 398 -65.67 43.41 12.40
C ILE G 398 -64.45 43.79 11.61
N ILE G 399 -63.74 44.81 12.06
CA ILE G 399 -62.57 45.31 11.36
C ILE G 399 -61.34 44.81 12.11
N ASN G 400 -60.14 44.71 11.39
CA ASN G 400 -58.89 44.23 11.99
C ASN G 400 -57.62 45.00 11.61
N ASP G 401 -57.82 46.24 11.14
CA ASP G 401 -56.87 47.16 10.58
C ASP G 401 -55.94 47.77 11.62
N PRO G 402 -54.64 47.60 11.54
CA PRO G 402 -53.70 48.33 12.40
C PRO G 402 -53.65 49.78 12.06
N TYR G 403 -53.78 50.02 10.74
CA TYR G 403 -53.85 51.34 10.15
C TYR G 403 -55.20 51.42 9.58
N SER G 404 -55.21 51.64 8.20
CA SER G 404 -56.30 51.35 7.35
C SER G 404 -55.70 50.52 6.24
N GLU G 405 -56.00 49.20 6.26
CA GLU G 405 -55.38 48.17 5.49
C GLU G 405 -56.59 47.48 4.81
N PHE G 406 -57.84 47.84 5.23
CA PHE G 406 -59.02 47.22 4.64
C PHE G 406 -59.88 48.36 4.18
N MET G 407 -60.38 48.22 2.98
CA MET G 407 -61.04 49.21 2.14
C MET G 407 -62.30 49.73 2.76
N VAL G 408 -63.06 48.81 3.35
CA VAL G 408 -64.23 49.27 4.02
C VAL G 408 -63.65 49.69 5.35
N GLU G 409 -63.68 50.97 5.64
CA GLU G 409 -63.25 51.42 6.92
C GLU G 409 -64.43 51.63 7.72
N GLU G 410 -64.24 51.75 9.06
CA GLU G 410 -65.35 51.95 9.98
C GLU G 410 -65.07 53.32 10.72
N HIS G 411 -66.04 54.25 10.83
CA HIS G 411 -66.03 55.60 11.39
C HIS G 411 -65.03 56.42 10.56
N TRP G 427 -75.53 46.98 15.68
CA TRP G 427 -75.97 48.40 15.58
C TRP G 427 -76.41 48.66 14.17
N ASP G 428 -75.57 49.29 13.29
CA ASP G 428 -75.96 49.65 11.91
C ASP G 428 -74.60 50.07 11.40
N GLN G 429 -73.96 51.03 12.07
CA GLN G 429 -72.57 51.52 11.92
C GLN G 429 -72.27 52.43 10.76
N ARG G 430 -71.16 53.23 10.81
CA ARG G 430 -70.93 54.26 9.90
C ARG G 430 -69.78 53.90 9.03
N TYR G 431 -70.13 53.11 7.98
CA TYR G 431 -69.18 52.59 7.09
C TYR G 431 -68.94 53.62 5.97
N THR G 432 -67.67 53.73 5.54
CA THR G 432 -67.32 54.39 4.34
C THR G 432 -66.31 53.48 3.67
N ILE G 433 -65.97 53.84 2.41
CA ILE G 433 -64.99 53.28 1.59
C ILE G 433 -64.25 54.47 1.16
N VAL G 434 -62.99 54.24 0.78
CA VAL G 434 -62.14 55.32 0.33
C VAL G 434 -61.52 54.84 -0.93
N GLN G 435 -61.02 55.81 -1.79
CA GLN G 435 -60.44 55.56 -3.05
C GLN G 435 -59.03 55.93 -2.93
N GLN G 436 -58.57 55.85 -1.66
CA GLN G 436 -57.17 55.84 -1.30
C GLN G 436 -56.89 54.37 -1.10
N GLN G 437 -57.97 53.48 -1.12
CA GLN G 437 -57.92 52.04 -0.98
C GLN G 437 -58.96 51.58 -1.96
N ILE G 438 -58.82 51.92 -3.26
CA ILE G 438 -59.59 51.43 -4.43
C ILE G 438 -59.95 49.97 -4.37
N PRO G 439 -61.27 49.61 -4.61
CA PRO G 439 -61.79 48.21 -4.62
C PRO G 439 -61.10 47.39 -5.60
N SER G 440 -61.36 46.00 -5.44
CA SER G 440 -60.54 44.99 -6.15
C SER G 440 -60.45 45.14 -7.67
N PHE G 441 -61.54 45.41 -8.41
CA PHE G 441 -61.48 45.76 -9.84
C PHE G 441 -62.67 46.47 -10.16
N LEU G 442 -63.69 46.34 -9.28
CA LEU G 442 -65.05 46.71 -9.50
C LEU G 442 -65.62 47.24 -8.16
N GLN G 443 -66.37 48.36 -8.26
CA GLN G 443 -66.79 49.16 -7.12
C GLN G 443 -67.97 48.47 -6.42
N LYS G 444 -68.71 47.60 -7.17
CA LYS G 444 -70.00 47.04 -6.78
C LYS G 444 -69.89 45.90 -5.76
N VAL G 445 -68.76 45.14 -5.81
CA VAL G 445 -68.54 44.01 -4.92
C VAL G 445 -68.02 44.54 -3.62
N ALA G 446 -67.39 45.79 -3.62
CA ALA G 446 -67.04 46.47 -2.39
C ALA G 446 -68.31 46.98 -1.74
N ASP G 447 -69.32 47.22 -2.54
CA ASP G 447 -70.60 47.62 -2.04
C ASP G 447 -71.47 46.50 -1.49
N LYS G 448 -71.14 45.24 -1.89
CA LYS G 448 -71.67 43.99 -1.44
C LYS G 448 -71.23 43.70 -0.09
N ILE G 449 -69.96 43.96 0.27
CA ILE G 449 -69.43 43.81 1.58
C ILE G 449 -69.84 44.91 2.53
N LEU G 450 -70.32 46.07 1.93
CA LEU G 450 -70.94 47.09 2.80
C LEU G 450 -72.20 46.50 3.36
N SER G 451 -73.03 45.88 2.51
CA SER G 451 -74.32 45.34 2.81
C SER G 451 -74.34 43.99 3.60
N THR G 452 -73.28 43.12 3.59
CA THR G 452 -73.24 41.95 4.44
C THR G 452 -73.10 42.33 5.91
N GLY G 453 -72.23 43.29 6.20
CA GLY G 453 -71.72 43.53 7.54
C GLY G 453 -72.69 44.16 8.49
N LYS G 454 -73.66 44.91 7.90
CA LYS G 454 -74.83 45.47 8.55
C LYS G 454 -75.67 44.48 9.08
N TYR G 455 -75.88 43.35 8.37
CA TYR G 455 -76.76 42.23 8.73
C TYR G 455 -76.15 41.41 9.85
N LEU G 456 -74.85 41.32 9.95
CA LEU G 456 -74.12 40.68 11.03
C LEU G 456 -74.15 41.57 12.30
N ASN G 457 -74.29 42.86 12.19
CA ASN G 457 -74.32 43.76 13.27
C ASN G 457 -75.70 43.73 13.93
N VAL G 458 -76.75 43.58 13.09
CA VAL G 458 -78.14 43.47 13.63
C VAL G 458 -78.34 42.04 14.08
N GLN G 481 -61.51 38.94 -12.75
CA GLN G 481 -61.16 37.64 -13.35
C GLN G 481 -62.00 36.64 -12.58
N ALA G 482 -61.80 36.39 -11.21
CA ALA G 482 -62.33 35.30 -10.45
C ALA G 482 -62.28 35.61 -8.99
N TYR G 483 -61.79 36.76 -8.58
CA TYR G 483 -61.57 37.08 -7.20
C TYR G 483 -62.62 38.00 -6.61
N VAL G 484 -63.24 38.85 -7.51
CA VAL G 484 -64.31 39.69 -7.21
C VAL G 484 -65.55 38.92 -7.22
N GLU G 485 -65.55 37.81 -7.89
CA GLU G 485 -66.62 36.85 -8.00
C GLU G 485 -67.03 36.04 -6.83
N ARG G 486 -65.99 35.97 -5.98
CA ARG G 486 -66.04 35.30 -4.71
C ARG G 486 -66.99 35.91 -3.75
N ILE G 487 -67.03 37.28 -3.84
CA ILE G 487 -67.86 38.13 -3.01
C ILE G 487 -69.30 38.11 -3.21
N GLU G 488 -69.75 38.00 -4.46
CA GLU G 488 -71.16 38.12 -4.80
C GLU G 488 -72.10 37.04 -4.31
N LYS G 489 -71.54 35.85 -4.09
CA LYS G 489 -72.13 34.70 -3.49
C LYS G 489 -71.76 34.43 -2.08
N ALA G 490 -70.75 35.20 -1.60
CA ALA G 490 -70.36 35.19 -0.21
C ALA G 490 -71.35 36.08 0.57
N TYR G 491 -71.83 37.19 -0.04
CA TYR G 491 -72.87 38.03 0.47
C TYR G 491 -74.17 37.30 0.67
N ASN G 492 -74.48 36.47 -0.38
CA ASN G 492 -75.79 35.98 -0.61
C ASN G 492 -75.91 34.56 0.02
N TYR G 493 -75.07 34.27 1.02
CA TYR G 493 -75.13 33.01 1.78
C TYR G 493 -75.06 33.48 3.28
N ALA G 494 -75.00 34.77 3.50
CA ALA G 494 -74.88 35.38 4.76
C ALA G 494 -75.86 36.47 4.80
N SER G 495 -76.70 36.56 3.74
CA SER G 495 -77.81 37.42 3.77
C SER G 495 -78.90 36.79 4.66
N GLU H 246 -6.63 36.86 2.39
CA GLU H 246 -7.73 36.60 1.41
C GLU H 246 -8.48 35.49 2.03
N THR H 247 -7.83 34.22 2.15
CA THR H 247 -8.44 33.13 2.84
C THR H 247 -8.54 33.48 4.32
N SER H 248 -7.54 34.20 4.77
CA SER H 248 -7.41 34.80 6.10
C SER H 248 -8.47 35.81 6.38
N LEU H 249 -9.05 36.56 5.37
CA LEU H 249 -10.23 37.40 5.51
C LEU H 249 -11.51 36.72 5.56
N VAL H 250 -11.64 35.51 4.86
CA VAL H 250 -12.85 34.68 4.77
C VAL H 250 -13.04 34.10 6.15
N ARG H 251 -11.94 33.77 6.93
CA ARG H 251 -11.97 33.32 8.27
C ARG H 251 -12.24 34.46 9.15
N ASP H 252 -11.74 35.67 8.84
CA ASP H 252 -11.77 36.75 9.77
C ASP H 252 -13.19 37.28 10.01
N LEU H 253 -13.98 37.11 8.96
CA LEU H 253 -15.40 37.61 9.01
C LEU H 253 -16.22 36.71 9.88
N LEU H 254 -15.77 35.44 10.11
CA LEU H 254 -16.44 34.46 10.93
C LEU H 254 -16.46 34.84 12.36
N TYR H 255 -15.34 35.44 12.83
CA TYR H 255 -15.14 35.81 14.19
C TYR H 255 -15.97 36.95 14.55
N VAL H 256 -16.27 37.86 13.59
CA VAL H 256 -16.99 39.03 13.84
C VAL H 256 -18.48 38.71 13.98
N PHE H 257 -18.97 37.57 13.50
CA PHE H 257 -20.23 37.02 13.72
C PHE H 257 -20.41 36.62 15.14
N GLN H 258 -19.36 36.14 15.80
CA GLN H 258 -19.52 35.74 17.23
C GLN H 258 -19.31 37.07 18.02
N GLY H 259 -18.90 38.21 17.41
CA GLY H 259 -18.74 39.51 18.08
C GLY H 259 -17.40 39.54 18.74
N ILE H 260 -16.37 38.96 18.12
CA ILE H 260 -15.07 38.81 18.61
C ILE H 260 -14.19 39.45 17.53
N ASP H 261 -13.40 40.41 18.07
CA ASP H 261 -12.60 41.32 17.36
C ASP H 261 -11.53 40.54 16.57
N GLY H 262 -11.41 40.82 15.21
CA GLY H 262 -10.46 40.24 14.30
C GLY H 262 -9.02 40.34 14.64
N LYS H 263 -8.22 39.81 13.67
CA LYS H 263 -6.78 39.62 13.74
C LYS H 263 -6.08 40.78 13.04
N PHE H 264 -6.90 41.79 12.57
CA PHE H 264 -6.56 43.07 12.09
C PHE H 264 -7.06 44.12 13.08
N VAL H 265 -6.50 45.34 13.24
CA VAL H 265 -6.86 46.41 14.15
C VAL H 265 -8.15 47.02 13.69
N LYS H 266 -8.96 47.38 14.70
CA LYS H 266 -10.24 47.96 14.48
C LYS H 266 -10.37 49.22 15.26
N MET H 267 -11.15 50.12 14.65
CA MET H 267 -11.62 51.33 15.27
C MET H 267 -13.13 51.38 15.36
N CYS H 268 -13.83 50.26 15.09
CA CYS H 268 -15.27 50.02 15.11
C CYS H 268 -15.60 48.76 15.90
N ASN H 269 -16.71 48.82 16.71
CA ASN H 269 -17.26 47.65 17.32
C ASN H 269 -18.58 47.97 17.93
N SER H 270 -19.18 49.12 17.59
CA SER H 270 -20.34 49.71 18.24
C SER H 270 -20.75 50.66 17.24
N GLU H 271 -19.80 51.01 16.28
CA GLU H 271 -20.24 51.68 15.09
C GLU H 271 -20.68 50.70 14.08
N ASN H 272 -19.81 49.90 13.39
CA ASN H 272 -20.18 48.64 12.77
C ASN H 272 -19.12 47.84 13.39
N CYS H 273 -18.49 47.05 12.55
CA CYS H 273 -17.40 46.12 12.94
C CYS H 273 -16.45 46.17 11.75
N TYR H 274 -16.21 47.37 11.18
CA TYR H 274 -15.45 47.61 10.02
C TYR H 274 -13.95 47.42 10.50
N LYS H 275 -13.14 46.80 9.64
CA LYS H 275 -11.70 46.48 9.83
C LYS H 275 -10.95 47.39 8.84
N VAL H 276 -9.81 47.86 9.32
CA VAL H 276 -8.92 48.77 8.54
C VAL H 276 -7.63 47.98 8.71
N ASP H 277 -7.13 47.31 7.65
CA ASP H 277 -5.84 46.60 7.53
C ASP H 277 -4.67 47.44 7.38
N GLY H 278 -4.87 48.53 6.58
CA GLY H 278 -3.93 49.56 6.36
C GLY H 278 -3.41 49.54 4.99
N LYS H 279 -3.92 48.57 4.23
CA LYS H 279 -3.76 48.43 2.84
C LYS H 279 -5.14 48.43 2.17
N VAL H 280 -6.20 48.77 2.93
CA VAL H 280 -7.55 49.05 2.48
C VAL H 280 -7.49 50.24 1.56
N ALA H 281 -7.53 49.94 0.26
CA ALA H 281 -7.33 50.94 -0.83
C ALA H 281 -7.45 50.24 -2.07
N VAL H 282 -6.76 49.07 -2.20
CA VAL H 282 -7.03 48.15 -3.32
C VAL H 282 -7.94 47.03 -2.82
N SER H 283 -8.07 46.80 -1.45
CA SER H 283 -9.21 46.18 -0.82
C SER H 283 -10.23 47.28 -0.57
N LYS H 284 -10.97 47.53 -1.61
CA LYS H 284 -12.08 48.46 -1.69
C LYS H 284 -13.07 47.84 -2.71
N SER H 285 -13.40 46.55 -2.58
CA SER H 285 -14.31 45.94 -3.43
C SER H 285 -14.53 44.61 -2.79
N LEU H 286 -13.37 43.97 -2.35
CA LEU H 286 -13.50 42.76 -1.51
C LEU H 286 -13.40 43.10 -0.03
N LYS H 287 -13.40 44.41 0.37
CA LYS H 287 -13.33 44.81 1.75
C LYS H 287 -14.61 45.36 2.03
N ASP H 288 -15.26 45.77 0.95
CA ASP H 288 -16.57 46.37 0.87
C ASP H 288 -17.59 45.28 0.96
N ILE H 289 -17.28 44.00 0.46
CA ILE H 289 -18.18 42.88 0.64
C ILE H 289 -18.27 42.42 2.06
N THR H 290 -17.07 42.38 2.66
CA THR H 290 -16.88 42.10 4.03
C THR H 290 -17.11 43.39 4.90
N SER H 291 -17.54 44.54 4.42
CA SER H 291 -18.05 45.52 5.23
C SER H 291 -19.56 45.39 5.34
N LYS H 292 -20.27 44.73 4.41
CA LYS H 292 -21.66 44.39 4.54
C LYS H 292 -22.00 43.31 5.55
N LEU H 293 -21.01 42.38 5.77
CA LEU H 293 -21.04 41.28 6.64
C LEU H 293 -20.68 41.76 8.05
N SER H 294 -19.99 42.91 8.21
CA SER H 294 -19.55 43.53 9.43
C SER H 294 -20.76 44.00 10.12
N GLU H 295 -21.81 44.46 9.36
CA GLU H 295 -22.97 45.06 9.85
C GLU H 295 -23.92 44.11 10.50
N LEU H 296 -23.77 42.83 10.16
CA LEU H 296 -24.43 41.67 10.82
C LEU H 296 -23.85 41.40 12.19
N GLY H 297 -22.57 41.62 12.41
CA GLY H 297 -21.85 41.35 13.60
C GLY H 297 -22.06 42.46 14.63
N TRP H 298 -22.39 43.66 14.12
CA TRP H 298 -22.79 44.81 14.94
C TRP H 298 -24.13 44.54 15.63
N LEU H 299 -25.07 43.84 14.89
CA LEU H 299 -26.46 43.63 15.34
C LEU H 299 -26.56 42.46 16.36
N HIS H 300 -25.51 41.61 16.35
CA HIS H 300 -25.25 40.47 17.22
C HIS H 300 -24.88 41.03 18.60
N ASN H 301 -24.12 42.17 18.61
CA ASN H 301 -23.59 42.71 19.85
C ASN H 301 -24.56 43.38 20.79
N LYS H 302 -25.69 43.95 20.26
CA LYS H 302 -26.83 44.53 20.92
C LYS H 302 -27.70 43.47 21.59
N ILE H 303 -27.85 42.24 21.00
CA ILE H 303 -28.48 41.17 21.58
C ILE H 303 -27.67 40.56 22.73
N LYS H 304 -26.32 40.60 22.55
CA LYS H 304 -25.30 40.00 23.49
C LYS H 304 -25.20 40.81 24.80
N LYS H 305 -25.27 42.16 24.73
CA LYS H 305 -25.09 43.03 25.85
C LYS H 305 -26.40 43.02 26.59
N TYR H 306 -27.49 42.66 25.92
CA TYR H 306 -28.82 42.44 26.53
C TYR H 306 -28.81 41.30 27.44
N THR H 307 -28.09 40.23 26.97
CA THR H 307 -27.86 39.05 27.77
C THR H 307 -26.89 39.13 28.91
N ASP H 308 -26.10 40.22 28.96
CA ASP H 308 -25.26 40.49 30.11
C ASP H 308 -26.21 41.05 31.17
N GLN H 309 -27.32 41.74 30.74
CA GLN H 309 -28.33 42.26 31.69
C GLN H 309 -29.36 41.16 32.06
N ARG H 310 -29.29 39.91 31.42
CA ARG H 310 -30.26 38.86 31.69
C ARG H 310 -30.37 38.45 33.14
N SER H 311 -29.23 38.33 33.83
CA SER H 311 -29.15 37.74 35.16
C SER H 311 -28.03 38.51 35.80
N LEU H 312 -28.43 39.18 36.97
CA LEU H 312 -27.66 40.04 37.86
C LEU H 312 -27.49 39.22 39.15
N ASP H 313 -27.76 39.82 40.30
CA ASP H 313 -27.85 39.12 41.56
C ASP H 313 -29.35 38.80 41.62
N ARG H 314 -30.18 39.33 40.69
CA ARG H 314 -31.46 38.81 40.26
C ARG H 314 -32.04 40.04 39.61
N ALA H 315 -32.02 39.96 38.24
CA ALA H 315 -32.45 41.14 37.51
C ALA H 315 -33.94 41.47 37.57
N PHE H 316 -34.18 42.78 37.53
CA PHE H 316 -35.53 43.33 37.72
C PHE H 316 -36.53 42.82 36.67
N GLY H 317 -37.72 42.34 37.12
CA GLY H 317 -38.77 41.80 36.27
C GLY H 317 -38.77 40.31 36.48
N LEU H 318 -39.84 39.68 35.93
CA LEU H 318 -40.05 38.28 35.94
C LEU H 318 -40.20 37.96 34.50
N VAL H 319 -40.83 38.91 33.65
CA VAL H 319 -41.05 38.82 32.24
C VAL H 319 -39.86 39.37 31.46
N GLY H 320 -39.02 40.20 32.18
CA GLY H 320 -37.96 40.98 31.55
C GLY H 320 -36.87 40.01 31.13
N GLN H 321 -36.68 38.99 31.95
CA GLN H 321 -35.71 37.93 31.73
C GLN H 321 -36.22 36.75 30.93
N SER H 322 -37.57 36.58 30.84
CA SER H 322 -38.19 35.50 30.14
C SER H 322 -38.14 35.85 28.63
N PHE H 323 -38.20 37.21 28.38
CA PHE H 323 -37.98 37.81 27.15
C PHE H 323 -36.49 37.50 26.73
N CYS H 324 -35.57 37.60 27.67
CA CYS H 324 -34.17 37.54 27.37
C CYS H 324 -33.72 36.11 27.06
N ALA H 325 -34.44 35.14 27.62
CA ALA H 325 -34.32 33.76 27.38
C ALA H 325 -34.70 33.44 25.95
N ALA H 326 -35.79 34.10 25.42
CA ALA H 326 -36.31 33.98 24.07
C ALA H 326 -35.37 34.61 23.11
N LEU H 327 -34.63 35.66 23.47
CA LEU H 327 -33.72 36.31 22.60
C LEU H 327 -32.43 35.58 22.52
N HIS H 328 -32.03 34.81 23.52
CA HIS H 328 -30.76 34.07 23.55
C HIS H 328 -30.93 32.82 22.67
N GLN H 329 -32.16 32.20 22.56
CA GLN H 329 -32.49 30.98 21.83
C GLN H 329 -32.24 31.22 20.39
N GLU H 330 -32.59 32.42 19.88
CA GLU H 330 -32.48 32.71 18.48
C GLU H 330 -31.02 33.04 18.23
N LEU H 331 -30.26 33.53 19.27
CA LEU H 331 -28.82 33.70 19.14
C LEU H 331 -28.04 32.44 19.01
N LYS H 332 -28.62 31.42 19.67
CA LYS H 332 -28.09 30.03 19.71
C LYS H 332 -28.19 29.37 18.39
N GLU H 333 -29.32 29.60 17.69
CA GLU H 333 -29.55 29.07 16.36
C GLU H 333 -28.70 29.81 15.40
N TYR H 334 -28.32 31.11 15.66
CA TYR H 334 -27.53 31.94 14.79
C TYR H 334 -26.12 31.43 14.75
N TYR H 335 -25.65 30.78 15.88
CA TYR H 335 -24.32 30.27 16.10
C TYR H 335 -24.14 29.02 15.28
N ARG H 336 -25.25 28.28 15.04
CA ARG H 336 -25.27 26.96 14.37
C ARG H 336 -24.71 27.05 12.99
N LEU H 337 -24.98 28.13 12.27
CA LEU H 337 -24.43 28.33 10.92
C LEU H 337 -23.02 28.80 10.97
N LEU H 338 -22.50 29.36 12.11
CA LEU H 338 -21.06 29.79 12.21
C LEU H 338 -20.30 28.56 12.40
N SER H 339 -20.90 27.51 12.99
CA SER H 339 -20.25 26.25 13.37
C SER H 339 -20.18 25.22 12.23
N VAL H 340 -20.99 25.44 11.16
CA VAL H 340 -20.82 24.66 9.95
C VAL H 340 -19.84 25.44 9.08
N LEU H 341 -19.89 26.83 9.16
CA LEU H 341 -19.15 27.67 8.17
C LEU H 341 -17.62 27.48 8.36
N HIS H 342 -17.20 27.45 9.64
CA HIS H 342 -15.75 27.36 9.93
C HIS H 342 -15.26 25.94 9.62
N SER H 343 -16.15 24.86 9.75
CA SER H 343 -15.82 23.48 9.59
C SER H 343 -15.72 23.25 8.07
N GLN H 344 -16.29 24.09 7.15
CA GLN H 344 -16.02 24.07 5.79
C GLN H 344 -14.75 24.76 5.44
N LEU H 345 -14.23 25.59 6.37
CA LEU H 345 -13.06 26.34 6.07
C LEU H 345 -11.78 25.66 6.59
N GLN H 346 -11.88 24.29 6.71
CA GLN H 346 -10.86 23.44 7.23
C GLN H 346 -10.91 22.05 6.60
N VAL H 347 -11.61 21.85 5.54
CA VAL H 347 -11.65 20.59 4.80
C VAL H 347 -10.48 20.66 3.86
N GLU H 348 -10.25 19.55 3.20
CA GLU H 348 -9.12 19.41 2.23
C GLU H 348 -9.53 19.99 0.93
N SER H 359 -11.38 24.53 3.39
CA SER H 359 -10.51 25.46 2.71
C SER H 359 -11.42 26.39 2.00
N SER H 360 -10.88 27.31 1.16
CA SER H 360 -11.36 28.35 0.36
C SER H 360 -12.83 28.20 0.00
N LEU H 361 -13.62 29.10 0.58
CA LEU H 361 -14.99 29.20 0.39
C LEU H 361 -15.22 30.56 -0.03
N THR H 362 -15.93 30.76 -1.08
CA THR H 362 -16.01 32.04 -1.74
C THR H 362 -16.87 33.05 -1.01
N LEU H 363 -16.47 34.35 -1.05
CA LEU H 363 -17.04 35.45 -0.31
C LEU H 363 -18.50 35.60 -0.70
N ARG H 364 -18.87 35.28 -1.96
CA ARG H 364 -20.16 35.55 -2.48
C ARG H 364 -21.08 34.35 -2.15
N ARG H 365 -20.39 33.19 -1.99
CA ARG H 365 -21.06 31.97 -1.55
C ARG H 365 -21.55 32.08 -0.17
N LEU H 366 -20.79 32.66 0.74
CA LEU H 366 -21.11 32.86 2.14
C LEU H 366 -22.04 34.00 2.43
N LEU H 367 -22.32 34.86 1.37
CA LEU H 367 -23.21 35.97 1.41
C LEU H 367 -24.69 35.56 1.40
N VAL H 368 -24.93 34.42 0.77
CA VAL H 368 -26.28 33.86 0.75
C VAL H 368 -26.58 33.19 2.06
N TRP H 369 -25.51 32.77 2.77
CA TRP H 369 -25.46 32.15 4.13
C TRP H 369 -25.67 33.15 5.18
N THR H 370 -25.44 34.44 4.91
CA THR H 370 -25.62 35.38 5.94
C THR H 370 -26.90 36.21 5.74
N PHE H 371 -27.54 36.00 4.53
CA PHE H 371 -28.78 36.66 4.15
C PHE H 371 -29.98 36.15 4.93
N ASP H 372 -30.01 34.86 5.37
CA ASP H 372 -31.15 34.28 6.08
C ASP H 372 -31.03 34.75 7.56
N PRO H 373 -29.83 34.80 8.17
CA PRO H 373 -29.80 35.52 9.39
C PRO H 373 -30.02 37.02 9.32
N LYS H 374 -29.75 37.66 8.18
CA LYS H 374 -29.93 39.07 8.13
C LYS H 374 -31.41 39.55 8.14
N ILE H 375 -32.44 38.69 7.76
CA ILE H 375 -33.81 39.04 7.98
C ILE H 375 -34.25 38.62 9.40
N ARG H 376 -33.49 37.77 10.15
CA ARG H 376 -33.90 37.38 11.44
C ARG H 376 -33.38 38.21 12.56
N LEU H 377 -32.02 38.44 12.62
CA LEU H 377 -31.33 39.09 13.73
C LEU H 377 -31.63 40.63 13.75
N LYS H 378 -31.99 41.16 12.57
CA LYS H 378 -32.20 42.54 12.40
C LYS H 378 -33.45 42.97 13.05
N THR H 379 -34.47 42.06 13.06
CA THR H 379 -35.77 42.21 13.68
C THR H 379 -35.74 41.78 15.11
N LEU H 380 -34.68 41.07 15.58
CA LEU H 380 -34.49 41.01 17.00
C LEU H 380 -33.85 42.32 17.54
N ALA H 381 -33.02 42.98 16.74
CA ALA H 381 -32.31 44.17 17.13
C ALA H 381 -33.25 45.35 17.02
N ALA H 382 -34.28 45.32 16.18
CA ALA H 382 -35.35 46.27 16.14
C ALA H 382 -36.29 46.18 17.32
N LEU H 383 -36.38 44.93 17.90
CA LEU H 383 -37.34 44.58 18.99
C LEU H 383 -36.73 45.02 20.31
N VAL H 384 -35.39 45.17 20.43
CA VAL H 384 -34.66 45.59 21.64
C VAL H 384 -34.57 47.05 21.60
N ASP H 385 -34.80 47.72 20.47
CA ASP H 385 -34.81 49.16 20.39
C ASP H 385 -36.02 49.78 21.05
N HIS H 386 -37.17 49.11 21.02
CA HIS H 386 -38.50 49.62 21.52
C HIS H 386 -38.44 49.47 23.05
N CYS H 387 -37.51 48.67 23.57
CA CYS H 387 -37.54 48.34 25.00
C CYS H 387 -36.23 48.94 25.47
N GLN H 388 -36.28 49.65 26.64
CA GLN H 388 -35.06 50.05 27.29
C GLN H 388 -35.15 49.63 28.67
N GLY H 389 -36.41 49.75 29.18
CA GLY H 389 -36.84 49.20 30.47
C GLY H 389 -37.09 47.70 30.31
N ARG H 390 -37.14 46.93 31.46
CA ARG H 390 -37.29 45.55 31.51
C ARG H 390 -38.62 45.35 32.13
N LYS H 391 -39.45 46.39 32.46
CA LYS H 391 -40.57 46.17 33.30
C LYS H 391 -41.63 45.49 32.55
N GLY H 392 -42.22 44.38 33.12
CA GLY H 392 -43.12 43.43 32.42
C GLY H 392 -44.29 44.17 31.86
N GLY H 393 -44.78 43.63 30.69
CA GLY H 393 -46.00 44.17 30.10
C GLY H 393 -45.64 45.27 29.07
N GLU H 394 -44.45 45.88 29.27
CA GLU H 394 -43.84 46.70 28.23
C GLU H 394 -43.42 45.86 27.01
N LEU H 395 -42.82 44.74 27.47
CA LEU H 395 -42.38 43.66 26.53
C LEU H 395 -43.53 43.01 25.83
N ALA H 396 -44.72 42.93 26.57
CA ALA H 396 -45.90 42.37 25.93
C ALA H 396 -46.55 43.26 24.88
N SER H 397 -46.29 44.57 25.02
CA SER H 397 -46.71 45.63 24.06
C SER H 397 -45.67 45.73 22.95
N ALA H 398 -44.50 45.11 23.07
CA ALA H 398 -43.55 45.23 22.00
C ALA H 398 -43.86 44.23 20.93
N VAL H 399 -44.15 42.98 21.38
CA VAL H 399 -44.54 41.91 20.52
C VAL H 399 -46.02 42.11 20.11
N HIS H 400 -46.82 42.91 20.83
CA HIS H 400 -48.12 43.19 20.35
C HIS H 400 -48.13 44.24 19.26
N ALA H 401 -47.10 45.14 19.21
CA ALA H 401 -46.83 46.10 18.22
C ALA H 401 -46.13 45.59 16.95
N TYR H 402 -45.55 44.37 17.05
CA TYR H 402 -44.77 43.77 16.00
C TYR H 402 -45.47 42.56 15.34
N THR H 403 -46.70 42.21 15.70
CA THR H 403 -47.32 41.09 15.08
C THR H 403 -48.53 41.58 14.34
N LYS H 404 -48.71 42.95 14.25
CA LYS H 404 -49.64 43.67 13.47
C LYS H 404 -48.99 44.20 12.28
N THR H 405 -47.66 44.29 12.31
CA THR H 405 -46.78 44.80 11.20
C THR H 405 -46.80 43.76 10.10
N GLY H 406 -46.49 44.26 8.87
CA GLY H 406 -46.34 43.46 7.66
C GLY H 406 -45.15 42.56 7.67
N ASP H 407 -44.91 41.94 6.55
CA ASP H 407 -43.78 41.08 6.27
C ASP H 407 -43.93 39.78 6.94
N PRO H 408 -44.22 38.66 6.27
CA PRO H 408 -44.50 37.35 6.88
C PRO H 408 -43.33 36.65 7.56
N TYR H 409 -42.11 36.99 7.09
CA TYR H 409 -40.92 36.33 7.56
C TYR H 409 -40.56 36.68 9.00
N MET H 410 -40.77 37.94 9.51
CA MET H 410 -40.50 38.23 10.92
C MET H 410 -41.69 38.03 11.72
N ARG H 411 -42.87 37.89 10.99
CA ARG H 411 -44.00 37.52 11.77
C ARG H 411 -43.94 36.12 12.36
N SER H 412 -43.26 35.17 11.67
CA SER H 412 -42.99 33.90 12.26
C SER H 412 -42.12 33.98 13.50
N LEU H 413 -41.10 34.88 13.47
CA LEU H 413 -40.08 34.97 14.52
C LEU H 413 -40.64 35.52 15.77
N VAL H 414 -41.60 36.50 15.69
CA VAL H 414 -42.22 37.14 16.82
C VAL H 414 -43.29 36.26 17.39
N GLN H 415 -43.78 35.27 16.60
CA GLN H 415 -44.71 34.27 17.14
C GLN H 415 -44.08 33.21 18.01
N HIS H 416 -42.75 32.91 17.77
CA HIS H 416 -41.97 32.12 18.70
C HIS H 416 -41.91 32.88 20.09
N ILE H 417 -41.54 34.21 20.01
CA ILE H 417 -41.28 35.08 21.12
C ILE H 417 -42.50 35.38 21.87
N LEU H 418 -43.67 35.49 21.20
CA LEU H 418 -44.99 35.66 21.83
C LEU H 418 -45.25 34.51 22.77
N GLY H 419 -44.88 33.27 22.37
CA GLY H 419 -45.10 32.10 23.15
C GLY H 419 -44.37 31.93 24.46
N LEU H 420 -43.28 32.75 24.72
CA LEU H 420 -42.48 32.63 25.88
C LEU H 420 -42.53 33.92 26.65
N VAL H 421 -42.77 35.12 26.01
CA VAL H 421 -43.03 36.37 26.66
C VAL H 421 -44.31 36.27 27.44
N ALA H 422 -45.33 35.71 26.80
CA ALA H 422 -46.71 35.61 27.26
C ALA H 422 -46.92 34.65 28.32
N TYR H 423 -46.03 33.65 28.39
CA TYR H 423 -46.14 32.53 29.26
C TYR H 423 -46.10 32.90 30.74
N PRO H 424 -45.31 33.89 31.28
CA PRO H 424 -45.47 34.34 32.63
C PRO H 424 -46.77 35.12 32.87
N ILE H 425 -47.34 35.84 31.89
CA ILE H 425 -48.62 36.59 31.95
C ILE H 425 -49.67 35.62 32.30
N LEU H 426 -49.73 34.43 31.56
CA LEU H 426 -50.74 33.37 31.67
C LEU H 426 -50.49 32.56 32.94
N ASN H 427 -49.23 32.54 33.49
CA ASN H 427 -48.97 31.79 34.71
C ASN H 427 -49.50 32.51 35.94
N PHE H 428 -49.55 33.85 35.84
CA PHE H 428 -50.24 34.74 36.79
C PHE H 428 -51.74 34.57 36.79
N LEU H 429 -52.34 34.32 35.59
CA LEU H 429 -53.70 34.66 35.22
C LEU H 429 -54.50 33.54 35.81
N TYR H 430 -54.18 32.28 35.43
CA TYR H 430 -54.95 31.09 35.70
C TYR H 430 -54.91 30.69 37.17
N ARG H 431 -53.89 31.09 37.94
CA ARG H 431 -53.90 30.88 39.39
C ARG H 431 -54.88 31.78 40.12
N TRP H 432 -54.95 33.07 39.67
CA TRP H 432 -55.86 34.06 40.25
C TRP H 432 -57.33 33.90 39.95
N ILE H 433 -57.68 33.25 38.84
CA ILE H 433 -59.06 32.99 38.42
C ILE H 433 -59.69 31.88 39.19
N TYR H 434 -58.90 30.87 39.60
CA TYR H 434 -59.34 29.56 40.07
C TYR H 434 -59.23 29.47 41.46
N ASP H 435 -58.21 30.01 42.08
CA ASP H 435 -58.04 29.88 43.49
C ASP H 435 -58.06 31.25 44.13
N GLY H 436 -57.55 32.32 43.44
CA GLY H 436 -57.70 33.68 43.92
C GLY H 436 -56.33 34.15 44.37
N GLU H 437 -55.27 33.44 43.92
CA GLU H 437 -53.88 33.52 44.42
C GLU H 437 -53.14 34.27 43.35
N LEU H 438 -52.05 34.95 43.68
CA LEU H 438 -51.39 36.01 42.90
C LEU H 438 -49.90 35.78 43.11
N GLU H 439 -49.07 36.53 42.34
CA GLU H 439 -47.63 36.52 42.29
C GLU H 439 -47.23 37.94 41.91
N ASP H 440 -46.24 38.47 42.64
CA ASP H 440 -45.60 39.67 42.24
C ASP H 440 -44.24 39.52 42.76
N THR H 441 -43.29 40.19 42.13
CA THR H 441 -41.88 40.06 42.49
C THR H 441 -41.27 41.50 42.50
N TYR H 442 -41.89 42.45 41.68
CA TYR H 442 -41.46 43.81 41.42
C TYR H 442 -42.61 44.69 41.05
N HIS H 443 -43.81 44.12 40.95
CA HIS H 443 -45.03 44.81 40.57
C HIS H 443 -44.94 44.88 39.04
N GLU H 444 -44.82 43.66 38.46
CA GLU H 444 -44.74 43.46 37.02
C GLU H 444 -45.92 42.81 36.50
N PHE H 445 -46.87 42.45 37.43
CA PHE H 445 -48.20 41.94 37.14
C PHE H 445 -48.96 43.31 36.94
N PHE H 446 -50.14 43.26 36.35
CA PHE H 446 -50.81 44.52 36.18
C PHE H 446 -51.73 44.62 37.31
N VAL H 447 -51.47 44.01 38.44
CA VAL H 447 -52.25 44.02 39.63
C VAL H 447 -51.21 44.27 40.58
N ALA H 448 -51.39 45.29 41.39
CA ALA H 448 -50.55 45.69 42.47
C ALA H 448 -51.51 45.43 43.65
N SER H 449 -50.93 45.34 44.87
CA SER H 449 -51.74 44.86 46.01
C SER H 449 -51.43 45.70 47.19
N ASP H 450 -52.56 46.02 48.01
CA ASP H 450 -52.53 46.83 49.20
C ASP H 450 -52.68 48.30 48.79
N PRO H 451 -53.84 48.94 48.41
CA PRO H 451 -54.09 50.31 48.04
C PRO H 451 -54.10 51.04 49.29
N VAL H 452 -54.69 50.43 50.37
CA VAL H 452 -54.65 50.83 51.75
C VAL H 452 -54.12 49.72 52.55
N VAL H 453 -55.06 48.75 52.97
CA VAL H 453 -54.68 47.60 53.72
C VAL H 453 -55.73 46.64 53.45
N LYS H 454 -55.45 45.34 53.70
CA LYS H 454 -56.32 44.22 53.45
C LYS H 454 -57.45 44.21 54.39
N THR H 455 -58.62 43.68 53.86
CA THR H 455 -59.89 43.74 54.59
C THR H 455 -60.56 42.46 54.20
N ASP H 456 -61.28 41.77 55.12
CA ASP H 456 -62.09 40.59 54.92
C ASP H 456 -62.96 40.74 53.68
N ARG H 457 -63.05 39.73 52.85
CA ARG H 457 -63.70 39.79 51.55
C ARG H 457 -65.23 40.13 51.65
N LEU H 458 -65.73 41.02 50.74
CA LEU H 458 -67.20 41.21 50.57
C LEU H 458 -67.22 41.95 49.23
N TRP H 459 -66.10 41.98 48.53
CA TRP H 459 -65.86 42.76 47.35
C TRP H 459 -65.70 44.14 47.89
N HIS H 460 -64.51 44.71 47.75
CA HIS H 460 -64.07 45.99 48.19
C HIS H 460 -62.87 46.31 47.34
N ASP H 461 -62.49 47.61 47.20
CA ASP H 461 -61.38 48.02 46.39
C ASP H 461 -60.13 47.45 46.97
N LYS H 462 -59.54 46.48 46.28
CA LYS H 462 -58.27 45.88 46.62
C LYS H 462 -57.35 45.72 45.37
N TYR H 463 -57.89 45.64 44.10
CA TYR H 463 -57.03 45.42 42.97
C TYR H 463 -57.56 46.45 41.88
N SER H 464 -56.71 46.77 40.91
CA SER H 464 -57.06 47.74 39.92
C SER H 464 -56.17 47.40 38.75
N LEU H 465 -56.53 47.89 37.54
CA LEU H 465 -55.91 47.50 36.32
C LEU H 465 -54.49 48.00 36.12
N ARG H 466 -54.07 49.13 36.70
CA ARG H 466 -52.71 49.50 36.80
C ARG H 466 -52.07 49.70 35.42
N LYS H 467 -52.82 50.45 34.57
CA LYS H 467 -52.51 50.76 33.17
C LYS H 467 -51.24 51.66 33.16
N SER H 468 -50.23 51.33 32.32
CA SER H 468 -48.86 51.84 32.31
C SER H 468 -47.88 50.66 32.42
N MET H 469 -48.43 49.42 32.51
CA MET H 469 -47.69 48.21 32.50
C MET H 469 -48.67 47.14 32.13
N ILE H 470 -49.94 47.45 31.69
CA ILE H 470 -50.82 46.51 31.21
C ILE H 470 -50.23 45.76 29.98
N PRO H 471 -50.15 44.37 29.90
CA PRO H 471 -49.98 43.72 28.61
C PRO H 471 -51.11 43.98 27.65
N SER H 472 -50.73 44.35 26.39
CA SER H 472 -51.66 44.74 25.42
C SER H 472 -52.43 43.63 24.77
N PHE H 473 -52.10 42.39 25.14
CA PHE H 473 -52.74 41.13 24.72
C PHE H 473 -54.24 41.10 24.99
N MET H 474 -54.65 41.74 26.17
CA MET H 474 -55.95 41.98 26.56
C MET H 474 -56.35 43.41 26.16
N THR H 475 -57.65 43.58 25.75
CA THR H 475 -58.34 44.87 25.54
C THR H 475 -58.85 45.37 26.90
N MET H 476 -59.27 46.62 26.96
CA MET H 476 -59.39 47.26 28.21
C MET H 476 -60.56 46.77 29.03
N ASP H 477 -61.72 46.41 28.37
CA ASP H 477 -62.92 45.84 28.99
C ASP H 477 -62.69 44.32 29.37
N GLN H 478 -61.67 43.66 28.72
CA GLN H 478 -61.37 42.28 29.04
C GLN H 478 -60.45 42.24 30.21
N SER H 479 -59.57 43.27 30.49
CA SER H 479 -58.72 43.39 31.69
C SER H 479 -59.52 43.71 32.90
N ARG H 480 -60.61 44.51 32.78
CA ARG H 480 -61.61 44.76 33.77
C ARG H 480 -62.48 43.59 34.01
N LYS H 481 -62.71 42.63 33.00
CA LYS H 481 -63.46 41.41 33.17
C LYS H 481 -62.71 40.47 34.09
N VAL H 482 -61.32 40.23 33.86
CA VAL H 482 -60.56 39.32 34.62
C VAL H 482 -60.22 39.78 35.96
N LEU H 483 -60.38 41.15 36.26
CA LEU H 483 -60.29 41.73 37.57
C LEU H 483 -61.49 41.27 38.39
N LEU H 484 -62.77 41.26 37.92
CA LEU H 484 -64.02 40.89 38.58
C LEU H 484 -64.07 39.48 38.89
N ILE H 485 -63.43 38.65 38.00
CA ILE H 485 -63.28 37.24 38.19
C ILE H 485 -62.34 36.88 39.33
N GLY H 486 -61.24 37.63 39.46
CA GLY H 486 -60.22 37.39 40.45
C GLY H 486 -60.64 37.86 41.87
N LYS H 487 -61.59 38.88 42.03
CA LYS H 487 -62.09 39.31 43.30
C LYS H 487 -63.24 38.42 43.79
N SER H 488 -63.92 37.81 42.78
CA SER H 488 -65.11 37.06 43.12
C SER H 488 -64.83 35.71 43.73
N ILE H 489 -63.67 35.11 43.32
CA ILE H 489 -63.13 33.85 43.85
C ILE H 489 -62.53 34.05 45.19
N ASN H 490 -62.06 35.29 45.42
CA ASN H 490 -61.27 35.57 46.54
C ASN H 490 -62.17 35.50 47.78
N ASP H 524 -52.39 33.76 15.63
CA ASP H 524 -52.41 34.63 16.91
C ASP H 524 -52.85 33.72 18.04
N LEU H 525 -52.14 33.84 19.20
CA LEU H 525 -52.41 33.31 20.50
C LEU H 525 -52.66 34.53 21.45
N GLU H 526 -52.86 35.80 20.94
CA GLU H 526 -53.31 36.94 21.69
C GLU H 526 -54.85 36.92 21.81
N ASN H 527 -55.56 36.18 20.87
CA ASN H 527 -56.94 36.17 20.73
C ASN H 527 -57.49 34.96 21.33
N ALA H 528 -56.65 34.04 21.81
CA ALA H 528 -57.14 32.92 22.62
C ALA H 528 -57.29 33.27 24.03
N PHE H 529 -56.73 34.38 24.47
CA PHE H 529 -56.88 34.84 25.78
C PHE H 529 -58.22 35.36 26.21
N GLN H 530 -58.97 36.08 25.28
CA GLN H 530 -60.24 36.66 25.61
C GLN H 530 -61.28 35.58 25.55
N THR H 531 -61.05 34.29 25.08
CA THR H 531 -62.14 33.35 24.89
C THR H 531 -62.44 32.69 26.19
N LYS H 532 -61.40 32.22 26.92
CA LYS H 532 -61.48 31.34 28.08
C LYS H 532 -61.66 32.15 29.42
N ILE H 533 -61.53 33.49 29.34
CA ILE H 533 -61.91 34.32 30.50
C ILE H 533 -63.46 34.37 30.47
N ASP H 534 -64.12 34.31 29.28
CA ASP H 534 -65.61 34.19 29.19
C ASP H 534 -66.15 32.88 29.75
N ALA H 535 -65.46 31.77 29.48
CA ALA H 535 -65.68 30.44 30.14
C ALA H 535 -65.23 30.41 31.59
N ALA H 536 -64.49 31.42 32.12
CA ALA H 536 -64.05 31.42 33.52
C ALA H 536 -65.07 32.10 34.37
N TYR H 537 -65.74 33.05 33.70
CA TYR H 537 -66.63 34.02 34.32
C TYR H 537 -67.84 33.28 34.85
N PHE H 538 -68.27 32.20 34.15
CA PHE H 538 -69.44 31.36 34.49
C PHE H 538 -69.09 30.42 35.70
N ASP H 539 -67.81 30.01 35.88
CA ASP H 539 -67.42 29.07 36.90
C ASP H 539 -67.18 29.77 38.16
N THR H 540 -66.70 31.03 38.17
CA THR H 540 -66.43 31.85 39.31
C THR H 540 -67.72 32.38 40.00
N SER H 541 -68.88 32.49 39.26
CA SER H 541 -70.18 33.06 39.69
C SER H 541 -70.93 32.03 40.49
N LYS H 542 -70.62 30.72 40.30
CA LYS H 542 -71.14 29.70 41.15
C LYS H 542 -70.55 29.84 42.53
N TYR H 543 -69.20 30.23 42.55
CA TYR H 543 -68.49 30.52 43.78
C TYR H 543 -69.06 31.74 44.44
N LEU H 544 -69.52 32.76 43.68
CA LEU H 544 -70.03 33.99 44.23
C LEU H 544 -71.38 33.83 44.86
N LEU H 545 -72.10 32.82 44.35
CA LEU H 545 -73.41 32.36 44.82
C LEU H 545 -73.30 31.47 46.06
N ASP H 546 -72.05 31.07 46.34
CA ASP H 546 -71.85 30.35 47.54
C ASP H 546 -71.58 31.30 48.71
N VAL H 547 -71.28 32.56 48.38
CA VAL H 547 -70.92 33.54 49.42
C VAL H 547 -72.22 33.99 50.03
N LEU H 548 -73.38 33.97 49.25
CA LEU H 548 -74.70 34.39 49.72
C LEU H 548 -75.22 33.40 50.78
N ASN H 549 -74.81 32.08 50.65
CA ASN H 549 -75.19 31.05 51.44
C ASN H 549 -74.57 31.08 52.78
N LYS H 550 -73.37 31.74 52.88
CA LYS H 550 -72.70 31.94 54.16
C LYS H 550 -73.26 33.00 55.00
N ASN H 551 -73.97 34.05 54.41
CA ASN H 551 -74.53 35.21 55.06
C ASN H 551 -75.99 34.86 55.27
N MET I 1 -6.22 22.02 21.28
CA MET I 1 -6.95 22.80 22.26
C MET I 1 -8.19 22.12 22.70
N ILE I 2 -8.71 21.24 21.78
CA ILE I 2 -9.97 20.57 21.92
C ILE I 2 -10.00 19.61 23.19
N HIS I 3 -8.97 18.78 23.47
CA HIS I 3 -9.15 17.76 24.53
C HIS I 3 -8.84 18.33 25.88
N GLU I 4 -8.05 19.43 25.97
CA GLU I 4 -7.66 20.18 27.14
C GLU I 4 -8.82 21.04 27.58
N LEU I 5 -9.87 21.34 26.69
CA LEU I 5 -10.99 22.18 26.96
C LEU I 5 -12.14 21.31 27.44
N LEU I 6 -12.22 19.99 26.94
CA LEU I 6 -13.20 19.01 27.38
C LEU I 6 -13.06 18.59 28.79
N LEU I 7 -11.79 18.42 29.27
CA LEU I 7 -11.46 18.02 30.60
C LEU I 7 -11.22 19.17 31.64
N ALA I 8 -10.93 20.40 31.16
CA ALA I 8 -10.88 21.60 32.01
C ALA I 8 -12.20 22.03 32.34
N LEU I 9 -13.24 21.62 31.55
CA LEU I 9 -14.60 21.92 31.84
C LEU I 9 -15.12 20.88 32.78
N SER I 10 -14.60 19.70 32.81
CA SER I 10 -14.92 18.66 33.81
C SER I 10 -14.26 18.92 35.18
N GLY I 11 -13.25 19.79 35.35
CA GLY I 11 -12.84 20.25 36.65
C GLY I 11 -11.41 19.73 36.81
N TYR I 12 -10.71 19.41 35.68
CA TYR I 12 -9.37 18.97 35.63
C TYR I 12 -8.49 19.95 34.84
N PRO I 13 -7.85 21.04 35.45
CA PRO I 13 -7.01 22.01 34.73
C PRO I 13 -5.87 21.55 33.84
N GLY I 14 -5.60 22.35 32.79
CA GLY I 14 -4.53 22.16 31.85
C GLY I 14 -3.31 22.87 32.38
N SER I 15 -2.56 23.48 31.48
CA SER I 15 -1.61 24.46 31.83
C SER I 15 -1.44 25.34 30.54
N ILE I 16 -2.26 25.15 29.53
CA ILE I 16 -2.69 26.02 28.47
C ILE I 16 -4.03 26.53 28.92
N PHE I 17 -4.64 25.82 29.89
CA PHE I 17 -5.76 26.24 30.73
C PHE I 17 -5.11 26.37 32.10
N THR I 18 -5.09 27.62 32.66
CA THR I 18 -4.46 28.01 33.88
C THR I 18 -5.48 28.53 34.84
N TRP I 19 -5.42 27.91 36.02
CA TRP I 19 -6.47 28.02 37.00
C TRP I 19 -5.91 28.97 38.02
N ASN I 20 -6.57 30.14 38.08
CA ASN I 20 -6.23 31.27 38.85
C ASN I 20 -7.06 31.35 40.09
N LYS I 21 -7.88 30.27 40.29
CA LYS I 21 -8.33 29.97 41.57
C LYS I 21 -9.26 31.02 42.10
N ARG I 22 -10.34 31.18 41.33
CA ARG I 22 -11.59 31.90 41.76
C ARG I 22 -11.30 33.38 42.18
N THR I 23 -10.23 33.98 41.53
CA THR I 23 -9.93 35.40 41.53
C THR I 23 -9.60 35.75 40.06
N GLY I 24 -10.30 36.69 39.58
CA GLY I 24 -10.26 37.01 38.18
C GLY I 24 -10.80 35.86 37.36
N LEU I 25 -10.53 36.14 36.05
CA LEU I 25 -11.11 35.50 34.90
C LEU I 25 -10.06 35.53 33.82
N GLN I 26 -8.93 34.81 34.06
CA GLN I 26 -7.98 34.48 32.95
C GLN I 26 -7.70 33.00 33.19
N VAL I 27 -8.28 32.28 32.25
CA VAL I 27 -8.51 30.90 32.44
C VAL I 27 -8.13 30.12 31.21
N SER I 28 -7.76 30.87 30.08
CA SER I 28 -7.03 30.24 29.00
C SER I 28 -5.94 31.22 28.65
N GLN I 29 -4.93 30.66 27.98
CA GLN I 29 -3.75 31.41 27.67
C GLN I 29 -3.96 32.18 26.40
N ASP I 30 -2.96 32.95 26.08
CA ASP I 30 -2.86 33.55 24.72
C ASP I 30 -2.02 32.54 23.93
N ILE I 31 -2.59 32.17 22.81
CA ILE I 31 -2.14 30.98 22.04
C ILE I 31 -1.65 31.55 20.73
N PRO I 32 -0.40 31.50 20.26
CA PRO I 32 0.12 32.06 18.96
C PRO I 32 -0.38 31.34 17.74
N PHE I 33 -0.62 30.02 17.78
CA PHE I 33 -0.88 29.22 16.57
C PHE I 33 -2.34 29.10 16.32
N LEU I 34 -3.24 29.48 17.26
CA LEU I 34 -4.59 29.83 16.91
C LEU I 34 -4.66 31.30 16.66
N HIS I 35 -5.83 31.76 16.02
CA HIS I 35 -6.00 33.15 15.66
C HIS I 35 -6.28 34.07 16.85
N PRO I 36 -6.13 35.38 16.73
CA PRO I 36 -6.46 36.34 17.75
C PRO I 36 -7.86 36.37 18.21
N GLY I 37 -8.81 35.93 17.31
CA GLY I 37 -10.12 35.73 17.55
C GLY I 37 -10.42 34.44 18.39
N GLU I 38 -9.67 33.31 18.15
CA GLU I 38 -9.92 32.07 18.71
C GLU I 38 -9.48 32.04 20.17
N THR I 39 -8.57 32.90 20.72
CA THR I 39 -8.12 32.87 22.11
C THR I 39 -9.11 33.70 22.90
N SER I 40 -9.76 34.76 22.33
CA SER I 40 -10.89 35.52 22.94
C SER I 40 -12.16 34.74 23.23
N VAL I 41 -12.59 33.81 22.36
CA VAL I 41 -13.81 32.99 22.57
C VAL I 41 -13.56 31.89 23.62
N LEU I 42 -12.25 31.51 23.73
CA LEU I 42 -11.82 30.46 24.65
C LEU I 42 -11.97 30.80 26.05
N ASN I 43 -11.87 32.17 26.30
CA ASN I 43 -12.01 32.56 27.72
C ASN I 43 -13.44 32.50 28.13
N ARG I 44 -14.40 32.68 27.20
CA ARG I 44 -15.88 32.64 27.42
C ARG I 44 -16.43 31.27 27.75
N LEU I 45 -15.71 30.22 27.18
CA LEU I 45 -16.12 28.83 27.38
C LEU I 45 -15.50 28.31 28.66
N CYS I 46 -14.43 28.94 29.09
CA CYS I 46 -13.88 28.75 30.36
C CYS I 46 -14.59 29.45 31.49
N LYS I 47 -15.43 30.56 31.32
CA LYS I 47 -16.09 31.12 32.54
C LYS I 47 -17.18 30.20 33.03
N LEU I 48 -17.66 29.28 32.13
CA LEU I 48 -18.68 28.33 32.37
C LEU I 48 -18.07 26.98 32.94
N GLY I 49 -16.74 26.88 33.09
CA GLY I 49 -15.97 25.83 33.73
C GLY I 49 -15.41 26.32 35.06
N THR I 50 -15.31 27.66 35.25
CA THR I 50 -14.96 28.35 36.48
C THR I 50 -16.09 28.38 37.45
N ASP I 51 -17.34 28.70 36.99
CA ASP I 51 -18.49 28.59 37.84
C ASP I 51 -18.95 27.19 38.07
N TYR I 52 -18.35 26.20 37.36
CA TYR I 52 -18.64 24.82 37.50
C TYR I 52 -17.82 24.29 38.64
N ILE I 53 -16.65 24.89 38.93
CA ILE I 53 -15.66 24.38 39.98
C ILE I 53 -15.83 25.17 41.26
N ARG I 54 -16.53 26.27 41.18
CA ARG I 54 -17.20 26.91 42.31
C ARG I 54 -18.33 26.11 42.89
N PHE I 55 -18.80 25.02 42.23
CA PHE I 55 -19.93 24.23 42.66
C PHE I 55 -19.34 22.98 43.23
N THR I 56 -18.21 22.43 42.63
CA THR I 56 -17.70 21.17 43.17
C THR I 56 -16.91 21.40 44.46
N GLU I 57 -16.41 22.62 44.72
CA GLU I 57 -15.81 23.09 45.93
C GLU I 57 -16.82 23.31 47.04
N PHE I 58 -18.05 23.65 46.75
CA PHE I 58 -19.09 23.86 47.71
C PHE I 58 -19.72 22.59 48.21
N ILE I 59 -19.53 21.46 47.49
CA ILE I 59 -20.00 20.19 48.00
C ILE I 59 -19.11 19.62 49.11
N GLU I 60 -17.80 19.57 48.91
CA GLU I 60 -16.82 19.04 49.84
C GLU I 60 -16.69 19.82 51.08
N GLN I 61 -16.99 21.10 50.94
CA GLN I 61 -16.99 22.07 52.04
C GLN I 61 -18.13 21.83 52.99
N TYR I 62 -19.27 21.39 52.37
CA TYR I 62 -20.49 21.16 53.12
C TYR I 62 -20.87 19.73 53.07
N THR I 63 -19.86 18.91 53.25
CA THR I 63 -19.89 17.45 53.29
C THR I 63 -18.60 17.20 54.07
N GLY I 64 -18.69 17.33 55.43
CA GLY I 64 -17.57 17.15 56.41
C GLY I 64 -17.91 16.08 57.46
N LEU I 81 -23.73 28.08 58.67
CA LEU I 81 -23.05 27.09 59.65
C LEU I 81 -22.33 25.96 58.98
N HIS I 82 -23.03 24.83 58.88
CA HIS I 82 -22.74 23.54 58.29
C HIS I 82 -23.87 22.56 58.71
N GLY I 83 -25.11 23.05 58.47
CA GLY I 83 -26.30 22.32 58.72
C GLY I 83 -26.55 21.19 57.72
N ILE I 84 -27.58 20.43 58.04
CA ILE I 84 -27.87 19.24 57.26
C ILE I 84 -28.79 19.48 56.05
N TYR I 85 -29.30 20.74 55.93
CA TYR I 85 -30.08 21.24 54.73
C TYR I 85 -29.11 21.92 53.88
N LEU I 86 -27.89 22.17 54.34
CA LEU I 86 -26.90 22.84 53.60
C LEU I 86 -26.35 21.80 52.70
N ARG I 87 -26.32 20.59 53.32
CA ARG I 87 -25.81 19.40 52.83
C ARG I 87 -26.79 18.57 52.06
N ALA I 88 -28.09 18.74 52.36
CA ALA I 88 -29.14 18.18 51.49
C ALA I 88 -29.19 18.97 50.23
N PHE I 89 -28.92 20.31 50.30
CA PHE I 89 -28.87 21.10 49.16
C PHE I 89 -27.70 20.91 48.27
N CYS I 90 -26.60 20.41 48.81
CA CYS I 90 -25.43 20.03 47.99
C CYS I 90 -25.56 18.80 47.15
N ARG I 91 -26.28 17.77 47.76
CA ARG I 91 -26.60 16.55 47.07
C ARG I 91 -27.86 16.76 46.25
N GLY I 92 -28.43 18.02 46.28
CA GLY I 92 -29.48 18.44 45.33
C GLY I 92 -28.75 18.97 44.08
N LEU I 93 -27.62 19.58 44.48
CA LEU I 93 -26.93 20.51 43.53
C LEU I 93 -26.08 19.80 42.56
N ASP I 94 -25.68 18.56 42.85
CA ASP I 94 -24.82 17.67 42.07
C ASP I 94 -25.63 17.06 40.99
N SER I 95 -27.00 17.15 41.05
CA SER I 95 -27.90 16.54 40.08
C SER I 95 -28.34 17.56 39.01
N ILE I 96 -27.85 18.82 39.08
CA ILE I 96 -28.09 19.88 38.11
C ILE I 96 -26.86 19.81 37.21
N LEU I 97 -25.78 19.26 37.71
CA LEU I 97 -24.55 19.18 36.97
C LEU I 97 -24.46 17.80 36.29
N GLN I 98 -25.50 17.01 36.52
CA GLN I 98 -25.61 15.72 35.86
C GLN I 98 -25.93 15.72 34.38
N PRO I 99 -26.76 16.60 33.83
CA PRO I 99 -26.75 16.78 32.39
C PRO I 99 -25.55 17.56 31.87
N TYR I 100 -24.87 18.45 32.65
CA TYR I 100 -23.61 19.12 32.29
C TYR I 100 -22.44 18.20 32.00
N ARG I 101 -22.20 17.25 32.97
CA ARG I 101 -21.13 16.27 32.79
C ARG I 101 -21.41 15.21 31.79
N GLN I 102 -22.70 14.96 31.52
CA GLN I 102 -23.19 14.00 30.56
C GLN I 102 -23.03 14.62 29.17
N ALA I 103 -23.31 15.93 28.95
CA ALA I 103 -23.16 16.57 27.62
C ALA I 103 -21.69 16.79 27.24
N LEU I 104 -20.76 16.74 28.19
CA LEU I 104 -19.37 16.91 27.85
C LEU I 104 -18.80 15.66 27.29
N LEU I 105 -19.27 14.46 27.81
CA LEU I 105 -18.84 13.18 27.38
C LEU I 105 -19.56 12.75 26.10
N ASP I 106 -20.74 13.35 25.79
CA ASP I 106 -21.44 13.13 24.56
C ASP I 106 -20.71 13.94 23.53
N LEU I 107 -20.01 14.97 23.95
CA LEU I 107 -19.18 15.65 23.00
C LEU I 107 -17.90 15.03 22.63
N GLU I 108 -17.41 14.00 23.40
CA GLU I 108 -16.13 13.35 23.13
C GLU I 108 -16.14 12.58 21.77
N GLN I 109 -17.25 11.86 21.54
CA GLN I 109 -17.44 11.09 20.34
C GLN I 109 -17.67 11.83 19.06
N GLU I 110 -18.19 13.09 19.13
CA GLU I 110 -18.39 14.10 18.12
C GLU I 110 -17.02 14.58 17.58
N PHE I 111 -15.91 14.53 18.49
CA PHE I 111 -14.62 15.04 18.04
C PHE I 111 -13.71 13.96 17.57
N LEU I 112 -14.18 12.74 17.56
CA LEU I 112 -13.42 11.55 17.16
C LEU I 112 -13.98 11.17 15.79
N ALA I 113 -15.20 11.56 15.51
CA ALA I 113 -15.96 11.26 14.27
C ALA I 113 -15.26 11.97 13.08
N ASP I 114 -14.94 13.27 13.28
CA ASP I 114 -14.05 13.95 12.41
C ASP I 114 -13.25 14.92 13.32
N PRO I 115 -12.03 15.35 12.88
CA PRO I 115 -11.12 16.30 13.58
C PRO I 115 -11.38 17.62 12.90
N HIS I 116 -12.62 17.87 12.41
CA HIS I 116 -12.99 19.01 11.66
C HIS I 116 -13.86 19.92 12.53
N LEU I 117 -14.07 19.47 13.77
CA LEU I 117 -14.82 20.25 14.74
C LEU I 117 -13.81 21.00 15.57
N SER I 118 -14.12 22.28 15.79
CA SER I 118 -13.32 23.19 16.52
C SER I 118 -14.20 23.74 17.67
N ILE I 119 -13.83 24.95 18.24
CA ILE I 119 -14.49 25.45 19.46
C ILE I 119 -15.71 26.38 19.26
N SER I 120 -16.07 26.63 17.95
CA SER I 120 -17.30 27.25 17.58
C SER I 120 -18.52 26.26 17.59
N HIS I 121 -18.22 24.94 17.40
CA HIS I 121 -19.18 23.92 17.58
C HIS I 121 -19.49 23.80 19.09
N ILE I 122 -18.45 23.91 19.91
CA ILE I 122 -18.48 23.75 21.41
C ILE I 122 -19.30 24.92 21.96
N ASN I 123 -19.25 26.08 21.27
CA ASN I 123 -20.05 27.21 21.77
C ASN I 123 -21.54 26.91 21.71
N TYR I 124 -22.01 26.34 20.60
CA TYR I 124 -23.42 26.03 20.19
C TYR I 124 -24.08 25.04 21.13
N SER I 125 -23.29 24.05 21.42
CA SER I 125 -23.66 23.00 22.31
C SER I 125 -23.65 23.37 23.76
N LEU I 126 -22.84 24.39 24.24
CA LEU I 126 -22.59 24.55 25.64
C LEU I 126 -23.18 25.93 25.96
N ASP I 127 -24.28 26.29 25.32
CA ASP I 127 -25.08 27.42 25.71
C ASP I 127 -26.47 27.00 26.20
N GLN I 128 -26.71 25.75 26.52
CA GLN I 128 -27.90 25.29 27.19
C GLN I 128 -27.48 25.36 28.69
N PHE I 129 -26.13 25.69 28.89
CA PHE I 129 -25.57 25.81 30.13
C PHE I 129 -25.24 27.26 30.56
N HIS I 130 -25.57 28.24 29.73
CA HIS I 130 -25.24 29.66 29.97
C HIS I 130 -26.51 30.35 30.34
N LEU I 131 -27.55 29.55 30.54
CA LEU I 131 -28.87 29.90 30.88
C LEU I 131 -29.26 29.20 32.21
N LEU I 132 -28.16 28.56 32.80
CA LEU I 132 -28.26 27.77 34.03
C LEU I 132 -27.26 28.09 35.09
N PHE I 133 -25.98 28.23 34.74
CA PHE I 133 -24.88 28.36 35.60
C PHE I 133 -24.66 29.71 36.19
N PRO I 134 -24.82 30.91 35.58
CA PRO I 134 -24.68 32.16 36.34
C PRO I 134 -25.76 32.36 37.36
N SER I 135 -26.98 31.92 37.10
CA SER I 135 -28.13 32.00 37.87
C SER I 135 -28.08 31.13 39.07
N ILE I 136 -27.23 30.11 39.09
CA ILE I 136 -27.09 29.18 40.25
C ILE I 136 -25.90 29.56 41.03
N MET I 137 -24.99 30.40 40.49
CA MET I 137 -23.83 31.03 41.12
C MET I 137 -24.27 31.96 42.18
N VAL I 138 -25.38 32.70 41.82
CA VAL I 138 -26.08 33.64 42.73
C VAL I 138 -26.81 32.93 43.84
N VAL I 139 -27.21 31.65 43.65
CA VAL I 139 -27.86 30.85 44.76
C VAL I 139 -26.90 30.52 45.84
N VAL I 140 -25.70 30.08 45.44
CA VAL I 140 -24.58 29.61 46.25
C VAL I 140 -23.77 30.65 46.93
N GLU I 141 -23.85 31.88 46.33
CA GLU I 141 -23.20 33.10 46.79
C GLU I 141 -23.87 33.78 47.94
N GLN I 142 -25.23 33.88 47.91
CA GLN I 142 -26.09 34.48 48.91
C GLN I 142 -26.04 33.52 50.03
N ILE I 143 -25.77 32.19 49.79
CA ILE I 143 -25.59 31.13 50.81
C ILE I 143 -24.31 31.44 51.60
N LYS I 144 -23.17 31.73 50.91
CA LYS I 144 -21.90 31.78 51.64
C LYS I 144 -21.46 33.08 52.22
N SER I 145 -22.16 34.15 51.84
CA SER I 145 -21.95 35.46 52.30
C SER I 145 -22.87 35.89 53.41
N GLN I 146 -24.02 35.22 53.58
CA GLN I 146 -24.86 35.28 54.80
C GLN I 146 -24.73 34.15 55.79
N LYS I 147 -24.08 33.04 55.41
CA LYS I 147 -23.84 31.86 56.25
C LYS I 147 -25.18 31.22 56.65
N ILE I 148 -26.11 31.17 55.71
CA ILE I 148 -27.43 30.61 55.92
C ILE I 148 -27.39 29.08 56.09
N HIS I 149 -28.34 28.52 56.87
CA HIS I 149 -28.47 27.08 57.22
C HIS I 149 -29.91 26.76 57.49
N GLY I 150 -30.26 25.48 57.68
CA GLY I 150 -31.61 25.14 58.05
C GLY I 150 -32.57 25.12 56.84
N CYS I 151 -33.87 25.21 57.20
CA CYS I 151 -34.97 25.30 56.29
C CYS I 151 -34.97 26.56 55.48
N GLN I 152 -34.09 27.54 55.80
CA GLN I 152 -33.99 28.82 55.04
C GLN I 152 -33.06 28.73 53.94
N ILE I 153 -32.40 27.57 53.61
CA ILE I 153 -31.85 27.16 52.38
C ILE I 153 -32.91 26.90 51.37
N LEU I 154 -34.03 26.33 51.84
CA LEU I 154 -35.14 26.03 50.95
C LEU I 154 -35.85 27.29 50.58
N GLU I 155 -35.72 28.28 51.45
CA GLU I 155 -36.45 29.51 51.35
C GLU I 155 -35.60 30.43 50.40
N THR I 156 -34.20 30.26 50.39
CA THR I 156 -33.33 30.94 49.40
C THR I 156 -33.71 30.42 48.01
N VAL I 157 -33.87 29.10 47.90
CA VAL I 157 -33.97 28.42 46.56
C VAL I 157 -35.31 28.67 45.96
N TYR I 158 -36.29 28.88 46.84
CA TYR I 158 -37.65 29.19 46.55
C TYR I 158 -37.90 30.66 46.04
N LYS I 159 -37.13 31.60 46.62
CA LYS I 159 -37.04 32.99 46.22
C LYS I 159 -36.10 33.27 45.08
N HIS I 160 -35.29 32.26 44.72
CA HIS I 160 -34.50 32.37 43.53
C HIS I 160 -35.24 31.85 42.33
N SER I 161 -36.14 30.86 42.51
CA SER I 161 -37.05 30.41 41.47
C SER I 161 -38.24 31.30 41.42
N CYS I 162 -38.34 32.26 42.34
CA CYS I 162 -39.26 33.33 42.12
C CYS I 162 -38.90 34.21 40.88
N GLY I 163 -37.69 34.15 40.41
CA GLY I 163 -37.15 34.70 39.18
C GLY I 163 -37.66 33.88 38.03
N GLY I 164 -37.49 34.43 36.80
CA GLY I 164 -37.79 33.83 35.53
C GLY I 164 -36.91 32.78 35.08
N LEU I 165 -36.75 32.75 33.75
CA LEU I 165 -35.99 31.83 32.87
C LEU I 165 -36.54 30.33 32.98
N PRO I 166 -37.13 29.71 31.98
CA PRO I 166 -37.55 28.37 32.01
C PRO I 166 -36.48 27.27 32.32
N PRO I 167 -35.16 27.29 31.99
CA PRO I 167 -34.19 26.31 32.41
C PRO I 167 -33.92 26.45 33.94
N VAL I 168 -33.95 27.65 34.52
CA VAL I 168 -33.53 27.84 35.93
C VAL I 168 -34.71 27.50 36.84
N ARG I 169 -35.97 27.69 36.35
CA ARG I 169 -37.17 27.26 37.01
C ARG I 169 -37.47 25.87 37.03
N SER I 170 -37.04 25.02 36.09
CA SER I 170 -37.27 23.57 36.17
C SER I 170 -36.24 22.95 37.10
N ALA I 171 -34.93 23.51 36.99
CA ALA I 171 -33.87 22.99 37.70
C ALA I 171 -33.91 23.19 39.16
N LEU I 172 -34.26 24.44 39.69
CA LEU I 172 -34.26 24.79 41.11
C LEU I 172 -35.48 24.34 41.87
N GLU I 173 -36.45 23.76 41.16
CA GLU I 173 -37.52 23.06 41.84
C GLU I 173 -37.12 21.61 41.89
N LYS I 174 -36.32 21.05 40.99
CA LYS I 174 -35.73 19.79 41.23
C LYS I 174 -34.72 19.87 42.36
N THR I 175 -33.91 20.98 42.60
CA THR I 175 -32.94 21.04 43.65
C THR I 175 -33.64 21.19 44.95
N LEU I 176 -34.92 21.73 44.92
CA LEU I 176 -35.88 22.03 46.01
C LEU I 176 -36.48 20.77 46.41
N ALA I 177 -36.69 19.83 45.51
CA ALA I 177 -37.42 18.56 45.81
C ALA I 177 -36.62 17.58 46.54
N VAL I 178 -35.28 17.66 46.34
CA VAL I 178 -34.36 16.69 46.92
C VAL I 178 -34.21 17.09 48.37
N CYS I 179 -34.13 18.43 48.61
CA CYS I 179 -34.05 18.85 50.01
C CYS I 179 -35.38 18.97 50.68
N HIS I 180 -36.52 19.01 50.04
CA HIS I 180 -37.80 18.90 50.71
C HIS I 180 -38.02 17.48 51.11
N GLY I 181 -37.30 16.51 50.47
CA GLY I 181 -37.29 15.15 51.01
C GLY I 181 -36.61 15.03 52.35
N VAL I 182 -35.59 15.95 52.59
CA VAL I 182 -34.85 16.04 53.82
C VAL I 182 -35.64 16.63 54.92
N MET I 183 -36.62 17.51 54.57
CA MET I 183 -37.70 17.83 55.49
C MET I 183 -38.71 16.71 55.79
N TYR I 184 -39.11 15.89 54.81
CA TYR I 184 -40.12 14.84 54.88
C TYR I 184 -39.86 13.72 55.82
N LYS I 185 -38.60 13.37 55.98
CA LYS I 185 -38.08 12.49 57.01
C LYS I 185 -38.15 13.05 58.43
N GLN I 186 -38.03 14.45 58.52
CA GLN I 186 -38.06 15.07 59.83
C GLN I 186 -39.39 15.05 60.36
N LEU I 187 -40.33 15.60 59.54
CA LEU I 187 -41.73 15.78 59.95
C LEU I 187 -42.52 14.51 60.01
N SER I 188 -42.00 13.35 59.42
CA SER I 188 -42.63 12.02 59.59
C SER I 188 -42.22 11.32 60.82
N ALA I 189 -40.95 11.46 61.27
CA ALA I 189 -40.41 11.00 62.48
C ALA I 189 -40.87 11.80 63.67
N TRP I 190 -41.27 13.08 63.38
CA TRP I 190 -41.86 13.95 64.35
C TRP I 190 -43.28 13.58 64.73
N MET I 191 -44.01 12.89 63.83
CA MET I 191 -45.41 12.62 64.01
C MET I 191 -45.72 11.17 64.04
N LEU I 192 -44.66 10.33 64.33
CA LEU I 192 -44.70 8.90 64.54
C LEU I 192 -44.89 8.71 66.04
N HIS I 193 -43.82 8.56 66.79
CA HIS I 193 -43.93 8.39 68.27
C HIS I 193 -43.37 9.63 68.91
N GLY I 194 -43.00 10.63 68.11
CA GLY I 194 -42.48 11.92 68.59
C GLY I 194 -40.86 12.01 68.62
N LEU I 195 -40.24 11.43 67.58
CA LEU I 195 -38.75 11.46 67.43
C LEU I 195 -38.31 12.81 66.96
N LEU I 196 -37.31 13.42 67.55
CA LEU I 196 -36.86 14.61 67.02
C LEU I 196 -35.45 14.41 66.66
N LEU I 197 -35.16 14.59 65.31
CA LEU I 197 -33.86 14.50 64.78
C LEU I 197 -33.31 15.85 64.75
N ASP I 198 -32.20 16.08 65.53
CA ASP I 198 -31.38 17.30 65.33
C ASP I 198 -29.84 16.91 65.48
N GLN I 199 -29.06 17.11 64.34
CA GLN I 199 -27.68 16.66 64.33
C GLN I 199 -26.91 17.96 64.60
N TYR I 200 -27.54 19.11 64.26
CA TYR I 200 -26.95 20.48 64.50
C TYR I 200 -28.02 21.40 65.06
N GLU I 201 -29.35 21.09 65.06
CA GLU I 201 -30.51 21.74 65.44
C GLU I 201 -30.88 22.72 64.34
N GLU I 202 -31.58 22.18 63.31
CA GLU I 202 -31.76 22.88 62.05
C GLU I 202 -33.19 23.00 61.70
N PHE I 203 -34.05 22.10 62.26
CA PHE I 203 -35.37 21.94 61.81
C PHE I 203 -36.12 22.98 62.70
N PHE I 204 -37.35 23.37 62.23
CA PHE I 204 -38.19 24.37 62.78
C PHE I 204 -38.78 24.01 64.07
N VAL I 205 -39.01 22.66 64.30
CA VAL I 205 -39.44 22.18 65.59
C VAL I 205 -38.30 22.40 66.57
N ARG I 206 -38.51 23.11 67.69
CA ARG I 206 -37.43 23.45 68.53
C ARG I 206 -37.73 22.66 69.77
N GLN I 207 -36.67 22.38 70.51
CA GLN I 207 -36.77 21.74 71.77
C GLN I 207 -35.84 22.53 72.59
N GLY I 208 -36.35 23.19 73.69
CA GLY I 208 -35.52 24.09 74.45
C GLY I 208 -35.64 25.49 73.73
N SER I 253 -45.04 14.29 82.02
CA SER I 253 -44.74 15.56 81.30
C SER I 253 -45.31 15.38 79.95
N LEU I 254 -44.46 15.68 79.03
CA LEU I 254 -44.81 16.11 77.71
C LEU I 254 -43.57 16.68 77.15
N LYS I 255 -42.65 17.24 78.00
CA LYS I 255 -41.40 17.85 77.61
C LYS I 255 -41.64 19.16 76.96
N GLN I 256 -40.56 19.82 76.39
CA GLN I 256 -40.66 21.16 75.88
C GLN I 256 -40.49 21.09 74.41
N PHE I 257 -41.28 21.86 73.65
CA PHE I 257 -41.22 21.98 72.29
C PHE I 257 -41.70 23.43 72.08
N SER I 258 -41.23 24.08 70.98
CA SER I 258 -41.45 25.47 70.72
C SER I 258 -41.12 25.61 69.23
N LEU I 259 -41.32 26.79 68.58
CA LEU I 259 -41.16 26.89 67.19
C LEU I 259 -40.36 28.10 67.04
N ARG I 260 -39.39 28.10 66.11
CA ARG I 260 -38.61 29.27 65.72
C ARG I 260 -39.20 29.89 64.47
N ALA I 261 -39.47 31.19 64.47
CA ALA I 261 -40.10 32.01 63.47
C ALA I 261 -39.03 32.59 62.56
N GLU I 262 -37.77 32.15 62.84
CA GLU I 262 -36.54 32.67 62.26
C GLU I 262 -35.82 31.54 61.56
N MET I 263 -36.61 30.46 61.28
CA MET I 263 -36.03 29.36 60.47
C MET I 263 -37.26 28.79 59.82
N LEU I 264 -38.26 29.61 59.60
CA LEU I 264 -39.47 29.12 59.01
C LEU I 264 -39.75 29.74 57.60
N PRO I 265 -40.01 28.89 56.57
CA PRO I 265 -40.29 29.39 55.26
C PRO I 265 -41.41 30.44 55.20
N SER I 266 -41.58 30.96 53.91
CA SER I 266 -42.64 31.87 53.54
C SER I 266 -43.67 31.15 52.69
N TYR I 267 -43.39 29.86 52.36
CA TYR I 267 -44.29 28.95 51.70
C TYR I 267 -44.85 28.00 52.69
N ILE I 268 -44.41 28.11 53.99
CA ILE I 268 -45.07 27.52 55.10
C ILE I 268 -45.42 28.76 55.91
N PRO I 269 -46.74 29.11 55.91
CA PRO I 269 -47.39 29.98 56.84
C PRO I 269 -47.23 29.66 58.29
N VAL I 270 -47.69 30.61 59.17
CA VAL I 270 -47.56 30.33 60.62
C VAL I 270 -48.60 29.32 61.06
N ARG I 271 -49.70 29.44 60.33
CA ARG I 271 -50.89 28.72 60.65
C ARG I 271 -50.82 27.35 60.12
N VAL I 272 -49.77 27.00 59.31
CA VAL I 272 -49.58 25.68 58.77
C VAL I 272 -48.68 24.92 59.67
N ALA I 273 -47.80 25.60 60.41
CA ALA I 273 -46.72 25.08 61.23
C ALA I 273 -47.18 24.40 62.48
N GLU I 274 -48.33 24.90 62.92
CA GLU I 274 -48.99 24.58 64.15
C GLU I 274 -49.90 23.37 63.91
N LYS I 275 -50.17 22.93 62.67
CA LYS I 275 -50.75 21.60 62.51
C LYS I 275 -49.70 20.51 62.75
N ILE I 276 -48.41 20.80 62.46
CA ILE I 276 -47.38 19.82 62.61
C ILE I 276 -47.04 19.77 64.10
N LEU I 277 -47.09 20.91 64.85
CA LEU I 277 -46.70 21.02 66.27
C LEU I 277 -47.60 20.15 67.18
N PHE I 278 -48.92 20.34 67.04
CA PHE I 278 -49.88 19.84 68.01
C PHE I 278 -50.05 18.35 67.95
N VAL I 279 -49.92 17.77 66.77
CA VAL I 279 -49.98 16.33 66.47
C VAL I 279 -48.73 15.76 67.06
N GLY I 280 -47.59 16.46 66.91
CA GLY I 280 -46.34 15.90 67.28
C GLY I 280 -45.98 15.81 68.71
N GLU I 281 -46.58 16.73 69.43
CA GLU I 281 -46.64 16.89 70.88
C GLU I 281 -47.60 15.79 71.44
N SER I 282 -48.69 15.38 70.70
CA SER I 282 -49.58 14.39 71.30
C SER I 282 -48.97 12.98 71.41
N VAL I 283 -48.09 12.74 70.39
CA VAL I 283 -47.46 11.42 70.31
C VAL I 283 -46.28 11.25 71.21
N GLN I 284 -45.73 12.38 71.55
CA GLN I 284 -44.62 12.58 72.43
C GLN I 284 -45.02 12.37 73.84
N MET I 285 -46.23 12.67 74.22
CA MET I 285 -46.62 12.61 75.59
C MET I 285 -46.99 11.19 75.95
N PHE I 286 -47.32 10.37 74.95
CA PHE I 286 -47.52 8.93 75.14
C PHE I 286 -46.17 8.23 75.09
N GLU I 287 -45.08 8.87 74.65
CA GLU I 287 -43.75 8.24 74.59
C GLU I 287 -43.12 8.15 75.94
N ASN I 288 -43.52 9.06 76.87
CA ASN I 288 -43.37 9.04 78.32
C ASN I 288 -44.34 8.07 78.94
N GLN I 289 -45.65 8.21 78.74
CA GLN I 289 -46.61 7.61 79.57
C GLN I 289 -46.86 6.10 79.29
N ASN I 290 -47.40 5.73 78.09
CA ASN I 290 -47.75 4.37 77.80
C ASN I 290 -48.25 4.44 76.40
N VAL I 291 -47.86 3.45 75.63
CA VAL I 291 -47.94 3.40 74.15
C VAL I 291 -48.92 2.36 73.81
N ASN I 292 -49.75 1.90 74.78
CA ASN I 292 -50.99 1.09 74.50
C ASN I 292 -52.13 2.09 74.49
N MET I 293 -51.86 3.37 74.77
CA MET I 293 -52.84 4.41 74.80
C MET I 293 -52.51 5.30 73.63
N SER I 294 -51.60 4.86 72.72
CA SER I 294 -51.01 5.69 71.68
C SER I 294 -52.10 6.02 70.63
N ARG I 295 -52.26 7.32 70.33
CA ARG I 295 -53.27 7.71 69.40
C ARG I 295 -53.05 7.19 68.03
N THR I 296 -51.79 7.05 67.63
CA THR I 296 -51.35 6.61 66.40
C THR I 296 -51.12 5.11 66.46
N GLY I 297 -51.28 4.55 67.61
CA GLY I 297 -51.04 3.17 68.00
C GLY I 297 -49.57 2.82 67.77
N SER I 298 -49.32 1.55 67.47
CA SER I 298 -48.03 0.90 67.26
C SER I 298 -48.06 -0.60 67.29
N ILE I 299 -49.01 -1.10 68.14
CA ILE I 299 -49.42 -2.45 68.30
C ILE I 299 -50.85 -2.55 67.68
N LEU I 300 -51.69 -1.48 67.94
CA LEU I 300 -53.10 -1.58 67.83
C LEU I 300 -53.60 -0.80 66.65
N LYS I 301 -52.65 -0.21 65.88
CA LYS I 301 -52.96 0.55 64.66
C LYS I 301 -51.80 0.26 63.69
N ASN I 302 -52.26 0.11 62.40
CA ASN I 302 -51.31 -0.02 61.27
C ASN I 302 -51.52 1.25 60.43
N GLN I 303 -51.93 2.37 61.10
CA GLN I 303 -52.10 3.60 60.46
C GLN I 303 -50.75 4.25 60.13
N GLU I 304 -49.71 3.73 60.83
CA GLU I 304 -48.35 4.26 60.62
C GLU I 304 -47.77 3.83 59.38
N ASP I 305 -48.28 2.70 58.82
CA ASP I 305 -47.90 2.11 57.54
C ASP I 305 -48.62 2.87 56.43
N THR I 306 -49.85 3.38 56.73
CA THR I 306 -50.58 4.15 55.78
C THR I 306 -49.93 5.48 55.65
N PHE I 307 -49.49 6.03 56.78
CA PHE I 307 -48.77 7.25 56.88
C PHE I 307 -47.44 7.19 56.14
N ALA I 308 -46.72 6.02 56.17
CA ALA I 308 -45.43 5.82 55.45
C ALA I 308 -45.60 5.85 53.97
N ALA I 309 -46.62 5.09 53.49
CA ALA I 309 -46.97 4.96 52.09
C ALA I 309 -47.40 6.29 51.49
N GLU I 310 -48.17 7.08 52.28
CA GLU I 310 -48.67 8.40 51.94
C GLU I 310 -47.56 9.39 51.79
N LEU I 311 -46.51 9.27 52.63
CA LEU I 311 -45.33 10.08 52.67
C LEU I 311 -44.46 9.84 51.49
N HIS I 312 -44.25 8.54 51.13
CA HIS I 312 -43.45 8.06 50.02
C HIS I 312 -43.98 8.46 48.67
N ARG I 313 -45.34 8.45 48.54
CA ARG I 313 -46.15 8.80 47.41
C ARG I 313 -45.89 10.24 47.09
N LEU I 314 -45.74 11.07 48.17
CA LEU I 314 -45.67 12.43 47.99
C LEU I 314 -44.28 12.90 48.14
N LYS I 315 -43.31 12.02 48.42
CA LYS I 315 -41.95 12.30 48.78
C LYS I 315 -41.38 13.08 47.70
N GLN I 316 -41.65 12.64 46.41
CA GLN I 316 -41.18 13.37 45.21
C GLN I 316 -42.45 14.13 44.73
N GLN I 317 -42.19 15.17 43.86
CA GLN I 317 -43.20 15.99 43.17
C GLN I 317 -42.40 16.30 41.93
N PRO I 318 -43.04 16.60 40.81
CA PRO I 318 -42.42 16.96 39.60
C PRO I 318 -41.67 18.25 39.82
N LEU I 319 -42.29 19.25 40.60
CA LEU I 319 -41.61 20.48 40.89
C LEU I 319 -41.74 20.60 42.43
N PHE I 320 -42.94 21.00 42.90
CA PHE I 320 -43.22 21.20 44.28
C PHE I 320 -44.68 21.48 44.30
N SER I 321 -45.43 20.61 45.02
CA SER I 321 -46.86 20.71 45.21
C SER I 321 -47.03 21.14 46.62
N LEU I 322 -47.84 22.24 46.85
CA LEU I 322 -48.06 22.95 48.07
C LEU I 322 -49.36 22.36 48.65
N VAL I 323 -50.30 22.05 47.71
CA VAL I 323 -51.57 21.55 48.07
C VAL I 323 -51.42 20.15 48.56
N ASP I 324 -50.51 19.32 48.03
CA ASP I 324 -50.33 17.93 48.49
C ASP I 324 -49.63 17.86 49.85
N PHE I 325 -48.84 18.85 50.22
CA PHE I 325 -48.08 18.83 51.44
C PHE I 325 -49.08 19.06 52.55
N GLU I 326 -50.02 19.93 52.31
CA GLU I 326 -50.91 20.43 53.39
C GLU I 326 -52.16 19.58 53.47
N SER I 327 -52.41 18.79 52.43
CA SER I 327 -53.50 17.80 52.43
C SER I 327 -53.27 16.72 53.37
N VAL I 328 -51.95 16.34 53.63
CA VAL I 328 -51.62 15.24 54.52
C VAL I 328 -51.33 15.74 55.92
N LEU I 329 -51.40 17.03 56.14
CA LEU I 329 -51.47 17.62 57.46
C LEU I 329 -52.84 17.61 58.10
N ASP I 330 -53.88 17.60 57.20
CA ASP I 330 -55.25 17.20 57.49
C ASP I 330 -55.42 15.80 57.92
N ARG I 331 -54.80 14.90 57.17
CA ARG I 331 -55.06 13.47 57.37
C ARG I 331 -54.39 12.97 58.65
N ILE I 332 -53.22 13.63 59.06
CA ILE I 332 -52.58 13.13 60.23
C ILE I 332 -53.09 13.69 61.48
N ARG I 333 -53.97 14.69 61.30
CA ARG I 333 -54.64 15.38 62.37
C ARG I 333 -56.08 14.89 62.54
N SER I 334 -56.44 13.77 61.82
CA SER I 334 -57.75 13.18 61.93
C SER I 334 -57.49 11.66 61.79
N THR I 335 -58.48 10.81 62.14
CA THR I 335 -58.55 9.38 61.93
C THR I 335 -57.96 8.57 63.06
N VAL I 336 -56.73 8.91 63.39
CA VAL I 336 -55.98 8.63 64.59
C VAL I 336 -56.27 9.62 65.74
N ALA I 337 -56.96 10.71 65.45
CA ALA I 337 -57.27 11.66 66.42
C ALA I 337 -58.62 11.26 67.11
N GLU I 338 -59.21 10.03 66.74
CA GLU I 338 -60.44 9.59 67.38
C GLU I 338 -60.14 8.65 68.53
N HIS I 339 -58.83 8.47 68.81
CA HIS I 339 -58.42 7.53 69.79
C HIS I 339 -58.26 8.25 71.07
N LEU I 340 -57.47 9.45 71.08
CA LEU I 340 -57.21 10.14 72.36
C LEU I 340 -58.39 10.99 72.75
N TRP I 341 -59.30 11.25 71.77
CA TRP I 341 -60.52 11.99 72.06
C TRP I 341 -61.44 11.23 72.89
N LYS I 342 -61.52 9.92 72.77
CA LYS I 342 -62.42 9.10 73.58
C LYS I 342 -61.77 8.71 74.96
N LEU I 343 -60.47 9.12 75.22
CA LEU I 343 -59.90 8.98 76.56
C LEU I 343 -60.40 10.13 77.40
N MET I 344 -60.21 11.45 76.92
CA MET I 344 -60.41 12.66 77.70
C MET I 344 -61.89 12.96 77.94
N VAL I 345 -62.78 12.26 77.16
CA VAL I 345 -64.22 12.20 77.24
C VAL I 345 -64.66 11.58 78.56
N GLU I 346 -64.03 10.45 78.88
CA GLU I 346 -64.36 9.55 79.84
C GLU I 346 -63.54 9.97 81.01
N GLU I 347 -62.53 10.74 80.77
CA GLU I 347 -61.69 11.24 81.84
C GLU I 347 -62.26 12.62 82.16
N ASP J 207 13.15 -15.47 15.25
CA ASP J 207 13.64 -15.29 16.71
C ASP J 207 12.55 -14.93 17.62
N ALA J 208 12.34 -15.58 18.82
CA ALA J 208 11.34 -15.44 19.80
C ALA J 208 11.14 -14.11 20.41
N ARG J 209 12.24 -13.33 20.59
CA ARG J 209 12.16 -12.01 21.19
C ARG J 209 11.32 -11.14 20.36
N SER J 210 11.55 -11.14 19.02
CA SER J 210 10.77 -10.35 18.10
C SER J 210 9.27 -10.69 17.99
N TRP J 211 8.95 -11.95 18.21
CA TRP J 211 7.59 -12.43 18.20
C TRP J 211 6.75 -11.82 19.36
N LEU J 212 7.35 -11.81 20.55
CA LEU J 212 6.78 -11.28 21.82
C LEU J 212 6.49 -9.80 21.69
N GLU J 213 7.46 -9.11 21.11
CA GLU J 213 7.41 -7.71 20.92
C GLU J 213 6.31 -7.17 20.03
N GLN J 214 5.80 -7.98 19.12
CA GLN J 214 4.65 -7.71 18.26
C GLN J 214 3.37 -8.18 18.87
N HIS J 215 3.36 -9.19 19.72
CA HIS J 215 2.03 -9.76 20.15
C HIS J 215 1.63 -9.25 21.52
N ILE J 216 2.55 -8.52 22.12
CA ILE J 216 2.43 -7.87 23.37
C ILE J 216 2.64 -6.41 23.12
N VAL J 217 1.95 -5.52 23.81
CA VAL J 217 2.21 -4.08 23.62
C VAL J 217 3.56 -3.67 24.13
N HIS J 218 4.24 -2.78 23.37
CA HIS J 218 5.60 -2.35 23.55
C HIS J 218 5.90 -1.69 24.93
N GLN J 219 7.03 -2.18 25.54
CA GLN J 219 7.40 -1.95 26.90
C GLN J 219 7.63 -0.50 27.19
N TYR J 220 7.29 -0.09 28.42
CA TYR J 220 7.19 1.28 28.96
C TYR J 220 7.40 1.24 30.44
N TRP J 221 8.17 0.24 30.92
CA TRP J 221 8.69 0.22 32.24
C TRP J 221 10.21 0.12 32.09
N THR J 222 10.65 -0.25 30.92
CA THR J 222 12.08 -0.36 30.50
C THR J 222 11.97 -0.01 29.04
N SER J 223 12.96 0.77 28.63
CA SER J 223 13.29 1.37 27.32
C SER J 223 14.29 0.53 26.49
N ARG J 224 13.67 -0.20 25.51
CA ARG J 224 14.30 -1.24 24.74
C ARG J 224 13.28 -1.83 23.78
N ALA J 225 12.13 -1.03 23.58
CA ALA J 225 10.99 -1.26 22.72
C ALA J 225 10.76 0.06 21.96
N PRO J 226 10.63 0.23 20.67
CA PRO J 226 10.29 1.46 19.99
C PRO J 226 8.81 1.84 20.25
N ARG J 227 8.42 3.12 19.84
CA ARG J 227 7.61 3.92 20.65
C ARG J 227 6.67 4.59 19.67
N PHE J 228 5.36 4.53 20.00
CA PHE J 228 4.36 5.24 19.29
C PHE J 228 3.81 6.35 20.03
N SER J 229 3.13 7.34 19.40
CA SER J 229 2.54 8.55 19.98
C SER J 229 2.17 9.24 18.70
N HIS J 230 1.51 8.49 17.78
CA HIS J 230 0.97 8.92 16.53
C HIS J 230 -0.49 8.56 16.42
N SER J 231 -1.35 9.45 15.82
CA SER J 231 -2.71 9.03 15.36
C SER J 231 -3.15 10.09 14.36
N SER J 232 -4.04 9.71 13.42
CA SER J 232 -4.27 10.51 12.23
C SER J 232 -5.14 11.71 12.46
N HIS J 233 -5.83 11.78 13.64
CA HIS J 233 -6.71 12.90 14.06
C HIS J 233 -5.81 14.13 14.28
N LEU J 234 -6.37 15.39 14.20
CA LEU J 234 -5.47 16.52 14.25
C LEU J 234 -5.27 17.00 15.64
N HIS J 235 -6.05 16.49 16.63
CA HIS J 235 -6.16 17.05 17.96
C HIS J 235 -5.61 15.99 18.86
N SER J 236 -4.73 15.01 18.32
CA SER J 236 -4.34 13.90 19.17
C SER J 236 -2.84 13.85 19.28
N ASN J 237 -2.24 14.82 18.57
CA ASN J 237 -0.79 14.97 18.51
C ASN J 237 -0.48 16.30 19.24
N LEU J 238 -1.40 16.64 20.16
CA LEU J 238 -1.50 17.92 20.87
C LEU J 238 -0.24 18.24 21.61
N SER J 239 0.37 17.21 22.22
CA SER J 239 1.62 17.36 22.96
C SER J 239 2.81 17.78 22.14
N ALA J 240 2.96 17.21 20.88
CA ALA J 240 4.06 17.55 20.06
C ALA J 240 4.01 19.06 19.72
N ILE J 241 2.78 19.59 19.44
CA ILE J 241 2.40 21.00 19.26
C ILE J 241 2.59 21.90 20.45
N TRP J 242 2.17 21.46 21.65
CA TRP J 242 2.33 22.15 22.92
C TRP J 242 3.81 22.31 23.22
N ASP J 243 4.71 21.23 23.07
CA ASP J 243 6.11 21.20 23.41
C ASP J 243 6.83 22.23 22.61
N GLN J 244 6.46 22.34 21.29
CA GLN J 244 7.07 23.13 20.30
C GLN J 244 6.93 24.59 20.58
N HIS J 245 5.73 24.92 21.03
CA HIS J 245 5.33 26.24 21.51
C HIS J 245 6.18 26.73 22.72
N LEU J 246 6.39 25.84 23.70
CA LEU J 246 7.11 26.15 24.90
C LEU J 246 8.60 26.39 24.55
N TYR J 247 9.07 25.54 23.63
CA TYR J 247 10.47 25.54 23.26
C TYR J 247 10.83 26.84 22.47
N THR J 248 9.87 27.47 21.80
CA THR J 248 10.21 28.71 21.08
C THR J 248 9.81 29.89 21.91
N THR J 249 8.82 29.86 22.79
CA THR J 249 8.32 31.09 23.47
C THR J 249 9.22 31.36 24.60
N ASP J 250 9.49 30.29 25.39
CA ASP J 250 10.22 30.44 26.63
C ASP J 250 11.69 30.34 26.17
N PRO J 251 12.62 31.27 26.47
CA PRO J 251 14.05 31.22 26.13
C PRO J 251 14.64 30.19 27.01
N LEU J 252 14.10 30.00 28.22
CA LEU J 252 14.58 29.11 29.17
C LEU J 252 13.50 28.12 29.31
N TYR J 253 13.59 27.04 28.47
CA TYR J 253 12.64 25.96 28.57
C TYR J 253 13.58 24.78 28.89
N THR J 254 13.19 23.88 29.83
CA THR J 254 13.87 22.62 30.09
C THR J 254 13.08 21.48 29.54
N PRO J 255 13.38 20.91 28.38
CA PRO J 255 12.71 19.77 27.85
C PRO J 255 13.06 18.63 28.79
N ASP J 256 12.02 18.06 29.48
CA ASP J 256 12.14 16.84 30.27
C ASP J 256 12.42 15.68 29.42
N ASP J 257 12.92 14.60 30.11
CA ASP J 257 13.18 13.26 29.60
C ASP J 257 11.86 12.63 30.01
N LYS J 258 11.00 12.22 29.00
CA LYS J 258 9.64 11.84 29.32
C LYS J 258 9.53 10.38 28.95
N THR J 259 8.86 9.63 29.86
CA THR J 259 8.54 8.26 29.60
C THR J 259 7.33 8.29 28.67
N ILE J 260 7.50 7.86 27.43
CA ILE J 260 6.43 7.97 26.38
C ILE J 260 5.43 6.84 26.76
N VAL J 261 4.21 7.15 27.02
CA VAL J 261 3.10 6.34 27.28
C VAL J 261 2.14 6.66 26.17
N THR J 262 1.51 5.75 25.37
CA THR J 262 0.97 4.38 25.56
C THR J 262 -0.42 4.70 26.03
N GLU J 263 -1.01 5.57 25.21
CA GLU J 263 -2.23 6.30 25.33
C GLU J 263 -3.40 5.50 25.75
N THR J 264 -4.09 5.99 26.84
CA THR J 264 -5.21 5.37 27.41
C THR J 264 -5.04 3.95 27.88
N GLN J 265 -3.87 3.70 28.50
CA GLN J 265 -3.45 2.55 29.22
C GLN J 265 -3.13 2.96 30.59
N VAL J 266 -3.38 4.32 30.86
CA VAL J 266 -3.26 4.97 32.13
C VAL J 266 -4.48 4.68 32.94
N ILE J 267 -5.60 4.35 32.26
CA ILE J 267 -6.79 3.92 32.90
C ILE J 267 -6.67 2.46 33.38
N ARG J 268 -5.74 1.56 32.85
CA ARG J 268 -5.46 0.26 33.35
C ARG J 268 -4.66 0.29 34.60
N GLU J 269 -3.84 1.37 34.83
CA GLU J 269 -3.06 1.57 35.97
C GLU J 269 -3.90 2.29 37.02
N THR J 270 -5.05 2.85 36.59
CA THR J 270 -5.96 3.41 37.56
C THR J 270 -6.75 2.23 38.15
N LEU J 271 -6.99 1.16 37.31
CA LEU J 271 -7.79 -0.06 37.73
C LEU J 271 -7.16 -0.92 38.75
N TRP J 272 -5.89 -1.24 38.49
CA TRP J 272 -5.03 -1.86 39.47
C TRP J 272 -4.88 -1.06 40.75
N LEU J 273 -4.53 0.26 40.64
CA LEU J 273 -4.25 1.10 41.76
C LEU J 273 -5.42 1.20 42.75
N LEU J 274 -6.66 1.30 42.26
CA LEU J 274 -7.79 1.51 43.16
C LEU J 274 -8.18 0.29 44.02
N SER J 275 -7.68 -0.94 43.78
CA SER J 275 -7.97 -2.09 44.58
C SER J 275 -7.18 -3.14 43.89
N GLY J 276 -6.29 -3.77 44.64
CA GLY J 276 -5.20 -4.62 44.07
C GLY J 276 -3.98 -4.10 44.67
N VAL J 277 -2.87 -4.27 43.95
CA VAL J 277 -1.54 -4.50 44.50
C VAL J 277 -0.86 -3.20 44.47
N LYS J 278 0.20 -3.03 45.24
CA LYS J 278 1.18 -2.00 45.06
C LYS J 278 1.71 -1.95 43.64
N LYS J 279 2.06 -0.69 43.26
CA LYS J 279 2.26 -0.31 41.91
C LYS J 279 3.69 0.01 42.03
N LEU J 280 4.53 -0.56 41.14
CA LEU J 280 5.95 -0.36 41.09
C LEU J 280 6.33 0.26 39.77
N LEU J 281 5.21 0.66 39.04
CA LEU J 281 5.38 1.42 37.80
C LEU J 281 5.32 2.85 38.15
N ILE J 282 4.65 3.21 39.24
CA ILE J 282 4.68 4.57 39.72
C ILE J 282 5.25 4.62 41.05
N PHE J 283 5.90 5.72 41.45
CA PHE J 283 6.52 5.92 42.72
C PHE J 283 5.58 6.01 43.78
N GLN J 284 5.70 5.32 44.96
CA GLN J 284 4.88 5.63 46.09
C GLN J 284 5.92 5.91 47.15
N LEU J 285 5.96 7.08 47.78
CA LEU J 285 6.96 7.42 48.75
C LEU J 285 6.74 6.51 49.94
N ASN J 286 5.50 6.23 50.35
CA ASN J 286 5.26 5.28 51.38
C ASN J 286 3.95 4.73 51.09
N ASP J 287 3.40 3.91 52.08
CA ASP J 287 2.22 3.05 51.77
C ASP J 287 0.92 3.76 52.08
N GLY J 288 1.04 5.06 52.25
CA GLY J 288 -0.02 6.00 52.66
C GLY J 288 0.19 7.28 51.93
N LYS J 289 0.89 7.22 50.77
CA LYS J 289 1.22 8.41 50.01
C LYS J 289 1.51 7.88 48.64
N VAL J 290 0.46 8.06 47.75
CA VAL J 290 0.49 7.58 46.36
C VAL J 290 0.52 8.84 45.48
N ASN J 291 1.49 8.79 44.56
CA ASN J 291 1.67 9.91 43.66
C ASN J 291 2.33 9.51 42.51
N VAL J 292 2.28 10.39 41.51
CA VAL J 292 2.24 10.01 40.16
C VAL J 292 3.48 10.68 39.59
N ARG J 293 4.33 9.96 38.84
CA ARG J 293 5.65 10.39 38.40
C ARG J 293 5.54 11.50 37.41
N ASN J 294 6.52 12.35 37.27
CA ASN J 294 6.45 13.68 36.59
C ASN J 294 7.13 13.48 35.28
N ASP J 295 6.67 12.51 34.48
CA ASP J 295 7.29 12.19 33.20
C ASP J 295 6.35 11.46 32.33
N ILE J 296 5.11 11.18 32.90
CA ILE J 296 4.05 10.54 32.24
C ILE J 296 3.39 11.60 31.33
N ILE J 297 3.32 11.24 30.01
CA ILE J 297 2.70 12.07 29.00
C ILE J 297 1.84 11.13 28.28
N VAL J 298 0.67 11.68 27.77
CA VAL J 298 -0.23 10.99 26.83
C VAL J 298 -0.28 12.03 25.78
N THR J 299 -0.23 11.61 24.50
CA THR J 299 0.01 12.49 23.38
C THR J 299 -1.14 13.44 23.08
N HIS J 300 -2.36 13.20 23.53
CA HIS J 300 -3.56 13.93 23.18
C HIS J 300 -3.99 14.83 24.30
N MET J 301 -2.99 15.21 25.16
CA MET J 301 -3.11 16.16 26.22
C MET J 301 -1.74 16.66 26.43
N THR J 302 -1.65 17.77 27.22
CA THR J 302 -0.39 18.26 27.83
C THR J 302 0.05 17.40 29.01
N GLN J 303 1.35 17.46 29.39
CA GLN J 303 1.94 16.84 30.50
C GLN J 303 1.33 17.23 31.79
N ASN J 304 1.02 18.53 31.93
CA ASN J 304 0.45 19.17 33.07
C ASN J 304 -0.97 18.83 33.19
N CYS J 305 -1.67 18.78 32.07
CA CYS J 305 -3.10 18.54 32.01
C CYS J 305 -3.40 17.12 32.43
N LEU J 306 -2.51 16.20 32.03
CA LEU J 306 -2.47 14.82 32.33
C LEU J 306 -2.28 14.60 33.81
N ARG J 307 -1.38 15.38 34.42
CA ARG J 307 -0.97 15.18 35.84
C ARG J 307 -2.15 15.22 36.81
N SER J 308 -3.29 15.71 36.37
CA SER J 308 -4.22 16.52 37.16
C SER J 308 -5.39 15.51 37.34
N VAL J 309 -5.71 14.74 36.30
CA VAL J 309 -6.67 13.59 36.33
C VAL J 309 -6.05 12.42 37.05
N LEU J 310 -4.71 12.17 36.92
CA LEU J 310 -4.02 11.08 37.54
C LEU J 310 -3.78 11.36 39.03
N GLU J 311 -3.69 12.66 39.36
CA GLU J 311 -3.67 13.08 40.77
C GLU J 311 -5.00 12.99 41.55
N GLN J 312 -6.09 12.95 40.84
CA GLN J 312 -7.37 12.63 41.52
C GLN J 312 -7.51 11.20 41.85
N ILE J 313 -7.22 10.31 40.90
CA ILE J 313 -7.29 8.89 41.25
C ILE J 313 -6.20 8.41 42.13
N ALA J 314 -5.03 9.13 42.18
CA ALA J 314 -3.89 8.72 43.01
C ALA J 314 -4.28 8.83 44.42
N ALA J 315 -5.00 9.94 44.82
CA ALA J 315 -5.43 10.27 46.15
C ALA J 315 -6.63 9.45 46.54
N TYR J 316 -7.32 8.86 45.59
CA TYR J 316 -8.42 7.93 45.85
C TYR J 316 -7.96 6.48 45.98
N GLY J 317 -6.80 6.13 45.43
CA GLY J 317 -6.13 4.84 45.55
C GLY J 317 -5.21 4.87 46.80
N GLN J 318 -4.97 6.10 47.41
CA GLN J 318 -4.13 6.35 48.57
C GLN J 318 -4.93 5.75 49.73
N VAL J 319 -6.30 5.83 49.71
CA VAL J 319 -7.18 5.39 50.76
C VAL J 319 -7.41 3.86 50.72
N VAL J 320 -7.53 3.27 49.51
CA VAL J 320 -7.90 1.87 49.44
C VAL J 320 -6.63 1.06 49.77
N PHE J 321 -5.48 1.54 49.36
CA PHE J 321 -4.15 1.02 49.64
C PHE J 321 -3.77 1.15 51.14
N ARG J 322 -4.22 2.30 51.77
CA ARG J 322 -4.07 2.46 53.17
C ARG J 322 -4.96 1.58 53.96
N LEU J 323 -6.21 1.35 53.49
CA LEU J 323 -7.24 0.62 54.09
C LEU J 323 -6.87 -0.93 53.99
N GLN J 324 -5.98 -1.27 52.94
CA GLN J 324 -5.51 -2.62 52.69
C GLN J 324 -4.39 -3.06 53.67
N LYS J 325 -3.63 -2.11 54.19
CA LYS J 325 -2.58 -2.30 55.22
C LYS J 325 -3.20 -2.58 56.60
N PHE J 326 -4.50 -2.15 56.86
CA PHE J 326 -5.23 -2.54 58.00
C PHE J 326 -5.62 -4.03 57.94
N ILE J 327 -5.73 -4.62 56.74
CA ILE J 327 -6.15 -6.06 56.66
C ILE J 327 -5.08 -6.98 57.24
N ASP J 328 -5.58 -7.64 58.27
CA ASP J 328 -4.78 -8.64 59.00
C ASP J 328 -5.50 -9.89 58.60
N GLU J 329 -4.87 -10.81 57.82
CA GLU J 329 -5.44 -12.02 57.21
C GLU J 329 -6.05 -13.01 58.25
N PHE J 354 -10.29 -6.81 69.90
CA PHE J 354 -9.64 -7.92 69.17
C PHE J 354 -10.55 -8.60 68.21
N ARG J 355 -11.64 -9.18 68.78
CA ARG J 355 -12.77 -9.76 68.03
C ARG J 355 -13.45 -8.78 67.16
N THR J 356 -13.66 -7.52 67.60
CA THR J 356 -14.26 -6.37 66.98
C THR J 356 -13.53 -5.92 65.83
N TYR J 357 -12.18 -5.85 65.92
CA TYR J 357 -11.27 -5.55 64.84
C TYR J 357 -11.17 -6.58 63.81
N GLN J 358 -11.31 -7.85 64.21
CA GLN J 358 -11.30 -8.94 63.25
C GLN J 358 -12.54 -8.99 62.49
N ALA J 359 -13.69 -8.62 63.15
CA ALA J 359 -14.99 -8.55 62.44
C ALA J 359 -15.13 -7.26 61.57
N PHE J 360 -14.41 -6.10 61.92
CA PHE J 360 -14.40 -4.86 61.13
C PHE J 360 -13.56 -5.07 59.89
N MET J 361 -12.57 -6.04 59.95
CA MET J 361 -11.67 -6.29 58.92
C MET J 361 -12.25 -7.10 57.87
N TRP J 362 -13.22 -7.93 58.26
CA TRP J 362 -13.82 -8.88 57.30
C TRP J 362 -14.95 -8.16 56.60
N ALA J 363 -15.55 -7.10 57.17
CA ALA J 363 -16.51 -6.23 56.58
C ALA J 363 -15.91 -5.20 55.60
N LEU J 364 -14.67 -4.63 55.82
CA LEU J 364 -13.94 -3.82 54.89
C LEU J 364 -13.43 -4.57 53.74
N TYR J 365 -13.09 -5.86 54.01
CA TYR J 365 -12.42 -6.78 53.04
C TYR J 365 -13.49 -7.27 52.15
N LYS J 366 -14.76 -7.42 52.65
CA LYS J 366 -15.93 -7.89 51.86
C LYS J 366 -16.31 -6.93 50.76
N TYR J 367 -16.20 -5.56 50.97
CA TYR J 367 -16.51 -4.45 50.11
C TYR J 367 -15.45 -4.42 49.04
N PHE J 368 -14.17 -4.78 49.41
CA PHE J 368 -13.09 -4.86 48.45
C PHE J 368 -13.23 -5.92 47.40
N ILE J 369 -13.82 -7.12 47.72
CA ILE J 369 -14.04 -8.19 46.72
C ILE J 369 -15.23 -7.89 45.86
N SER J 370 -16.26 -7.07 46.31
CA SER J 370 -17.42 -6.60 45.54
C SER J 370 -17.11 -5.34 44.76
N PHE J 371 -16.04 -4.62 45.10
CA PHE J 371 -15.55 -3.41 44.39
C PHE J 371 -14.65 -3.82 43.21
N LYS J 372 -14.05 -4.97 43.31
CA LYS J 372 -13.27 -5.46 42.18
C LYS J 372 -14.21 -6.12 41.15
N GLU J 373 -15.51 -6.36 41.45
CA GLU J 373 -16.37 -6.94 40.45
C GLU J 373 -16.61 -5.96 39.35
N GLU J 374 -16.74 -4.68 39.72
CA GLU J 374 -16.90 -3.60 38.76
C GLU J 374 -15.57 -3.29 38.06
N LEU J 375 -14.46 -3.53 38.77
CA LEU J 375 -13.13 -3.35 38.17
C LEU J 375 -12.74 -4.32 37.10
N THR J 376 -13.12 -5.57 37.27
CA THR J 376 -12.85 -6.66 36.37
C THR J 376 -13.76 -6.61 35.20
N GLU J 377 -14.87 -5.84 35.30
CA GLU J 377 -15.79 -5.57 34.20
C GLU J 377 -15.13 -4.64 33.23
N ILE J 378 -14.53 -3.53 33.74
CA ILE J 378 -13.88 -2.46 32.95
C ILE J 378 -12.60 -2.93 32.35
N GLU J 379 -11.96 -3.98 33.02
CA GLU J 379 -10.82 -4.62 32.35
C GLU J 379 -11.06 -5.42 31.06
N LYS J 380 -12.30 -6.04 30.93
CA LYS J 380 -12.72 -6.79 29.78
C LYS J 380 -13.14 -5.80 28.69
N CYS J 381 -13.44 -4.51 28.99
CA CYS J 381 -13.81 -3.50 28.02
C CYS J 381 -12.63 -3.03 27.15
N ILE J 382 -11.42 -3.02 27.72
CA ILE J 382 -10.25 -2.45 27.04
C ILE J 382 -9.62 -3.51 26.17
N ILE J 383 -9.73 -4.83 26.59
CA ILE J 383 -9.23 -5.90 25.80
C ILE J 383 -10.12 -6.14 24.58
N ASN J 384 -11.46 -5.82 24.62
CA ASN J 384 -12.39 -5.97 23.52
C ASN J 384 -12.00 -5.08 22.40
N LYS J 385 -12.06 -5.54 21.12
CA LYS J 385 -11.72 -4.66 20.01
C LYS J 385 -13.02 -4.35 19.28
N ASP J 386 -13.31 -3.08 18.95
CA ASP J 386 -12.51 -1.91 19.13
C ASP J 386 -12.43 -1.51 20.65
N GLU J 387 -11.37 -0.83 21.11
CA GLU J 387 -10.98 -0.51 22.52
C GLU J 387 -12.05 0.19 23.23
N THR J 388 -12.51 1.34 22.70
CA THR J 388 -13.61 2.19 23.20
C THR J 388 -13.14 3.27 24.16
N VAL J 389 -12.75 2.77 25.40
CA VAL J 389 -12.32 3.57 26.48
C VAL J 389 -11.26 4.51 26.15
N THR J 390 -11.33 5.64 26.89
CA THR J 390 -10.24 6.59 26.93
C THR J 390 -10.00 6.70 28.42
N LEU J 391 -9.07 7.59 28.91
CA LEU J 391 -8.79 7.98 30.23
C LEU J 391 -10.09 8.27 31.03
N ALA J 392 -11.07 9.14 30.46
CA ALA J 392 -12.01 9.83 31.31
C ALA J 392 -13.43 9.38 31.10
N ILE J 393 -13.66 8.34 30.26
CA ILE J 393 -14.96 7.98 29.78
C ILE J 393 -15.60 6.90 30.65
N VAL J 394 -14.77 6.07 31.38
CA VAL J 394 -15.33 5.09 32.34
C VAL J 394 -15.05 5.62 33.69
N LEU J 395 -14.85 6.95 33.82
CA LEU J 395 -14.36 7.57 35.00
C LEU J 395 -15.47 8.11 35.79
N ASP J 396 -16.59 8.38 35.10
CA ASP J 396 -17.85 8.78 35.63
C ASP J 396 -18.82 7.61 35.61
N LYS J 397 -18.24 6.36 35.76
CA LYS J 397 -18.97 5.19 35.75
C LYS J 397 -18.64 4.50 37.03
N LEU J 398 -17.41 4.70 37.44
CA LEU J 398 -16.84 4.17 38.70
C LEU J 398 -16.97 5.13 39.77
N ALA J 399 -17.72 6.33 39.59
CA ALA J 399 -18.03 7.35 40.54
C ALA J 399 -18.89 6.96 41.66
N PRO J 400 -19.86 6.03 41.73
CA PRO J 400 -20.52 5.57 43.00
C PRO J 400 -19.65 4.90 43.96
N ARG J 401 -18.68 4.12 43.45
CA ARG J 401 -17.70 3.45 44.30
C ARG J 401 -16.67 4.38 44.81
N LEU J 402 -16.36 5.44 44.00
CA LEU J 402 -15.42 6.52 44.24
C LEU J 402 -15.84 7.39 45.35
N ALA J 403 -17.19 7.65 45.44
CA ALA J 403 -17.74 8.39 46.50
C ALA J 403 -18.01 7.62 47.76
N GLN J 404 -18.13 6.21 47.60
CA GLN J 404 -18.12 5.24 48.64
C GLN J 404 -16.80 5.02 49.28
N LEU J 405 -15.66 5.26 48.56
CA LEU J 405 -14.41 4.94 49.28
C LEU J 405 -13.93 6.20 50.09
N LYS J 406 -14.57 7.33 49.78
CA LYS J 406 -14.25 8.61 50.53
C LYS J 406 -14.95 8.85 51.86
N VAL J 407 -16.21 8.42 51.91
CA VAL J 407 -16.92 8.48 53.17
C VAL J 407 -16.47 7.33 54.06
N LEU J 408 -15.78 6.29 53.47
CA LEU J 408 -15.00 5.27 54.27
C LEU J 408 -13.82 5.97 54.92
N HIS J 409 -13.18 6.95 54.19
CA HIS J 409 -12.03 7.61 54.74
C HIS J 409 -12.38 8.45 55.97
N ARG J 410 -13.56 9.08 56.04
CA ARG J 410 -13.90 9.96 57.11
C ARG J 410 -14.24 9.10 58.37
N VAL J 411 -14.80 7.87 58.07
CA VAL J 411 -15.13 6.99 59.11
C VAL J 411 -13.92 6.37 59.79
N PHE J 412 -12.90 6.10 58.95
CA PHE J 412 -11.73 5.31 59.37
C PHE J 412 -10.84 6.25 60.07
N SER J 413 -10.77 7.58 59.75
CA SER J 413 -9.83 8.50 60.42
C SER J 413 -10.31 8.60 61.81
N THR J 414 -11.67 8.62 61.99
CA THR J 414 -12.27 8.69 63.25
C THR J 414 -12.31 7.34 63.89
N GLY J 415 -12.22 6.20 63.12
CA GLY J 415 -12.19 4.88 63.53
C GLY J 415 -10.94 4.48 64.33
N ILE J 416 -9.78 4.39 63.63
CA ILE J 416 -8.52 4.19 64.25
C ILE J 416 -7.83 5.52 64.05
N ALA J 417 -7.59 6.04 65.24
CA ALA J 417 -6.89 7.27 65.54
C ALA J 417 -7.05 7.34 67.05
N GLU J 418 -6.97 6.13 67.66
CA GLU J 418 -7.06 5.97 69.10
C GLU J 418 -5.91 5.12 69.50
N VAL J 419 -4.86 4.94 68.64
CA VAL J 419 -3.70 4.15 68.94
C VAL J 419 -2.75 4.89 69.92
N PRO J 420 -2.36 6.16 69.82
CA PRO J 420 -1.66 6.94 70.84
C PRO J 420 -2.30 7.16 72.20
N PRO J 421 -3.64 7.37 72.26
CA PRO J 421 -4.45 7.29 73.45
C PRO J 421 -4.14 6.18 74.34
N ASP J 422 -4.22 6.37 75.71
CA ASP J 422 -3.90 5.43 76.76
C ASP J 422 -5.09 4.51 76.83
N THR J 423 -4.73 3.21 77.08
CA THR J 423 -5.57 2.02 77.19
C THR J 423 -6.11 1.75 75.81
N ARG J 424 -5.76 0.53 75.33
CA ARG J 424 -5.95 0.03 74.02
C ARG J 424 -6.96 -1.06 74.06
N ASN J 425 -7.71 -1.10 75.18
CA ASN J 425 -8.26 -2.32 75.75
C ASN J 425 -9.69 -2.24 75.30
N VAL J 426 -10.56 -1.44 75.96
CA VAL J 426 -11.94 -1.43 75.69
C VAL J 426 -12.42 -0.21 74.89
N VAL J 427 -11.76 0.94 75.00
CA VAL J 427 -12.05 2.16 74.31
C VAL J 427 -11.74 2.19 72.87
N ARG J 428 -10.77 1.39 72.40
CA ARG J 428 -10.54 1.36 71.02
C ARG J 428 -11.70 0.61 70.30
N ALA J 429 -12.05 -0.63 70.79
CA ALA J 429 -13.07 -1.46 70.28
C ALA J 429 -14.44 -0.94 70.34
N SER J 430 -14.78 -0.25 71.49
CA SER J 430 -16.06 0.41 71.74
C SER J 430 -16.26 1.62 70.91
N HIS J 431 -15.21 2.33 70.73
CA HIS J 431 -15.34 3.69 70.22
C HIS J 431 -15.15 3.68 68.72
N LEU J 432 -14.99 2.52 68.10
CA LEU J 432 -14.92 2.34 66.72
C LEU J 432 -16.19 1.75 66.29
N LEU J 433 -16.87 1.02 67.08
CA LEU J 433 -18.31 0.75 66.94
C LEU J 433 -19.13 2.03 67.16
N ASN J 434 -18.68 2.92 68.10
CA ASN J 434 -19.36 4.19 68.27
C ASN J 434 -19.15 5.19 67.18
N THR J 435 -17.94 5.25 66.49
CA THR J 435 -17.80 6.12 65.34
C THR J 435 -18.55 5.69 64.10
N LEU J 436 -18.79 4.35 63.92
CA LEU J 436 -19.69 3.81 62.90
C LEU J 436 -21.12 4.36 63.25
N TYR J 437 -21.55 4.35 64.53
CA TYR J 437 -22.89 4.74 64.94
C TYR J 437 -23.21 6.19 64.73
N LYS J 438 -22.20 7.03 64.92
CA LYS J 438 -22.22 8.50 64.70
C LYS J 438 -22.28 8.83 63.20
N ALA J 439 -21.63 8.02 62.39
CA ALA J 439 -21.59 8.30 60.98
C ALA J 439 -22.90 7.98 60.23
N ILE J 440 -23.73 7.09 60.68
CA ILE J 440 -24.93 6.60 60.00
C ILE J 440 -26.00 7.63 60.21
N LEU J 441 -25.88 8.53 61.17
CA LEU J 441 -26.85 9.62 61.34
C LEU J 441 -26.52 10.77 60.44
N ASP J 442 -25.20 10.92 60.08
CA ASP J 442 -24.80 12.06 59.43
C ASP J 442 -25.11 11.95 57.98
N TYR J 443 -25.20 10.71 57.44
CA TYR J 443 -25.47 10.35 56.06
C TYR J 443 -26.85 9.91 55.76
N ASP J 444 -27.50 9.07 56.61
CA ASP J 444 -28.85 8.62 56.40
C ASP J 444 -29.82 9.72 56.52
N ASN J 445 -29.60 10.75 57.42
CA ASN J 445 -30.64 11.73 57.65
C ASN J 445 -30.42 12.96 56.71
N VAL J 446 -29.62 12.75 55.63
CA VAL J 446 -29.43 13.76 54.62
C VAL J 446 -29.32 13.00 53.29
N GLY J 447 -29.75 11.77 53.36
CA GLY J 447 -29.60 10.82 52.23
C GLY J 447 -30.73 11.09 51.20
N GLU J 448 -30.87 10.17 50.19
CA GLU J 448 -31.94 10.17 49.23
C GLU J 448 -31.59 11.15 48.23
N ALA J 449 -30.34 10.91 47.68
CA ALA J 449 -29.77 11.53 46.56
C ALA J 449 -28.37 10.95 46.35
N SER J 450 -27.85 10.24 47.34
CA SER J 450 -26.75 9.22 47.47
C SER J 450 -27.06 8.35 48.63
N GLU J 451 -27.98 7.36 48.40
CA GLU J 451 -28.23 6.38 49.37
C GLU J 451 -27.33 5.16 49.30
N GLN J 452 -26.31 5.22 48.43
CA GLN J 452 -25.25 4.30 48.08
C GLN J 452 -24.24 4.25 49.21
N THR J 453 -24.08 5.41 49.86
CA THR J 453 -23.15 5.66 50.96
C THR J 453 -23.77 5.32 52.24
N VAL J 454 -25.12 5.40 52.42
CA VAL J 454 -25.93 4.95 53.56
C VAL J 454 -25.79 3.42 53.64
N SER J 455 -25.82 2.62 52.57
CA SER J 455 -25.79 1.20 52.60
C SER J 455 -24.47 0.71 53.03
N LEU J 456 -23.37 1.35 52.58
CA LEU J 456 -22.04 0.95 52.95
C LEU J 456 -21.73 1.09 54.40
N LEU J 457 -22.19 2.18 55.02
CA LEU J 457 -21.80 2.38 56.40
C LEU J 457 -22.56 1.46 57.37
N PHE J 458 -23.68 0.93 56.92
CA PHE J 458 -24.46 -0.01 57.58
C PHE J 458 -24.00 -1.46 57.46
N CYS J 459 -23.27 -1.80 56.36
CA CYS J 459 -22.58 -3.09 56.15
C CYS J 459 -21.53 -3.23 57.16
N LEU J 460 -20.81 -2.08 57.45
CA LEU J 460 -19.63 -1.97 58.25
C LEU J 460 -20.01 -2.01 59.64
N TRP J 461 -21.34 -1.74 59.90
CA TRP J 461 -21.81 -1.73 61.24
C TRP J 461 -22.40 -3.10 61.62
N VAL J 462 -23.09 -3.82 60.71
CA VAL J 462 -23.84 -5.01 61.05
C VAL J 462 -22.90 -6.17 61.31
N GLU J 463 -21.65 -6.12 60.73
CA GLU J 463 -20.66 -7.11 60.81
C GLU J 463 -19.63 -6.77 61.89
N THR J 464 -19.47 -5.45 62.18
CA THR J 464 -18.70 -5.01 63.33
C THR J 464 -19.50 -5.30 64.63
N VAL J 465 -20.90 -5.15 64.64
CA VAL J 465 -21.69 -5.36 65.87
C VAL J 465 -21.91 -6.82 66.09
N ARG J 466 -21.57 -7.68 65.06
CA ARG J 466 -21.87 -9.09 65.11
C ARG J 466 -21.12 -9.85 66.21
N PRO J 467 -19.85 -9.78 66.65
CA PRO J 467 -19.29 -10.49 67.83
C PRO J 467 -19.76 -9.87 69.10
N TYR J 468 -20.05 -8.48 69.08
CA TYR J 468 -20.22 -7.68 70.25
C TYR J 468 -21.63 -7.83 70.85
N LEU J 469 -22.59 -8.31 70.01
CA LEU J 469 -23.90 -8.77 70.38
C LEU J 469 -23.86 -10.21 70.78
N GLU J 470 -23.02 -11.08 70.09
CA GLU J 470 -22.98 -12.48 70.38
C GLU J 470 -22.17 -12.82 71.63
N ILE J 471 -21.42 -11.84 72.23
CA ILE J 471 -20.90 -12.05 73.54
C ILE J 471 -22.03 -11.98 74.64
N VAL J 472 -22.97 -11.10 74.29
CA VAL J 472 -24.18 -10.92 75.07
C VAL J 472 -25.16 -12.06 74.93
N ASP J 473 -25.14 -12.73 73.75
CA ASP J 473 -25.91 -14.00 73.53
C ASP J 473 -25.34 -15.12 74.39
N GLU J 474 -23.96 -15.32 74.44
CA GLU J 474 -23.32 -16.33 75.32
C GLU J 474 -23.44 -16.01 76.87
N TRP J 475 -23.50 -14.70 77.22
CA TRP J 475 -23.59 -14.20 78.60
C TRP J 475 -24.94 -14.53 79.15
N ILE J 476 -25.96 -14.90 78.31
CA ILE J 476 -27.30 -15.27 78.80
C ILE J 476 -27.46 -16.79 78.64
N VAL J 477 -27.44 -17.34 77.41
CA VAL J 477 -27.97 -18.74 77.24
C VAL J 477 -26.98 -19.78 77.82
N HIS J 478 -25.69 -19.39 78.09
CA HIS J 478 -24.66 -20.23 78.74
C HIS J 478 -24.31 -19.63 80.08
N GLY J 479 -24.57 -18.37 80.36
CA GLY J 479 -24.33 -17.76 81.64
C GLY J 479 -23.00 -16.96 81.79
N ASN J 480 -22.03 -17.19 80.93
CA ASN J 480 -20.67 -16.69 81.03
C ASN J 480 -20.31 -16.60 79.54
N LEU J 481 -19.23 -15.83 79.31
CA LEU J 481 -18.88 -15.38 78.00
C LEU J 481 -17.40 -15.62 77.67
N PHE J 482 -17.09 -15.23 76.41
CA PHE J 482 -15.76 -15.33 75.84
C PHE J 482 -15.16 -13.98 75.66
N ASP J 483 -13.88 -13.86 76.13
CA ASP J 483 -13.11 -12.66 76.08
C ASP J 483 -11.68 -13.01 75.76
N PRO J 484 -10.86 -12.13 75.12
CA PRO J 484 -9.48 -12.27 74.90
C PRO J 484 -8.79 -12.35 76.26
N ALA J 485 -7.56 -12.89 76.21
CA ALA J 485 -6.84 -13.10 77.52
C ALA J 485 -5.84 -11.98 77.67
N LYS J 486 -5.83 -10.94 76.74
CA LYS J 486 -4.96 -9.82 76.86
C LYS J 486 -5.67 -8.50 76.86
N GLU J 487 -6.98 -8.43 76.77
CA GLU J 487 -7.79 -7.21 76.74
C GLU J 487 -9.29 -7.58 76.95
N PHE J 488 -10.14 -6.61 77.29
CA PHE J 488 -11.56 -6.78 77.36
C PHE J 488 -11.99 -5.90 76.29
N ILE J 489 -13.20 -6.29 75.85
CA ILE J 489 -13.92 -5.65 74.81
C ILE J 489 -15.23 -5.08 75.31
N ILE J 490 -15.46 -5.12 76.66
CA ILE J 490 -16.76 -4.67 77.18
C ILE J 490 -16.76 -4.52 78.71
N GLN J 491 -15.65 -5.00 79.40
CA GLN J 491 -15.29 -4.87 80.79
C GLN J 491 -16.41 -5.60 81.56
N ARG J 492 -16.85 -6.73 80.94
CA ARG J 492 -17.72 -7.65 81.57
C ARG J 492 -16.86 -8.57 82.34
N ASN J 493 -17.16 -8.61 83.68
CA ASN J 493 -16.24 -9.38 84.54
C ASN J 493 -17.14 -10.03 85.52
N LYS J 494 -16.82 -11.25 85.90
CA LYS J 494 -17.58 -11.99 86.88
C LYS J 494 -16.77 -12.11 88.19
N ASP J 495 -17.55 -12.14 89.34
CA ASP J 495 -17.00 -12.15 90.72
C ASP J 495 -16.91 -13.59 91.02
N VAL J 496 -15.64 -13.99 91.33
CA VAL J 496 -15.39 -15.36 91.77
C VAL J 496 -15.80 -15.66 93.18
N PRO J 497 -15.46 -14.89 94.27
CA PRO J 497 -16.11 -15.02 95.62
C PRO J 497 -17.54 -14.50 95.52
N PHE J 498 -18.48 -14.87 96.43
CA PHE J 498 -19.86 -14.46 96.33
C PHE J 498 -20.25 -13.52 97.49
N ASN J 499 -20.42 -12.24 97.15
CA ASN J 499 -20.68 -11.13 98.12
C ASN J 499 -21.09 -9.97 97.22
N HIS J 500 -20.88 -10.17 95.83
CA HIS J 500 -21.44 -9.31 94.73
C HIS J 500 -21.31 -10.23 93.55
N ARG J 501 -22.09 -9.85 92.49
CA ARG J 501 -22.35 -10.65 91.33
C ARG J 501 -21.30 -10.47 90.25
N ASP J 502 -21.19 -9.20 89.78
CA ASP J 502 -20.40 -8.78 88.69
C ASP J 502 -19.84 -7.40 88.91
N PHE J 503 -18.62 -7.17 88.56
CA PHE J 503 -17.96 -5.79 88.60
C PHE J 503 -18.14 -5.12 87.21
N TRP J 504 -18.43 -3.75 87.21
CA TRP J 504 -18.70 -2.96 86.00
C TRP J 504 -17.66 -1.87 85.99
N TYR J 505 -17.22 -1.48 84.81
CA TYR J 505 -16.40 -0.34 84.63
C TYR J 505 -16.97 0.29 83.35
N ALA J 506 -17.40 1.60 83.37
CA ALA J 506 -18.01 2.37 82.30
C ALA J 506 -17.28 2.41 80.98
N THR J 507 -18.02 2.29 79.81
CA THR J 507 -17.40 2.48 78.62
C THR J 507 -18.43 2.91 77.60
N TYR J 508 -18.07 2.99 76.30
CA TYR J 508 -18.95 3.44 75.26
C TYR J 508 -19.82 2.31 74.67
N LEU J 548 -27.37 2.06 72.62
CA LEU J 548 -25.95 1.78 72.92
C LEU J 548 -25.99 1.92 74.47
N LYS J 549 -26.12 3.18 75.03
CA LYS J 549 -26.03 3.52 76.40
C LYS J 549 -27.21 2.89 77.15
N PRO J 550 -28.46 2.82 76.68
CA PRO J 550 -29.50 2.10 77.34
C PRO J 550 -29.36 0.57 77.32
N VAL J 551 -28.69 0.03 76.27
CA VAL J 551 -28.44 -1.37 76.08
C VAL J 551 -27.50 -1.88 77.08
N LEU J 552 -26.62 -1.03 77.62
CA LEU J 552 -25.61 -1.39 78.59
C LEU J 552 -26.26 -1.77 79.93
N LYS J 553 -27.43 -1.11 80.22
CA LYS J 553 -28.08 -1.47 81.50
C LYS J 553 -28.70 -2.90 81.51
N GLN J 554 -29.09 -3.39 80.33
CA GLN J 554 -29.63 -4.65 80.09
C GLN J 554 -28.60 -5.77 80.31
N ILE J 555 -27.31 -5.40 80.07
CA ILE J 555 -26.25 -6.36 80.28
C ILE J 555 -26.07 -6.57 81.80
N ILE J 556 -26.24 -5.46 82.63
CA ILE J 556 -25.94 -5.52 84.11
C ILE J 556 -26.96 -6.45 84.73
N MET J 557 -28.28 -6.17 84.41
CA MET J 557 -29.33 -6.98 85.05
C MET J 557 -29.44 -8.41 84.72
N ALA J 558 -29.07 -8.77 83.43
CA ALA J 558 -28.99 -10.17 82.94
C ALA J 558 -27.87 -10.93 83.61
N GLY J 559 -26.69 -10.37 83.78
CA GLY J 559 -25.54 -11.03 84.35
C GLY J 559 -25.60 -11.28 85.80
N LYS J 560 -26.36 -10.41 86.52
CA LYS J 560 -26.66 -10.56 87.94
C LYS J 560 -27.46 -11.82 88.15
N SER J 561 -28.54 -12.04 87.33
CA SER J 561 -29.43 -13.12 87.43
C SER J 561 -28.91 -14.45 86.96
N MET J 562 -27.98 -14.49 85.93
CA MET J 562 -27.30 -15.72 85.39
C MET J 562 -26.22 -16.13 86.29
N GLN J 563 -25.55 -15.14 86.97
CA GLN J 563 -24.51 -15.47 87.94
C GLN J 563 -24.90 -16.15 89.20
N LEU J 564 -26.04 -15.85 89.77
CA LEU J 564 -26.61 -16.74 90.75
C LEU J 564 -27.00 -18.12 90.20
N LEU J 565 -27.75 -18.26 89.06
CA LEU J 565 -28.37 -19.47 88.51
C LEU J 565 -27.47 -20.52 88.00
N LYS J 566 -26.24 -20.15 87.63
CA LYS J 566 -25.24 -21.18 87.24
C LYS J 566 -24.49 -21.67 88.49
N ASN J 567 -24.49 -20.92 89.66
CA ASN J 567 -23.92 -21.39 90.91
C ASN J 567 -24.90 -22.04 91.83
N LEU J 568 -26.17 -22.02 91.41
CA LEU J 568 -27.17 -22.46 92.30
C LEU J 568 -28.44 -22.60 91.56
N LYS J 569 -28.59 -23.68 90.72
CA LYS J 569 -29.91 -24.04 90.19
C LYS J 569 -30.67 -24.79 91.30
N CYS J 570 -31.96 -24.47 91.41
CA CYS J 570 -32.88 -24.91 92.42
C CYS J 570 -34.31 -24.81 91.90
N ARG J 571 -35.27 -25.42 92.62
CA ARG J 571 -36.69 -25.28 92.41
C ARG J 571 -37.09 -26.49 91.54
N LEU J 587 -29.35 -14.02 68.91
CA LEU J 587 -29.63 -12.56 68.94
C LEU J 587 -29.32 -11.92 67.58
N TYR J 588 -28.11 -12.35 67.04
CA TYR J 588 -27.60 -11.96 65.70
C TYR J 588 -28.49 -12.47 64.57
N THR J 589 -29.00 -13.72 64.64
CA THR J 589 -29.83 -14.36 63.64
C THR J 589 -31.15 -13.56 63.52
N LEU J 590 -31.71 -13.21 64.77
CA LEU J 590 -32.93 -12.46 64.90
C LEU J 590 -32.76 -11.04 64.30
N PHE J 591 -31.59 -10.41 64.46
CA PHE J 591 -31.27 -9.02 64.01
C PHE J 591 -31.42 -9.00 62.54
N LEU J 592 -30.77 -9.97 61.81
CA LEU J 592 -30.70 -10.03 60.40
C LEU J 592 -32.11 -10.21 59.85
N GLU J 593 -32.93 -11.05 60.47
CA GLU J 593 -34.28 -11.27 60.07
C GLU J 593 -35.27 -10.06 60.21
N SER J 594 -35.09 -9.17 61.25
CA SER J 594 -35.90 -8.01 61.41
C SER J 594 -35.51 -6.93 60.50
N VAL J 595 -34.24 -6.98 60.02
CA VAL J 595 -33.71 -6.08 59.04
C VAL J 595 -34.23 -6.38 57.71
N GLN J 596 -34.27 -7.63 57.33
CA GLN J 596 -34.69 -8.17 56.02
C GLN J 596 -36.17 -7.96 55.71
N SER J 597 -37.04 -8.27 56.70
CA SER J 597 -38.48 -8.19 56.68
C SER J 597 -38.85 -6.66 56.48
N ARG J 598 -38.07 -5.62 57.09
CA ARG J 598 -38.28 -4.15 56.71
C ARG J 598 -37.95 -3.94 55.26
N LEU J 599 -36.79 -4.54 54.81
CA LEU J 599 -36.30 -4.47 53.51
C LEU J 599 -37.22 -5.09 52.38
N GLN J 600 -37.94 -6.27 52.55
CA GLN J 600 -38.71 -6.85 51.47
C GLN J 600 -40.07 -6.19 51.17
N HIS J 601 -40.49 -5.45 52.16
CA HIS J 601 -41.68 -4.56 52.22
C HIS J 601 -41.25 -3.25 51.55
N SER J 670 -29.86 2.34 56.94
CA SER J 670 -30.60 2.45 55.61
C SER J 670 -32.02 2.89 55.64
N GLU J 671 -32.53 3.41 54.41
CA GLU J 671 -33.88 3.84 54.20
C GLU J 671 -34.85 2.66 54.27
N SER J 672 -36.12 2.84 54.61
CA SER J 672 -37.14 1.79 54.60
C SER J 672 -38.52 2.52 54.41
N VAL J 673 -39.57 1.79 54.07
CA VAL J 673 -40.89 2.21 53.74
C VAL J 673 -41.87 1.48 54.64
N THR J 674 -41.27 0.85 55.65
CA THR J 674 -41.93 0.32 56.80
C THR J 674 -41.32 0.97 58.07
N CYS J 675 -40.45 1.96 57.89
CA CYS J 675 -39.89 2.61 59.09
C CYS J 675 -39.51 3.98 58.71
N GLN J 676 -39.54 5.03 59.64
CA GLN J 676 -39.39 6.41 59.40
C GLN J 676 -38.74 6.87 60.73
N SER J 677 -37.61 7.53 60.90
CA SER J 677 -36.52 7.68 59.91
C SER J 677 -35.14 7.49 60.64
N PHE J 678 -34.35 6.53 60.17
CA PHE J 678 -34.83 5.27 59.56
C PHE J 678 -34.15 4.09 60.19
N GLU J 679 -32.87 4.21 60.59
CA GLU J 679 -32.05 3.10 60.86
C GLU J 679 -32.16 2.77 62.29
N LEU J 680 -32.60 3.70 63.15
CA LEU J 680 -32.78 3.59 64.57
C LEU J 680 -34.02 2.86 64.89
N THR J 681 -35.00 2.71 63.97
CA THR J 681 -36.18 1.91 64.09
C THR J 681 -35.95 0.41 63.97
N LEU J 682 -35.04 0.04 62.95
CA LEU J 682 -34.57 -1.34 62.78
C LEU J 682 -33.76 -1.76 63.99
N ARG J 683 -33.03 -0.82 64.60
CA ARG J 683 -32.32 -0.99 65.89
C ARG J 683 -33.17 -1.17 67.09
N SER J 684 -34.39 -0.52 67.08
CA SER J 684 -35.26 -0.58 68.25
C SER J 684 -36.11 -1.81 68.14
N CYS J 685 -35.89 -2.67 67.10
CA CYS J 685 -36.48 -3.99 66.98
C CYS J 685 -35.57 -4.89 67.74
N LEU J 686 -34.23 -4.55 67.79
CA LEU J 686 -33.22 -5.29 68.48
C LEU J 686 -33.27 -5.14 69.95
N TYR J 687 -33.82 -4.05 70.45
CA TYR J 687 -33.95 -3.77 71.88
C TYR J 687 -35.06 -4.53 72.44
N PRO J 688 -36.15 -4.89 71.74
CA PRO J 688 -36.99 -6.03 72.03
C PRO J 688 -36.45 -7.36 71.80
N HIS J 689 -35.42 -7.61 70.89
CA HIS J 689 -34.84 -8.92 70.77
C HIS J 689 -34.02 -9.37 72.03
N ILE J 690 -33.26 -8.45 72.61
CA ILE J 690 -32.65 -8.65 73.91
C ILE J 690 -33.74 -8.71 75.02
N GLY J 691 -34.76 -7.87 74.82
CA GLY J 691 -35.80 -7.77 75.82
C GLY J 691 -36.68 -8.99 76.09
N LYS J 692 -36.94 -9.83 75.07
CA LYS J 692 -37.83 -10.98 75.25
C LYS J 692 -37.16 -12.09 75.99
N GLN J 693 -35.84 -12.02 76.08
CA GLN J 693 -34.93 -13.06 76.62
C GLN J 693 -34.57 -12.56 77.90
N TYR J 694 -34.33 -11.24 78.02
CA TYR J 694 -33.94 -10.50 79.23
C TYR J 694 -34.89 -10.41 80.38
N LEU J 695 -36.22 -10.34 80.08
CA LEU J 695 -37.18 -10.20 81.12
C LEU J 695 -37.47 -11.55 81.75
N GLU J 696 -37.42 -12.66 80.96
CA GLU J 696 -37.67 -14.06 81.36
C GLU J 696 -36.47 -14.74 81.96
N CYS J 697 -35.29 -14.15 81.77
CA CYS J 697 -34.08 -14.51 82.50
C CYS J 697 -34.14 -13.97 83.88
N CYS J 698 -34.44 -12.72 84.04
CA CYS J 698 -34.68 -12.08 85.30
C CYS J 698 -35.94 -12.62 86.04
N GLY J 699 -36.85 -13.33 85.31
CA GLY J 699 -37.98 -14.07 85.79
C GLY J 699 -37.63 -15.23 86.71
N ASN J 700 -36.54 -15.86 86.30
CA ASN J 700 -35.97 -17.06 86.90
C ASN J 700 -35.22 -16.76 88.11
N LEU J 701 -34.76 -15.45 88.37
CA LEU J 701 -33.98 -15.10 89.50
C LEU J 701 -34.69 -15.21 90.77
N MET J 702 -35.90 -14.60 90.78
CA MET J 702 -36.76 -14.60 91.93
C MET J 702 -37.32 -15.99 92.19
N TYR J 703 -37.34 -16.88 91.14
CA TYR J 703 -37.86 -18.23 91.28
C TYR J 703 -37.00 -19.01 92.15
N THR J 704 -35.65 -18.84 92.19
CA THR J 704 -34.75 -19.51 93.10
C THR J 704 -34.74 -18.69 94.42
N MET K 1 0.13 -17.63 29.99
CA MET K 1 0.62 -17.52 31.40
C MET K 1 -0.37 -18.08 32.38
N ILE K 2 -1.65 -17.80 32.10
CA ILE K 2 -2.75 -17.94 33.03
C ILE K 2 -3.00 -19.32 33.55
N HIS K 3 -2.95 -20.27 32.64
CA HIS K 3 -3.31 -21.67 32.97
C HIS K 3 -2.16 -22.40 33.59
N GLU K 4 -0.92 -22.03 33.31
CA GLU K 4 0.33 -22.58 33.68
C GLU K 4 0.57 -22.14 35.14
N LEU K 5 -0.26 -21.17 35.67
CA LEU K 5 -0.04 -20.61 36.94
C LEU K 5 -0.78 -21.44 37.93
N LEU K 6 -1.86 -22.13 37.44
CA LEU K 6 -2.72 -23.00 38.15
C LEU K 6 -2.01 -24.21 38.59
N LEU K 7 -0.94 -24.60 37.86
CA LEU K 7 -0.18 -25.77 38.20
C LEU K 7 0.85 -25.47 39.19
N ALA K 8 1.23 -24.16 39.30
CA ALA K 8 2.16 -23.68 40.29
C ALA K 8 1.40 -23.71 41.65
N LEU K 9 0.03 -23.58 41.67
CA LEU K 9 -0.65 -23.44 42.88
C LEU K 9 -1.25 -24.74 43.30
N SER K 10 -1.01 -25.88 42.66
CA SER K 10 -1.31 -27.22 43.15
C SER K 10 -0.06 -27.96 43.38
N GLY K 11 0.99 -27.13 43.61
CA GLY K 11 2.30 -27.44 44.12
C GLY K 11 3.35 -28.05 43.16
N TYR K 12 3.37 -27.55 41.87
CA TYR K 12 4.25 -28.16 40.87
C TYR K 12 5.09 -27.14 40.24
N PRO K 13 6.38 -27.13 40.54
CA PRO K 13 7.25 -26.10 40.09
C PRO K 13 7.64 -26.21 38.68
N GLY K 14 7.54 -24.99 37.94
CA GLY K 14 8.27 -24.71 36.71
C GLY K 14 9.64 -24.24 37.15
N SER K 15 10.38 -23.68 36.23
CA SER K 15 11.53 -22.86 36.57
C SER K 15 11.16 -21.40 36.59
N ILE K 16 9.97 -21.01 36.15
CA ILE K 16 9.38 -19.72 36.43
C ILE K 16 8.75 -19.52 37.78
N PHE K 17 8.05 -20.57 38.26
CA PHE K 17 7.51 -20.59 39.56
C PHE K 17 8.48 -21.50 40.23
N THR K 18 9.48 -20.89 40.83
CA THR K 18 10.57 -21.54 41.45
C THR K 18 10.18 -21.74 42.90
N TRP K 19 10.53 -22.92 43.46
CA TRP K 19 10.25 -23.20 44.83
C TRP K 19 11.63 -23.07 45.62
N ASN K 20 11.49 -22.28 46.71
CA ASN K 20 12.62 -22.07 47.61
C ASN K 20 12.06 -22.46 48.89
N LYS K 21 12.89 -23.14 49.68
CA LYS K 21 12.46 -23.66 50.89
C LYS K 21 12.74 -22.66 52.04
N ARG K 22 12.90 -21.34 51.82
CA ARG K 22 13.17 -20.34 52.76
C ARG K 22 11.97 -19.38 52.79
N THR K 23 11.69 -18.80 51.60
CA THR K 23 10.79 -17.65 51.44
C THR K 23 9.58 -18.16 50.69
N GLY K 24 9.59 -19.43 50.30
CA GLY K 24 8.60 -20.18 49.51
C GLY K 24 8.73 -20.15 47.99
N LEU K 25 7.57 -20.45 47.35
CA LEU K 25 7.21 -20.41 45.92
C LEU K 25 7.20 -18.93 45.62
N GLN K 26 8.02 -18.51 44.62
CA GLN K 26 8.06 -17.17 44.29
C GLN K 26 8.29 -17.05 42.86
N VAL K 27 7.78 -15.91 42.31
CA VAL K 27 8.00 -15.57 40.92
C VAL K 27 9.38 -14.99 40.88
N SER K 28 10.13 -15.44 39.85
CA SER K 28 11.50 -14.98 39.57
C SER K 28 11.49 -13.51 39.10
N GLN K 29 12.43 -12.69 39.69
CA GLN K 29 12.51 -11.29 39.56
C GLN K 29 12.90 -10.83 38.16
N ASP K 30 12.04 -9.88 37.58
CA ASP K 30 12.22 -9.19 36.29
C ASP K 30 12.73 -10.07 35.17
N ILE K 31 11.82 -11.01 34.75
CA ILE K 31 11.88 -11.90 33.63
C ILE K 31 11.23 -11.20 32.42
N PRO K 32 11.73 -11.42 31.22
CA PRO K 32 11.33 -10.68 30.05
C PRO K 32 9.84 -10.68 29.66
N PHE K 33 9.30 -9.48 29.46
CA PHE K 33 7.90 -9.19 29.26
C PHE K 33 6.99 -9.46 30.43
N LEU K 34 7.28 -9.05 31.68
CA LEU K 34 6.28 -9.32 32.70
C LEU K 34 6.27 -7.90 33.37
N HIS K 35 5.07 -7.29 33.33
CA HIS K 35 4.73 -5.93 33.77
C HIS K 35 5.13 -5.86 35.17
N PRO K 36 5.57 -4.71 35.71
CA PRO K 36 5.97 -4.51 37.09
C PRO K 36 4.89 -4.85 38.04
N GLY K 37 3.59 -4.68 37.56
CA GLY K 37 2.47 -4.59 38.39
C GLY K 37 1.95 -5.99 38.48
N GLU K 38 2.15 -6.82 37.43
CA GLU K 38 1.63 -8.17 37.30
C GLU K 38 2.50 -9.11 38.02
N THR K 39 3.71 -8.66 38.42
CA THR K 39 4.54 -9.55 39.20
C THR K 39 4.20 -9.47 40.66
N SER K 40 3.55 -8.35 41.03
CA SER K 40 3.20 -8.02 42.35
C SER K 40 1.95 -8.82 42.82
N VAL K 41 0.97 -9.00 41.85
CA VAL K 41 -0.27 -9.73 42.10
C VAL K 41 -0.02 -11.17 41.84
N LEU K 42 0.99 -11.56 41.01
CA LEU K 42 1.31 -12.95 40.81
C LEU K 42 2.01 -13.44 42.14
N ASN K 43 2.70 -12.55 42.86
CA ASN K 43 3.37 -12.92 44.13
C ASN K 43 2.33 -13.09 45.24
N ARG K 44 1.20 -12.42 45.18
CA ARG K 44 0.19 -12.69 46.22
C ARG K 44 -0.50 -14.06 46.01
N LEU K 45 -0.51 -14.54 44.77
CA LEU K 45 -1.05 -15.84 44.45
C LEU K 45 -0.12 -16.95 44.74
N CYS K 46 1.19 -16.69 44.76
CA CYS K 46 2.22 -17.65 45.05
C CYS K 46 2.29 -17.91 46.57
N LYS K 47 1.82 -16.92 47.47
CA LYS K 47 1.77 -17.20 48.93
C LYS K 47 0.69 -18.22 49.13
N LEU K 48 -0.29 -18.51 48.18
CA LEU K 48 -1.37 -19.44 48.44
C LEU K 48 -1.01 -20.82 47.84
N GLY K 49 0.17 -20.87 47.16
CA GLY K 49 0.80 -22.08 46.72
C GLY K 49 1.95 -22.44 47.66
N THR K 50 2.44 -21.46 48.41
CA THR K 50 3.49 -21.72 49.41
C THR K 50 2.89 -22.43 50.61
N ASP K 51 1.81 -21.90 51.20
CA ASP K 51 1.12 -22.57 52.28
C ASP K 51 0.32 -23.78 51.89
N TYR K 52 0.06 -23.94 50.55
CA TYR K 52 -0.51 -25.18 50.15
C TYR K 52 0.39 -26.38 50.06
N ILE K 53 1.77 -26.24 49.93
CA ILE K 53 2.70 -27.38 49.87
C ILE K 53 3.35 -27.54 51.22
N ARG K 54 3.29 -26.57 52.05
CA ARG K 54 3.53 -26.60 53.47
C ARG K 54 2.39 -27.26 54.17
N PHE K 55 1.25 -27.58 53.47
CA PHE K 55 0.10 -28.25 54.08
C PHE K 55 0.08 -29.64 53.55
N THR K 56 0.38 -29.89 52.25
CA THR K 56 0.41 -31.31 51.74
C THR K 56 1.56 -32.14 52.18
N GLU K 57 2.70 -31.54 52.61
CA GLU K 57 3.67 -32.35 53.30
C GLU K 57 3.22 -32.73 54.71
N PHE K 58 2.33 -31.90 55.33
CA PHE K 58 1.92 -32.14 56.68
C PHE K 58 0.94 -33.30 56.76
N ILE K 59 0.33 -33.65 55.62
CA ILE K 59 -0.58 -34.81 55.56
C ILE K 59 0.33 -36.02 55.43
N GLU K 60 1.20 -36.08 54.34
CA GLU K 60 1.97 -37.24 53.93
C GLU K 60 3.02 -37.63 54.91
N GLN K 61 3.46 -36.72 55.76
CA GLN K 61 4.43 -37.01 56.83
C GLN K 61 3.92 -37.87 57.96
N TYR K 62 2.59 -37.74 58.18
CA TYR K 62 1.97 -38.33 59.31
C TYR K 62 0.90 -39.29 59.00
N THR K 63 0.83 -39.73 57.73
CA THR K 63 -0.14 -40.69 57.23
C THR K 63 0.59 -41.66 56.26
N GLY K 64 0.29 -42.96 56.45
CA GLY K 64 0.70 -44.01 55.58
C GLY K 64 2.15 -44.41 55.88
N LEU K 81 7.36 -36.44 66.53
CA LEU K 81 5.98 -36.46 67.00
C LEU K 81 5.29 -37.75 66.55
N HIS K 82 4.30 -38.24 67.29
CA HIS K 82 3.52 -39.44 66.94
C HIS K 82 2.27 -39.12 67.65
N GLY K 83 1.16 -39.73 67.16
CA GLY K 83 -0.13 -39.56 67.72
C GLY K 83 -1.17 -40.15 66.84
N ILE K 84 -2.45 -40.36 67.42
CA ILE K 84 -3.54 -40.92 66.62
C ILE K 84 -4.68 -39.97 66.56
N TYR K 85 -4.47 -38.76 67.17
CA TYR K 85 -5.36 -37.68 66.86
C TYR K 85 -4.61 -36.79 65.96
N LEU K 86 -3.30 -36.95 65.73
CA LEU K 86 -2.51 -36.16 64.72
C LEU K 86 -2.91 -36.46 63.35
N ARG K 87 -3.13 -37.75 63.05
CA ARG K 87 -3.58 -38.17 61.75
C ARG K 87 -5.08 -38.02 61.55
N ALA K 88 -5.93 -37.90 62.62
CA ALA K 88 -7.30 -37.48 62.59
C ALA K 88 -7.16 -35.99 62.29
N PHE K 89 -6.12 -35.24 62.79
CA PHE K 89 -6.02 -33.82 62.49
C PHE K 89 -5.61 -33.56 61.08
N CYS K 90 -5.04 -34.59 60.42
CA CYS K 90 -4.58 -34.45 59.02
C CYS K 90 -5.81 -34.53 58.04
N ARG K 91 -6.82 -35.33 58.37
CA ARG K 91 -8.06 -35.48 57.64
C ARG K 91 -8.99 -34.38 58.00
N GLY K 92 -8.66 -33.53 59.06
CA GLY K 92 -9.13 -32.27 59.49
C GLY K 92 -8.55 -31.20 58.60
N LEU K 93 -7.28 -31.32 58.14
CA LEU K 93 -6.63 -30.36 57.32
C LEU K 93 -6.91 -30.46 55.89
N ASP K 94 -7.36 -31.60 55.33
CA ASP K 94 -7.67 -31.94 53.91
C ASP K 94 -8.94 -31.48 53.37
N SER K 95 -9.81 -30.93 54.31
CA SER K 95 -11.19 -30.56 54.14
C SER K 95 -11.37 -29.10 53.81
N ILE K 96 -10.32 -28.33 54.15
CA ILE K 96 -10.14 -26.86 53.90
C ILE K 96 -9.42 -26.64 52.60
N LEU K 97 -8.82 -27.72 52.12
CA LEU K 97 -8.19 -27.69 50.79
C LEU K 97 -9.13 -28.05 49.75
N GLN K 98 -10.31 -28.48 50.20
CA GLN K 98 -11.36 -29.08 49.34
C GLN K 98 -11.93 -27.97 48.57
N PRO K 99 -12.28 -26.79 49.10
CA PRO K 99 -12.86 -25.75 48.20
C PRO K 99 -11.83 -24.98 47.37
N TYR K 100 -10.64 -24.90 47.99
CA TYR K 100 -9.45 -24.39 47.19
C TYR K 100 -9.20 -25.08 45.82
N ARG K 101 -9.11 -26.43 45.83
CA ARG K 101 -8.86 -27.25 44.71
C ARG K 101 -10.01 -27.32 43.71
N GLN K 102 -11.27 -27.11 44.16
CA GLN K 102 -12.35 -26.84 43.30
C GLN K 102 -12.28 -25.47 42.70
N ALA K 103 -11.80 -24.44 43.38
CA ALA K 103 -11.72 -23.16 42.74
C ALA K 103 -10.52 -23.05 41.84
N LEU K 104 -9.48 -23.88 41.96
CA LEU K 104 -8.43 -24.00 40.93
C LEU K 104 -8.96 -24.70 39.68
N LEU K 105 -9.93 -25.60 39.88
CA LEU K 105 -10.47 -26.31 38.74
C LEU K 105 -11.52 -25.50 38.00
N ASP K 106 -12.21 -24.53 38.62
CA ASP K 106 -13.18 -23.66 37.98
C ASP K 106 -12.52 -22.51 37.26
N LEU K 107 -11.20 -22.26 37.61
CA LEU K 107 -10.35 -21.41 36.76
C LEU K 107 -9.83 -22.13 35.52
N GLU K 108 -9.69 -23.44 35.70
CA GLU K 108 -9.07 -24.32 34.73
C GLU K 108 -9.87 -24.50 33.42
N GLN K 109 -11.23 -24.71 33.50
CA GLN K 109 -12.20 -24.84 32.45
C GLN K 109 -12.50 -23.52 31.77
N GLU K 110 -12.43 -22.35 32.46
CA GLU K 110 -12.50 -20.98 31.91
C GLU K 110 -11.34 -20.64 31.02
N PHE K 111 -10.15 -21.14 31.42
CA PHE K 111 -8.88 -20.80 30.61
C PHE K 111 -8.62 -21.86 29.51
N LEU K 112 -9.54 -22.83 29.39
CA LEU K 112 -9.45 -23.78 28.28
C LEU K 112 -10.40 -23.26 27.24
N ALA K 113 -11.50 -22.53 27.69
CA ALA K 113 -12.57 -21.87 26.91
C ALA K 113 -12.10 -20.81 26.00
N ASP K 114 -11.09 -19.95 26.34
CA ASP K 114 -10.49 -18.90 25.57
C ASP K 114 -9.19 -18.66 26.29
N PRO K 115 -8.18 -18.00 25.68
CA PRO K 115 -6.88 -17.93 26.22
C PRO K 115 -6.58 -16.50 26.65
N HIS K 116 -7.55 -15.55 26.52
CA HIS K 116 -7.22 -14.14 26.87
C HIS K 116 -7.78 -13.96 28.19
N LEU K 117 -6.95 -13.76 29.21
CA LEU K 117 -7.46 -13.55 30.51
C LEU K 117 -6.56 -12.66 31.28
N SER K 118 -7.15 -12.05 32.32
CA SER K 118 -6.48 -11.18 33.19
C SER K 118 -6.29 -11.93 34.48
N ILE K 119 -5.25 -11.57 35.25
CA ILE K 119 -4.79 -12.30 36.43
C ILE K 119 -5.49 -11.69 37.62
N SER K 120 -6.30 -10.64 37.34
CA SER K 120 -7.14 -10.01 38.20
C SER K 120 -8.29 -10.84 38.40
N HIS K 121 -8.66 -11.73 37.49
CA HIS K 121 -9.76 -12.62 37.66
C HIS K 121 -9.41 -13.73 38.66
N ILE K 122 -8.11 -14.27 38.65
CA ILE K 122 -7.68 -15.26 39.65
C ILE K 122 -7.52 -14.59 40.96
N ASN K 123 -7.16 -13.29 41.05
CA ASN K 123 -6.99 -12.46 42.21
C ASN K 123 -8.27 -12.24 42.94
N TYR K 124 -9.35 -12.00 42.23
CA TYR K 124 -10.67 -11.87 42.66
C TYR K 124 -11.24 -13.21 43.17
N SER K 125 -11.05 -14.36 42.52
CA SER K 125 -11.63 -15.64 42.84
C SER K 125 -10.94 -16.36 44.00
N LEU K 126 -9.61 -16.12 44.22
CA LEU K 126 -8.89 -16.87 45.22
C LEU K 126 -8.61 -15.99 46.44
N ASP K 127 -8.93 -14.72 46.35
CA ASP K 127 -9.03 -14.04 47.65
C ASP K 127 -10.40 -14.47 48.25
N GLN K 128 -10.23 -15.29 49.27
CA GLN K 128 -11.25 -15.99 50.11
C GLN K 128 -10.45 -17.02 50.75
N PHE K 129 -9.48 -17.50 49.95
CA PHE K 129 -8.45 -18.40 50.46
C PHE K 129 -7.21 -17.69 50.90
N HIS K 130 -7.24 -16.31 50.89
CA HIS K 130 -6.13 -15.55 51.41
C HIS K 130 -6.35 -15.12 52.83
N LEU K 131 -7.46 -15.55 53.52
CA LEU K 131 -7.78 -15.23 54.84
C LEU K 131 -8.20 -16.53 55.57
N LEU K 132 -8.30 -17.69 54.89
CA LEU K 132 -8.45 -18.98 55.58
C LEU K 132 -7.04 -19.51 55.80
N PHE K 133 -6.14 -19.27 54.89
CA PHE K 133 -4.87 -19.97 54.86
C PHE K 133 -3.87 -19.41 55.81
N PRO K 134 -3.72 -18.15 56.02
CA PRO K 134 -2.79 -17.71 57.03
C PRO K 134 -3.22 -18.14 58.49
N SER K 135 -4.56 -18.11 58.73
CA SER K 135 -5.18 -18.32 60.03
C SER K 135 -5.14 -19.78 60.39
N ILE K 136 -5.02 -20.72 59.46
CA ILE K 136 -4.76 -22.11 59.70
C ILE K 136 -3.34 -22.49 59.67
N MET K 137 -2.44 -21.73 59.09
CA MET K 137 -1.02 -22.02 59.11
C MET K 137 -0.41 -21.80 60.50
N VAL K 138 -0.96 -20.91 61.30
CA VAL K 138 -0.52 -20.80 62.65
C VAL K 138 -0.92 -21.92 63.53
N VAL K 139 -1.97 -22.66 63.14
CA VAL K 139 -2.45 -23.79 63.86
C VAL K 139 -1.46 -24.95 63.80
N VAL K 140 -0.98 -25.28 62.54
CA VAL K 140 -0.06 -26.47 62.41
C VAL K 140 1.29 -26.21 62.90
N GLU K 141 1.79 -24.99 62.97
CA GLU K 141 3.13 -24.68 63.45
C GLU K 141 3.07 -24.69 64.95
N GLN K 142 1.93 -24.29 65.58
CA GLN K 142 1.74 -24.28 67.03
C GLN K 142 1.66 -25.74 67.53
N ILE K 143 1.08 -26.64 66.77
CA ILE K 143 1.08 -28.05 67.05
C ILE K 143 2.43 -28.58 67.04
N LYS K 144 3.34 -28.22 66.13
CA LYS K 144 4.62 -28.85 66.01
C LYS K 144 5.68 -28.24 66.89
N SER K 145 5.44 -27.03 67.53
CA SER K 145 6.43 -26.35 68.31
C SER K 145 6.23 -26.49 69.82
N GLN K 146 4.97 -26.89 70.35
CA GLN K 146 4.79 -27.20 71.73
C GLN K 146 4.85 -28.77 71.87
N LYS K 147 4.89 -29.42 70.69
CA LYS K 147 5.03 -30.90 70.56
C LYS K 147 3.82 -31.68 71.04
N ILE K 148 2.64 -31.15 70.91
CA ILE K 148 1.43 -31.58 71.49
C ILE K 148 0.67 -32.47 70.59
N HIS K 149 0.02 -33.40 71.23
CA HIS K 149 -0.63 -34.58 70.62
C HIS K 149 -1.80 -35.01 71.49
N GLY K 150 -2.76 -35.69 70.86
CA GLY K 150 -3.79 -36.34 71.64
C GLY K 150 -5.05 -35.54 71.63
N CYS K 151 -5.71 -35.71 72.79
CA CYS K 151 -7.01 -35.15 73.10
C CYS K 151 -6.87 -33.60 73.31
N GLN K 152 -5.57 -33.07 73.46
CA GLN K 152 -5.36 -31.69 73.59
C GLN K 152 -5.20 -31.15 72.18
N ILE K 153 -5.33 -31.92 71.12
CA ILE K 153 -5.52 -31.48 69.78
C ILE K 153 -6.91 -30.86 69.60
N LEU K 154 -7.94 -31.48 70.24
CA LEU K 154 -9.29 -31.09 70.17
C LEU K 154 -9.41 -29.75 70.90
N GLU K 155 -8.58 -29.44 71.87
CA GLU K 155 -8.58 -28.26 72.59
C GLU K 155 -7.91 -27.09 71.92
N THR K 156 -6.93 -27.47 71.10
CA THR K 156 -6.06 -26.57 70.36
C THR K 156 -6.77 -25.90 69.21
N VAL K 157 -7.55 -26.59 68.41
CA VAL K 157 -8.40 -26.03 67.37
C VAL K 157 -9.63 -25.43 67.85
N TYR K 158 -10.20 -25.82 69.03
CA TYR K 158 -11.43 -25.33 69.46
C TYR K 158 -11.42 -23.86 69.89
N LYS K 159 -10.39 -23.43 70.63
CA LYS K 159 -10.41 -22.08 71.17
C LYS K 159 -10.00 -21.00 70.16
N HIS K 160 -9.48 -21.41 68.96
CA HIS K 160 -9.21 -20.52 67.78
C HIS K 160 -10.44 -20.26 67.02
N SER K 161 -11.40 -21.27 67.05
CA SER K 161 -12.68 -21.11 66.37
C SER K 161 -13.63 -20.23 67.13
N CYS K 162 -13.28 -19.91 68.40
CA CYS K 162 -13.86 -18.90 69.24
C CYS K 162 -13.57 -17.49 68.81
N GLY K 163 -12.36 -17.30 68.21
CA GLY K 163 -11.76 -16.19 67.60
C GLY K 163 -12.47 -15.60 66.44
N GLY K 164 -12.05 -14.37 65.98
CA GLY K 164 -12.65 -13.63 64.87
C GLY K 164 -12.62 -14.37 63.50
N LEU K 165 -13.23 -13.55 62.56
CA LEU K 165 -13.33 -13.94 61.12
C LEU K 165 -14.40 -14.97 60.88
N PRO K 166 -15.66 -14.68 60.41
CA PRO K 166 -16.60 -15.76 60.07
C PRO K 166 -16.13 -16.88 59.15
N PRO K 167 -15.23 -16.75 58.14
CA PRO K 167 -14.86 -17.86 57.35
C PRO K 167 -14.13 -18.96 58.14
N VAL K 168 -13.35 -18.49 59.16
CA VAL K 168 -12.38 -19.21 59.84
C VAL K 168 -12.99 -19.98 60.98
N ARG K 169 -14.13 -19.34 61.54
CA ARG K 169 -14.94 -19.92 62.63
C ARG K 169 -15.80 -21.02 62.11
N SER K 170 -16.29 -20.94 60.82
CA SER K 170 -16.97 -22.08 60.24
C SER K 170 -16.04 -23.18 59.80
N ALA K 171 -14.80 -22.75 59.44
CA ALA K 171 -13.79 -23.63 58.84
C ALA K 171 -13.20 -24.63 59.76
N LEU K 172 -12.90 -24.12 60.94
CA LEU K 172 -12.23 -24.83 62.06
C LEU K 172 -13.18 -25.67 62.79
N GLU K 173 -14.49 -25.61 62.44
CA GLU K 173 -15.47 -26.46 63.01
C GLU K 173 -15.57 -27.66 62.21
N LYS K 174 -15.26 -27.56 60.92
CA LYS K 174 -15.13 -28.67 60.03
C LYS K 174 -13.78 -29.48 60.37
N THR K 175 -12.70 -28.75 60.74
CA THR K 175 -11.38 -29.30 61.30
C THR K 175 -11.62 -29.96 62.64
N LEU K 176 -12.59 -29.45 63.52
CA LEU K 176 -12.99 -29.94 64.74
C LEU K 176 -13.65 -31.28 64.60
N ALA K 177 -14.38 -31.47 63.47
CA ALA K 177 -15.30 -32.59 63.32
C ALA K 177 -14.54 -33.92 63.28
N VAL K 178 -13.34 -33.93 62.68
CA VAL K 178 -12.75 -35.19 62.33
C VAL K 178 -11.94 -35.75 63.52
N CYS K 179 -11.34 -34.83 64.39
CA CYS K 179 -10.57 -35.27 65.59
C CYS K 179 -11.49 -35.40 66.72
N HIS K 180 -12.67 -34.77 66.66
CA HIS K 180 -13.73 -35.05 67.56
C HIS K 180 -14.30 -36.45 67.30
N GLY K 181 -14.10 -36.94 66.02
CA GLY K 181 -14.60 -38.23 65.68
C GLY K 181 -13.73 -39.35 66.27
N VAL K 182 -12.36 -39.07 66.39
CA VAL K 182 -11.39 -39.99 66.98
C VAL K 182 -11.46 -39.86 68.56
N MET K 183 -11.89 -38.67 69.11
CA MET K 183 -12.30 -38.56 70.52
C MET K 183 -13.52 -39.50 70.72
N TYR K 184 -14.48 -39.52 69.84
CA TYR K 184 -15.62 -40.33 69.88
C TYR K 184 -15.37 -41.81 69.71
N LYS K 185 -14.35 -42.30 69.01
CA LYS K 185 -13.84 -43.67 69.12
C LYS K 185 -13.39 -44.05 70.44
N GLN K 186 -12.81 -43.13 71.25
CA GLN K 186 -12.34 -43.43 72.59
C GLN K 186 -13.45 -43.70 73.54
N LEU K 187 -14.54 -42.87 73.52
CA LEU K 187 -15.77 -42.93 74.34
C LEU K 187 -16.76 -43.96 73.88
N SER K 188 -16.62 -44.52 72.64
CA SER K 188 -17.46 -45.70 72.34
C SER K 188 -16.77 -46.99 72.86
N ALA K 189 -15.44 -47.07 72.80
CA ALA K 189 -14.80 -48.28 73.39
C ALA K 189 -14.74 -48.29 74.84
N TRP K 190 -14.59 -47.06 75.45
CA TRP K 190 -14.38 -46.95 76.92
C TRP K 190 -15.68 -47.26 77.60
N MET K 191 -16.82 -47.14 76.87
CA MET K 191 -18.13 -47.42 77.44
C MET K 191 -18.63 -48.71 76.90
N LEU K 192 -18.00 -49.38 75.84
CA LEU K 192 -18.44 -50.61 75.19
C LEU K 192 -18.60 -51.72 76.16
N HIS K 193 -17.53 -51.88 76.95
CA HIS K 193 -17.35 -52.90 77.98
C HIS K 193 -16.08 -52.53 78.72
N GLY K 194 -15.58 -51.34 78.47
CA GLY K 194 -14.28 -50.86 78.87
C GLY K 194 -13.20 -51.27 77.94
N LEU K 195 -11.96 -50.87 78.37
CA LEU K 195 -10.75 -51.05 77.58
C LEU K 195 -10.51 -49.87 76.61
N LEU K 196 -9.47 -49.04 76.94
CA LEU K 196 -8.99 -47.90 76.23
C LEU K 196 -8.03 -48.42 75.18
N LEU K 197 -8.21 -47.96 73.97
CA LEU K 197 -7.51 -48.46 72.79
C LEU K 197 -6.36 -47.52 72.51
N ASP K 198 -6.07 -46.45 73.27
CA ASP K 198 -4.88 -45.61 73.05
C ASP K 198 -3.60 -46.43 73.08
N GLN K 199 -2.72 -46.17 72.09
CA GLN K 199 -1.51 -46.92 71.80
C GLN K 199 -0.38 -46.04 72.07
N TYR K 200 -0.60 -44.80 72.64
CA TYR K 200 0.44 -43.83 72.81
C TYR K 200 -0.01 -42.93 73.95
N GLU K 201 -1.03 -43.31 74.71
CA GLU K 201 -1.53 -42.72 75.95
C GLU K 201 -2.16 -41.42 75.71
N GLU K 202 -3.31 -41.40 74.98
CA GLU K 202 -3.70 -40.22 74.39
C GLU K 202 -5.17 -40.20 74.62
N PHE K 203 -5.56 -39.40 75.63
CA PHE K 203 -6.95 -39.35 75.99
C PHE K 203 -6.84 -38.55 77.33
N PHE K 204 -7.66 -38.78 78.36
CA PHE K 204 -7.69 -37.98 79.66
C PHE K 204 -8.09 -38.91 80.67
N VAL K 205 -8.26 -40.21 80.36
CA VAL K 205 -8.52 -41.18 81.31
C VAL K 205 -7.26 -41.85 81.34
N ARG K 206 -6.70 -41.78 82.59
CA ARG K 206 -5.44 -42.45 82.89
C ARG K 206 -5.58 -43.95 82.84
N GLN K 207 -4.43 -44.71 82.51
CA GLN K 207 -4.40 -46.17 82.49
C GLN K 207 -4.10 -46.61 83.86
N GLY K 208 -4.87 -47.54 84.42
CA GLY K 208 -4.69 -47.94 85.79
C GLY K 208 -3.38 -48.81 86.04
N SER K 253 -11.20 -56.32 89.84
CA SER K 253 -10.45 -55.37 88.96
C SER K 253 -9.04 -55.20 89.32
N LEU K 254 -8.21 -55.22 88.27
CA LEU K 254 -6.78 -55.26 88.42
C LEU K 254 -6.33 -53.82 88.24
N LYS K 255 -6.02 -53.24 89.37
CA LYS K 255 -5.48 -51.88 89.54
C LYS K 255 -6.53 -50.82 89.23
N GLN K 256 -6.42 -49.70 89.98
CA GLN K 256 -7.38 -48.61 89.93
C GLN K 256 -7.02 -47.58 88.93
N PHE K 257 -8.14 -47.30 88.15
CA PHE K 257 -8.05 -46.41 86.98
C PHE K 257 -8.62 -45.07 87.39
N SER K 258 -7.79 -44.06 87.04
CA SER K 258 -8.09 -42.68 87.50
C SER K 258 -8.17 -41.74 86.30
N LEU K 259 -7.76 -40.46 86.45
CA LEU K 259 -7.79 -39.37 85.53
C LEU K 259 -6.38 -38.70 85.51
N ARG K 260 -6.00 -38.18 84.33
CA ARG K 260 -4.90 -37.25 84.06
C ARG K 260 -5.45 -35.90 83.60
N ALA K 261 -4.64 -34.82 83.88
CA ALA K 261 -5.02 -33.40 83.57
C ALA K 261 -4.03 -32.80 82.56
N GLU K 262 -3.05 -33.60 82.11
CA GLU K 262 -2.03 -33.06 81.30
C GLU K 262 -2.46 -33.09 79.89
N MET K 263 -3.55 -33.87 79.71
CA MET K 263 -4.45 -33.88 78.55
C MET K 263 -5.83 -33.94 79.17
N LEU K 264 -6.79 -33.09 78.78
CA LEU K 264 -8.17 -33.10 79.17
C LEU K 264 -8.64 -31.73 78.78
N PRO K 265 -9.54 -31.60 77.73
CA PRO K 265 -10.00 -30.39 77.21
C PRO K 265 -10.44 -29.42 78.27
N SER K 266 -10.24 -28.09 78.04
CA SER K 266 -10.49 -27.13 79.10
C SER K 266 -11.88 -26.52 79.03
N TYR K 267 -12.72 -26.95 78.09
CA TYR K 267 -14.13 -26.72 78.05
C TYR K 267 -14.89 -27.93 78.57
N ILE K 268 -14.19 -29.04 78.94
CA ILE K 268 -14.86 -30.14 79.59
C ILE K 268 -14.41 -30.12 81.04
N PRO K 269 -15.20 -29.73 82.04
CA PRO K 269 -14.84 -29.58 83.44
C PRO K 269 -14.14 -30.88 84.01
N VAL K 270 -13.42 -30.76 85.18
CA VAL K 270 -12.70 -31.79 85.81
C VAL K 270 -13.70 -32.75 86.43
N ARG K 271 -14.87 -32.16 86.91
CA ARG K 271 -15.95 -32.88 87.48
C ARG K 271 -16.83 -33.58 86.42
N VAL K 272 -16.57 -33.34 85.15
CA VAL K 272 -17.25 -34.03 84.11
C VAL K 272 -16.49 -35.21 83.67
N ALA K 273 -15.16 -35.16 83.94
CA ALA K 273 -14.20 -36.14 83.47
C ALA K 273 -14.41 -37.43 84.18
N GLU K 274 -14.90 -37.21 85.46
CA GLU K 274 -15.15 -38.39 86.36
C GLU K 274 -16.50 -39.11 86.07
N LYS K 275 -17.35 -38.37 85.28
CA LYS K 275 -18.72 -38.83 84.97
C LYS K 275 -18.67 -39.88 83.93
N ILE K 276 -17.52 -39.81 83.20
CA ILE K 276 -17.07 -40.70 82.15
C ILE K 276 -16.23 -41.75 82.82
N LEU K 277 -15.44 -41.46 83.88
CA LEU K 277 -14.57 -42.44 84.56
C LEU K 277 -15.40 -43.60 85.13
N PHE K 278 -16.40 -43.18 85.96
CA PHE K 278 -17.05 -44.15 86.83
C PHE K 278 -17.96 -45.14 86.11
N VAL K 279 -18.64 -44.67 85.03
CA VAL K 279 -19.47 -45.59 84.29
C VAL K 279 -18.51 -46.62 83.58
N GLY K 280 -17.29 -46.19 83.18
CA GLY K 280 -16.40 -47.08 82.50
C GLY K 280 -15.71 -48.03 83.37
N GLU K 281 -15.44 -47.67 84.68
CA GLU K 281 -14.89 -48.41 85.73
C GLU K 281 -15.79 -49.57 86.15
N SER K 282 -17.12 -49.40 85.98
CA SER K 282 -18.09 -50.34 86.46
C SER K 282 -18.15 -51.50 85.44
N VAL K 283 -17.89 -51.25 84.05
CA VAL K 283 -17.72 -52.29 83.07
C VAL K 283 -16.33 -52.87 82.90
N GLN K 284 -15.38 -52.21 83.60
CA GLN K 284 -14.06 -52.54 83.67
C GLN K 284 -13.99 -53.66 84.65
N MET K 285 -14.88 -53.74 85.69
CA MET K 285 -14.82 -54.87 86.56
C MET K 285 -15.41 -56.16 86.03
N PHE K 286 -16.21 -56.18 84.91
CA PHE K 286 -16.65 -57.39 84.22
C PHE K 286 -15.66 -57.71 83.10
N GLU K 287 -14.65 -56.83 82.75
CA GLU K 287 -13.65 -57.07 81.79
C GLU K 287 -12.66 -57.99 82.45
N ASN K 288 -12.61 -57.78 83.76
CA ASN K 288 -12.01 -58.57 84.80
C ASN K 288 -12.67 -59.95 84.91
N GLN K 289 -14.02 -60.02 85.12
CA GLN K 289 -14.63 -61.34 85.49
C GLN K 289 -14.86 -62.24 84.28
N ASN K 290 -15.68 -61.73 83.34
CA ASN K 290 -16.05 -62.45 82.20
C ASN K 290 -17.14 -61.56 81.58
N VAL K 291 -17.13 -61.58 80.21
CA VAL K 291 -17.76 -60.65 79.33
C VAL K 291 -19.14 -61.20 78.93
N ASN K 292 -19.62 -62.25 79.56
CA ASN K 292 -20.92 -62.75 79.27
C ASN K 292 -21.82 -62.53 80.49
N MET K 293 -21.35 -61.70 81.43
CA MET K 293 -22.08 -61.46 82.63
C MET K 293 -22.18 -59.94 82.70
N SER K 294 -21.97 -59.25 81.53
CA SER K 294 -21.73 -57.83 81.41
C SER K 294 -23.05 -57.23 81.50
N ARG K 295 -22.93 -55.90 81.92
CA ARG K 295 -24.11 -55.08 82.05
C ARG K 295 -24.28 -54.19 80.90
N THR K 296 -23.52 -54.48 79.84
CA THR K 296 -23.51 -53.77 78.57
C THR K 296 -23.60 -54.76 77.48
N GLY K 297 -22.61 -55.66 77.26
CA GLY K 297 -22.32 -56.60 76.22
C GLY K 297 -22.70 -56.17 74.86
N SER K 298 -22.97 -57.07 73.91
CA SER K 298 -23.16 -56.73 72.58
C SER K 298 -24.01 -57.80 71.96
N ILE K 299 -24.40 -58.90 72.75
CA ILE K 299 -25.37 -59.90 72.43
C ILE K 299 -26.11 -60.17 73.69
N LEU K 300 -25.44 -59.85 74.83
CA LEU K 300 -25.98 -60.21 76.15
C LEU K 300 -27.05 -59.34 76.61
N LYS K 301 -26.88 -58.01 76.38
CA LYS K 301 -27.88 -57.04 76.79
C LYS K 301 -27.93 -55.96 75.72
N ASN K 302 -29.05 -55.20 75.68
CA ASN K 302 -29.28 -54.14 74.67
C ASN K 302 -28.96 -52.75 75.20
N GLN K 303 -28.32 -52.66 76.38
CA GLN K 303 -27.92 -51.49 77.06
C GLN K 303 -26.97 -50.69 76.14
N GLU K 304 -26.01 -51.37 75.48
CA GLU K 304 -24.96 -50.78 74.70
C GLU K 304 -25.61 -50.25 73.40
N ASP K 305 -26.61 -50.96 72.81
CA ASP K 305 -27.22 -50.53 71.53
C ASP K 305 -27.89 -49.11 71.61
N THR K 306 -28.51 -48.85 72.78
CA THR K 306 -29.12 -47.58 73.17
C THR K 306 -28.08 -46.52 73.38
N PHE K 307 -26.94 -46.93 74.06
CA PHE K 307 -25.86 -46.00 74.31
C PHE K 307 -25.13 -45.49 73.12
N ALA K 308 -24.91 -46.47 72.17
CA ALA K 308 -24.34 -46.17 70.88
C ALA K 308 -25.12 -45.25 70.12
N ALA K 309 -26.43 -45.34 70.05
CA ALA K 309 -27.20 -44.41 69.30
C ALA K 309 -27.15 -42.88 69.71
N GLU K 310 -27.15 -42.73 71.06
CA GLU K 310 -26.99 -41.46 71.71
C GLU K 310 -25.58 -40.94 71.36
N LEU K 311 -24.60 -41.84 71.29
CA LEU K 311 -23.25 -41.53 70.88
C LEU K 311 -23.14 -41.03 69.43
N HIS K 312 -23.83 -41.69 68.47
CA HIS K 312 -23.77 -41.49 67.06
C HIS K 312 -24.26 -40.10 66.72
N ARG K 313 -25.37 -39.68 67.37
CA ARG K 313 -25.98 -38.41 67.11
C ARG K 313 -25.07 -37.23 67.59
N LEU K 314 -24.45 -37.34 68.78
CA LEU K 314 -23.64 -36.29 69.33
C LEU K 314 -22.34 -36.16 68.44
N LYS K 315 -21.83 -37.36 68.03
CA LYS K 315 -20.64 -37.50 67.19
C LYS K 315 -20.76 -36.83 65.94
N GLN K 316 -21.85 -37.06 65.23
CA GLN K 316 -21.90 -36.62 63.82
C GLN K 316 -22.03 -35.09 63.50
N GLN K 317 -21.74 -34.18 64.47
CA GLN K 317 -21.93 -32.76 64.42
C GLN K 317 -20.57 -32.18 64.44
N PRO K 318 -20.29 -31.09 63.80
CA PRO K 318 -18.99 -30.40 63.78
C PRO K 318 -18.75 -29.49 65.00
N LEU K 319 -19.70 -29.44 65.99
CA LEU K 319 -19.48 -28.60 67.16
C LEU K 319 -19.94 -29.58 68.20
N PHE K 320 -19.23 -29.50 69.40
CA PHE K 320 -19.62 -30.30 70.47
C PHE K 320 -20.02 -29.51 71.69
N SER K 321 -21.25 -29.75 72.14
CA SER K 321 -21.74 -29.06 73.30
C SER K 321 -21.86 -30.09 74.42
N LEU K 322 -21.75 -29.55 75.68
CA LEU K 322 -21.63 -30.23 76.97
C LEU K 322 -22.94 -30.45 77.65
N VAL K 323 -24.01 -29.60 77.38
CA VAL K 323 -25.26 -29.73 78.00
C VAL K 323 -25.91 -31.05 77.55
N ASP K 324 -25.79 -31.36 76.17
CA ASP K 324 -26.33 -32.55 75.56
C ASP K 324 -25.54 -33.77 76.03
N PHE K 325 -24.27 -33.58 76.27
CA PHE K 325 -23.37 -34.70 76.64
C PHE K 325 -23.70 -35.14 78.04
N GLU K 326 -24.27 -34.25 78.88
CA GLU K 326 -24.25 -34.47 80.35
C GLU K 326 -25.52 -35.12 80.76
N SER K 327 -26.56 -34.98 79.88
CA SER K 327 -27.86 -35.64 79.95
C SER K 327 -27.74 -37.03 79.53
N VAL K 328 -26.83 -37.46 78.64
CA VAL K 328 -26.70 -38.83 78.37
C VAL K 328 -25.56 -39.43 79.23
N LEU K 329 -24.82 -38.64 80.03
CA LEU K 329 -24.10 -39.30 81.12
C LEU K 329 -24.97 -39.73 82.26
N ASP K 330 -26.19 -39.06 82.36
CA ASP K 330 -27.15 -39.57 83.33
C ASP K 330 -27.67 -40.96 83.00
N ARG K 331 -28.09 -41.13 81.75
CA ARG K 331 -28.76 -42.31 81.24
C ARG K 331 -27.87 -43.52 81.06
N ILE K 332 -26.56 -43.24 80.85
CA ILE K 332 -25.61 -44.32 80.87
C ILE K 332 -25.15 -44.79 82.17
N ARG K 333 -25.61 -44.06 83.26
CA ARG K 333 -25.17 -44.43 84.56
C ARG K 333 -26.39 -45.05 85.27
N SER K 334 -27.57 -44.40 85.16
CA SER K 334 -28.83 -44.70 85.91
C SER K 334 -29.46 -46.04 85.47
N THR K 335 -29.46 -46.44 84.18
CA THR K 335 -29.97 -47.75 83.82
C THR K 335 -29.06 -48.93 84.18
N VAL K 336 -27.73 -48.67 84.39
CA VAL K 336 -26.76 -49.80 84.80
C VAL K 336 -26.23 -49.60 86.21
N ALA K 337 -26.86 -48.65 86.97
CA ALA K 337 -26.57 -48.33 88.29
C ALA K 337 -27.16 -49.35 89.24
N GLU K 338 -28.14 -50.10 88.84
CA GLU K 338 -28.85 -51.00 89.67
C GLU K 338 -28.30 -52.33 89.49
N HIS K 339 -27.43 -52.53 88.51
CA HIS K 339 -26.77 -53.80 88.23
C HIS K 339 -25.77 -54.04 89.39
N LEU K 340 -24.97 -53.02 89.80
CA LEU K 340 -23.98 -53.11 90.84
C LEU K 340 -24.59 -53.18 92.17
N TRP K 341 -25.82 -52.63 92.40
CA TRP K 341 -26.53 -52.85 93.63
C TRP K 341 -26.98 -54.29 93.79
N LYS K 342 -27.32 -54.94 92.62
CA LYS K 342 -27.74 -56.34 92.57
C LYS K 342 -26.54 -57.34 92.49
N LEU K 343 -25.32 -56.80 92.50
CA LEU K 343 -24.06 -57.50 92.61
C LEU K 343 -23.89 -57.76 94.05
N MET K 344 -23.77 -56.65 94.86
CA MET K 344 -23.20 -56.84 96.18
C MET K 344 -24.18 -57.45 97.21
N VAL K 345 -25.50 -57.60 96.91
CA VAL K 345 -26.32 -58.45 97.79
C VAL K 345 -25.88 -59.96 97.74
N GLU K 346 -25.67 -60.49 96.55
CA GLU K 346 -25.41 -61.91 96.40
C GLU K 346 -23.96 -62.26 96.37
N GLU K 347 -23.15 -61.30 96.62
CA GLU K 347 -21.70 -61.46 96.63
C GLU K 347 -21.28 -61.75 98.09
N SER L 3 -25.49 -31.55 -42.42
CA SER L 3 -24.49 -32.29 -41.63
C SER L 3 -23.37 -31.36 -41.12
N ILE L 4 -23.11 -31.30 -39.79
CA ILE L 4 -22.02 -30.56 -39.06
C ILE L 4 -20.61 -30.76 -39.61
N THR L 5 -20.18 -31.97 -39.99
CA THR L 5 -18.80 -32.27 -40.50
C THR L 5 -18.54 -31.62 -41.86
N LYS L 6 -19.50 -31.64 -42.75
CA LYS L 6 -19.45 -30.92 -43.97
C LYS L 6 -19.42 -29.40 -43.84
N LEU L 7 -20.39 -28.88 -43.03
CA LEU L 7 -20.62 -27.44 -42.83
C LEU L 7 -19.33 -26.73 -42.35
N PHE L 8 -18.56 -27.43 -41.43
CA PHE L 8 -17.22 -26.93 -41.04
C PHE L 8 -16.22 -26.82 -42.13
N GLY L 9 -16.18 -27.70 -43.09
CA GLY L 9 -15.37 -27.54 -44.33
C GLY L 9 -15.90 -26.42 -45.25
N ASP L 10 -17.22 -26.20 -45.33
CA ASP L 10 -17.77 -25.11 -46.14
C ASP L 10 -17.28 -23.85 -45.51
N LEU L 11 -17.29 -23.73 -44.16
CA LEU L 11 -16.87 -22.64 -43.33
C LEU L 11 -15.41 -22.29 -43.56
N CYS L 12 -14.43 -23.26 -43.62
CA CYS L 12 -13.07 -22.88 -43.86
C CYS L 12 -12.80 -22.42 -45.31
N GLU L 13 -13.43 -23.09 -46.26
CA GLU L 13 -13.38 -22.88 -47.66
C GLU L 13 -14.00 -21.52 -48.06
N SER L 14 -15.03 -21.06 -47.30
CA SER L 14 -15.65 -19.77 -47.53
C SER L 14 -14.73 -18.56 -47.29
N HIS L 15 -13.78 -18.67 -46.28
CA HIS L 15 -12.81 -17.63 -45.93
C HIS L 15 -11.73 -17.56 -47.05
N MET L 16 -11.52 -18.52 -47.96
CA MET L 16 -10.62 -18.43 -49.11
C MET L 16 -11.29 -18.06 -50.45
N VAL L 17 -12.51 -17.51 -50.43
CA VAL L 17 -13.21 -17.21 -51.63
C VAL L 17 -13.22 -15.66 -51.60
N SER L 31 -1.25 -28.12 -53.06
CA SER L 31 -1.26 -27.03 -52.06
C SER L 31 -2.65 -26.81 -51.56
N LYS L 32 -3.58 -26.49 -52.51
CA LYS L 32 -4.97 -26.17 -52.27
C LYS L 32 -5.69 -27.27 -51.55
N ASN L 33 -5.57 -28.52 -52.02
CA ASN L 33 -6.16 -29.67 -51.42
C ASN L 33 -5.61 -30.00 -50.01
N ARG L 34 -4.31 -29.91 -49.83
CA ARG L 34 -3.64 -30.12 -48.54
C ARG L 34 -4.10 -29.14 -47.46
N THR L 35 -4.17 -27.86 -47.82
CA THR L 35 -4.62 -26.74 -47.11
C THR L 35 -6.05 -26.92 -46.70
N LYS L 36 -7.00 -27.43 -47.54
CA LYS L 36 -8.38 -27.68 -47.13
C LYS L 36 -8.46 -28.61 -45.96
N GLN L 37 -7.68 -29.72 -45.96
CA GLN L 37 -7.61 -30.58 -44.84
C GLN L 37 -6.96 -30.03 -43.64
N THR L 38 -5.89 -29.32 -43.78
CA THR L 38 -5.14 -28.67 -42.66
C THR L 38 -6.06 -27.70 -41.82
N LEU L 39 -6.81 -26.83 -42.56
CA LEU L 39 -7.80 -25.91 -42.04
C LEU L 39 -9.06 -26.64 -41.51
N LYS L 40 -9.62 -27.72 -42.08
CA LYS L 40 -10.75 -28.54 -41.52
C LYS L 40 -10.33 -29.08 -40.13
N LYS L 41 -9.12 -29.59 -40.02
CA LYS L 41 -8.58 -30.17 -38.81
C LYS L 41 -8.54 -29.17 -37.63
N LEU L 42 -8.13 -27.94 -37.95
CA LEU L 42 -8.23 -26.81 -37.07
C LEU L 42 -9.68 -26.52 -36.54
N ALA L 43 -10.75 -26.52 -37.45
CA ALA L 43 -12.10 -26.26 -37.07
C ALA L 43 -12.61 -27.26 -36.01
N TYR L 44 -12.31 -28.54 -36.22
CA TYR L 44 -12.73 -29.66 -35.40
C TYR L 44 -12.06 -29.61 -34.04
N ASP L 45 -10.73 -29.25 -34.07
CA ASP L 45 -9.89 -29.09 -32.96
C ASP L 45 -10.32 -28.08 -32.06
N THR L 46 -10.67 -26.90 -32.58
CA THR L 46 -11.11 -25.78 -31.73
C THR L 46 -12.42 -26.07 -31.05
N LEU L 47 -13.28 -26.75 -31.78
CA LEU L 47 -14.55 -27.23 -31.28
C LEU L 47 -14.36 -28.19 -30.10
N PHE L 48 -13.39 -29.13 -30.25
CA PHE L 48 -13.11 -30.11 -29.20
C PHE L 48 -12.51 -29.48 -27.96
N VAL L 49 -11.54 -28.58 -28.03
CA VAL L 49 -10.89 -27.84 -26.98
C VAL L 49 -11.91 -27.05 -26.24
N HIS L 50 -12.79 -26.37 -26.98
CA HIS L 50 -13.73 -25.52 -26.45
C HIS L 50 -14.72 -26.32 -25.55
N LEU L 51 -15.16 -27.48 -26.01
CA LEU L 51 -16.07 -28.37 -25.31
C LEU L 51 -15.54 -28.93 -24.04
N PHE L 52 -14.19 -29.30 -24.10
CA PHE L 52 -13.50 -29.89 -22.99
C PHE L 52 -13.42 -28.98 -21.79
N GLN L 53 -13.22 -27.68 -22.04
CA GLN L 53 -13.07 -26.79 -20.95
C GLN L 53 -14.49 -26.49 -20.43
N LEU L 66 -26.45 -14.49 -20.07
CA LEU L 66 -27.56 -13.54 -20.20
C LEU L 66 -28.31 -13.68 -21.48
N PRO L 67 -29.59 -13.35 -21.55
CA PRO L 67 -30.35 -13.58 -22.82
C PRO L 67 -29.80 -12.59 -23.83
N VAL L 68 -29.86 -12.95 -25.13
CA VAL L 68 -29.31 -12.22 -26.23
C VAL L 68 -29.89 -10.87 -26.28
N LYS L 69 -31.23 -10.80 -25.92
CA LYS L 69 -32.00 -9.63 -26.09
C LYS L 69 -31.39 -8.49 -25.34
N ASN L 70 -30.91 -8.80 -24.12
CA ASN L 70 -30.24 -7.83 -23.27
C ASN L 70 -28.84 -7.44 -23.74
N LYS L 71 -28.07 -8.45 -24.26
CA LYS L 71 -26.76 -8.25 -24.78
C LYS L 71 -26.75 -7.24 -25.93
N ILE L 72 -27.80 -7.29 -26.75
CA ILE L 72 -28.06 -6.43 -27.88
C ILE L 72 -28.38 -5.06 -27.50
N ILE L 73 -29.23 -4.88 -26.44
CA ILE L 73 -29.46 -3.56 -25.93
C ILE L 73 -28.21 -2.86 -25.46
N MET L 74 -27.29 -3.59 -24.85
CA MET L 74 -26.07 -3.08 -24.25
C MET L 74 -25.12 -2.54 -25.32
N LEU L 75 -25.05 -3.20 -26.53
CA LEU L 75 -24.33 -2.82 -27.73
C LEU L 75 -24.96 -1.55 -28.26
N SER L 76 -26.31 -1.48 -28.30
CA SER L 76 -27.09 -0.34 -28.74
C SER L 76 -26.83 0.90 -27.78
N PHE L 77 -26.60 0.75 -26.40
CA PHE L 77 -26.28 1.81 -25.47
C PHE L 77 -25.00 2.47 -25.90
N ASN L 78 -24.01 1.56 -26.19
CA ASN L 78 -22.65 1.97 -26.55
C ASN L 78 -22.68 2.83 -27.81
N LEU L 79 -23.53 2.54 -28.83
CA LEU L 79 -23.75 3.40 -30.00
C LEU L 79 -24.32 4.76 -29.67
N ARG L 80 -25.30 4.83 -28.72
CA ARG L 80 -26.04 6.00 -28.43
C ARG L 80 -25.25 7.16 -27.94
N ILE L 81 -24.27 6.98 -26.99
CA ILE L 81 -23.35 7.90 -26.36
C ILE L 81 -22.36 8.44 -27.37
N CYS L 82 -22.01 7.64 -28.40
CA CYS L 82 -21.17 8.03 -29.55
C CYS L 82 -21.83 8.80 -30.62
N GLY L 83 -23.11 9.11 -30.42
CA GLY L 83 -23.86 9.93 -31.36
C GLY L 83 -24.31 9.21 -32.66
N MET L 84 -24.77 7.99 -32.56
CA MET L 84 -25.32 7.18 -33.64
C MET L 84 -26.60 6.74 -33.10
N SER L 85 -27.48 7.74 -32.85
CA SER L 85 -28.78 7.54 -32.35
C SER L 85 -29.64 6.81 -33.33
N SER L 86 -29.44 7.13 -34.63
CA SER L 86 -30.31 6.58 -35.71
C SER L 86 -30.14 5.08 -35.86
N GLU L 87 -28.85 4.65 -35.79
CA GLU L 87 -28.38 3.28 -35.81
C GLU L 87 -28.76 2.42 -34.63
N ALA L 88 -28.80 2.98 -33.39
CA ALA L 88 -29.27 2.29 -32.21
C ALA L 88 -30.73 1.95 -32.35
N ASP L 89 -31.55 2.84 -32.90
CA ASP L 89 -32.99 2.53 -33.17
C ASP L 89 -33.24 1.41 -34.15
N ARG L 90 -32.46 1.49 -35.21
CA ARG L 90 -32.49 0.65 -36.36
C ARG L 90 -32.06 -0.79 -35.99
N LEU L 91 -31.04 -0.98 -35.12
CA LEU L 91 -30.56 -2.25 -34.61
C LEU L 91 -31.61 -2.81 -33.75
N GLU L 92 -32.20 -2.09 -32.78
CA GLU L 92 -33.30 -2.53 -32.04
C GLU L 92 -34.64 -2.92 -32.79
N GLU L 93 -35.02 -2.10 -33.80
CA GLU L 93 -36.21 -2.32 -34.66
C GLU L 93 -36.15 -3.59 -35.35
N LEU L 94 -35.02 -3.90 -36.00
CA LEU L 94 -34.77 -5.10 -36.76
C LEU L 94 -34.71 -6.30 -35.89
N VAL L 95 -34.09 -6.23 -34.69
CA VAL L 95 -34.00 -7.37 -33.76
C VAL L 95 -35.39 -7.76 -33.27
N GLU L 96 -36.24 -6.78 -32.93
CA GLU L 96 -37.69 -6.96 -32.67
C GLU L 96 -38.45 -7.65 -33.80
N TYR L 97 -38.28 -7.30 -35.07
CA TYR L 97 -38.95 -7.78 -36.33
C TYR L 97 -38.79 -9.30 -36.44
N LEU L 98 -37.55 -9.75 -36.20
CA LEU L 98 -37.39 -11.16 -36.38
C LEU L 98 -38.22 -12.00 -35.39
N GLU L 99 -38.37 -11.39 -34.17
CA GLU L 99 -38.94 -12.10 -33.03
C GLU L 99 -40.43 -12.25 -33.26
N GLN L 100 -41.15 -11.33 -33.95
CA GLN L 100 -42.58 -11.43 -34.25
C GLN L 100 -42.90 -12.41 -35.31
N SER L 101 -42.01 -12.56 -36.29
CA SER L 101 -42.03 -13.73 -37.28
C SER L 101 -41.42 -14.89 -36.56
N ASN L 102 -41.61 -16.05 -37.19
CA ASN L 102 -40.69 -17.19 -36.81
C ASN L 102 -40.04 -17.35 -38.16
N GLY L 103 -38.70 -17.57 -38.24
CA GLY L 103 -37.91 -17.58 -39.45
C GLY L 103 -38.21 -18.77 -40.23
N ILE L 104 -37.88 -18.67 -41.56
CA ILE L 104 -38.39 -19.52 -42.64
C ILE L 104 -37.33 -20.53 -42.93
N GLN L 105 -36.13 -20.37 -42.22
CA GLN L 105 -34.96 -21.13 -42.42
C GLN L 105 -34.15 -20.82 -41.27
N ILE L 106 -34.66 -20.08 -40.21
CA ILE L 106 -34.08 -19.93 -38.93
C ILE L 106 -34.89 -20.75 -37.95
N SER L 107 -34.38 -21.10 -36.73
CA SER L 107 -34.99 -21.98 -35.77
C SER L 107 -34.21 -21.99 -34.45
N ASP L 108 -33.10 -21.23 -34.31
CA ASP L 108 -32.33 -20.99 -33.12
C ASP L 108 -31.74 -19.61 -33.33
N LEU L 109 -32.71 -18.71 -33.59
CA LEU L 109 -32.51 -17.35 -33.84
C LEU L 109 -31.78 -16.60 -32.79
N HIS L 110 -32.04 -17.07 -31.54
CA HIS L 110 -31.33 -16.49 -30.35
C HIS L 110 -29.88 -16.72 -30.45
N ALA L 111 -29.42 -17.99 -30.81
CA ALA L 111 -28.00 -18.35 -30.95
C ALA L 111 -27.34 -17.64 -32.12
N VAL L 112 -28.00 -17.48 -33.32
CA VAL L 112 -27.47 -16.82 -34.47
C VAL L 112 -27.12 -15.38 -34.09
N LEU L 113 -28.07 -14.67 -33.43
CA LEU L 113 -27.99 -13.20 -33.03
C LEU L 113 -26.83 -13.10 -32.06
N GLU L 114 -26.69 -14.14 -31.15
CA GLU L 114 -25.70 -14.29 -30.15
C GLU L 114 -24.29 -14.39 -30.60
N LEU L 115 -24.07 -15.21 -31.68
CA LEU L 115 -22.84 -15.37 -32.46
C LEU L 115 -22.51 -14.01 -33.04
N LEU L 116 -23.40 -13.24 -33.71
CA LEU L 116 -23.17 -11.85 -34.21
C LEU L 116 -22.73 -10.90 -33.10
N VAL L 117 -23.33 -11.01 -31.91
CA VAL L 117 -22.90 -10.28 -30.68
C VAL L 117 -21.56 -10.53 -30.24
N GLU L 118 -21.12 -11.82 -30.22
CA GLU L 118 -19.76 -12.11 -29.80
C GLU L 118 -18.70 -11.71 -30.75
N LEU L 119 -19.04 -11.56 -32.04
CA LEU L 119 -18.11 -11.06 -33.08
C LEU L 119 -18.29 -9.54 -33.31
N SER L 120 -19.15 -8.86 -32.52
CA SER L 120 -19.41 -7.48 -32.66
C SER L 120 -18.22 -6.67 -32.41
N GLY L 121 -17.95 -5.66 -33.26
CA GLY L 121 -16.79 -4.83 -33.09
C GLY L 121 -15.70 -5.37 -33.99
N VAL L 155 -22.59 24.82 -39.38
CA VAL L 155 -22.79 23.99 -38.13
C VAL L 155 -21.48 23.29 -37.86
N GLN L 156 -21.50 22.01 -37.31
CA GLN L 156 -20.31 21.40 -36.88
C GLN L 156 -20.54 19.91 -37.01
N VAL L 157 -21.78 19.45 -37.27
CA VAL L 157 -22.08 18.05 -37.54
C VAL L 157 -21.53 17.75 -38.87
N PHE L 158 -21.70 18.65 -39.86
CA PHE L 158 -21.28 18.44 -41.22
C PHE L 158 -19.76 18.56 -41.41
N GLU L 159 -19.06 19.37 -40.61
CA GLU L 159 -17.65 19.41 -40.62
C GLU L 159 -16.94 18.30 -39.88
N ALA L 160 -17.73 17.55 -39.02
CA ALA L 160 -17.21 16.46 -38.35
C ALA L 160 -17.16 15.29 -39.34
N ASP L 161 -18.26 15.16 -40.09
CA ASP L 161 -18.39 14.12 -41.11
C ASP L 161 -17.41 14.38 -42.26
N LEU L 162 -17.29 15.63 -42.75
CA LEU L 162 -16.38 15.95 -43.80
C LEU L 162 -14.97 15.83 -43.44
N GLY L 163 -14.68 16.32 -42.21
CA GLY L 163 -13.33 16.27 -41.63
C GLY L 163 -12.79 14.87 -41.49
N THR L 164 -13.64 13.88 -41.09
CA THR L 164 -13.31 12.49 -41.10
C THR L 164 -13.03 11.97 -42.55
N THR L 165 -13.86 12.35 -43.53
CA THR L 165 -13.76 11.84 -44.90
C THR L 165 -12.39 12.22 -45.47
N VAL L 166 -11.94 13.52 -45.22
CA VAL L 166 -10.73 14.20 -45.70
C VAL L 166 -9.50 13.65 -45.03
N ALA L 167 -9.63 13.47 -43.67
CA ALA L 167 -8.62 12.84 -42.84
C ALA L 167 -8.38 11.37 -43.14
N TYR L 168 -9.39 10.50 -43.52
CA TYR L 168 -9.25 9.18 -43.94
C TYR L 168 -8.54 9.11 -45.27
N GLN L 169 -8.91 9.98 -46.27
CA GLN L 169 -8.12 10.01 -47.56
C GLN L 169 -6.67 10.45 -47.34
N GLU L 170 -6.44 11.38 -46.42
CA GLU L 170 -5.14 11.82 -46.09
C GLU L 170 -4.27 10.72 -45.57
N LEU L 171 -4.80 9.77 -44.72
CA LEU L 171 -4.15 8.61 -44.20
C LEU L 171 -3.70 7.62 -45.26
N GLU L 172 -4.60 7.41 -46.25
CA GLU L 172 -4.35 6.49 -47.37
C GLU L 172 -3.14 6.90 -48.25
N ILE L 173 -3.08 8.19 -48.65
CA ILE L 173 -2.10 8.68 -49.60
C ILE L 173 -0.76 8.41 -48.96
N SER L 174 -0.62 8.68 -47.66
CA SER L 174 0.60 8.51 -46.87
C SER L 174 0.99 7.04 -46.70
N THR L 175 -0.01 6.08 -46.51
CA THR L 175 0.36 4.65 -46.35
C THR L 175 0.95 4.03 -47.60
N THR L 176 0.47 4.38 -48.85
CA THR L 176 0.97 3.94 -50.18
C THR L 176 2.40 4.50 -50.29
N ILE L 177 2.69 5.76 -49.95
CA ILE L 177 4.00 6.37 -50.11
C ILE L 177 4.99 5.71 -49.24
N GLN L 178 4.72 5.52 -47.93
CA GLN L 178 5.64 4.88 -46.98
C GLN L 178 5.99 3.52 -47.32
N ARG L 179 4.97 2.82 -47.78
CA ARG L 179 5.18 1.39 -48.36
C ARG L 179 6.17 1.32 -49.52
N THR L 180 6.14 2.20 -50.53
CA THR L 180 7.04 2.33 -51.63
C THR L 180 8.42 2.73 -51.19
N LEU L 181 8.47 3.64 -50.15
CA LEU L 181 9.66 4.09 -49.46
C LEU L 181 10.39 2.86 -48.80
N GLN L 182 9.56 1.96 -48.23
CA GLN L 182 10.07 0.71 -47.61
C GLN L 182 10.75 -0.23 -48.54
N ILE L 183 10.26 -0.45 -49.80
CA ILE L 183 10.89 -1.34 -50.78
C ILE L 183 12.25 -0.83 -51.13
N MET L 184 12.48 0.53 -51.22
CA MET L 184 13.76 1.07 -51.30
C MET L 184 14.52 1.29 -49.95
N ASP L 206 19.49 -25.36 -48.87
CA ASP L 206 19.48 -23.91 -48.49
C ASP L 206 20.46 -23.93 -47.38
N LYS L 207 20.56 -24.94 -46.47
CA LYS L 207 21.50 -25.00 -45.40
C LYS L 207 22.87 -24.90 -45.91
N PHE L 208 23.30 -25.65 -46.94
CA PHE L 208 24.62 -25.60 -47.51
C PHE L 208 24.89 -24.21 -48.07
N GLU L 209 23.95 -23.53 -48.79
CA GLU L 209 24.22 -22.28 -49.35
C GLU L 209 24.52 -21.17 -48.34
N LYS L 210 23.64 -21.13 -47.26
CA LYS L 210 23.76 -20.16 -46.14
C LYS L 210 25.05 -20.30 -45.35
N GLU L 211 25.52 -21.55 -45.02
CA GLU L 211 26.76 -21.88 -44.34
C GLU L 211 28.00 -21.40 -45.08
N THR L 212 28.04 -21.64 -46.39
CA THR L 212 29.17 -21.21 -47.26
C THR L 212 29.34 -19.72 -47.28
N ARG L 213 28.16 -19.02 -47.41
CA ARG L 213 27.95 -17.64 -47.67
C ARG L 213 28.39 -16.89 -46.50
N GLY L 214 28.19 -17.31 -45.25
CA GLY L 214 28.59 -16.62 -44.02
C GLY L 214 30.11 -16.41 -43.92
N SER L 215 30.84 -17.44 -44.35
CA SER L 215 32.28 -17.54 -44.40
C SER L 215 32.79 -17.03 -45.72
N LEU L 216 31.89 -16.58 -46.72
CA LEU L 216 32.32 -16.12 -48.00
C LEU L 216 33.26 -16.99 -48.74
N PHE L 217 32.77 -18.27 -48.98
CA PHE L 217 33.50 -19.31 -49.65
C PHE L 217 34.82 -19.73 -48.96
N GLY L 218 34.87 -19.57 -47.67
CA GLY L 218 36.02 -19.89 -46.84
C GLY L 218 37.00 -18.79 -46.77
N ALA L 219 36.65 -17.58 -47.21
CA ALA L 219 37.54 -16.45 -47.26
C ALA L 219 37.40 -15.63 -46.03
N LEU L 220 36.78 -16.22 -44.95
CA LEU L 220 36.64 -15.62 -43.67
C LEU L 220 36.87 -16.82 -42.79
N VAL L 221 37.41 -16.52 -41.62
CA VAL L 221 37.74 -17.37 -40.51
C VAL L 221 37.21 -16.79 -39.22
N HIS L 222 36.96 -15.45 -39.21
CA HIS L 222 36.55 -14.63 -38.05
C HIS L 222 35.06 -14.89 -37.79
N SER L 223 34.20 -14.06 -38.46
CA SER L 223 32.77 -13.94 -38.20
C SER L 223 31.92 -14.28 -39.41
N ARG L 224 30.72 -14.80 -39.12
CA ARG L 224 29.83 -14.98 -40.16
C ARG L 224 29.08 -13.72 -40.53
N THR L 225 29.05 -13.28 -41.85
CA THR L 225 28.46 -12.16 -42.40
C THR L 225 27.86 -12.51 -43.76
N ASN L 226 26.73 -11.85 -44.06
CA ASN L 226 26.11 -11.89 -45.32
C ASN L 226 26.32 -10.53 -45.88
N ASP L 227 26.84 -9.55 -45.19
CA ASP L 227 27.31 -8.27 -45.77
C ASP L 227 28.44 -8.61 -46.69
N MET L 228 28.58 -7.79 -47.76
CA MET L 228 29.66 -7.93 -48.69
C MET L 228 30.50 -6.68 -48.57
N ASP L 229 30.38 -6.04 -47.43
CA ASP L 229 30.98 -4.77 -47.03
C ASP L 229 31.95 -4.93 -45.88
N ILE L 230 32.20 -6.23 -45.42
CA ILE L 230 33.23 -6.51 -44.47
C ILE L 230 34.63 -6.16 -44.94
N LYS L 231 35.42 -5.55 -44.03
CA LYS L 231 36.82 -5.42 -44.29
C LYS L 231 37.52 -6.62 -43.81
N LEU L 232 38.12 -7.29 -44.80
CA LEU L 232 39.08 -8.35 -44.59
C LEU L 232 40.34 -7.94 -43.91
N ASP L 233 40.43 -8.03 -42.53
CA ASP L 233 41.69 -7.76 -41.87
C ASP L 233 41.75 -8.68 -40.68
N MET L 234 43.02 -9.22 -40.45
CA MET L 234 43.48 -9.83 -39.32
C MET L 234 43.50 -8.88 -38.13
N PRO L 235 43.45 -9.42 -36.88
CA PRO L 235 43.49 -8.54 -35.71
C PRO L 235 44.85 -8.06 -35.34
N PRO L 236 44.97 -6.99 -34.61
CA PRO L 236 46.23 -6.65 -33.92
C PRO L 236 46.69 -7.71 -33.03
N VAL L 237 48.04 -7.85 -32.88
CA VAL L 237 48.65 -8.76 -32.01
C VAL L 237 48.01 -8.81 -30.63
N PRO L 238 47.52 -9.89 -30.09
CA PRO L 238 47.08 -10.00 -28.68
C PRO L 238 47.98 -9.51 -27.62
N GLU L 239 47.36 -9.22 -26.51
CA GLU L 239 48.11 -8.96 -25.33
C GLU L 239 48.80 -10.20 -24.75
N ASN L 240 48.43 -11.43 -25.18
CA ASN L 240 49.06 -12.65 -24.67
C ASN L 240 50.18 -13.11 -25.58
N ALA L 241 50.25 -12.36 -26.69
CA ALA L 241 51.12 -12.49 -27.76
C ALA L 241 52.08 -11.32 -27.68
N ASP L 242 51.98 -10.43 -26.61
CA ASP L 242 53.14 -9.52 -26.38
C ASP L 242 53.96 -9.96 -25.21
N LEU L 243 53.50 -10.97 -24.41
CA LEU L 243 54.23 -11.49 -23.25
C LEU L 243 55.09 -12.69 -23.47
N SER L 244 55.10 -13.22 -24.68
CA SER L 244 55.74 -14.45 -24.96
C SER L 244 56.01 -14.55 -26.44
N GLY L 245 55.55 -13.48 -27.18
CA GLY L 245 55.51 -13.50 -28.61
C GLY L 245 54.31 -14.34 -29.19
N LEU L 246 53.98 -14.15 -30.51
CA LEU L 246 52.94 -14.89 -31.25
C LEU L 246 52.91 -16.41 -31.06
N ALA L 247 51.68 -16.91 -31.01
CA ALA L 247 51.50 -18.37 -30.88
C ALA L 247 50.25 -18.66 -31.64
N ILE L 248 50.39 -19.73 -32.50
CA ILE L 248 49.35 -20.27 -33.35
C ILE L 248 48.36 -21.03 -32.58
N LYS L 249 47.11 -20.67 -32.79
CA LYS L 249 45.92 -21.25 -32.02
C LYS L 249 45.68 -22.48 -32.83
N VAL L 250 45.46 -23.64 -32.11
CA VAL L 250 45.13 -24.96 -32.50
C VAL L 250 43.67 -25.01 -32.32
N PRO L 251 42.81 -25.37 -33.28
CA PRO L 251 41.37 -25.46 -32.98
C PRO L 251 40.88 -26.68 -32.31
N GLN L 252 41.30 -26.96 -31.05
CA GLN L 252 40.89 -28.05 -30.21
C GLN L 252 39.46 -27.99 -29.82
N SER L 253 38.82 -29.16 -29.60
CA SER L 253 37.49 -29.30 -28.92
C SER L 253 36.34 -28.44 -29.44
N ILE L 254 35.81 -28.76 -30.63
CA ILE L 254 34.87 -27.89 -31.26
C ILE L 254 33.47 -28.39 -30.82
N GLU L 311 -5.68 -4.23 26.12
CA GLU L 311 -4.61 -4.31 25.09
C GLU L 311 -3.74 -5.51 25.37
N PRO L 312 -3.28 -6.37 24.48
CA PRO L 312 -2.46 -7.62 24.77
C PRO L 312 -1.28 -7.41 25.60
N TYR L 313 -1.23 -8.11 26.75
CA TYR L 313 -0.11 -8.20 27.58
C TYR L 313 0.28 -9.65 27.48
N VAL L 314 1.32 -10.09 28.29
CA VAL L 314 1.80 -11.43 28.27
C VAL L 314 0.67 -12.33 28.67
N THR L 315 -0.15 -11.94 29.70
CA THR L 315 -1.31 -12.55 30.34
C THR L 315 -2.48 -12.64 29.37
N GLU L 316 -2.70 -11.62 28.55
CA GLU L 316 -3.88 -11.37 27.69
C GLU L 316 -3.69 -11.86 26.29
N ALA L 317 -2.41 -12.21 25.94
CA ALA L 317 -2.04 -12.68 24.70
C ALA L 317 -2.36 -14.10 24.52
N GLY L 318 -1.96 -14.86 25.59
CA GLY L 318 -2.21 -16.24 25.76
C GLY L 318 -1.26 -17.14 26.54
N ARG L 319 -1.38 -18.45 26.31
CA ARG L 319 -0.65 -19.53 26.79
C ARG L 319 0.51 -19.74 25.84
N GLU L 320 0.24 -19.57 24.54
CA GLU L 320 1.22 -19.74 23.44
C GLU L 320 2.32 -18.74 23.50
N ALA L 321 1.97 -17.49 23.88
CA ALA L 321 2.96 -16.50 24.16
C ALA L 321 3.90 -16.86 25.30
N PHE L 322 3.35 -17.46 26.39
CA PHE L 322 4.11 -17.97 27.43
C PHE L 322 5.07 -19.06 27.06
N ASP L 323 4.69 -19.99 26.14
CA ASP L 323 5.45 -21.04 25.63
C ASP L 323 6.70 -20.47 24.87
N LYS L 324 6.58 -19.37 24.08
CA LYS L 324 7.64 -18.74 23.30
C LYS L 324 8.65 -18.08 24.18
N LEU L 325 8.08 -17.34 25.17
CA LEU L 325 8.83 -16.75 26.23
C LEU L 325 9.60 -17.81 27.07
N TYR L 326 9.01 -18.97 27.44
CA TYR L 326 9.51 -20.00 28.30
C TYR L 326 10.82 -20.49 27.56
N LYS L 327 10.79 -20.66 26.27
CA LYS L 327 11.90 -21.09 25.42
C LYS L 327 13.15 -20.18 25.46
N LEU L 328 12.79 -18.86 25.45
CA LEU L 328 13.62 -17.70 25.56
C LEU L 328 14.25 -17.57 26.94
N HIS L 329 13.41 -17.67 28.02
CA HIS L 329 13.84 -17.59 29.44
C HIS L 329 14.85 -18.69 29.71
N GLU L 330 14.56 -19.93 29.23
CA GLU L 330 15.33 -21.15 29.34
C GLU L 330 16.70 -21.03 28.83
N GLY L 331 16.76 -20.38 27.65
CA GLY L 331 17.85 -20.31 26.73
C GLY L 331 19.08 -19.82 27.42
N GLY L 332 18.99 -18.85 28.33
CA GLY L 332 20.06 -18.35 29.14
C GLY L 332 20.67 -19.29 30.11
N LEU L 333 19.85 -20.13 30.69
CA LEU L 333 20.27 -21.11 31.65
C LEU L 333 20.81 -22.36 30.83
N GLN L 334 20.31 -22.69 29.62
CA GLN L 334 20.66 -23.85 28.87
C GLN L 334 22.04 -23.96 28.43
N ILE L 335 22.71 -22.79 28.33
CA ILE L 335 24.14 -22.60 28.04
C ILE L 335 25.03 -23.28 28.97
N LEU L 336 24.71 -23.37 30.31
CA LEU L 336 25.69 -23.86 31.14
C LEU L 336 25.35 -25.30 31.47
N SER L 337 24.07 -25.75 31.18
CA SER L 337 23.54 -27.11 31.31
C SER L 337 24.01 -27.83 30.03
N ALA L 338 24.42 -27.04 28.97
CA ALA L 338 25.00 -27.47 27.69
C ALA L 338 26.28 -28.15 27.97
N THR L 339 26.59 -29.12 27.11
CA THR L 339 27.74 -29.97 27.19
C THR L 339 28.71 -29.46 26.16
N THR L 340 28.19 -29.11 24.98
CA THR L 340 28.85 -28.57 23.90
C THR L 340 27.74 -27.98 23.07
N LEU L 341 26.44 -28.28 23.26
CA LEU L 341 25.19 -27.79 22.69
C LEU L 341 24.16 -27.77 23.84
N GLN L 342 23.14 -26.91 23.70
CA GLN L 342 22.06 -26.74 24.61
C GLN L 342 20.93 -27.75 24.35
N PRO L 343 20.11 -28.14 25.36
CA PRO L 343 18.85 -28.92 25.32
C PRO L 343 17.99 -28.49 24.27
N GLN L 344 17.27 -29.39 23.54
CA GLN L 344 16.21 -29.04 22.64
C GLN L 344 14.89 -29.59 23.03
N LEU L 345 13.76 -28.95 22.57
CA LEU L 345 12.41 -29.14 22.82
C LEU L 345 11.93 -30.49 22.24
N VAL L 346 10.91 -31.16 22.83
CA VAL L 346 10.45 -32.34 22.28
C VAL L 346 8.94 -32.25 22.40
N LEU L 347 8.24 -32.62 21.25
CA LEU L 347 6.82 -32.72 21.18
C LEU L 347 6.21 -33.69 22.16
N LEU L 348 5.14 -33.18 22.92
CA LEU L 348 3.94 -33.90 23.12
C LEU L 348 2.83 -32.89 23.01
N GLU L 349 1.70 -33.25 22.43
CA GLU L 349 0.48 -32.48 22.34
C GLU L 349 -0.28 -32.60 23.58
N GLU L 350 -1.38 -31.78 23.73
CA GLU L 350 -2.16 -31.74 24.92
C GLU L 350 -2.91 -33.02 25.03
N THR L 351 -3.29 -33.56 23.85
CA THR L 351 -4.02 -34.78 23.72
C THR L 351 -3.21 -36.03 23.97
N ASP L 352 -1.92 -35.95 23.88
CA ASP L 352 -1.07 -37.08 24.05
C ASP L 352 -0.92 -37.34 25.56
N LEU L 353 -1.02 -36.37 26.43
CA LEU L 353 -0.93 -36.46 27.85
C LEU L 353 -2.19 -37.06 28.47
N VAL L 354 -3.32 -36.63 27.95
CA VAL L 354 -4.64 -37.08 28.60
C VAL L 354 -4.97 -38.53 28.26
N LYS L 355 -4.26 -39.11 27.21
CA LYS L 355 -4.37 -40.53 26.88
C LYS L 355 -3.41 -41.32 27.54
N ALA L 356 -2.28 -40.72 27.94
CA ALA L 356 -1.20 -41.34 28.67
C ALA L 356 -1.43 -41.56 30.11
N VAL L 357 -2.20 -40.65 30.75
CA VAL L 357 -2.51 -40.59 32.20
C VAL L 357 -3.35 -41.80 32.63
N LEU L 358 -4.12 -42.30 31.67
CA LEU L 358 -4.93 -43.46 31.91
C LEU L 358 -4.16 -44.73 31.69
N ASN L 359 -3.13 -44.67 30.86
CA ASN L 359 -2.29 -45.82 30.51
C ASN L 359 -1.30 -46.19 31.57
N VAL L 360 -0.80 -45.26 32.49
CA VAL L 360 0.22 -45.66 33.40
C VAL L 360 -0.61 -46.52 34.47
N LEU L 361 -1.88 -46.18 34.66
CA LEU L 361 -2.70 -46.67 35.73
C LEU L 361 -3.36 -48.07 35.35
N ILE L 362 -2.74 -48.85 34.49
CA ILE L 362 -3.23 -50.14 34.18
C ILE L 362 -2.08 -51.07 33.85
N GLY L 363 -0.80 -50.59 34.14
CA GLY L 363 0.33 -51.38 33.93
C GLY L 363 0.88 -51.28 32.50
N VAL L 364 0.55 -50.26 31.68
CA VAL L 364 0.93 -50.17 30.23
C VAL L 364 1.71 -48.96 30.10
N VAL L 365 2.65 -48.94 29.10
CA VAL L 365 3.51 -47.92 28.68
C VAL L 365 2.82 -47.25 27.48
N SER L 366 3.13 -45.97 27.28
CA SER L 366 2.75 -45.21 26.08
C SER L 366 4.13 -44.67 25.72
N SER L 367 4.26 -43.64 24.84
CA SER L 367 5.52 -43.04 24.48
C SER L 367 6.11 -42.26 25.63
N THR L 368 5.32 -41.54 26.44
CA THR L 368 5.81 -40.78 27.55
C THR L 368 6.42 -41.56 28.63
N PHE L 369 5.86 -42.78 28.86
CA PHE L 369 6.15 -43.71 29.93
C PHE L 369 7.02 -44.79 29.44
N SER L 370 8.17 -45.02 30.19
CA SER L 370 9.23 -45.94 30.01
C SER L 370 9.28 -46.82 31.22
N TYR L 371 8.93 -48.11 30.98
CA TYR L 371 9.02 -49.08 32.06
C TYR L 371 10.48 -49.33 32.39
N ASN L 372 10.88 -49.36 33.65
CA ASN L 372 12.26 -49.61 33.98
C ASN L 372 12.22 -50.95 34.71
N GLN L 373 12.95 -52.02 34.26
CA GLN L 373 12.80 -53.30 34.89
C GLN L 373 13.89 -53.47 35.91
N ALA L 374 14.61 -52.45 36.38
CA ALA L 374 15.61 -52.56 37.41
C ALA L 374 15.25 -51.67 38.60
N LEU L 375 13.93 -51.56 38.79
CA LEU L 375 13.46 -50.84 39.95
C LEU L 375 11.96 -51.12 40.05
N GLN L 376 11.27 -51.64 38.98
CA GLN L 376 9.87 -51.89 38.91
C GLN L 376 9.08 -50.60 39.15
N SER L 377 9.44 -49.51 38.55
CA SER L 377 8.86 -48.16 38.58
C SER L 377 8.85 -47.62 37.23
N PHE L 378 7.92 -46.63 36.96
CA PHE L 378 7.81 -45.94 35.73
C PHE L 378 8.61 -44.71 35.75
N ALA L 379 8.99 -44.28 34.52
CA ALA L 379 9.96 -43.22 34.32
C ALA L 379 9.44 -42.44 33.21
N VAL L 380 9.27 -41.12 33.45
CA VAL L 380 8.97 -40.13 32.40
C VAL L 380 10.29 -39.56 31.84
N LYS L 381 10.18 -38.97 30.66
CA LYS L 381 11.27 -38.37 29.93
C LYS L 381 11.88 -37.30 30.77
N GLN L 382 13.20 -37.37 31.11
CA GLN L 382 13.77 -36.57 32.17
C GLN L 382 14.04 -35.20 31.65
N GLY L 383 14.17 -35.08 30.30
CA GLY L 383 14.60 -33.82 29.63
C GLY L 383 13.45 -33.07 29.32
N VAL L 384 13.53 -31.99 28.48
CA VAL L 384 12.49 -30.92 28.41
C VAL L 384 11.48 -31.43 27.39
N TYR L 385 10.21 -31.57 27.84
CA TYR L 385 9.12 -31.93 26.97
C TYR L 385 8.04 -30.96 27.09
N ILE L 386 7.42 -30.54 26.02
CA ILE L 386 7.02 -29.13 25.89
C ILE L 386 5.60 -29.08 26.34
N SER L 387 4.87 -30.25 26.47
CA SER L 387 3.61 -30.42 27.16
C SER L 387 2.45 -29.61 26.64
N GLY L 388 2.46 -29.43 25.27
CA GLY L 388 1.61 -28.51 24.58
C GLY L 388 1.96 -27.12 24.88
N THR L 389 0.89 -26.28 25.25
CA THR L 389 1.04 -24.99 25.88
C THR L 389 0.80 -25.15 27.42
N SER L 390 1.79 -25.73 28.07
CA SER L 390 2.00 -25.75 29.52
C SER L 390 3.40 -26.38 29.82
N PRO L 391 4.51 -25.66 29.46
CA PRO L 391 5.80 -26.38 29.36
C PRO L 391 6.51 -26.54 30.67
N ASP L 392 6.71 -27.82 31.13
CA ASP L 392 7.56 -28.21 32.23
C ASP L 392 6.94 -28.06 33.60
N ASN L 393 5.65 -27.65 33.60
CA ASN L 393 4.97 -27.66 34.86
C ASN L 393 4.29 -29.05 34.98
N VAL L 394 3.76 -29.56 33.81
CA VAL L 394 3.11 -30.86 33.68
C VAL L 394 4.11 -31.95 33.87
N SER L 395 5.42 -31.64 33.68
CA SER L 395 6.48 -32.57 33.70
C SER L 395 6.68 -33.15 35.15
N SER L 396 6.24 -32.36 36.12
CA SER L 396 6.36 -32.50 37.55
C SER L 396 5.08 -33.02 38.14
N LEU L 397 3.92 -32.68 37.56
CA LEU L 397 2.58 -33.07 37.81
C LEU L 397 2.39 -34.55 37.31
N LEU L 398 2.99 -34.88 36.17
CA LEU L 398 2.89 -36.19 35.57
C LEU L 398 3.71 -37.22 36.41
N THR L 399 4.66 -36.77 37.31
CA THR L 399 5.39 -37.65 38.18
C THR L 399 4.59 -38.17 39.39
N GLN L 400 3.67 -37.36 40.00
CA GLN L 400 2.92 -37.81 41.14
C GLN L 400 1.93 -38.79 40.76
N VAL L 401 1.35 -38.77 39.53
CA VAL L 401 0.40 -39.75 39.14
C VAL L 401 1.05 -41.03 38.58
N ALA L 402 2.32 -40.93 38.12
CA ALA L 402 3.22 -41.95 37.65
C ALA L 402 3.60 -42.81 38.85
N GLU L 403 3.90 -42.12 40.04
CA GLU L 403 4.16 -42.82 41.27
C GLU L 403 2.94 -43.66 41.76
N TYR L 404 1.69 -43.10 41.59
CA TYR L 404 0.46 -43.80 41.95
C TYR L 404 0.20 -45.10 41.18
N GLY L 405 0.57 -45.13 39.92
CA GLY L 405 0.51 -46.38 39.12
C GLY L 405 1.65 -47.35 39.39
N THR L 406 2.73 -46.93 40.05
CA THR L 406 3.88 -47.77 40.34
C THR L 406 3.65 -48.75 41.47
N TYR L 407 2.80 -48.25 42.48
CA TYR L 407 2.54 -48.96 43.72
C TYR L 407 1.38 -49.86 43.41
N TYR L 408 0.70 -49.59 42.30
CA TYR L 408 -0.26 -50.45 41.61
C TYR L 408 0.45 -51.64 40.93
N THR L 409 1.60 -51.49 40.26
CA THR L 409 2.43 -52.55 39.63
C THR L 409 3.30 -53.22 40.67
N ARG L 410 3.49 -52.61 41.79
CA ARG L 410 4.15 -53.35 42.85
C ARG L 410 3.13 -54.24 43.55
N LEU L 411 1.81 -53.84 43.57
CA LEU L 411 0.76 -54.64 44.25
C LEU L 411 0.41 -55.84 43.41
N SER L 412 0.51 -55.67 42.08
CA SER L 412 0.17 -56.65 41.10
C SER L 412 1.21 -57.68 40.90
N HIS L 413 2.48 -57.36 41.18
CA HIS L 413 3.63 -58.18 41.20
C HIS L 413 3.64 -59.11 42.33
N PHE L 414 3.19 -58.63 43.51
CA PHE L 414 3.09 -59.22 44.84
C PHE L 414 2.01 -60.33 44.90
N SER L 415 0.96 -60.23 44.07
CA SER L 415 -0.14 -61.21 44.04
C SER L 415 0.26 -62.54 43.51
N LEU L 416 1.20 -62.55 42.51
CA LEU L 416 1.72 -63.67 41.77
C LEU L 416 2.67 -64.52 42.60
N LEU L 417 3.39 -63.96 43.63
CA LEU L 417 4.46 -64.51 44.40
C LEU L 417 4.03 -65.80 45.11
N THR L 418 2.79 -65.79 45.54
CA THR L 418 2.24 -66.76 46.47
C THR L 418 1.68 -67.95 45.67
N VAL L 419 2.22 -69.14 46.01
CA VAL L 419 1.81 -70.35 45.28
C VAL L 419 1.90 -71.43 46.29
N LEU L 420 1.06 -72.50 46.18
CA LEU L 420 0.95 -73.57 47.16
C LEU L 420 1.11 -74.90 46.43
N ASP L 421 1.99 -74.85 45.40
CA ASP L 421 2.40 -75.93 44.62
C ASP L 421 3.18 -76.88 45.50
N SER L 422 4.06 -76.35 46.37
CA SER L 422 4.82 -77.22 47.27
C SER L 422 5.36 -76.32 48.33
N SER L 423 5.13 -75.00 48.24
CA SER L 423 5.48 -74.03 49.28
C SER L 423 4.44 -74.13 50.39
N HIS L 424 4.84 -74.44 51.62
CA HIS L 424 3.88 -74.58 52.68
C HIS L 424 4.27 -73.60 53.77
N SER L 425 5.27 -72.73 53.59
CA SER L 425 5.69 -71.68 54.52
C SER L 425 4.99 -70.37 54.00
N ASN L 426 4.35 -70.43 52.80
CA ASN L 426 3.45 -69.44 52.19
C ASN L 426 2.19 -69.89 52.80
N GLY L 427 1.56 -69.01 53.61
CA GLY L 427 0.39 -69.32 54.40
C GLY L 427 -0.80 -69.72 53.53
N LEU L 428 -1.76 -70.37 54.15
CA LEU L 428 -3.01 -70.70 53.50
C LEU L 428 -3.86 -69.44 53.62
N VAL L 429 -3.69 -68.76 54.78
CA VAL L 429 -4.22 -67.55 55.17
C VAL L 429 -3.65 -66.43 54.31
N PHE L 430 -2.32 -66.58 53.92
CA PHE L 430 -1.49 -65.64 53.14
C PHE L 430 -1.94 -65.65 51.67
N GLN L 431 -2.41 -66.84 51.22
CA GLN L 431 -2.99 -67.00 49.90
C GLN L 431 -4.38 -66.42 49.84
N ALA L 432 -5.23 -66.49 50.94
CA ALA L 432 -6.58 -65.95 51.09
C ALA L 432 -6.51 -64.48 51.17
N PHE L 433 -5.26 -63.94 51.59
CA PHE L 433 -5.02 -62.54 51.73
C PHE L 433 -4.93 -61.95 50.30
N THR L 434 -4.33 -62.71 49.35
CA THR L 434 -4.21 -62.38 48.00
C THR L 434 -5.49 -62.51 47.19
N SER L 435 -6.40 -63.42 47.60
CA SER L 435 -7.68 -63.63 46.92
C SER L 435 -8.59 -62.52 47.18
N GLY L 436 -8.42 -61.80 48.34
CA GLY L 436 -9.06 -60.52 48.64
C GLY L 436 -8.23 -59.34 48.03
N LEU L 437 -6.92 -59.51 47.82
CA LEU L 437 -6.13 -58.46 47.28
C LEU L 437 -6.41 -58.26 45.86
N ARG L 438 -6.63 -59.34 45.09
CA ARG L 438 -6.87 -59.24 43.65
C ARG L 438 -8.23 -58.66 43.27
N LYS L 439 -9.20 -58.70 44.19
CA LYS L 439 -10.50 -58.15 44.00
C LYS L 439 -10.38 -56.63 44.08
N TYR L 440 -9.35 -56.10 44.82
CA TYR L 440 -9.02 -54.72 45.12
C TYR L 440 -8.29 -54.11 43.87
N LEU L 441 -7.50 -54.97 43.09
CA LEU L 441 -6.80 -54.63 41.91
C LEU L 441 -7.70 -54.49 40.68
N GLN L 442 -8.82 -55.36 40.52
CA GLN L 442 -9.74 -55.26 39.40
C GLN L 442 -10.61 -54.07 39.56
N TYR L 443 -10.88 -53.67 40.90
CA TYR L 443 -11.67 -52.58 41.23
C TYR L 443 -11.03 -51.27 40.76
N TYR L 444 -9.64 -51.21 40.72
CA TYR L 444 -8.88 -50.02 40.47
C TYR L 444 -9.00 -49.74 39.02
N ARG L 445 -9.14 -50.81 38.26
CA ARG L 445 -9.10 -50.87 36.85
C ARG L 445 -10.37 -50.41 36.31
N ALA L 446 -11.45 -50.74 37.04
CA ALA L 446 -12.81 -50.35 36.77
C ALA L 446 -12.99 -48.84 37.15
N CYS L 447 -12.17 -48.27 37.98
CA CYS L 447 -12.26 -46.86 38.32
C CYS L 447 -11.54 -46.10 37.33
N VAL L 448 -10.46 -46.62 36.71
CA VAL L 448 -9.65 -46.01 35.63
C VAL L 448 -10.43 -46.09 34.27
N LEU L 449 -11.38 -47.01 34.23
CA LEU L 449 -12.24 -47.24 33.07
C LEU L 449 -13.35 -46.28 33.19
N SER L 450 -13.56 -45.65 34.36
CA SER L 450 -14.61 -44.71 34.53
C SER L 450 -14.03 -43.29 34.70
N THR L 451 -12.70 -43.19 34.85
CA THR L 451 -11.99 -41.95 34.88
C THR L 451 -12.27 -41.13 33.68
N PRO L 452 -12.32 -41.62 32.44
CA PRO L 452 -12.82 -40.89 31.30
C PRO L 452 -14.09 -40.10 31.52
N ALA L 453 -14.35 -38.87 31.04
CA ALA L 453 -13.34 -38.20 30.15
C ALA L 453 -12.37 -37.24 30.83
N SER L 454 -11.11 -37.16 30.26
CA SER L 454 -10.01 -36.46 30.85
C SER L 454 -9.66 -35.51 29.81
N LEU L 455 -9.94 -34.24 30.16
CA LEU L 455 -9.73 -33.14 29.24
C LEU L 455 -8.77 -32.21 30.01
N THR L 456 -8.52 -32.38 31.36
CA THR L 456 -7.47 -31.63 32.03
C THR L 456 -6.78 -32.70 32.89
N LEU L 457 -5.57 -32.40 33.29
CA LEU L 457 -4.71 -33.23 34.10
C LEU L 457 -5.15 -33.02 35.54
N LEU L 458 -5.93 -32.01 35.77
CA LEU L 458 -6.35 -31.67 37.12
C LEU L 458 -7.45 -32.52 37.71
N THR L 459 -8.38 -32.94 36.84
CA THR L 459 -9.50 -33.71 37.35
C THR L 459 -9.06 -35.10 37.78
N ILE L 460 -7.82 -35.49 37.34
CA ILE L 460 -7.19 -36.78 37.46
C ILE L 460 -6.31 -36.66 38.67
N SER L 461 -5.65 -35.48 38.88
CA SER L 461 -4.67 -35.35 40.04
C SER L 461 -5.39 -35.07 41.35
N PHE L 462 -6.56 -34.34 41.24
CA PHE L 462 -7.18 -33.97 42.45
C PHE L 462 -8.01 -35.07 43.04
N LEU L 463 -8.48 -35.93 42.19
CA LEU L 463 -9.20 -37.15 42.53
C LEU L 463 -8.37 -38.14 43.34
N PHE L 464 -7.07 -38.18 43.04
CA PHE L 464 -6.13 -39.08 43.55
C PHE L 464 -5.26 -38.43 44.57
N ARG L 465 -5.73 -37.38 45.21
CA ARG L 465 -5.21 -36.84 46.46
C ARG L 465 -5.64 -37.73 47.55
N LYS L 466 -6.89 -38.22 47.49
CA LYS L 466 -7.42 -39.27 48.39
C LYS L 466 -6.71 -40.57 48.25
N LEU L 467 -6.58 -41.07 47.01
CA LEU L 467 -6.07 -42.36 46.70
C LEU L 467 -4.61 -42.51 46.84
N GLY L 468 -3.83 -41.41 46.71
CA GLY L 468 -2.38 -41.48 46.51
C GLY L 468 -1.68 -41.90 47.77
N ARG L 469 -2.26 -41.38 48.92
CA ARG L 469 -1.92 -41.71 50.29
C ARG L 469 -2.35 -43.13 50.68
N GLN L 470 -3.49 -43.57 50.11
CA GLN L 470 -4.00 -44.83 50.44
C GLN L 470 -3.16 -46.03 49.95
N LEU L 471 -2.67 -45.84 48.67
CA LEU L 471 -1.94 -46.81 47.94
C LEU L 471 -0.53 -47.11 48.54
N ARG L 472 0.13 -46.03 49.15
CA ARG L 472 1.35 -46.19 49.92
C ARG L 472 1.29 -47.00 51.13
N TYR L 473 0.14 -46.93 51.89
CA TYR L 473 -0.11 -47.77 53.02
C TYR L 473 -0.24 -49.20 52.57
N LEU L 474 -1.06 -49.40 51.53
CA LEU L 474 -1.70 -50.64 51.23
C LEU L 474 -0.75 -51.55 50.53
N ALA L 475 0.40 -50.92 50.03
CA ALA L 475 1.31 -51.63 49.14
C ALA L 475 2.47 -52.04 49.99
N GLU L 476 3.06 -51.06 50.71
CA GLU L 476 4.35 -51.11 51.44
C GLU L 476 4.23 -51.52 52.84
N LEU L 477 3.12 -52.12 53.28
CA LEU L 477 3.07 -52.94 54.47
C LEU L 477 3.65 -54.33 54.36
N CYS L 478 3.72 -54.88 53.06
CA CYS L 478 4.09 -56.16 52.75
C CYS L 478 5.25 -56.38 51.77
N CYS L 479 5.58 -55.33 50.92
CA CYS L 479 6.61 -55.40 49.88
C CYS L 479 7.95 -54.97 50.60
N ALA L 494 9.91 -56.27 54.77
CA ALA L 494 9.11 -56.88 55.90
C ALA L 494 8.77 -58.25 55.60
N PHE L 495 7.78 -58.46 54.71
CA PHE L 495 7.27 -59.74 54.37
C PHE L 495 6.60 -60.59 55.48
N PRO L 496 5.57 -60.10 56.15
CA PRO L 496 4.81 -60.97 57.04
C PRO L 496 4.11 -62.10 56.30
N THR L 497 3.96 -63.30 56.95
CA THR L 497 3.26 -64.36 56.35
C THR L 497 2.58 -65.16 57.46
N GLY L 498 1.64 -66.05 57.12
CA GLY L 498 1.07 -66.98 58.08
C GLY L 498 0.38 -66.33 59.21
N VAL L 499 0.54 -66.88 60.49
CA VAL L 499 -0.19 -66.43 61.69
C VAL L 499 0.34 -65.04 62.16
N LYS L 500 1.59 -64.71 61.74
CA LYS L 500 2.23 -63.51 61.97
C LYS L 500 1.65 -62.44 61.11
N LEU L 501 1.24 -62.72 59.83
CA LEU L 501 0.54 -61.80 59.01
C LEU L 501 -0.81 -61.52 59.51
N LEU L 502 -1.64 -62.56 59.94
CA LEU L 502 -2.98 -62.30 60.46
C LEU L 502 -3.11 -61.51 61.73
N SER L 503 -2.07 -61.63 62.64
CA SER L 503 -2.03 -60.88 63.86
C SER L 503 -1.53 -59.44 63.60
N TYR L 504 -0.75 -59.27 62.51
CA TYR L 504 -0.25 -57.98 62.16
C TYR L 504 -1.34 -57.10 61.57
N LEU L 505 -2.38 -57.76 60.83
CA LEU L 505 -3.42 -57.17 60.10
C LEU L 505 -4.49 -56.64 61.02
N TYR L 506 -4.62 -57.26 62.23
CA TYR L 506 -5.52 -56.80 63.23
C TYR L 506 -4.91 -55.60 63.98
N LYS L 507 -3.62 -55.55 64.13
CA LYS L 507 -2.88 -54.42 64.65
C LYS L 507 -3.01 -53.12 63.80
N GLU L 508 -3.12 -53.25 62.45
CA GLU L 508 -3.31 -52.18 61.48
C GLU L 508 -4.79 -51.84 61.40
N ALA L 509 -5.67 -52.84 61.81
CA ALA L 509 -7.11 -52.62 61.95
C ALA L 509 -7.40 -51.83 63.18
N LEU L 510 -6.52 -51.79 64.18
CA LEU L 510 -6.73 -50.91 65.29
C LEU L 510 -6.38 -49.48 65.00
N GLU L 511 -5.67 -49.21 63.95
CA GLU L 511 -5.42 -47.84 63.50
C GLU L 511 -6.37 -47.37 62.43
N ASN L 512 -7.49 -46.82 62.91
CA ASN L 512 -8.65 -46.41 62.17
C ASN L 512 -8.91 -44.96 62.64
N SER L 513 -8.19 -44.01 61.93
CA SER L 513 -7.92 -42.72 62.55
C SER L 513 -7.98 -41.77 61.35
N SER L 514 -7.95 -42.39 60.16
CA SER L 514 -8.45 -41.81 58.99
C SER L 514 -9.27 -42.93 58.50
N ASN L 515 -10.56 -42.78 58.49
CA ASN L 515 -11.60 -43.81 58.46
C ASN L 515 -12.07 -44.03 57.06
N GLU L 516 -11.15 -43.88 56.11
CA GLU L 516 -11.29 -44.27 54.76
C GLU L 516 -10.27 -45.30 54.52
N ASN L 517 -9.21 -45.43 55.38
CA ASN L 517 -8.26 -46.49 55.19
C ASN L 517 -8.63 -47.66 55.93
N TYR L 518 -9.55 -47.58 56.96
CA TYR L 518 -9.95 -48.68 57.76
C TYR L 518 -10.81 -49.71 57.03
N PRO L 519 -11.83 -49.42 56.18
CA PRO L 519 -12.74 -50.32 55.47
C PRO L 519 -12.03 -51.12 54.39
N VAL L 520 -10.89 -50.63 53.89
CA VAL L 520 -10.22 -51.32 52.83
C VAL L 520 -9.45 -52.49 53.37
N LEU L 521 -8.93 -52.32 54.57
CA LEU L 521 -8.17 -53.36 55.30
C LEU L 521 -9.05 -54.36 55.97
N LEU L 522 -10.36 -53.92 56.29
CA LEU L 522 -11.38 -54.78 56.84
C LEU L 522 -11.71 -55.85 55.85
N SER L 523 -11.71 -55.44 54.52
CA SER L 523 -12.08 -56.39 53.46
C SER L 523 -10.97 -57.40 53.47
N LEU L 524 -9.70 -57.01 53.67
CA LEU L 524 -8.62 -57.92 53.63
C LEU L 524 -8.52 -58.96 54.75
N LEU L 525 -8.85 -58.45 55.99
CA LEU L 525 -8.76 -59.15 57.27
C LEU L 525 -9.81 -60.16 57.35
N LYS L 526 -10.97 -59.93 56.79
CA LYS L 526 -11.99 -60.85 56.90
C LYS L 526 -11.82 -62.09 55.96
N THR L 527 -11.14 -61.92 54.74
CA THR L 527 -10.97 -62.98 53.73
C THR L 527 -9.95 -63.91 54.34
N SER L 528 -8.95 -63.33 55.10
CA SER L 528 -7.74 -64.02 55.65
C SER L 528 -8.17 -64.91 56.78
N CYS L 529 -9.37 -64.67 57.38
CA CYS L 529 -9.92 -65.42 58.52
C CYS L 529 -10.74 -66.58 58.18
N GLU L 530 -11.01 -66.79 56.88
CA GLU L 530 -11.71 -67.90 56.29
C GLU L 530 -11.12 -69.33 56.42
N PRO L 531 -9.82 -69.44 56.19
CA PRO L 531 -9.11 -70.67 56.43
C PRO L 531 -8.97 -70.95 57.87
N TYR L 532 -8.93 -69.87 58.72
CA TYR L 532 -8.64 -69.85 60.10
C TYR L 532 -9.79 -70.39 60.97
N THR L 533 -10.98 -70.01 60.58
CA THR L 533 -12.16 -70.41 61.25
C THR L 533 -12.52 -71.83 60.84
N ARG L 534 -11.97 -72.40 59.73
CA ARG L 534 -12.08 -73.77 59.39
C ARG L 534 -11.28 -74.57 60.37
N PHE L 535 -10.13 -73.97 60.85
CA PHE L 535 -9.24 -74.69 61.69
C PHE L 535 -9.70 -74.64 63.12
N ILE L 536 -10.81 -73.84 63.43
CA ILE L 536 -11.32 -73.74 64.74
C ILE L 536 -12.26 -74.90 64.93
N TYR L 537 -13.13 -75.18 64.01
CA TYR L 537 -14.27 -76.04 64.19
C TYR L 537 -13.80 -77.43 63.90
N ASP L 538 -12.65 -77.62 63.18
CA ASP L 538 -12.11 -78.96 62.94
C ASP L 538 -11.45 -79.58 64.12
N TRP L 539 -11.09 -78.73 65.12
CA TRP L 539 -10.35 -79.16 66.27
C TRP L 539 -11.22 -79.39 67.47
N VAL L 540 -12.53 -79.16 67.50
CA VAL L 540 -13.28 -79.38 68.63
C VAL L 540 -14.58 -80.30 68.34
N TYR L 541 -14.72 -80.83 67.08
CA TYR L 541 -15.86 -81.59 66.63
C TYR L 541 -15.32 -82.87 66.14
N SER L 542 -14.02 -83.02 66.28
CA SER L 542 -13.37 -84.30 65.94
C SER L 542 -12.25 -84.59 66.84
N GLY L 543 -11.64 -83.51 67.34
CA GLY L 543 -10.46 -83.48 68.30
C GLY L 543 -9.05 -83.71 67.66
N VAL L 544 -8.89 -83.27 66.39
CA VAL L 544 -7.63 -83.46 65.68
C VAL L 544 -7.49 -82.19 65.05
N PHE L 545 -6.27 -81.61 65.25
CA PHE L 545 -5.77 -80.45 64.58
C PHE L 545 -5.33 -80.83 63.15
N ARG L 546 -5.87 -80.16 62.10
CA ARG L 546 -5.52 -80.57 60.77
C ARG L 546 -4.94 -79.37 60.10
N ASP L 547 -3.81 -79.58 59.37
CA ASP L 547 -3.08 -78.53 58.68
C ASP L 547 -1.84 -79.17 58.06
N VAL L 548 -1.92 -79.51 56.77
CA VAL L 548 -0.82 -80.03 56.03
C VAL L 548 -0.41 -79.00 55.02
N CYS L 549 -1.30 -78.06 54.67
CA CYS L 549 -0.97 -77.09 53.60
C CYS L 549 -1.13 -75.69 54.08
N GLY L 550 -0.12 -74.85 53.79
CA GLY L 550 0.00 -73.45 54.29
C GLY L 550 0.46 -73.47 55.74
N GLU L 551 0.91 -72.31 56.24
CA GLU L 551 1.52 -72.22 57.56
C GLU L 551 0.61 -71.51 58.53
N PHE L 552 0.16 -72.28 59.59
CA PHE L 552 -0.76 -71.72 60.57
C PHE L 552 -0.55 -72.78 61.67
N MET L 553 0.67 -73.37 61.64
CA MET L 553 1.32 -74.30 62.47
C MET L 553 0.87 -75.67 61.98
N ILE L 554 1.89 -76.33 61.40
CA ILE L 554 1.84 -77.60 60.73
C ILE L 554 2.12 -78.67 61.74
N GLN L 555 1.01 -79.44 62.02
CA GLN L 555 1.06 -80.58 62.84
C GLN L 555 -0.17 -81.38 62.58
N VAL L 556 -0.41 -82.56 63.20
CA VAL L 556 -1.57 -83.43 63.00
C VAL L 556 -1.82 -84.05 64.37
N ASN L 557 -0.98 -83.69 65.35
CA ASN L 557 -0.94 -84.18 66.73
C ASN L 557 -0.48 -85.57 66.81
N GLU L 558 0.04 -85.90 67.97
CA GLU L 558 0.67 -87.14 68.29
C GLU L 558 -0.36 -88.08 68.73
N ASP L 559 -0.45 -89.22 68.04
CA ASP L 559 -1.44 -90.22 68.41
C ASP L 559 -0.85 -91.03 69.55
N TYR L 560 -1.72 -91.58 70.37
CA TYR L 560 -1.36 -92.36 71.47
C TYR L 560 -2.39 -93.45 71.61
N LEU L 561 -1.84 -94.63 71.83
CA LEU L 561 -2.65 -95.83 72.05
C LEU L 561 -2.22 -96.32 73.48
N GLY L 562 -1.11 -95.76 74.13
CA GLY L 562 -0.82 -96.14 75.45
C GLY L 562 -1.56 -95.19 76.35
N PHE L 563 -1.88 -93.97 75.86
CA PHE L 563 -2.76 -93.06 76.56
C PHE L 563 -4.15 -93.09 76.02
N ARG L 564 -5.07 -92.46 76.83
CA ARG L 564 -6.51 -92.50 76.75
C ARG L 564 -7.06 -91.45 77.62
N ASP L 565 -6.24 -90.79 78.44
CA ASP L 565 -6.70 -90.21 79.65
C ASP L 565 -6.92 -88.75 79.43
N LYS L 566 -6.61 -88.25 78.18
CA LYS L 566 -7.03 -86.91 77.64
C LYS L 566 -6.60 -87.03 76.20
N ARG L 567 -5.96 -88.21 75.86
CA ARG L 567 -5.34 -88.65 74.62
C ARG L 567 -4.00 -88.15 74.52
N TYR L 568 -3.73 -86.78 74.66
CA TYR L 568 -2.46 -86.15 74.42
C TYR L 568 -2.00 -85.73 75.74
N TRP L 569 -0.64 -85.94 75.93
CA TRP L 569 0.09 -85.41 77.09
C TRP L 569 1.38 -84.76 76.45
N THR L 570 1.57 -84.94 75.13
CA THR L 570 2.68 -84.24 74.52
C THR L 570 2.14 -84.12 73.12
N HIS L 571 2.30 -82.94 72.49
CA HIS L 571 2.17 -82.75 71.03
C HIS L 571 2.37 -81.32 70.83
N GLY L 572 2.82 -80.63 71.91
CA GLY L 572 3.00 -79.24 71.86
C GLY L 572 1.60 -78.55 72.08
N TYR L 573 1.54 -77.24 71.92
CA TYR L 573 0.35 -76.50 71.71
C TYR L 573 -0.07 -76.74 70.32
N VAL L 574 -1.31 -76.38 70.03
CA VAL L 574 -1.86 -76.55 68.68
C VAL L 574 -1.39 -75.35 67.84
N LEU L 575 -1.12 -74.18 68.44
CA LEU L 575 -0.55 -73.16 67.73
C LEU L 575 0.45 -72.64 68.70
N ILE L 576 1.70 -72.69 68.25
CA ILE L 576 2.80 -72.80 69.18
C ILE L 576 3.79 -71.62 68.89
N SER L 577 3.33 -70.69 67.97
CA SER L 577 4.05 -69.57 67.45
C SER L 577 3.89 -68.33 68.28
N LYS L 578 2.87 -68.44 69.23
CA LYS L 578 2.51 -67.46 70.21
C LYS L 578 2.04 -68.19 71.43
N GLU L 579 1.88 -69.50 71.33
CA GLU L 579 1.70 -70.40 72.47
C GLU L 579 0.34 -70.33 73.15
N VAL L 580 -0.71 -70.14 72.29
CA VAL L 580 -2.04 -69.79 72.56
C VAL L 580 -2.32 -68.73 71.56
N GLU L 581 -3.51 -68.84 70.81
CA GLU L 581 -4.03 -67.94 69.76
C GLU L 581 -4.42 -66.60 70.34
N ASP L 582 -4.03 -65.48 69.71
CA ASP L 582 -4.09 -64.08 70.25
C ASP L 582 -4.37 -63.18 69.17
N CYS L 583 -5.19 -62.15 69.47
CA CYS L 583 -5.22 -60.91 68.71
C CYS L 583 -5.65 -61.13 67.26
N VAL L 584 -6.85 -61.78 67.17
CA VAL L 584 -7.69 -61.89 65.95
C VAL L 584 -9.09 -61.76 66.48
N PRO L 585 -10.03 -60.99 65.96
CA PRO L 585 -11.42 -61.14 66.40
C PRO L 585 -12.13 -62.42 66.78
N VAL L 586 -12.67 -62.57 68.00
CA VAL L 586 -12.57 -63.65 68.99
C VAL L 586 -11.64 -63.14 70.03
N PHE L 587 -12.17 -63.05 71.29
CA PHE L 587 -11.49 -62.35 72.35
C PHE L 587 -10.15 -62.93 72.77
N LEU L 588 -10.16 -64.27 72.84
CA LEU L 588 -9.05 -65.19 72.98
C LEU L 588 -8.25 -65.14 74.23
N LYS L 589 -8.69 -64.45 75.32
CA LYS L 589 -7.93 -64.25 76.47
C LYS L 589 -8.42 -65.13 77.60
N HIS L 590 -9.42 -65.93 77.20
CA HIS L 590 -9.87 -67.12 77.88
C HIS L 590 -10.49 -68.10 76.74
N VAL L 591 -10.93 -67.50 75.62
CA VAL L 591 -11.66 -68.26 74.56
C VAL L 591 -10.72 -69.21 73.85
N ALA L 592 -9.45 -68.85 73.70
CA ALA L 592 -8.45 -69.71 73.02
C ALA L 592 -8.05 -70.90 73.95
N ASN L 593 -8.15 -70.72 75.32
CA ASN L 593 -7.94 -71.68 76.38
C ASN L 593 -9.14 -72.51 76.59
N GLU L 594 -10.37 -72.17 76.02
CA GLU L 594 -11.55 -72.90 76.24
C GLU L 594 -11.88 -73.64 74.91
N ILE L 595 -11.29 -73.32 73.72
CA ILE L 595 -11.24 -74.23 72.60
C ILE L 595 -10.21 -75.26 72.82
N TYR L 596 -9.14 -75.01 73.58
CA TYR L 596 -8.07 -75.92 73.83
C TYR L 596 -8.55 -77.17 74.55
N ILE L 597 -9.25 -76.98 75.73
CA ILE L 597 -9.80 -77.93 76.68
C ILE L 597 -11.05 -78.68 76.20
N CYS L 598 -11.83 -78.03 75.28
CA CYS L 598 -12.94 -78.69 74.52
C CYS L 598 -12.48 -79.59 73.50
N GLY L 599 -11.23 -79.43 73.01
CA GLY L 599 -10.60 -80.24 72.04
C GLY L 599 -10.22 -81.50 72.65
N LYS L 600 -10.01 -81.44 74.00
CA LYS L 600 -9.59 -82.66 74.78
C LYS L 600 -10.74 -83.60 75.02
N THR L 601 -11.98 -83.11 75.19
CA THR L 601 -13.14 -83.75 75.68
C THR L 601 -14.05 -84.30 74.59
N ILE L 602 -13.66 -83.97 73.33
CA ILE L 602 -14.20 -84.59 72.08
C ILE L 602 -13.28 -85.81 71.82
N ASN L 603 -12.05 -85.84 72.46
CA ASN L 603 -11.11 -86.92 72.42
C ASN L 603 -11.45 -87.85 73.58
N LEU L 604 -12.44 -87.44 74.42
CA LEU L 604 -12.87 -88.30 75.48
C LEU L 604 -14.24 -88.76 75.27
N LEU L 605 -14.83 -88.37 74.13
CA LEU L 605 -16.08 -88.93 73.83
C LEU L 605 -15.81 -89.82 72.69
N LYS L 606 -15.04 -89.39 71.72
CA LYS L 606 -14.75 -90.02 70.43
C LYS L 606 -13.24 -90.24 70.31
N LEU L 607 -12.81 -91.20 69.43
CA LEU L 607 -11.44 -91.69 69.40
C LEU L 607 -10.95 -92.20 70.76
N CYS L 608 -9.70 -92.65 70.89
CA CYS L 608 -9.14 -93.23 72.07
C CYS L 608 -8.17 -92.23 72.78
N SER L 1358 -17.32 -50.57 62.12
CA SER L 1358 -17.41 -49.83 63.38
C SER L 1358 -16.12 -50.06 64.13
N LEU L 1359 -16.23 -50.53 65.36
CA LEU L 1359 -15.12 -50.67 66.32
C LEU L 1359 -14.53 -52.03 66.04
N PRO L 1360 -13.22 -52.28 66.01
CA PRO L 1360 -12.55 -53.66 65.92
C PRO L 1360 -12.79 -54.50 67.13
N VAL L 1361 -13.28 -53.88 68.19
CA VAL L 1361 -13.57 -54.56 69.47
C VAL L 1361 -15.05 -54.95 69.42
N LEU L 1362 -15.90 -54.26 68.64
CA LEU L 1362 -17.29 -54.59 68.55
C LEU L 1362 -17.56 -55.89 67.82
N MET L 1363 -16.90 -56.14 66.68
CA MET L 1363 -16.92 -57.45 66.04
C MET L 1363 -16.18 -58.54 66.78
N LYS L 1364 -15.19 -58.14 67.61
CA LYS L 1364 -14.55 -59.03 68.57
C LYS L 1364 -15.52 -59.60 69.56
N TYR L 1365 -16.34 -58.72 70.16
CA TYR L 1365 -17.36 -59.15 71.20
C TYR L 1365 -18.66 -59.82 70.73
N SER L 1366 -19.03 -59.76 69.47
CA SER L 1366 -20.24 -60.40 68.96
C SER L 1366 -19.98 -61.85 68.59
N VAL L 1367 -18.71 -62.20 68.18
CA VAL L 1367 -18.28 -63.53 67.88
C VAL L 1367 -17.89 -64.32 69.13
N THR L 1368 -17.52 -63.63 70.20
CA THR L 1368 -16.97 -64.14 71.46
C THR L 1368 -18.07 -64.94 72.17
N ALA L 1369 -19.30 -64.45 72.21
CA ALA L 1369 -20.38 -65.07 72.96
C ALA L 1369 -21.04 -66.30 72.32
N PRO L 1370 -21.03 -66.52 71.04
CA PRO L 1370 -21.21 -67.88 70.47
C PRO L 1370 -20.13 -68.86 70.84
N MET L 1371 -18.91 -68.36 70.93
CA MET L 1371 -17.78 -69.26 71.09
C MET L 1371 -17.51 -69.73 72.51
N VAL L 1372 -18.11 -69.00 73.52
CA VAL L 1372 -18.08 -69.45 74.97
C VAL L 1372 -19.22 -70.41 75.15
N SER L 1373 -20.35 -70.22 74.38
CA SER L 1373 -21.58 -71.04 74.40
C SER L 1373 -21.31 -72.38 73.79
N HIS L 1374 -20.37 -72.57 72.73
CA HIS L 1374 -20.19 -73.92 72.12
C HIS L 1374 -19.28 -74.80 72.92
N VAL L 1375 -18.25 -74.21 73.61
CA VAL L 1375 -17.24 -74.83 74.49
C VAL L 1375 -17.95 -75.34 75.67
N TYR L 1376 -19.03 -74.65 76.17
CA TYR L 1376 -19.80 -75.31 77.21
C TYR L 1376 -20.74 -76.41 76.63
N LEU L 1377 -21.12 -76.31 75.35
CA LEU L 1377 -22.08 -77.30 74.68
C LEU L 1377 -21.48 -78.70 74.45
N VAL L 1378 -20.12 -78.86 74.23
CA VAL L 1378 -19.56 -80.23 74.18
C VAL L 1378 -19.12 -80.51 75.55
N PRO M 9 -20.89 1.16 -17.07
CA PRO M 9 -22.12 1.72 -17.60
C PRO M 9 -23.19 0.75 -17.88
N ASN M 10 -22.98 -0.21 -18.77
CA ASN M 10 -24.02 -1.14 -19.25
C ASN M 10 -24.65 -2.03 -18.15
N VAL M 11 -23.81 -2.63 -17.30
CA VAL M 11 -24.07 -3.40 -16.09
C VAL M 11 -24.73 -2.68 -14.98
N LEU M 12 -24.26 -1.41 -14.67
CA LEU M 12 -24.71 -0.70 -13.49
C LEU M 12 -26.22 -0.30 -13.54
N LEU M 13 -26.58 0.13 -14.78
CA LEU M 13 -27.85 0.62 -15.21
C LEU M 13 -28.84 -0.50 -15.25
N GLN M 14 -28.41 -1.73 -15.62
CA GLN M 14 -29.21 -2.93 -15.62
C GLN M 14 -29.51 -3.31 -14.21
N ASN M 15 -28.51 -3.22 -13.29
CA ASN M 15 -28.54 -3.46 -11.82
C ASN M 15 -29.67 -2.60 -11.15
N LEU M 16 -29.76 -1.34 -11.67
CA LEU M 16 -30.79 -0.43 -11.25
C LEU M 16 -32.20 -0.84 -11.45
N CYS M 17 -32.47 -1.47 -12.63
CA CYS M 17 -33.76 -2.03 -12.97
C CYS M 17 -34.09 -3.22 -12.06
N CYS M 18 -33.05 -4.08 -11.82
CA CYS M 18 -33.10 -5.38 -11.13
C CYS M 18 -33.42 -5.22 -9.67
N ARG M 19 -32.75 -4.26 -8.96
CA ARG M 19 -33.06 -4.10 -7.56
C ARG M 19 -34.48 -3.46 -7.36
N ILE M 20 -34.82 -2.45 -8.14
CA ILE M 20 -36.11 -1.78 -7.96
C ILE M 20 -37.24 -2.61 -8.28
N LEU M 21 -37.17 -3.30 -9.44
CA LEU M 21 -38.23 -4.10 -9.93
C LEU M 21 -38.33 -5.43 -9.22
N GLY M 22 -37.26 -5.83 -8.52
CA GLY M 22 -37.14 -7.04 -7.77
C GLY M 22 -37.22 -8.27 -8.61
N LYS M 23 -36.73 -8.16 -9.87
CA LYS M 23 -36.75 -9.24 -10.83
C LYS M 23 -35.34 -9.29 -11.42
N GLY M 24 -34.91 -10.50 -11.87
CA GLY M 24 -33.71 -10.90 -12.49
C GLY M 24 -33.78 -10.41 -13.94
N GLU M 25 -33.27 -11.14 -14.92
CA GLU M 25 -33.15 -10.84 -16.28
C GLU M 25 -34.13 -11.71 -16.97
N ALA M 26 -34.54 -11.19 -18.15
CA ALA M 26 -35.68 -11.64 -18.94
C ALA M 26 -36.99 -11.41 -18.21
N ASP M 27 -37.15 -10.22 -17.58
CA ASP M 27 -38.33 -9.90 -16.87
C ASP M 27 -38.39 -8.35 -16.98
N VAL M 28 -37.17 -7.80 -17.07
CA VAL M 28 -36.91 -6.33 -16.99
C VAL M 28 -36.45 -5.69 -18.31
N ALA M 29 -36.53 -6.53 -19.33
CA ALA M 29 -36.05 -6.27 -20.64
C ALA M 29 -36.51 -5.03 -21.37
N GLN M 30 -37.81 -4.74 -21.38
CA GLN M 30 -38.54 -3.58 -21.99
C GLN M 30 -38.23 -2.28 -21.26
N GLN M 31 -38.16 -2.41 -19.93
CA GLN M 31 -37.79 -1.38 -19.04
C GLN M 31 -36.34 -0.99 -19.30
N PHE M 32 -35.48 -1.98 -19.56
CA PHE M 32 -34.13 -1.76 -19.83
C PHE M 32 -34.04 -0.85 -21.03
N GLN M 33 -34.82 -1.14 -22.11
CA GLN M 33 -34.86 -0.47 -23.42
C GLN M 33 -35.18 0.96 -23.29
N TYR M 34 -36.21 1.37 -22.45
CA TYR M 34 -36.52 2.75 -22.13
C TYR M 34 -35.37 3.44 -21.49
N ALA M 35 -34.78 2.81 -20.49
CA ALA M 35 -33.70 3.34 -19.71
C ALA M 35 -32.40 3.65 -20.47
N VAL M 36 -32.04 2.71 -21.29
CA VAL M 36 -30.90 2.81 -22.24
C VAL M 36 -31.05 3.96 -23.23
N ARG M 37 -32.25 3.99 -23.84
CA ARG M 37 -32.56 5.09 -24.77
C ARG M 37 -32.47 6.42 -24.13
N VAL M 38 -33.16 6.62 -22.96
CA VAL M 38 -33.27 7.86 -22.33
C VAL M 38 -31.92 8.39 -21.68
N ILE M 39 -31.08 7.53 -21.01
CA ILE M 39 -29.75 7.86 -20.51
C ILE M 39 -28.74 8.23 -21.66
N GLY M 40 -28.73 7.41 -22.80
CA GLY M 40 -27.69 7.53 -23.81
C GLY M 40 -27.67 8.73 -24.67
N SER M 41 -28.83 9.24 -25.04
CA SER M 41 -28.97 10.41 -25.92
C SER M 41 -28.74 11.69 -25.20
N ASN M 42 -28.69 11.62 -23.85
CA ASN M 42 -28.41 12.80 -23.00
C ASN M 42 -27.39 12.47 -22.00
N PHE M 43 -26.25 11.79 -22.39
CA PHE M 43 -25.32 11.21 -21.42
C PHE M 43 -24.65 12.14 -20.46
N ALA M 44 -24.05 13.22 -20.96
CA ALA M 44 -23.23 14.12 -20.15
C ALA M 44 -24.08 15.24 -19.56
N PRO M 45 -23.75 15.80 -18.39
CA PRO M 45 -24.54 16.88 -17.82
C PRO M 45 -25.00 18.01 -18.75
N THR M 46 -26.19 18.52 -18.72
CA THR M 46 -26.62 19.63 -19.57
C THR M 46 -26.65 20.95 -18.62
N VAL M 47 -26.12 20.82 -17.36
CA VAL M 47 -26.04 21.98 -16.54
C VAL M 47 -24.53 22.26 -16.32
N GLU M 48 -24.16 23.60 -16.16
CA GLU M 48 -22.84 24.11 -15.64
C GLU M 48 -22.62 23.62 -14.25
N ARG M 49 -21.40 22.99 -14.03
CA ARG M 49 -21.06 22.36 -12.77
C ARG M 49 -20.98 23.35 -11.61
N ASP M 50 -21.64 23.06 -10.43
CA ASP M 50 -21.61 24.02 -9.30
C ASP M 50 -22.27 23.39 -8.13
N GLU M 51 -21.51 22.91 -7.07
CA GLU M 51 -22.05 22.30 -5.92
C GLU M 51 -23.12 23.16 -5.16
N PHE M 52 -22.82 24.50 -4.94
CA PHE M 52 -23.58 25.40 -4.15
C PHE M 52 -24.98 25.58 -4.56
N LEU M 53 -25.39 25.61 -5.85
CA LEU M 53 -26.71 25.84 -6.33
C LEU M 53 -27.66 24.72 -5.91
N VAL M 54 -27.22 23.46 -5.97
CA VAL M 54 -27.98 22.30 -5.63
C VAL M 54 -28.33 22.23 -4.11
N THR M 55 -27.35 22.59 -3.25
CA THR M 55 -27.42 22.67 -1.82
C THR M 55 -28.44 23.65 -1.32
N GLU M 56 -28.38 24.85 -1.96
CA GLU M 56 -29.35 25.91 -1.70
C GLU M 56 -30.74 25.40 -1.99
N LYS M 57 -30.96 24.63 -3.15
CA LYS M 57 -32.31 24.08 -3.52
C LYS M 57 -32.79 23.14 -2.48
N ILE M 58 -31.89 22.28 -1.86
CA ILE M 58 -32.27 21.38 -0.81
C ILE M 58 -32.73 22.14 0.48
N LYS M 59 -32.01 23.22 0.93
CA LYS M 59 -32.33 24.01 2.12
C LYS M 59 -33.65 24.82 1.91
N LYS M 60 -33.87 25.38 0.73
CA LYS M 60 -35.11 26.11 0.45
C LYS M 60 -36.23 25.15 0.52
N GLU M 61 -36.02 23.87 0.10
CA GLU M 61 -37.02 22.87 0.19
C GLU M 61 -37.42 22.60 1.60
N PHE M 62 -36.52 22.55 2.59
CA PHE M 62 -36.73 22.40 3.98
C PHE M 62 -37.54 23.56 4.56
N VAL M 63 -37.08 24.84 4.25
CA VAL M 63 -37.82 26.09 4.64
C VAL M 63 -39.22 26.27 4.15
N ARG M 64 -39.45 25.96 2.83
CA ARG M 64 -40.73 25.99 2.25
C ARG M 64 -41.68 25.05 3.07
N GLN M 65 -41.24 23.89 3.54
CA GLN M 65 -42.06 22.90 4.22
C GLN M 65 -42.20 23.13 5.70
N ARG M 66 -41.50 24.16 6.18
CA ARG M 66 -41.29 24.67 7.53
C ARG M 66 -40.74 23.40 8.36
N ARG M 67 -39.49 23.05 8.11
CA ARG M 67 -38.74 21.97 8.66
C ARG M 67 -37.37 22.64 8.90
N GLU M 68 -37.39 23.80 9.61
CA GLU M 68 -36.22 24.65 9.75
C GLU M 68 -34.99 23.91 10.34
N ALA M 69 -35.25 23.01 11.36
CA ALA M 69 -34.32 22.27 12.16
C ALA M 69 -33.55 21.31 11.36
N ASP M 70 -34.26 20.69 10.48
CA ASP M 70 -33.67 19.78 9.49
C ASP M 70 -32.92 20.52 8.43
N GLY M 71 -33.35 21.69 7.99
CA GLY M 71 -32.56 22.53 7.13
C GLY M 71 -31.20 22.93 7.57
N ALA M 72 -31.04 23.29 8.86
CA ALA M 72 -29.77 23.45 9.60
C ALA M 72 -29.04 22.20 9.73
N LEU M 73 -29.72 21.04 10.04
CA LEU M 73 -29.13 19.73 10.20
C LEU M 73 -28.43 19.29 8.96
N PHE M 74 -29.06 19.52 7.80
CA PHE M 74 -28.60 19.20 6.48
C PHE M 74 -27.21 19.77 6.17
N SER M 75 -27.00 21.05 6.69
CA SER M 75 -25.82 21.81 6.52
C SER M 75 -24.62 21.20 7.16
N GLU M 76 -24.80 20.54 8.31
CA GLU M 76 -23.89 19.76 8.97
C GLU M 76 -23.61 18.47 8.17
N LEU M 77 -24.69 17.80 7.61
CA LEU M 77 -24.52 16.58 6.81
C LEU M 77 -23.74 16.70 5.54
N HIS M 78 -23.92 17.80 4.72
CA HIS M 78 -23.16 18.14 3.52
C HIS M 78 -21.68 18.36 3.79
N ARG M 79 -21.29 19.04 4.94
CA ARG M 79 -19.91 19.18 5.33
C ARG M 79 -19.24 17.83 5.60
N LYS M 80 -19.96 16.89 6.26
CA LYS M 80 -19.53 15.53 6.55
C LYS M 80 -19.30 14.79 5.30
N LEU M 81 -20.18 14.91 4.26
CA LEU M 81 -20.04 14.21 2.95
C LEU M 81 -18.77 14.64 2.19
N GLN M 82 -18.52 15.96 2.13
CA GLN M 82 -17.44 16.70 1.56
C GLN M 82 -16.14 16.39 2.27
N SER M 83 -16.18 16.25 3.57
CA SER M 83 -14.94 16.13 4.28
C SER M 83 -14.13 14.85 4.15
N GLN M 84 -14.78 13.78 3.93
CA GLN M 84 -14.28 12.40 3.93
C GLN M 84 -13.29 12.33 2.81
N GLY M 85 -13.55 13.00 1.65
CA GLY M 85 -12.65 13.20 0.51
C GLY M 85 -12.59 11.98 -0.38
N VAL M 86 -13.80 11.36 -0.50
CA VAL M 86 -13.84 10.07 -1.25
C VAL M 86 -14.60 10.28 -2.47
N LEU M 87 -15.89 10.77 -2.46
CA LEU M 87 -16.74 10.94 -3.57
C LEU M 87 -16.57 12.38 -4.14
N LYS M 88 -16.25 12.49 -5.43
CA LYS M 88 -16.13 13.73 -6.18
C LYS M 88 -17.11 13.58 -7.23
N ASN M 89 -17.77 14.69 -7.69
CA ASN M 89 -18.91 14.64 -8.61
C ASN M 89 -20.18 14.68 -7.80
N ARG M 90 -19.94 15.27 -6.57
CA ARG M 90 -20.85 15.36 -5.51
C ARG M 90 -22.13 15.96 -5.91
N TRP M 91 -22.16 17.11 -6.67
CA TRP M 91 -23.34 17.84 -7.16
C TRP M 91 -24.35 16.94 -7.82
N SER M 92 -23.88 16.06 -8.69
CA SER M 92 -24.80 15.15 -9.34
C SER M 92 -25.48 14.23 -8.39
N ILE M 93 -24.86 13.71 -7.33
CA ILE M 93 -25.44 12.78 -6.33
C ILE M 93 -26.58 13.49 -5.56
N LEU M 94 -26.25 14.73 -5.06
CA LEU M 94 -27.09 15.57 -4.30
C LEU M 94 -28.33 15.96 -5.10
N TYR M 95 -28.14 16.22 -6.38
CA TYR M 95 -29.05 16.72 -7.35
C TYR M 95 -30.17 15.68 -7.49
N LEU M 96 -29.65 14.42 -7.61
CA LEU M 96 -30.52 13.37 -7.74
C LEU M 96 -31.44 13.19 -6.53
N LEU M 97 -30.90 13.17 -5.31
CA LEU M 97 -31.63 12.95 -4.10
C LEU M 97 -32.69 14.10 -3.97
N LEU M 98 -32.40 15.43 -4.24
CA LEU M 98 -33.32 16.59 -4.30
C LEU M 98 -34.44 16.37 -5.25
N SER M 99 -34.19 15.79 -6.50
CA SER M 99 -35.27 15.63 -7.54
C SER M 99 -36.23 14.62 -7.09
N LEU M 100 -35.87 13.64 -6.24
CA LEU M 100 -36.66 12.57 -5.84
C LEU M 100 -37.22 12.66 -4.44
N SER M 101 -37.29 13.93 -3.90
CA SER M 101 -37.90 14.21 -2.61
C SER M 101 -39.43 14.42 -2.77
N PRO N 9 70.17 -5.12 21.57
CA PRO N 9 69.05 -4.53 22.32
C PRO N 9 67.77 -5.19 21.69
N ASN N 10 67.71 -5.15 20.32
CA ASN N 10 66.61 -5.75 19.60
C ASN N 10 66.67 -7.24 19.71
N VAL N 11 67.92 -7.74 19.62
CA VAL N 11 68.35 -9.18 19.42
C VAL N 11 67.88 -9.81 20.67
N LEU N 12 68.07 -9.07 21.83
CA LEU N 12 67.68 -9.52 23.14
C LEU N 12 66.20 -9.76 23.26
N LEU N 13 65.42 -8.81 22.77
CA LEU N 13 63.96 -8.83 22.81
C LEU N 13 63.35 -9.98 21.97
N GLN N 14 63.91 -10.22 20.80
CA GLN N 14 63.56 -11.26 19.84
C GLN N 14 63.71 -12.64 20.45
N ASN N 15 64.78 -12.88 21.16
CA ASN N 15 65.19 -14.04 21.95
C ASN N 15 64.28 -14.25 23.09
N LEU N 16 63.80 -13.19 23.84
CA LEU N 16 62.75 -13.33 24.80
C LEU N 16 61.39 -13.84 24.20
N CYS N 17 60.91 -13.25 23.08
CA CYS N 17 59.72 -13.58 22.39
C CYS N 17 59.67 -14.98 21.84
N CYS N 18 60.65 -15.33 21.00
CA CYS N 18 60.77 -16.59 20.23
C CYS N 18 60.91 -17.79 21.11
N ARG N 19 61.69 -17.57 22.23
CA ARG N 19 62.05 -18.64 23.10
C ARG N 19 61.01 -19.17 24.00
N ILE N 20 60.21 -18.21 24.59
CA ILE N 20 59.22 -18.56 25.59
C ILE N 20 57.98 -19.12 24.89
N LEU N 21 57.66 -18.42 23.79
CA LEU N 21 56.46 -18.75 23.08
C LEU N 21 56.58 -19.92 22.13
N GLY N 22 57.83 -20.19 21.77
CA GLY N 22 58.08 -21.21 20.83
C GLY N 22 58.26 -20.58 19.45
N LYS N 23 58.77 -21.34 18.42
CA LYS N 23 59.18 -20.79 17.12
C LYS N 23 58.00 -20.76 16.18
N GLY N 24 57.32 -19.60 15.95
CA GLY N 24 56.45 -19.38 14.82
C GLY N 24 57.23 -18.51 13.83
N GLU N 25 58.05 -17.55 14.40
CA GLU N 25 58.68 -16.40 13.81
C GLU N 25 57.74 -15.57 12.91
N ALA N 26 56.49 -15.40 13.37
CA ALA N 26 55.34 -14.87 12.58
C ALA N 26 54.06 -15.27 13.40
N ASP N 27 54.19 -15.65 14.67
CA ASP N 27 53.10 -16.07 15.48
C ASP N 27 53.63 -15.80 16.87
N VAL N 28 54.86 -15.24 16.94
CA VAL N 28 55.53 -14.58 18.07
C VAL N 28 55.71 -13.14 17.64
N ALA N 29 55.11 -12.72 16.52
CA ALA N 29 55.23 -11.44 15.91
C ALA N 29 54.72 -10.27 16.76
N GLN N 30 53.61 -10.64 17.50
CA GLN N 30 52.84 -9.70 18.24
C GLN N 30 53.56 -9.01 19.34
N GLN N 31 54.30 -9.83 20.09
CA GLN N 31 55.14 -9.50 21.18
C GLN N 31 56.32 -8.71 20.81
N PHE N 32 56.90 -9.03 19.67
CA PHE N 32 58.05 -8.38 19.15
C PHE N 32 57.75 -6.95 18.75
N GLN N 33 56.68 -6.63 18.01
CA GLN N 33 56.28 -5.25 17.60
C GLN N 33 55.99 -4.47 18.86
N TYR N 34 55.29 -5.15 19.77
CA TYR N 34 54.96 -4.68 21.12
C TYR N 34 56.12 -4.27 21.99
N ALA N 35 57.18 -5.06 21.98
CA ALA N 35 58.39 -4.90 22.69
C ALA N 35 59.22 -3.77 22.36
N VAL N 36 59.54 -3.54 21.06
CA VAL N 36 60.39 -2.43 20.64
C VAL N 36 59.80 -1.10 20.95
N ARG N 37 58.45 -0.97 20.69
CA ARG N 37 57.60 0.19 20.86
C ARG N 37 57.53 0.57 22.32
N VAL N 38 57.32 -0.38 23.26
CA VAL N 38 57.07 -0.12 24.63
C VAL N 38 58.36 0.50 25.32
N ILE N 39 59.52 -0.07 25.06
CA ILE N 39 60.80 0.32 25.70
C ILE N 39 61.31 1.69 25.08
N GLY N 40 60.98 1.96 23.77
CA GLY N 40 61.53 3.07 23.06
C GLY N 40 60.83 4.33 23.51
N SER N 41 59.60 4.13 24.06
CA SER N 41 58.84 5.36 24.45
C SER N 41 59.29 5.73 25.82
N ASN N 42 60.05 6.85 26.00
CA ASN N 42 60.77 7.27 27.15
C ASN N 42 59.84 7.72 28.29
N PHE N 43 60.17 7.43 29.50
CA PHE N 43 59.59 7.96 30.68
C PHE N 43 60.69 8.08 31.72
N ALA N 44 60.45 8.93 32.80
CA ALA N 44 61.41 9.15 33.77
C ALA N 44 61.12 8.06 34.87
N PRO N 45 62.14 7.33 35.38
CA PRO N 45 62.10 6.22 36.34
C PRO N 45 61.44 6.51 37.66
N THR N 46 60.73 5.51 38.18
CA THR N 46 60.05 5.50 39.44
C THR N 46 60.27 4.16 40.08
N VAL N 47 60.64 4.04 41.33
CA VAL N 47 61.23 2.90 42.05
C VAL N 47 62.61 2.58 41.40
N GLU N 48 63.54 3.54 41.63
CA GLU N 48 64.87 3.37 41.07
C GLU N 48 65.89 3.91 42.05
N ARG N 49 66.94 3.10 42.39
CA ARG N 49 67.98 3.47 43.27
C ARG N 49 67.54 3.83 44.70
N ASP N 50 66.55 3.11 45.20
CA ASP N 50 65.92 3.20 46.51
C ASP N 50 65.61 1.81 46.82
N GLU N 51 66.55 0.94 46.93
CA GLU N 51 66.43 -0.53 47.22
C GLU N 51 65.92 -0.82 48.56
N PHE N 52 66.03 0.11 49.54
CA PHE N 52 65.50 -0.04 50.86
C PHE N 52 64.00 -0.15 50.80
N LEU N 53 63.31 0.69 49.97
CA LEU N 53 61.81 0.57 49.94
C LEU N 53 61.37 -0.78 49.37
N VAL N 54 62.05 -1.24 48.30
CA VAL N 54 61.79 -2.52 47.62
C VAL N 54 61.94 -3.80 48.46
N THR N 55 63.02 -3.96 49.29
CA THR N 55 63.26 -5.11 50.18
C THR N 55 62.05 -5.25 51.16
N GLU N 56 61.60 -4.05 51.75
CA GLU N 56 60.59 -3.94 52.75
C GLU N 56 59.27 -4.41 52.20
N LYS N 57 58.97 -3.91 50.99
CA LYS N 57 57.84 -4.29 50.17
C LYS N 57 57.67 -5.90 49.91
N ILE N 58 58.78 -6.55 49.58
CA ILE N 58 58.82 -7.99 49.34
C ILE N 58 58.65 -8.71 50.66
N LYS N 59 59.18 -8.10 51.78
CA LYS N 59 58.91 -8.71 53.06
C LYS N 59 57.45 -8.66 53.48
N LYS N 60 56.78 -7.48 53.22
CA LYS N 60 55.32 -7.41 53.39
C LYS N 60 54.58 -8.38 52.60
N GLU N 61 55.02 -8.62 51.31
CA GLU N 61 54.44 -9.59 50.42
C GLU N 61 54.50 -10.94 51.01
N PHE N 62 55.62 -11.34 51.63
CA PHE N 62 55.73 -12.63 52.22
C PHE N 62 54.84 -12.85 53.40
N VAL N 63 54.70 -11.79 54.19
CA VAL N 63 53.91 -11.69 55.41
C VAL N 63 52.44 -11.95 55.07
N ARG N 64 51.99 -11.32 53.98
CA ARG N 64 50.69 -11.47 53.33
C ARG N 64 50.35 -12.87 52.77
N GLN N 65 51.39 -13.59 52.30
CA GLN N 65 51.29 -14.94 51.59
C GLN N 65 51.30 -16.02 52.67
N ARG N 66 51.34 -15.56 53.99
CA ARG N 66 51.35 -16.40 55.20
C ARG N 66 52.58 -17.28 55.29
N ARG N 67 53.72 -16.72 54.81
CA ARG N 67 55.15 -17.25 54.82
C ARG N 67 56.10 -16.31 55.49
N GLU N 68 56.08 -16.25 56.80
CA GLU N 68 56.94 -15.47 57.56
C GLU N 68 58.33 -15.99 57.42
N ALA N 69 58.55 -17.28 57.38
CA ALA N 69 59.87 -17.90 57.29
C ALA N 69 60.71 -17.50 56.08
N ASP N 70 60.03 -17.33 54.89
CA ASP N 70 60.60 -17.02 53.58
C ASP N 70 61.14 -15.62 53.57
N GLY N 71 60.50 -14.65 54.36
CA GLY N 71 61.09 -13.34 54.49
C GLY N 71 62.50 -13.10 55.10
N ALA N 72 62.83 -13.91 56.17
CA ALA N 72 64.22 -13.97 56.70
C ALA N 72 65.23 -14.62 55.83
N LEU N 73 64.80 -15.74 55.14
CA LEU N 73 65.55 -16.43 54.10
C LEU N 73 65.92 -15.61 52.93
N PHE N 74 64.94 -14.75 52.42
CA PHE N 74 65.08 -13.89 51.31
C PHE N 74 66.14 -12.89 51.56
N SER N 75 66.16 -12.36 52.82
CA SER N 75 67.06 -11.27 53.29
C SER N 75 68.53 -11.73 53.25
N GLU N 76 68.82 -12.98 53.60
CA GLU N 76 70.02 -13.65 53.51
C GLU N 76 70.56 -13.84 52.01
N LEU N 77 69.65 -14.23 51.13
CA LEU N 77 70.03 -14.39 49.76
C LEU N 77 70.30 -13.08 49.10
N HIS N 78 69.63 -11.93 49.67
CA HIS N 78 69.64 -10.57 49.11
C HIS N 78 71.04 -9.96 49.22
N ARG N 79 71.61 -10.03 50.46
CA ARG N 79 72.92 -9.67 50.87
C ARG N 79 73.94 -10.48 50.06
N LYS N 80 73.70 -11.75 49.70
CA LYS N 80 74.56 -12.58 48.82
C LYS N 80 74.72 -11.96 47.44
N LEU N 81 73.66 -11.37 46.83
CA LEU N 81 73.71 -10.68 45.56
C LEU N 81 74.68 -9.48 45.65
N GLN N 82 74.68 -8.73 46.71
CA GLN N 82 75.48 -7.45 46.83
C GLN N 82 77.02 -7.76 46.60
N SER N 83 77.58 -8.80 47.23
CA SER N 83 79.00 -9.18 47.29
C SER N 83 79.57 -9.57 45.91
N GLN N 84 78.67 -10.16 45.05
CA GLN N 84 79.01 -10.62 43.66
C GLN N 84 79.48 -9.53 42.77
N GLY N 85 78.80 -8.41 42.91
CA GLY N 85 79.15 -7.15 42.30
C GLY N 85 78.64 -7.11 40.91
N VAL N 86 77.69 -7.96 40.49
CA VAL N 86 77.22 -8.06 39.08
C VAL N 86 75.76 -7.82 39.04
N LEU N 87 75.19 -7.42 37.88
CA LEU N 87 73.82 -7.08 37.69
C LEU N 87 73.56 -5.65 38.09
N LYS N 88 73.71 -4.74 37.15
CA LYS N 88 73.70 -3.35 37.52
C LYS N 88 72.38 -2.81 38.21
N ASN N 89 71.23 -3.29 37.69
CA ASN N 89 69.96 -2.75 38.12
C ASN N 89 69.16 -3.92 38.71
N ARG N 90 69.47 -4.21 39.98
CA ARG N 90 68.87 -5.19 40.89
C ARG N 90 67.44 -5.06 41.16
N TRP N 91 67.13 -3.78 41.32
CA TRP N 91 65.75 -3.29 41.60
C TRP N 91 64.76 -3.70 40.55
N SER N 92 65.18 -3.65 39.27
CA SER N 92 64.29 -3.98 38.16
C SER N 92 63.83 -5.37 38.12
N ILE N 93 64.63 -6.41 38.39
CA ILE N 93 64.25 -7.77 38.55
C ILE N 93 63.46 -7.98 39.75
N LEU N 94 63.77 -7.33 40.90
CA LEU N 94 62.88 -7.41 42.09
C LEU N 94 61.49 -6.88 41.91
N TYR N 95 61.40 -5.78 41.15
CA TYR N 95 60.17 -5.06 40.83
C TYR N 95 59.27 -5.93 40.05
N LEU N 96 59.81 -6.70 39.08
CA LEU N 96 59.19 -7.66 38.16
C LEU N 96 58.51 -8.85 38.89
N LEU N 97 59.26 -9.50 39.83
CA LEU N 97 58.82 -10.58 40.63
C LEU N 97 57.57 -10.30 41.47
N LEU N 98 57.59 -9.09 42.13
CA LEU N 98 56.58 -8.62 43.00
C LEU N 98 55.24 -8.43 42.22
N SER N 99 55.34 -7.95 40.95
CA SER N 99 54.17 -7.61 40.15
C SER N 99 53.33 -8.83 39.93
N LEU N 100 54.03 -10.02 39.68
CA LEU N 100 53.50 -11.33 39.32
C LEU N 100 53.30 -12.27 40.49
N SER N 101 53.62 -11.78 41.75
CA SER N 101 53.26 -12.51 43.01
C SER N 101 51.85 -12.88 43.10
N GLU N 102 51.62 -14.05 43.71
CA GLU N 102 50.30 -14.43 43.82
C GLU N 102 50.36 -15.20 45.08
N ASP N 103 49.16 -15.28 45.63
CA ASP N 103 48.96 -15.87 46.93
C ASP N 103 48.65 -17.37 46.74
N PRO N 104 48.97 -18.24 47.70
CA PRO N 104 48.68 -19.69 47.55
C PRO N 104 47.27 -19.98 48.09
N ARG N 105 46.24 -19.55 47.35
CA ARG N 105 44.86 -19.67 47.84
C ARG N 105 43.85 -19.30 46.75
N LYS N 106 44.41 -18.86 45.56
CA LYS N 106 43.63 -18.55 44.36
C LYS N 106 44.59 -18.78 43.23
N GLN N 107 44.08 -18.55 41.96
CA GLN N 107 44.97 -18.50 40.84
C GLN N 107 44.31 -17.47 39.83
N PRO N 108 45.04 -16.54 39.27
CA PRO N 108 44.57 -15.59 38.26
C PRO N 108 44.09 -16.20 36.98
N ASN N 109 43.40 -15.39 36.07
CA ASN N 109 42.73 -15.85 34.83
C ASN N 109 43.69 -16.57 33.98
N LYS N 110 43.31 -17.83 33.57
CA LYS N 110 43.92 -18.54 32.45
C LYS N 110 42.73 -18.85 31.61
N THR N 111 42.75 -18.41 30.36
CA THR N 111 41.88 -18.82 29.22
C THR N 111 42.65 -18.58 27.93
N SER N 112 42.24 -19.35 26.88
CA SER N 112 42.84 -19.42 25.60
C SER N 112 41.78 -19.55 24.63
N SER N 113 41.92 -18.89 23.48
CA SER N 113 41.00 -18.62 22.44
C SER N 113 40.18 -17.39 22.90
N PHE N 114 40.91 -16.39 23.51
CA PHE N 114 40.49 -15.12 23.98
C PHE N 114 40.10 -14.21 22.82
N ALA N 115 40.63 -14.34 21.61
CA ALA N 115 40.29 -13.56 20.39
C ALA N 115 38.77 -13.60 20.05
N ALA N 116 38.18 -14.72 20.35
CA ALA N 116 36.72 -15.06 20.18
C ALA N 116 35.77 -14.35 21.04
N LEU N 117 36.29 -13.88 22.19
CA LEU N 117 35.65 -13.05 23.08
C LEU N 117 36.06 -11.63 22.62
N GLN O 6 14.50 29.59 18.05
CA GLN O 6 14.93 28.24 18.27
C GLN O 6 16.03 28.22 19.24
N LYS O 7 16.60 26.99 19.58
CA LYS O 7 17.78 26.92 20.44
C LYS O 7 18.24 25.47 20.48
N SER O 8 18.37 24.79 19.31
CA SER O 8 18.87 23.41 19.23
C SER O 8 20.31 23.43 19.71
N PRO O 9 20.84 22.46 20.39
CA PRO O 9 22.27 22.35 20.71
C PRO O 9 23.32 22.75 19.69
N ASN O 10 23.14 22.36 18.42
CA ASN O 10 24.02 22.60 17.35
C ASN O 10 24.16 24.09 17.11
N VAL O 11 23.01 24.82 17.04
CA VAL O 11 22.89 26.28 16.78
C VAL O 11 23.52 27.07 17.94
N LEU O 12 23.23 26.71 19.21
CA LEU O 12 23.87 27.27 20.40
C LEU O 12 25.35 27.01 20.52
N LEU O 13 25.91 25.86 20.12
CA LEU O 13 27.34 25.62 20.26
C LEU O 13 28.09 26.51 19.26
N GLN O 14 27.56 26.69 18.06
CA GLN O 14 28.18 27.62 17.07
C GLN O 14 28.28 29.03 17.52
N ASN O 15 27.26 29.62 18.20
CA ASN O 15 27.19 31.00 18.64
C ASN O 15 28.24 31.23 19.69
N LEU O 16 28.41 30.20 20.65
CA LEU O 16 29.33 30.27 21.70
C LEU O 16 30.74 30.47 21.13
N CYS O 17 31.15 29.55 20.15
CA CYS O 17 32.44 29.47 19.49
C CYS O 17 32.75 30.70 18.73
N CYS O 18 31.72 31.26 18.02
CA CYS O 18 31.90 32.45 17.20
C CYS O 18 32.43 33.61 18.04
N ARG O 19 31.83 33.90 19.23
CA ARG O 19 32.22 35.06 20.06
C ARG O 19 33.40 34.87 20.83
N ILE O 20 33.71 33.65 21.29
CA ILE O 20 34.84 33.44 22.19
C ILE O 20 36.19 33.42 21.37
N LEU O 21 36.15 33.00 20.10
CA LEU O 21 37.33 32.86 19.30
C LEU O 21 37.58 34.19 18.61
N GLY O 22 36.53 35.03 18.47
CA GLY O 22 36.74 36.43 18.00
C GLY O 22 36.81 36.36 16.46
N LYS O 23 36.15 35.28 15.84
CA LYS O 23 36.17 35.14 14.43
C LYS O 23 34.78 34.85 13.99
N GLY O 24 34.45 35.03 12.67
CA GLY O 24 33.14 34.85 12.05
C GLY O 24 32.64 33.40 12.29
N GLU O 25 31.34 33.22 12.01
CA GLU O 25 30.49 32.04 12.10
C GLU O 25 30.92 30.85 11.34
N ALA O 26 31.28 31.09 10.08
CA ALA O 26 31.77 30.05 9.20
C ALA O 26 33.28 29.92 9.40
N ASP O 27 33.93 30.85 10.16
CA ASP O 27 35.36 30.83 10.28
C ASP O 27 35.80 30.20 11.58
N VAL O 28 34.87 29.74 12.42
CA VAL O 28 35.08 29.06 13.60
C VAL O 28 34.62 27.64 13.34
N ALA O 29 34.32 27.21 12.13
CA ALA O 29 33.85 25.87 11.87
C ALA O 29 34.84 24.78 12.28
N GLN O 30 36.16 25.07 11.98
CA GLN O 30 37.14 24.05 12.06
C GLN O 30 37.30 23.65 13.46
N GLN O 31 37.20 24.58 14.41
CA GLN O 31 37.09 24.40 15.83
C GLN O 31 35.76 23.92 16.30
N PHE O 32 34.69 24.22 15.50
CA PHE O 32 33.38 23.79 15.81
C PHE O 32 33.18 22.25 15.80
N GLN O 33 33.81 21.54 14.85
CA GLN O 33 33.76 20.15 14.74
C GLN O 33 34.44 19.48 15.91
N TYR O 34 35.59 20.07 16.30
CA TYR O 34 36.51 19.60 17.31
C TYR O 34 35.79 19.68 18.67
N ALA O 35 35.03 20.78 18.89
CA ALA O 35 34.19 21.07 20.01
C ALA O 35 33.10 19.94 20.15
N VAL O 36 32.40 19.46 19.06
CA VAL O 36 31.38 18.41 19.09
C VAL O 36 31.99 17.06 19.61
N ARG O 37 33.24 16.66 19.21
CA ARG O 37 33.86 15.44 19.65
C ARG O 37 34.11 15.46 21.06
N VAL O 38 34.66 16.59 21.58
CA VAL O 38 34.90 16.73 22.98
C VAL O 38 33.68 16.61 23.87
N ILE O 39 32.52 17.29 23.44
CA ILE O 39 31.35 17.20 24.26
C ILE O 39 30.76 15.78 24.16
N GLY O 40 30.76 15.10 23.00
CA GLY O 40 30.23 13.79 22.80
C GLY O 40 31.14 12.71 23.34
N SER O 41 32.36 13.07 23.83
CA SER O 41 33.10 12.06 24.61
C SER O 41 32.72 12.25 26.06
N ASN O 42 32.36 11.16 26.72
CA ASN O 42 31.84 11.23 28.06
C ASN O 42 32.93 11.53 29.10
N PHE O 43 32.51 12.22 30.17
CA PHE O 43 33.29 12.43 31.40
C PHE O 43 32.28 12.34 32.34
N ALA O 44 32.72 12.29 33.68
CA ALA O 44 31.83 12.22 34.86
C ALA O 44 32.44 13.13 35.81
N PRO O 45 31.72 14.06 36.39
CA PRO O 45 32.22 14.92 37.48
C PRO O 45 32.77 14.26 38.67
N THR O 46 33.73 14.96 39.38
CA THR O 46 34.39 14.48 40.55
C THR O 46 33.42 14.32 41.69
N VAL O 47 32.47 15.32 41.78
CA VAL O 47 31.35 15.31 42.71
C VAL O 47 30.19 14.89 41.86
N GLU O 48 29.61 13.70 42.17
CA GLU O 48 28.42 13.16 41.50
C GLU O 48 27.13 13.19 42.34
N ARG O 49 27.26 13.13 43.69
CA ARG O 49 26.06 13.01 44.56
C ARG O 49 25.98 14.14 45.49
N ASP O 50 24.69 14.60 45.78
CA ASP O 50 24.32 15.66 46.71
C ASP O 50 24.58 17.03 46.13
N GLU O 51 23.49 17.92 46.01
CA GLU O 51 23.56 19.24 45.58
C GLU O 51 24.48 20.08 46.53
N PHE O 52 24.34 19.80 47.86
CA PHE O 52 25.10 20.40 48.96
C PHE O 52 26.64 20.23 48.79
N LEU O 53 27.12 19.03 48.35
CA LEU O 53 28.56 18.74 48.18
C LEU O 53 29.20 19.74 47.24
N VAL O 54 28.52 20.12 46.15
CA VAL O 54 28.92 21.16 45.21
C VAL O 54 28.92 22.51 45.81
N THR O 55 27.89 22.87 46.58
CA THR O 55 27.79 24.23 47.13
C THR O 55 28.90 24.57 48.12
N GLU O 56 29.26 23.61 48.99
CA GLU O 56 30.28 23.74 50.04
C GLU O 56 31.66 23.93 49.52
N LYS O 57 31.87 23.28 48.37
CA LYS O 57 33.08 23.46 47.50
C LYS O 57 33.33 24.89 46.97
N ILE O 58 32.32 25.53 46.46
CA ILE O 58 32.29 26.89 46.03
C ILE O 58 32.53 27.87 47.14
N LYS O 59 31.92 27.52 48.24
CA LYS O 59 32.06 28.21 49.52
C LYS O 59 33.49 28.10 50.16
N LYS O 60 34.14 26.93 50.15
CA LYS O 60 35.52 26.71 50.48
C LYS O 60 36.42 27.48 49.59
N GLU O 61 36.09 27.54 48.24
CA GLU O 61 36.92 28.26 47.27
C GLU O 61 36.97 29.65 47.60
N PHE O 62 35.85 30.35 48.00
CA PHE O 62 35.82 31.72 48.26
C PHE O 62 36.85 32.10 49.35
N VAL O 63 37.01 31.23 50.42
CA VAL O 63 37.83 31.47 51.59
C VAL O 63 39.28 31.45 51.20
N ARG O 64 39.59 30.47 50.34
CA ARG O 64 40.89 30.18 49.80
C ARG O 64 41.49 31.32 49.01
N GLN O 65 40.61 32.01 48.27
CA GLN O 65 40.96 33.12 47.46
C GLN O 65 41.05 34.39 48.33
N ARG O 66 40.64 34.35 49.63
CA ARG O 66 40.73 35.41 50.59
C ARG O 66 39.59 36.41 50.26
N ARG O 67 38.33 35.85 50.11
CA ARG O 67 37.22 36.59 49.72
C ARG O 67 36.01 36.01 50.44
N GLU O 68 36.10 36.15 51.83
CA GLU O 68 35.10 35.54 52.71
C GLU O 68 33.72 36.13 52.61
N ALA O 69 33.74 37.46 52.45
CA ALA O 69 32.60 38.28 52.30
C ALA O 69 31.79 37.92 51.09
N ASP O 70 32.45 37.64 49.91
CA ASP O 70 31.82 37.31 48.65
C ASP O 70 31.13 35.93 48.71
N GLY O 71 31.56 34.97 49.59
CA GLY O 71 30.95 33.69 49.77
C GLY O 71 29.65 33.71 50.52
N ALA O 72 29.45 34.68 51.45
CA ALA O 72 28.25 35.11 52.13
C ALA O 72 27.24 35.64 51.12
N LEU O 73 27.73 36.42 50.22
CA LEU O 73 26.86 36.99 49.20
C LEU O 73 26.34 35.91 48.28
N PHE O 74 27.18 34.93 47.91
CA PHE O 74 26.86 33.75 47.18
C PHE O 74 25.75 32.87 47.77
N SER O 75 25.71 32.70 49.15
CA SER O 75 24.65 31.95 49.85
C SER O 75 23.24 32.59 49.58
N GLU O 76 23.24 33.93 49.62
CA GLU O 76 22.09 34.76 49.46
C GLU O 76 21.50 34.64 48.04
N LEU O 77 22.38 34.66 47.02
CA LEU O 77 22.05 34.44 45.66
C LEU O 77 21.48 33.05 45.46
N HIS O 78 22.04 31.98 46.14
CA HIS O 78 21.65 30.62 46.01
C HIS O 78 20.08 30.43 46.25
N ARG O 79 19.52 31.14 47.31
CA ARG O 79 18.12 31.15 47.74
C ARG O 79 17.21 31.72 46.65
N LYS O 80 17.69 32.79 46.04
CA LYS O 80 17.07 33.43 44.92
C LYS O 80 16.83 32.50 43.67
N LEU O 81 17.90 31.76 43.28
CA LEU O 81 17.96 30.77 42.24
C LEU O 81 16.97 29.67 42.54
N GLN O 82 16.83 29.22 43.80
CA GLN O 82 16.03 28.07 44.24
C GLN O 82 14.55 28.38 44.14
N SER O 83 14.19 29.62 44.54
CA SER O 83 12.86 30.06 44.56
C SER O 83 12.28 30.22 43.14
N GLN O 84 13.06 30.62 42.08
CA GLN O 84 12.43 30.88 40.78
C GLN O 84 12.15 29.63 39.95
N GLY O 85 12.97 28.52 40.00
CA GLY O 85 12.49 27.28 39.50
C GLY O 85 12.24 27.18 38.02
N VAL O 86 13.20 27.62 37.12
CA VAL O 86 13.05 27.64 35.68
C VAL O 86 13.98 26.55 35.28
N LEU O 87 15.04 26.35 36.07
CA LEU O 87 16.16 25.47 35.87
C LEU O 87 15.86 24.26 36.79
N LYS O 88 16.33 23.03 36.40
CA LYS O 88 16.04 21.77 37.15
C LYS O 88 17.35 21.09 37.14
N ASN O 89 18.48 21.75 36.87
CA ASN O 89 19.81 21.09 36.79
C ASN O 89 20.60 22.33 37.23
N ARG O 90 20.32 22.86 38.47
CA ARG O 90 21.11 23.93 39.01
C ARG O 90 22.58 23.53 39.13
N TRP O 91 22.81 22.28 39.56
CA TRP O 91 24.13 21.76 39.84
C TRP O 91 25.09 21.86 38.73
N SER O 92 24.66 21.58 37.49
CA SER O 92 25.50 21.65 36.25
C SER O 92 25.96 23.00 36.13
N ILE O 93 25.10 24.03 36.30
CA ILE O 93 25.50 25.41 36.13
C ILE O 93 26.56 25.87 37.20
N LEU O 94 26.31 25.51 38.44
CA LEU O 94 27.18 25.74 39.56
C LEU O 94 28.57 25.03 39.49
N TYR O 95 28.69 23.70 39.13
CA TYR O 95 29.92 23.00 38.91
C TYR O 95 30.75 23.68 37.78
N LEU O 96 30.07 24.14 36.73
CA LEU O 96 30.66 24.68 35.53
C LEU O 96 31.34 25.98 35.87
N LEU O 97 30.76 26.99 36.59
CA LEU O 97 31.38 28.24 36.96
C LEU O 97 32.46 27.96 37.91
N LEU O 98 32.32 26.99 38.88
CA LEU O 98 33.33 26.63 39.82
C LEU O 98 34.56 26.23 39.15
N SER O 99 34.49 25.46 38.03
CA SER O 99 35.61 25.02 37.31
C SER O 99 36.33 26.04 36.55
N LEU O 100 35.67 27.07 36.08
CA LEU O 100 36.17 28.16 35.26
C LEU O 100 36.57 29.32 36.12
N SER O 101 36.59 29.09 37.46
CA SER O 101 37.02 30.13 38.44
C SER O 101 38.43 30.59 38.18
N GLU O 102 38.68 31.87 38.50
CA GLU O 102 39.99 32.46 38.22
C GLU O 102 40.08 33.55 39.19
N ASP O 103 41.32 34.13 39.34
CA ASP O 103 41.74 35.05 40.36
C ASP O 103 41.30 36.46 40.12
N PRO P 9 31.41 -18.29 22.45
CA PRO P 9 31.68 -16.91 23.06
C PRO P 9 31.29 -15.81 22.05
N ASN P 10 31.45 -16.03 20.74
CA ASN P 10 31.08 -15.14 19.61
C ASN P 10 29.61 -14.90 19.67
N VAL P 11 28.79 -16.02 19.72
CA VAL P 11 27.34 -16.09 19.91
C VAL P 11 26.98 -15.44 21.17
N LEU P 12 27.68 -15.67 22.30
CA LEU P 12 27.21 -15.14 23.55
C LEU P 12 27.30 -13.65 23.59
N LEU P 13 28.39 -12.99 23.16
CA LEU P 13 28.58 -11.57 23.08
C LEU P 13 27.75 -10.83 22.05
N GLN P 14 27.43 -11.49 20.89
CA GLN P 14 26.56 -10.94 19.92
C GLN P 14 25.15 -10.84 20.49
N ASN P 15 24.65 -11.92 21.14
CA ASN P 15 23.34 -12.03 21.83
C ASN P 15 23.31 -11.02 22.93
N LEU P 16 24.44 -10.78 23.60
CA LEU P 16 24.55 -9.71 24.65
C LEU P 16 24.19 -8.28 24.17
N CYS P 17 24.70 -7.87 22.99
CA CYS P 17 24.52 -6.69 22.23
C CYS P 17 23.09 -6.58 21.79
N CYS P 18 22.49 -7.61 21.12
CA CYS P 18 21.16 -7.62 20.62
C CYS P 18 20.19 -7.41 21.76
N ARG P 19 20.41 -8.12 22.94
CA ARG P 19 19.45 -8.10 24.03
C ARG P 19 19.26 -6.80 24.72
N ILE P 20 20.44 -6.09 24.94
CA ILE P 20 20.50 -4.81 25.65
C ILE P 20 19.90 -3.73 24.88
N LEU P 21 20.05 -3.77 23.53
CA LEU P 21 19.52 -2.71 22.69
C LEU P 21 18.06 -3.00 22.44
N GLY P 22 17.62 -4.27 22.72
CA GLY P 22 16.26 -4.70 22.69
C GLY P 22 15.84 -4.94 21.27
N LYS P 23 16.79 -5.12 20.34
CA LYS P 23 16.47 -5.17 18.88
C LYS P 23 17.72 -4.87 18.09
N GLY P 24 17.74 -5.48 16.88
CA GLY P 24 18.92 -5.44 15.95
C GLY P 24 19.61 -6.77 16.10
N GLU P 25 19.44 -7.62 15.06
CA GLU P 25 19.84 -9.06 15.01
C GLU P 25 20.92 -9.21 13.97
N ALA P 26 21.47 -8.08 13.46
CA ALA P 26 22.63 -8.10 12.62
C ALA P 26 22.81 -6.64 12.25
N ASP P 27 22.36 -5.73 13.11
CA ASP P 27 22.46 -4.28 12.86
C ASP P 27 23.28 -3.70 13.96
N VAL P 28 23.76 -4.49 14.92
CA VAL P 28 24.46 -4.20 16.12
C VAL P 28 25.82 -4.73 15.93
N ALA P 29 26.19 -4.94 14.67
CA ALA P 29 27.48 -5.47 14.15
C ALA P 29 28.60 -4.49 14.53
N GLN P 30 28.35 -3.17 14.37
CA GLN P 30 29.29 -2.16 14.66
C GLN P 30 29.62 -2.14 16.19
N GLN P 31 28.56 -2.30 17.07
CA GLN P 31 28.75 -2.23 18.48
C GLN P 31 29.49 -3.41 18.97
N PHE P 32 29.18 -4.49 18.29
CA PHE P 32 29.78 -5.82 18.48
C PHE P 32 31.26 -5.88 18.25
N GLN P 33 31.71 -5.24 17.19
CA GLN P 33 33.05 -5.11 16.71
C GLN P 33 33.90 -4.37 17.74
N TYR P 34 33.36 -3.31 18.32
CA TYR P 34 33.89 -2.60 19.47
C TYR P 34 34.02 -3.45 20.69
N ALA P 35 32.93 -4.18 21.04
CA ALA P 35 32.95 -5.00 22.23
C ALA P 35 34.09 -6.07 22.12
N VAL P 36 34.26 -6.69 20.91
CA VAL P 36 35.27 -7.68 20.64
C VAL P 36 36.59 -7.02 20.87
N ARG P 37 36.79 -5.81 20.42
CA ARG P 37 38.05 -5.00 20.73
C ARG P 37 38.38 -4.74 22.16
N VAL P 38 37.44 -4.35 23.02
CA VAL P 38 37.62 -3.99 24.44
C VAL P 38 38.01 -5.25 25.21
N ILE P 39 37.32 -6.41 24.88
CA ILE P 39 37.50 -7.61 25.59
C ILE P 39 38.81 -8.16 25.30
N GLY P 40 39.28 -8.00 24.06
CA GLY P 40 40.63 -8.37 23.53
C GLY P 40 41.80 -7.56 24.07
N SER P 41 41.45 -6.40 24.72
CA SER P 41 42.43 -5.75 25.49
C SER P 41 42.41 -6.42 26.86
N ASN P 42 43.47 -6.14 27.68
CA ASN P 42 43.83 -6.76 28.93
C ASN P 42 43.73 -5.73 30.01
N PHE P 43 43.53 -6.23 31.23
CA PHE P 43 43.43 -5.47 32.40
C PHE P 43 44.16 -6.15 33.50
N ALA P 44 44.50 -5.28 34.49
CA ALA P 44 45.03 -5.74 35.73
C ALA P 44 44.09 -5.19 36.80
N PRO P 45 43.10 -5.91 37.32
CA PRO P 45 42.14 -5.35 38.31
C PRO P 45 42.80 -5.21 39.63
N THR P 46 42.59 -4.06 40.30
CA THR P 46 43.00 -3.77 41.62
C THR P 46 42.15 -4.59 42.47
N VAL P 47 42.69 -5.71 43.11
CA VAL P 47 42.11 -6.73 43.90
C VAL P 47 41.81 -7.74 42.85
N GLU P 48 42.37 -8.94 43.05
CA GLU P 48 42.36 -10.05 42.10
C GLU P 48 42.06 -11.24 42.96
N ARG P 49 40.84 -11.93 42.71
CA ARG P 49 40.33 -13.07 43.44
C ARG P 49 40.17 -12.73 44.92
N ASP P 50 39.89 -13.80 45.70
CA ASP P 50 39.65 -13.72 47.13
C ASP P 50 38.25 -13.08 47.44
N GLU P 51 37.29 -13.94 47.93
CA GLU P 51 35.92 -13.62 48.21
C GLU P 51 35.72 -12.52 49.34
N PHE P 52 36.61 -12.46 50.39
CA PHE P 52 36.39 -11.54 51.57
C PHE P 52 36.45 -10.14 51.17
N LEU P 53 37.50 -9.75 50.42
CA LEU P 53 37.83 -8.42 49.96
C LEU P 53 36.72 -7.77 49.12
N VAL P 54 36.07 -8.50 48.16
CA VAL P 54 34.97 -7.92 47.40
C VAL P 54 33.67 -7.65 48.22
N THR P 55 33.25 -8.57 49.15
CA THR P 55 32.17 -8.43 50.05
C THR P 55 32.26 -7.22 50.95
N GLU P 56 33.46 -6.94 51.38
CA GLU P 56 33.72 -5.72 52.19
C GLU P 56 33.44 -4.33 51.49
N LYS P 57 33.85 -4.27 50.19
CA LYS P 57 33.59 -3.07 49.33
C LYS P 57 32.08 -2.87 49.05
N ILE P 58 31.34 -4.03 48.76
CA ILE P 58 29.89 -4.02 48.56
C ILE P 58 29.13 -3.51 49.75
N LYS P 59 29.52 -3.93 50.96
CA LYS P 59 28.86 -3.37 52.15
C LYS P 59 29.02 -1.88 52.35
N LYS P 60 30.25 -1.31 52.08
CA LYS P 60 30.55 0.10 52.20
C LYS P 60 29.67 0.88 51.21
N GLU P 61 29.49 0.35 49.97
CA GLU P 61 28.69 0.95 48.92
C GLU P 61 27.22 1.06 49.26
N PHE P 62 26.69 0.02 49.98
CA PHE P 62 25.33 -0.09 50.48
C PHE P 62 24.99 0.93 51.48
N VAL P 63 25.96 1.16 52.48
CA VAL P 63 25.87 2.18 53.51
C VAL P 63 25.83 3.55 52.94
N ARG P 64 26.72 3.84 51.91
CA ARG P 64 26.87 5.11 51.24
C ARG P 64 25.59 5.50 50.57
N GLN P 65 24.77 4.64 49.89
CA GLN P 65 23.46 5.14 49.26
C GLN P 65 22.43 5.14 50.34
N ARG P 66 22.78 4.78 51.60
CA ARG P 66 21.81 4.75 52.75
C ARG P 66 20.81 3.63 52.48
N ARG P 67 21.39 2.43 52.43
CA ARG P 67 20.58 1.24 52.29
C ARG P 67 21.18 0.24 53.20
N GLU P 68 21.05 0.44 54.50
CA GLU P 68 21.66 -0.36 55.53
C GLU P 68 21.10 -1.81 55.64
N ALA P 69 19.80 -1.83 55.47
CA ALA P 69 19.02 -3.01 55.64
C ALA P 69 19.33 -4.04 54.60
N ASP P 70 19.65 -3.52 53.40
CA ASP P 70 20.27 -4.17 52.31
C ASP P 70 21.64 -4.64 52.50
N GLY P 71 22.53 -3.96 53.22
CA GLY P 71 23.86 -4.44 53.46
C GLY P 71 23.82 -5.66 54.29
N ALA P 72 22.99 -5.72 55.37
CA ALA P 72 22.87 -6.83 56.27
C ALA P 72 22.32 -8.04 55.58
N LEU P 73 21.33 -7.86 54.67
CA LEU P 73 20.62 -8.85 53.93
C LEU P 73 21.48 -9.63 52.97
N PHE P 74 22.38 -8.85 52.27
CA PHE P 74 23.27 -9.30 51.23
C PHE P 74 24.24 -10.33 51.70
N SER P 75 24.72 -10.13 52.96
CA SER P 75 25.72 -10.96 53.57
C SER P 75 25.17 -12.41 53.70
N GLU P 76 23.92 -12.58 54.14
CA GLU P 76 23.23 -13.90 54.14
C GLU P 76 23.11 -14.49 52.76
N LEU P 77 22.73 -13.64 51.77
CA LEU P 77 22.70 -13.96 50.39
C LEU P 77 24.06 -14.42 49.87
N HIS P 78 25.16 -13.78 50.26
CA HIS P 78 26.48 -14.24 49.87
C HIS P 78 26.79 -15.64 50.35
N ARG P 79 26.49 -15.96 51.64
CA ARG P 79 26.77 -17.33 52.17
C ARG P 79 25.93 -18.39 51.47
N LYS P 80 24.67 -18.02 51.23
CA LYS P 80 23.73 -18.83 50.42
C LYS P 80 24.14 -19.21 48.97
N LEU P 81 24.71 -18.13 48.35
CA LEU P 81 25.24 -18.12 46.96
C LEU P 81 26.32 -19.13 46.81
N GLN P 82 27.24 -19.18 47.80
CA GLN P 82 28.31 -20.09 47.87
C GLN P 82 27.95 -21.50 47.94
N SER P 83 26.89 -21.77 48.75
CA SER P 83 26.40 -23.01 49.11
C SER P 83 25.73 -23.69 47.93
N GLN P 84 25.18 -22.91 47.04
CA GLN P 84 24.49 -23.26 45.84
C GLN P 84 25.43 -23.56 44.75
N GLY P 85 26.62 -23.12 44.81
CA GLY P 85 27.57 -23.43 43.76
C GLY P 85 28.83 -22.71 44.05
N VAL P 86 29.92 -23.36 43.77
CA VAL P 86 31.26 -23.03 44.05
C VAL P 86 32.03 -23.14 42.80
N LEU P 87 32.72 -21.97 42.54
CA LEU P 87 33.44 -21.52 41.39
C LEU P 87 34.77 -21.08 41.92
N LYS P 88 35.66 -20.76 40.96
CA LYS P 88 36.91 -20.05 40.99
C LYS P 88 36.88 -18.74 40.27
N ASN P 89 35.60 -18.45 39.86
CA ASN P 89 35.20 -17.31 39.09
C ASN P 89 34.17 -16.55 39.76
N ARG P 90 33.88 -16.92 41.05
CA ARG P 90 32.90 -16.33 41.93
C ARG P 90 33.10 -14.88 42.13
N TRP P 91 34.37 -14.51 42.49
CA TRP P 91 34.85 -13.18 42.66
C TRP P 91 34.64 -12.27 41.46
N SER P 92 34.83 -12.73 40.20
CA SER P 92 34.76 -11.99 38.97
C SER P 92 33.32 -11.58 38.77
N ILE P 93 32.35 -12.44 39.09
CA ILE P 93 30.96 -12.02 39.03
C ILE P 93 30.58 -10.92 40.02
N LEU P 94 31.08 -10.94 41.29
CA LEU P 94 30.79 -10.05 42.38
C LEU P 94 31.42 -8.63 42.23
N TYR P 95 32.61 -8.60 41.66
CA TYR P 95 33.36 -7.44 41.20
C TYR P 95 32.74 -6.85 40.00
N LEU P 96 32.21 -7.75 39.05
CA LEU P 96 31.49 -7.26 37.85
C LEU P 96 30.28 -6.46 38.14
N LEU P 97 29.41 -6.97 39.05
CA LEU P 97 28.23 -6.34 39.54
C LEU P 97 28.50 -5.05 40.23
N LEU P 98 29.59 -5.00 41.04
CA LEU P 98 30.09 -3.92 41.85
C LEU P 98 30.35 -2.68 40.95
N SER P 99 31.02 -2.89 39.81
CA SER P 99 31.48 -1.83 38.98
C SER P 99 30.34 -1.24 38.18
N LEU P 100 29.33 -2.07 37.94
CA LEU P 100 28.19 -1.95 37.05
C LEU P 100 26.97 -1.41 37.88
N SER P 101 27.17 -1.12 39.19
CA SER P 101 26.20 -0.53 40.12
C SER P 101 25.81 0.83 39.56
N GLU P 102 24.58 1.23 40.03
CA GLU P 102 23.98 2.46 39.64
C GLU P 102 23.60 3.17 40.86
N ASP P 103 23.77 4.57 40.87
CA ASP P 103 23.42 5.46 41.99
C ASP P 103 21.97 5.88 41.75
N PRO P 104 21.14 6.06 42.88
CA PRO P 104 19.75 6.47 42.74
C PRO P 104 19.58 7.94 42.46
N ARG P 105 20.62 8.73 42.75
CA ARG P 105 20.69 10.11 42.86
C ARG P 105 20.84 10.80 41.58
N LYS P 106 20.20 12.00 41.50
CA LYS P 106 20.14 12.86 40.32
C LYS P 106 19.24 12.28 39.20
N GLN P 107 18.92 13.10 38.18
CA GLN P 107 18.29 12.62 37.04
C GLN P 107 19.47 12.21 36.22
N PRO P 108 19.31 11.24 35.25
CA PRO P 108 20.44 10.79 34.40
C PRO P 108 20.31 11.62 33.11
N ASN P 109 20.10 12.93 33.34
CA ASN P 109 20.06 13.95 32.29
C ASN P 109 18.86 13.66 31.36
N LYS P 110 18.79 14.41 30.22
CA LYS P 110 17.96 14.05 29.08
C LYS P 110 18.86 13.18 28.19
N THR P 111 18.10 12.35 27.39
CA THR P 111 18.60 11.61 26.23
C THR P 111 17.81 11.96 25.04
N SER P 112 16.79 12.83 25.23
CA SER P 112 15.84 13.26 24.28
C SER P 112 16.26 14.55 23.65
N SER P 113 17.56 14.98 23.90
CA SER P 113 18.06 16.12 23.21
C SER P 113 19.54 16.10 23.23
N PHE P 114 20.15 15.26 24.10
CA PHE P 114 21.49 14.98 24.28
C PHE P 114 22.00 14.14 23.07
N ALA P 115 21.09 13.36 22.44
CA ALA P 115 21.32 12.56 21.21
C ALA P 115 21.80 13.43 20.09
N ALA P 116 21.19 14.60 19.99
CA ALA P 116 21.40 15.53 18.87
C ALA P 116 22.76 16.22 18.83
N LEU P 117 23.39 16.40 20.05
CA LEU P 117 24.73 17.08 20.08
C LEU P 117 25.78 15.97 19.89
N PRO Q 9 59.09 32.70 17.95
CA PRO Q 9 58.82 31.44 18.58
C PRO Q 9 59.09 30.23 17.76
N ASN Q 10 58.67 30.25 16.41
CA ASN Q 10 58.85 29.02 15.64
C ASN Q 10 60.30 28.64 15.47
N VAL Q 11 61.18 29.62 15.18
CA VAL Q 11 62.54 29.35 14.88
C VAL Q 11 63.32 29.06 16.12
N LEU Q 12 62.96 29.69 17.25
CA LEU Q 12 63.50 29.45 18.61
C LEU Q 12 63.21 27.99 19.05
N LEU Q 13 61.99 27.40 18.70
CA LEU Q 13 61.72 26.02 18.88
C LEU Q 13 62.60 25.14 18.01
N GLN Q 14 62.86 25.50 16.69
CA GLN Q 14 63.74 24.77 15.79
C GLN Q 14 65.23 24.71 16.19
N ASN Q 15 65.78 25.80 16.69
CA ASN Q 15 67.10 25.92 17.21
C ASN Q 15 67.35 25.03 18.30
N LEU Q 16 66.41 24.93 19.34
CA LEU Q 16 66.48 24.16 20.58
C LEU Q 16 66.60 22.71 20.25
N CYS Q 17 65.75 22.29 19.31
CA CYS Q 17 65.69 20.88 18.86
C CYS Q 17 67.02 20.44 18.27
N CYS Q 18 67.68 21.22 17.37
CA CYS Q 18 68.94 20.92 16.76
C CYS Q 18 70.03 20.76 17.85
N ARG Q 19 69.98 21.54 19.00
CA ARG Q 19 71.09 21.76 19.91
C ARG Q 19 71.20 20.66 20.87
N ILE Q 20 69.99 20.11 21.31
CA ILE Q 20 69.93 19.03 22.24
C ILE Q 20 70.45 17.74 21.55
N LEU Q 21 70.19 17.48 20.26
CA LEU Q 21 70.60 16.22 19.60
C LEU Q 21 72.04 16.26 19.19
N GLY Q 22 72.61 17.47 19.07
CA GLY Q 22 74.03 17.75 18.75
C GLY Q 22 74.03 18.63 17.50
N LYS Q 23 74.75 19.82 17.56
CA LYS Q 23 74.83 20.92 16.64
C LYS Q 23 75.11 20.60 15.24
N GLY Q 24 74.20 21.13 14.38
CA GLY Q 24 74.25 20.90 12.95
C GLY Q 24 73.08 19.88 12.73
N GLU Q 25 72.29 19.98 11.66
CA GLU Q 25 71.23 19.04 11.29
C GLU Q 25 71.73 17.81 10.61
N ALA Q 26 70.93 16.70 10.88
CA ALA Q 26 71.28 15.45 10.34
C ALA Q 26 70.09 14.58 10.41
N ASP Q 27 69.03 15.05 9.66
CA ASP Q 27 67.69 14.54 9.71
C ASP Q 27 67.13 14.75 11.14
N VAL Q 28 66.98 16.05 11.49
CA VAL Q 28 66.23 16.44 12.66
C VAL Q 28 64.96 17.18 12.29
N ALA Q 29 64.51 17.08 11.04
CA ALA Q 29 63.29 17.70 10.55
C ALA Q 29 62.16 17.05 11.27
N GLN Q 30 62.23 15.75 11.46
CA GLN Q 30 61.14 15.02 12.07
C GLN Q 30 60.95 15.38 13.45
N GLN Q 31 62.10 15.57 14.19
CA GLN Q 31 62.11 15.87 15.60
C GLN Q 31 61.53 17.25 15.78
N PHE Q 32 61.80 18.27 14.90
CA PHE Q 32 61.21 19.62 15.02
C PHE Q 32 59.69 19.51 14.84
N GLN Q 33 59.21 18.76 13.82
CA GLN Q 33 57.80 18.56 13.56
C GLN Q 33 57.13 17.91 14.75
N TYR Q 34 57.77 16.94 15.39
CA TYR Q 34 57.24 16.30 16.56
C TYR Q 34 57.01 17.23 17.71
N ALA Q 35 58.02 18.15 17.99
CA ALA Q 35 57.91 19.21 19.03
C ALA Q 35 56.83 20.19 18.77
N VAL Q 36 56.50 20.60 17.46
CA VAL Q 36 55.41 21.45 16.97
C VAL Q 36 54.13 20.77 17.42
N ARG Q 37 54.07 19.49 17.24
CA ARG Q 37 52.89 18.65 17.69
C ARG Q 37 52.68 18.73 19.14
N VAL Q 38 53.77 18.62 19.95
CA VAL Q 38 53.66 18.69 21.39
C VAL Q 38 53.14 20.05 21.85
N ILE Q 39 53.71 21.13 21.33
CA ILE Q 39 53.42 22.53 21.73
C ILE Q 39 51.90 22.90 21.36
N GLY Q 40 51.30 22.40 20.29
CA GLY Q 40 49.88 22.40 19.92
C GLY Q 40 48.91 21.64 20.69
N SER Q 41 49.38 20.74 21.60
CA SER Q 41 48.60 20.04 22.55
C SER Q 41 48.58 21.01 23.68
N ASN Q 42 47.41 21.33 24.21
CA ASN Q 42 47.32 22.25 25.33
C ASN Q 42 47.54 21.65 26.62
N PHE Q 43 48.64 21.98 27.32
CA PHE Q 43 48.86 21.52 28.70
C PHE Q 43 48.48 22.76 29.56
N ALA Q 44 48.46 22.55 30.86
CA ALA Q 44 47.84 23.44 31.79
C ALA Q 44 48.78 23.47 33.07
N PRO Q 45 49.46 24.54 33.41
CA PRO Q 45 50.30 24.66 34.64
C PRO Q 45 49.54 24.47 35.92
N THR Q 46 50.27 23.97 36.98
CA THR Q 46 49.58 23.68 38.26
C THR Q 46 49.57 24.90 39.17
N VAL Q 47 50.54 25.71 38.98
CA VAL Q 47 50.67 26.92 39.70
C VAL Q 47 51.19 27.90 38.69
N GLU Q 48 50.85 29.20 38.79
CA GLU Q 48 51.37 30.13 37.83
C GLU Q 48 51.84 31.39 38.55
N ARG Q 49 53.12 31.90 38.41
CA ARG Q 49 53.77 33.03 39.05
C ARG Q 49 54.06 32.86 40.54
N ASP Q 50 54.20 31.59 40.98
CA ASP Q 50 54.48 31.23 42.35
C ASP Q 50 55.82 30.58 42.35
N GLU Q 51 56.82 31.45 42.09
CA GLU Q 51 58.18 31.10 41.93
C GLU Q 51 58.79 30.59 43.18
N PHE Q 52 58.38 31.15 44.35
CA PHE Q 52 58.85 30.76 45.65
C PHE Q 52 58.61 29.34 46.11
N LEU Q 53 57.40 28.82 45.84
CA LEU Q 53 57.05 27.49 46.09
C LEU Q 53 57.84 26.53 45.24
N VAL Q 54 58.08 26.82 43.89
CA VAL Q 54 58.78 26.02 42.94
C VAL Q 54 60.23 25.81 43.42
N THR Q 55 60.87 26.85 44.09
CA THR Q 55 62.12 26.67 44.73
C THR Q 55 61.98 25.70 45.91
N GLU Q 56 60.95 25.79 46.73
CA GLU Q 56 60.73 24.97 47.92
C GLU Q 56 60.58 23.45 47.58
N LYS Q 57 59.78 23.14 46.53
CA LYS Q 57 59.60 21.77 45.98
C LYS Q 57 60.90 21.07 45.53
N ILE Q 58 61.84 21.87 44.91
CA ILE Q 58 63.19 21.44 44.51
C ILE Q 58 63.99 20.98 45.64
N LYS Q 59 63.88 21.71 46.72
CA LYS Q 59 64.62 21.40 47.89
C LYS Q 59 64.18 20.08 48.62
N LYS Q 60 62.80 19.86 48.72
CA LYS Q 60 62.13 18.71 49.17
C LYS Q 60 62.53 17.54 48.32
N GLU Q 61 62.62 17.61 47.00
CA GLU Q 61 63.19 16.62 46.12
C GLU Q 61 64.65 16.25 46.37
N PHE Q 62 65.49 17.29 46.70
CA PHE Q 62 66.92 17.06 46.96
C PHE Q 62 67.13 16.21 48.28
N VAL Q 63 66.35 16.47 49.34
CA VAL Q 63 66.25 15.61 50.54
C VAL Q 63 65.79 14.23 50.13
N ARG Q 64 64.75 14.07 49.23
CA ARG Q 64 64.24 12.86 48.60
C ARG Q 64 65.32 12.06 47.82
N GLN Q 65 66.30 12.70 47.16
CA GLN Q 65 67.37 11.98 46.47
C GLN Q 65 68.60 11.71 47.44
N ARG Q 66 68.63 12.35 48.62
CA ARG Q 66 69.61 12.25 49.64
C ARG Q 66 70.83 13.02 49.18
N ARG Q 67 70.61 14.22 48.63
CA ARG Q 67 71.53 15.08 47.97
C ARG Q 67 71.31 16.43 48.53
N GLU Q 68 71.29 16.53 49.89
CA GLU Q 68 71.02 17.70 50.65
C GLU Q 68 72.01 18.93 50.47
N ALA Q 69 73.34 18.60 50.31
CA ALA Q 69 74.37 19.58 49.99
C ALA Q 69 74.09 20.27 48.70
N ASP Q 70 73.60 19.62 47.64
CA ASP Q 70 73.20 20.30 46.42
C ASP Q 70 72.10 21.34 46.78
N GLY Q 71 71.11 20.99 47.68
CA GLY Q 71 69.92 21.74 48.08
C GLY Q 71 70.25 23.04 48.77
N ALA Q 72 71.27 23.10 49.61
CA ALA Q 72 71.82 24.37 50.19
C ALA Q 72 72.37 25.28 49.10
N LEU Q 73 73.13 24.80 48.17
CA LEU Q 73 73.79 25.53 47.09
C LEU Q 73 72.78 26.14 46.17
N PHE Q 74 71.66 25.41 45.83
CA PHE Q 74 70.61 25.86 44.89
C PHE Q 74 70.02 27.11 45.41
N SER Q 75 69.84 27.31 46.76
CA SER Q 75 69.26 28.45 47.31
C SER Q 75 69.98 29.71 46.99
N GLU Q 76 71.30 29.68 46.89
CA GLU Q 76 72.18 30.78 46.56
C GLU Q 76 72.08 31.22 45.15
N LEU Q 77 72.00 30.23 44.24
CA LEU Q 77 71.76 30.41 42.84
C LEU Q 77 70.44 31.07 42.50
N HIS Q 78 69.27 30.77 43.13
CA HIS Q 78 68.05 31.43 42.91
C HIS Q 78 68.05 32.88 43.40
N ARG Q 79 68.69 33.08 44.57
CA ARG Q 79 68.86 34.38 45.21
C ARG Q 79 69.65 35.34 44.36
N LYS Q 80 70.65 34.82 43.55
CA LYS Q 80 71.38 35.50 42.52
C LYS Q 80 70.51 36.03 41.46
N LEU Q 81 69.56 35.15 40.93
CA LEU Q 81 68.67 35.59 39.89
C LEU Q 81 67.75 36.67 40.29
N GLN Q 82 67.25 36.60 41.58
CA GLN Q 82 66.36 37.53 42.36
C GLN Q 82 66.97 38.88 42.45
N SER Q 83 68.33 38.98 42.70
CA SER Q 83 69.02 40.27 42.73
C SER Q 83 69.15 40.95 41.41
N GLN Q 84 69.39 40.16 40.36
CA GLN Q 84 69.53 40.74 39.06
C GLN Q 84 68.29 41.24 38.42
N GLY Q 85 67.09 40.73 38.75
CA GLY Q 85 65.86 41.40 38.33
C GLY Q 85 65.60 41.32 36.84
N VAL Q 86 66.17 40.35 36.12
CA VAL Q 86 65.91 40.07 34.74
C VAL Q 86 64.48 39.69 34.50
N LEU Q 87 63.92 40.14 33.37
CA LEU Q 87 62.54 40.02 33.06
C LEU Q 87 62.56 38.98 31.99
N LYS Q 88 61.72 37.91 32.18
CA LYS Q 88 61.50 36.85 31.21
C LYS Q 88 60.39 36.07 31.83
N ASN Q 89 60.15 36.32 33.13
CA ASN Q 89 59.39 35.41 34.01
C ASN Q 89 60.36 34.34 34.59
N ARG Q 90 60.78 34.56 35.83
CA ARG Q 90 61.59 33.70 36.63
C ARG Q 90 60.91 32.36 36.98
N TRP Q 91 59.59 32.40 37.26
CA TRP Q 91 58.75 31.24 37.51
C TRP Q 91 58.85 30.26 36.30
N SER Q 92 58.78 30.70 35.02
CA SER Q 92 58.80 29.86 33.84
C SER Q 92 60.03 28.93 33.84
N ILE Q 93 61.23 29.55 33.91
CA ILE Q 93 62.45 28.70 33.97
C ILE Q 93 62.64 27.71 35.15
N LEU Q 94 62.29 28.17 36.44
CA LEU Q 94 62.26 27.35 37.63
C LEU Q 94 61.33 26.11 37.51
N TYR Q 95 60.09 26.28 36.94
CA TYR Q 95 59.16 25.27 36.67
C TYR Q 95 59.81 24.23 35.71
N LEU Q 96 60.58 24.63 34.67
CA LEU Q 96 61.41 23.76 33.84
C LEU Q 96 62.38 22.92 34.63
N LEU Q 97 63.16 23.46 35.57
CA LEU Q 97 64.13 22.84 36.50
C LEU Q 97 63.44 21.87 37.42
N LEU Q 98 62.21 22.18 38.00
CA LEU Q 98 61.39 21.24 38.81
C LEU Q 98 61.00 19.97 38.10
N SER Q 99 60.63 20.10 36.80
CA SER Q 99 60.25 18.87 36.04
C SER Q 99 61.43 17.91 35.86
N LEU Q 100 62.68 18.46 35.78
CA LEU Q 100 63.86 17.73 35.56
C LEU Q 100 64.56 17.33 36.86
N SER Q 101 63.84 17.68 38.00
CA SER Q 101 64.28 17.32 39.37
C SER Q 101 63.48 16.02 39.79
N ALA R 597 50.11 4.49 71.41
CA ALA R 597 49.92 3.32 70.56
C ALA R 597 48.53 3.10 70.10
N ILE R 598 47.49 3.17 70.97
CA ILE R 598 46.11 2.92 70.69
C ILE R 598 45.52 3.90 69.71
N GLN R 599 45.87 5.20 69.97
CA GLN R 599 45.59 6.46 69.31
C GLN R 599 46.43 6.49 68.04
N ILE R 600 47.71 6.02 68.08
CA ILE R 600 48.51 5.79 66.83
C ILE R 600 47.78 4.86 65.88
N ASN R 601 47.20 3.71 66.33
CA ASN R 601 46.47 2.84 65.48
C ASN R 601 45.11 3.33 65.11
N PHE R 602 44.56 4.23 65.97
CA PHE R 602 43.29 4.82 65.73
C PHE R 602 43.26 5.68 64.50
N ILE R 603 44.28 6.57 64.40
CA ILE R 603 44.57 7.39 63.31
C ILE R 603 44.82 6.55 61.98
N LYS R 604 45.51 5.45 62.17
CA LYS R 604 45.92 4.47 61.19
C LYS R 604 44.74 3.82 60.51
N ASN R 605 43.74 3.35 61.36
CA ASN R 605 42.48 2.79 60.84
C ASN R 605 41.61 3.78 60.14
N MET R 606 41.57 5.04 60.66
CA MET R 606 40.82 6.10 59.96
C MET R 606 41.35 6.39 58.58
N ILE R 607 42.69 6.47 58.35
CA ILE R 607 43.31 6.81 57.12
C ILE R 607 43.12 5.70 56.02
N GLU R 608 43.08 4.36 56.33
CA GLU R 608 42.87 3.29 55.35
C GLU R 608 41.53 3.37 54.68
N GLU R 609 40.49 3.74 55.48
CA GLU R 609 39.03 3.88 55.08
C GLU R 609 38.96 4.88 54.08
N THR R 610 39.75 6.02 54.32
CA THR R 610 39.65 7.25 53.54
C THR R 610 40.39 7.12 52.28
N LEU R 611 41.54 6.39 52.31
CA LEU R 611 42.34 6.06 51.17
C LEU R 611 41.73 5.08 50.18
N ASP R 612 40.96 4.12 50.67
CA ASP R 612 40.21 3.15 49.91
C ASP R 612 39.16 3.80 49.07
N ASP R 613 38.45 4.80 49.63
CA ASP R 613 37.40 5.51 48.93
C ASP R 613 37.96 6.31 47.82
N PHE R 614 39.11 6.93 48.09
CA PHE R 614 39.91 7.69 47.19
C PHE R 614 40.39 6.80 46.01
N ARG R 615 40.89 5.55 46.25
CA ARG R 615 41.25 4.56 45.21
C ARG R 615 40.11 4.35 44.35
N GLU R 616 38.90 4.28 44.86
CA GLU R 616 37.76 4.00 43.97
C GLU R 616 37.40 5.09 43.00
N ALA R 617 37.61 6.34 43.44
CA ALA R 617 37.34 7.48 42.58
C ALA R 617 38.29 7.56 41.42
N CYS R 618 39.57 7.29 41.64
CA CYS R 618 40.67 7.23 40.73
C CYS R 618 40.57 6.12 39.78
N HIS R 619 40.12 4.98 40.25
CA HIS R 619 39.88 3.73 39.46
C HIS R 619 38.83 3.92 38.44
N ARG R 620 37.72 4.54 38.79
CA ARG R 620 36.52 4.88 37.96
C ARG R 620 36.93 5.76 36.83
N ASP R 621 37.78 6.78 37.14
CA ASP R 621 38.39 7.61 36.10
C ASP R 621 39.24 6.89 35.10
N ILE R 622 40.12 5.93 35.57
CA ILE R 622 40.97 5.11 34.76
C ILE R 622 40.21 4.20 33.83
N VAL R 623 39.11 3.61 34.35
CA VAL R 623 38.16 2.82 33.59
C VAL R 623 37.40 3.77 32.51
N ASN R 624 36.97 4.95 32.81
CA ASN R 624 36.40 5.91 31.89
C ASN R 624 37.43 6.24 30.78
N LEU R 625 38.72 6.31 31.16
CA LEU R 625 39.83 6.60 30.25
C LEU R 625 39.92 5.52 29.17
N GLN R 626 39.77 4.22 29.59
CA GLN R 626 39.84 3.10 28.71
C GLN R 626 38.70 3.07 27.74
N VAL R 627 37.49 3.46 28.17
CA VAL R 627 36.32 3.44 27.29
C VAL R 627 36.63 4.39 26.12
N GLU R 628 37.18 5.60 26.42
CA GLU R 628 37.55 6.54 25.39
C GLU R 628 38.64 6.22 24.46
N MET R 629 39.74 5.57 24.96
CA MET R 629 40.85 5.17 24.09
C MET R 629 40.41 4.27 22.97
N ILE R 630 39.78 3.14 23.37
CA ILE R 630 39.43 2.06 22.44
C ILE R 630 38.38 2.40 21.44
N LYS R 631 37.35 3.21 22.00
CA LYS R 631 36.32 3.71 21.14
C LYS R 631 36.74 4.70 20.06
N GLN R 632 37.71 5.61 20.39
CA GLN R 632 38.21 6.50 19.38
C GLN R 632 38.91 5.77 18.19
N PHE R 633 39.74 4.74 18.47
CA PHE R 633 40.49 3.97 17.47
C PHE R 633 39.47 3.26 16.52
N HIS R 634 38.41 2.71 17.09
CA HIS R 634 37.32 2.03 16.37
C HIS R 634 36.61 2.96 15.36
N ILE R 635 36.23 4.18 15.77
CA ILE R 635 35.78 5.29 14.91
C ILE R 635 36.75 5.54 13.75
N GLN R 636 38.08 5.67 14.09
CA GLN R 636 39.08 6.06 13.12
C GLN R 636 39.13 5.06 11.95
N SER R 637 39.09 3.76 12.31
CA SER R 637 39.13 2.68 11.34
C SER R 637 37.93 2.79 10.40
N SER R 638 36.69 3.20 10.86
CA SER R 638 35.44 3.15 10.10
C SER R 638 35.54 4.25 9.03
N GLU R 639 36.04 5.39 9.46
CA GLU R 639 36.20 6.62 8.62
C GLU R 639 37.19 6.31 7.47
N ILE R 640 38.40 5.77 7.83
CA ILE R 640 39.54 5.39 7.00
C ILE R 640 39.13 4.30 5.99
N GLN R 641 38.35 3.36 6.53
CA GLN R 641 37.84 2.18 5.81
C GLN R 641 36.98 2.57 4.61
N MET R 642 36.04 3.49 4.84
CA MET R 642 35.23 3.98 3.70
C MET R 642 35.94 4.82 2.67
N LEU R 643 36.82 5.79 3.18
CA LEU R 643 37.55 6.68 2.36
C LEU R 643 38.42 5.95 1.44
N LEU R 644 39.10 4.91 1.95
CA LEU R 644 39.95 3.99 1.28
C LEU R 644 39.24 3.12 0.22
N GLU R 645 38.01 2.66 0.46
CA GLU R 645 37.19 1.98 -0.51
C GLU R 645 36.92 2.79 -1.82
N ARG R 646 36.51 4.08 -1.66
CA ARG R 646 36.18 4.95 -2.74
C ARG R 646 37.22 5.36 -3.65
N TYR R 647 38.39 5.83 -3.14
CA TYR R 647 39.42 6.48 -4.02
C TYR R 647 40.49 5.60 -4.35
N SER R 648 40.69 4.43 -3.70
CA SER R 648 41.77 3.51 -4.08
C SER R 648 41.38 2.69 -5.28
N LEU R 649 40.08 2.47 -5.51
CA LEU R 649 39.63 1.79 -6.63
C LEU R 649 38.18 2.15 -6.83
N ASN R 650 37.76 2.05 -8.13
CA ASN R 650 36.35 2.21 -8.47
C ASN R 650 35.72 0.82 -8.69
N GLU R 651 34.73 0.47 -7.86
CA GLU R 651 33.95 -0.76 -8.04
C GLU R 651 33.08 -0.71 -9.35
N SER R 652 32.65 0.51 -9.65
CA SER R 652 31.86 0.93 -10.74
C SER R 652 32.48 0.68 -12.07
N LEU R 653 33.78 1.07 -12.23
CA LEU R 653 34.56 0.82 -13.38
C LEU R 653 34.85 -0.57 -13.70
N VAL R 654 35.24 -1.38 -12.74
CA VAL R 654 35.58 -2.79 -12.84
C VAL R 654 34.44 -3.73 -13.28
N SER R 655 33.20 -3.43 -12.73
CA SER R 655 31.86 -3.99 -13.11
C SER R 655 31.60 -3.71 -14.60
N GLU R 656 32.07 -2.52 -15.04
CA GLU R 656 31.89 -2.08 -16.39
C GLU R 656 32.87 -2.81 -17.39
N ILE R 657 34.06 -3.17 -17.00
CA ILE R 657 35.00 -3.98 -17.76
C ILE R 657 34.43 -5.36 -18.00
N GLU R 658 33.88 -5.95 -16.92
CA GLU R 658 33.22 -7.26 -16.92
C GLU R 658 32.00 -7.30 -17.74
N LYS R 659 31.19 -6.19 -17.70
CA LYS R 659 30.01 -6.03 -18.58
C LYS R 659 30.21 -6.01 -20.06
N LEU R 660 31.23 -5.27 -20.52
CA LEU R 660 31.71 -5.09 -21.88
C LEU R 660 32.25 -6.38 -22.47
N ARG R 661 32.92 -7.16 -21.56
CA ARG R 661 33.36 -8.43 -21.85
C ARG R 661 32.22 -9.40 -22.24
N GLU R 662 31.19 -9.36 -21.44
CA GLU R 662 29.96 -10.11 -21.51
C GLU R 662 29.14 -9.73 -22.76
N GLU R 663 29.11 -8.43 -23.10
CA GLU R 663 28.46 -7.86 -24.27
C GLU R 663 29.10 -8.32 -25.54
N ASN R 664 30.42 -8.32 -25.57
CA ASN R 664 31.24 -8.86 -26.63
C ASN R 664 31.17 -10.35 -26.76
N LYS R 665 31.10 -11.22 -25.72
CA LYS R 665 30.85 -12.62 -25.86
C LYS R 665 29.53 -12.96 -26.47
N ARG R 666 28.49 -12.35 -26.02
CA ARG R 666 27.10 -12.34 -26.55
C ARG R 666 26.88 -11.90 -27.96
N LEU R 667 27.65 -10.86 -28.46
CA LEU R 667 27.84 -10.44 -29.83
C LEU R 667 28.37 -11.54 -30.65
N ARG R 668 29.44 -12.24 -30.16
CA ARG R 668 30.03 -13.40 -30.83
C ARG R 668 29.26 -14.74 -30.77
N ALA R 669 28.21 -14.82 -29.98
CA ALA R 669 27.29 -15.90 -29.83
C ALA R 669 26.07 -15.59 -30.62
N ASN R 670 26.13 -14.54 -31.52
CA ASN R 670 25.03 -14.09 -32.32
C ASN R 670 25.52 -14.07 -33.75
N PHE R 671 26.79 -14.31 -33.97
CA PHE R 671 27.27 -14.77 -35.25
C PHE R 671 27.37 -16.25 -35.13
N ALA S 597 57.76 13.98 70.35
CA ALA S 597 58.71 13.51 69.29
C ALA S 597 58.67 12.04 68.96
N ILE S 598 58.60 11.07 69.88
CA ILE S 598 58.36 9.69 69.54
C ILE S 598 56.98 9.51 68.92
N GLN S 599 56.01 10.28 69.47
CA GLN S 599 54.61 10.36 69.25
C GLN S 599 54.42 10.90 67.87
N ILE S 600 55.32 11.81 67.37
CA ILE S 600 55.32 12.28 66.00
C ILE S 600 55.80 11.25 65.05
N ASN S 601 56.95 10.65 65.38
CA ASN S 601 57.55 9.55 64.58
C ASN S 601 56.55 8.40 64.35
N PHE S 602 55.75 8.04 65.37
CA PHE S 602 54.82 6.99 65.32
C PHE S 602 53.77 7.17 64.30
N ILE S 603 53.16 8.43 64.27
CA ILE S 603 52.24 8.88 63.25
C ILE S 603 52.93 8.89 61.90
N LYS S 604 54.19 9.38 61.81
CA LYS S 604 54.92 9.49 60.54
C LYS S 604 55.00 8.17 59.81
N ASN S 605 55.41 7.12 60.53
CA ASN S 605 55.74 5.77 60.17
C ASN S 605 54.49 5.08 59.59
N MET S 606 53.32 5.25 60.27
CA MET S 606 52.01 4.79 59.86
C MET S 606 51.57 5.29 58.50
N ILE S 607 51.78 6.65 58.27
CA ILE S 607 51.44 7.38 57.09
C ILE S 607 52.22 6.84 55.95
N GLU S 608 53.54 6.57 56.19
CA GLU S 608 54.43 6.04 55.15
C GLU S 608 53.91 4.71 54.63
N GLU S 609 53.41 3.88 55.57
CA GLU S 609 52.91 2.57 55.22
C GLU S 609 51.74 2.65 54.30
N THR S 610 50.75 3.58 54.56
CA THR S 610 49.61 3.70 53.70
C THR S 610 50.04 4.25 52.33
N LEU S 611 51.00 5.19 52.19
CA LEU S 611 51.41 5.71 50.88
C LEU S 611 52.13 4.74 49.96
N ASP S 612 52.84 3.78 50.46
CA ASP S 612 53.57 2.75 49.74
C ASP S 612 52.61 1.78 48.95
N ASP S 613 51.49 1.44 49.67
CA ASP S 613 50.47 0.55 49.10
C ASP S 613 49.74 1.22 47.97
N PHE S 614 49.59 2.58 48.08
CA PHE S 614 48.91 3.39 47.13
C PHE S 614 49.82 3.61 45.91
N ARG S 615 51.12 3.68 46.10
CA ARG S 615 52.10 4.00 45.10
C ARG S 615 52.15 2.93 44.08
N GLU S 616 52.18 1.63 44.58
CA GLU S 616 52.14 0.43 43.83
C GLU S 616 50.83 0.21 43.14
N ALA S 617 49.69 0.62 43.77
CA ALA S 617 48.40 0.59 43.21
C ALA S 617 48.23 1.54 42.03
N CYS S 618 48.77 2.75 42.20
CA CYS S 618 48.71 3.89 41.22
C CYS S 618 49.56 3.54 40.06
N HIS S 619 50.81 2.88 40.29
CA HIS S 619 51.76 2.24 39.36
C HIS S 619 51.12 1.16 38.55
N ARG S 620 50.25 0.26 39.22
CA ARG S 620 49.59 -0.80 38.45
C ARG S 620 48.67 -0.12 37.38
N ASP S 621 48.04 1.06 37.77
CA ASP S 621 47.16 1.78 36.78
C ASP S 621 47.83 2.34 35.60
N ILE S 622 49.04 2.95 35.80
CA ILE S 622 49.93 3.50 34.78
C ILE S 622 50.55 2.50 33.94
N VAL S 623 50.86 1.27 34.47
CA VAL S 623 51.29 0.13 33.76
C VAL S 623 50.24 -0.17 32.71
N ASN S 624 48.91 -0.19 33.06
CA ASN S 624 47.84 -0.51 32.16
C ASN S 624 47.83 0.41 31.01
N LEU S 625 48.07 1.72 31.30
CA LEU S 625 48.08 2.69 30.23
C LEU S 625 49.24 2.51 29.21
N GLN S 626 50.42 2.21 29.72
CA GLN S 626 51.62 1.85 28.99
C GLN S 626 51.55 0.61 28.05
N VAL S 627 50.97 -0.55 28.52
CA VAL S 627 50.81 -1.79 27.72
C VAL S 627 49.80 -1.73 26.65
N GLU S 628 48.61 -1.26 27.06
CA GLU S 628 47.44 -1.09 26.24
C GLU S 628 47.56 -0.16 25.17
N MET S 629 48.22 1.02 25.37
CA MET S 629 48.34 1.94 24.29
C MET S 629 49.12 1.37 23.13
N ILE S 630 50.22 0.65 23.46
CA ILE S 630 50.95 0.09 22.36
C ILE S 630 50.18 -0.95 21.57
N LYS S 631 49.47 -1.80 22.31
CA LYS S 631 48.59 -2.77 21.64
C LYS S 631 47.56 -2.23 20.65
N GLN S 632 46.83 -1.12 20.99
CA GLN S 632 45.89 -0.47 20.19
C GLN S 632 46.51 0.03 18.90
N PHE S 633 47.68 0.68 18.89
CA PHE S 633 48.39 1.16 17.70
C PHE S 633 48.72 0.05 16.76
N HIS S 634 49.21 -1.07 17.31
CA HIS S 634 49.62 -2.24 16.51
C HIS S 634 48.46 -2.88 15.82
N ILE S 635 47.34 -3.09 16.49
CA ILE S 635 46.09 -3.71 15.97
C ILE S 635 45.55 -2.80 14.88
N GLN S 636 45.38 -1.48 15.19
CA GLN S 636 44.79 -0.52 14.31
C GLN S 636 45.57 -0.36 13.04
N SER S 637 46.96 -0.25 13.13
CA SER S 637 47.83 -0.23 11.94
C SER S 637 47.75 -1.43 11.07
N SER S 638 47.49 -2.71 11.65
CA SER S 638 47.32 -3.99 10.96
C SER S 638 46.11 -3.94 10.06
N GLU S 639 44.99 -3.37 10.61
CA GLU S 639 43.79 -3.31 9.88
C GLU S 639 43.87 -2.43 8.66
N ILE S 640 44.47 -1.26 8.76
CA ILE S 640 44.50 -0.27 7.73
C ILE S 640 45.30 -0.70 6.60
N GLN S 641 46.46 -1.34 6.87
CA GLN S 641 47.30 -1.80 5.78
C GLN S 641 46.58 -2.89 5.00
N MET S 642 45.92 -3.82 5.70
CA MET S 642 45.18 -5.01 5.19
C MET S 642 44.05 -4.49 4.29
N LEU S 643 43.35 -3.34 4.60
CA LEU S 643 42.39 -2.65 3.83
C LEU S 643 42.98 -2.07 2.54
N LEU S 644 44.21 -1.48 2.65
CA LEU S 644 44.89 -0.83 1.58
C LEU S 644 45.39 -1.84 0.54
N GLU S 645 45.98 -3.01 1.03
CA GLU S 645 46.54 -4.07 0.15
C GLU S 645 45.47 -4.72 -0.72
N ARG S 646 44.31 -4.96 -0.11
CA ARG S 646 43.13 -5.48 -0.88
C ARG S 646 42.53 -4.52 -1.94
N TYR S 647 42.41 -3.18 -1.69
CA TYR S 647 41.71 -2.14 -2.48
C TYR S 647 42.51 -1.63 -3.61
N SER S 648 43.80 -1.80 -3.68
CA SER S 648 44.65 -1.10 -4.63
C SER S 648 44.63 -1.68 -6.02
N LEU S 649 44.23 -2.96 -6.14
CA LEU S 649 43.86 -3.74 -7.27
C LEU S 649 44.15 -5.24 -6.96
N ASN S 650 43.22 -6.19 -7.27
CA ASN S 650 43.56 -7.58 -7.12
C ASN S 650 43.99 -7.87 -8.57
N GLU S 651 44.87 -8.86 -8.69
CA GLU S 651 45.39 -9.31 -9.98
C GLU S 651 44.35 -9.75 -10.88
N SER S 652 43.30 -10.38 -10.28
CA SER S 652 42.15 -10.94 -10.93
C SER S 652 41.39 -9.95 -11.77
N LEU S 653 41.21 -8.72 -11.19
CA LEU S 653 40.54 -7.60 -11.84
C LEU S 653 41.26 -7.08 -13.01
N VAL S 654 42.59 -7.01 -12.92
CA VAL S 654 43.51 -6.52 -13.97
C VAL S 654 43.39 -7.42 -15.19
N SER S 655 43.30 -8.77 -15.03
CA SER S 655 43.30 -9.67 -16.09
C SER S 655 42.17 -9.54 -17.05
N GLU S 656 40.92 -9.12 -16.57
CA GLU S 656 39.77 -8.78 -17.36
C GLU S 656 39.92 -7.59 -18.26
N ILE S 657 40.73 -6.58 -17.85
CA ILE S 657 41.09 -5.40 -18.61
C ILE S 657 42.00 -5.85 -19.77
N GLU S 658 42.98 -6.76 -19.53
CA GLU S 658 43.82 -7.34 -20.57
C GLU S 658 43.03 -8.14 -21.62
N LYS S 659 42.05 -8.91 -21.10
CA LYS S 659 41.16 -9.75 -21.94
C LYS S 659 40.32 -8.90 -22.89
N LEU S 660 39.83 -7.71 -22.33
CA LEU S 660 38.97 -6.79 -22.98
C LEU S 660 39.72 -6.11 -24.15
N ARG S 661 41.07 -5.84 -23.96
CA ARG S 661 41.86 -5.35 -25.07
C ARG S 661 42.09 -6.30 -26.16
N GLU S 662 42.31 -7.56 -25.92
CA GLU S 662 42.38 -8.65 -26.88
C GLU S 662 41.10 -8.85 -27.59
N GLU S 663 39.93 -8.82 -26.87
CA GLU S 663 38.60 -8.90 -27.42
C GLU S 663 38.28 -7.76 -28.41
N ASN S 664 38.70 -6.50 -28.06
CA ASN S 664 38.55 -5.22 -28.81
C ASN S 664 39.31 -5.37 -30.11
N LYS S 665 40.49 -5.96 -30.22
CA LYS S 665 41.20 -6.16 -31.42
C LYS S 665 40.57 -7.11 -32.41
N ARG S 666 40.02 -8.26 -31.89
CA ARG S 666 39.27 -9.21 -32.71
C ARG S 666 37.96 -8.64 -33.25
N LEU S 667 37.26 -7.77 -32.48
CA LEU S 667 36.02 -7.06 -32.82
C LEU S 667 36.36 -6.14 -34.04
N ARG S 668 37.56 -5.51 -33.99
CA ARG S 668 38.01 -4.54 -35.06
C ARG S 668 38.41 -5.36 -36.31
N ALA S 669 38.47 -6.69 -36.24
CA ALA S 669 38.68 -7.54 -37.38
C ALA S 669 37.38 -7.93 -38.11
N ASN S 670 36.27 -7.74 -37.41
CA ASN S 670 34.90 -7.93 -37.94
C ASN S 670 34.38 -6.68 -38.59
N PHE S 671 35.08 -5.58 -38.29
CA PHE S 671 35.02 -4.40 -39.07
C PHE S 671 36.46 -3.92 -39.30
N ALA T 597 40.66 13.07 72.93
CA ALA T 597 39.71 12.68 71.95
C ALA T 597 39.37 13.87 71.06
N ILE T 598 39.26 15.10 71.66
CA ILE T 598 38.95 16.32 70.99
C ILE T 598 40.00 16.67 69.92
N GLN T 599 41.28 16.41 70.25
CA GLN T 599 42.37 16.62 69.39
C GLN T 599 42.43 15.63 68.30
N ILE T 600 42.05 14.37 68.58
CA ILE T 600 41.96 13.30 67.59
C ILE T 600 41.04 13.62 66.47
N ASN T 601 39.84 14.18 66.83
CA ASN T 601 38.95 14.70 65.87
C ASN T 601 39.45 15.84 64.97
N PHE T 602 40.19 16.79 65.48
CA PHE T 602 40.63 17.90 64.66
C PHE T 602 41.53 17.45 63.56
N ILE T 603 42.54 16.61 63.87
CA ILE T 603 43.40 15.95 62.90
C ILE T 603 42.62 15.13 61.88
N LYS T 604 41.62 14.29 62.25
CA LYS T 604 40.77 13.52 61.38
C LYS T 604 40.07 14.36 60.34
N ASN T 605 39.39 15.50 60.74
CA ASN T 605 38.72 16.41 59.83
C ASN T 605 39.74 16.96 58.81
N MET T 606 40.95 17.33 59.31
CA MET T 606 41.98 17.82 58.49
C MET T 606 42.42 16.90 57.34
N ILE T 607 42.40 15.55 57.65
CA ILE T 607 42.78 14.48 56.71
C ILE T 607 41.76 14.45 55.65
N GLU T 608 40.50 14.55 56.07
CA GLU T 608 39.32 14.46 55.23
C GLU T 608 39.29 15.50 54.13
N GLU T 609 39.65 16.75 54.43
CA GLU T 609 39.73 17.86 53.46
C GLU T 609 40.83 17.73 52.48
N THR T 610 42.04 17.28 52.87
CA THR T 610 43.18 17.22 51.93
C THR T 610 43.03 16.18 50.89
N LEU T 611 42.39 15.03 51.22
CA LEU T 611 42.28 13.96 50.29
C LEU T 611 41.12 14.41 49.40
N ASP T 612 40.11 15.24 49.80
CA ASP T 612 39.16 15.84 48.90
C ASP T 612 39.92 16.73 47.94
N ASP T 613 40.85 17.65 48.38
CA ASP T 613 41.51 18.57 47.43
C ASP T 613 42.37 17.78 46.46
N PHE T 614 43.08 16.79 46.93
CA PHE T 614 43.98 15.89 46.18
C PHE T 614 43.21 15.15 45.16
N ARG T 615 41.96 14.73 45.49
CA ARG T 615 41.03 14.13 44.53
C ARG T 615 40.62 15.00 43.36
N GLU T 616 40.31 16.28 43.63
CA GLU T 616 40.02 17.26 42.58
C GLU T 616 41.17 17.59 41.70
N ALA T 617 42.39 17.59 42.36
CA ALA T 617 43.68 17.70 41.67
C ALA T 617 43.97 16.49 40.75
N CYS T 618 43.78 15.22 41.11
CA CYS T 618 43.96 14.02 40.32
C CYS T 618 43.07 14.04 39.14
N HIS T 619 41.86 14.53 39.27
CA HIS T 619 40.82 14.48 38.24
C HIS T 619 41.11 15.35 37.03
N ARG T 620 41.63 16.57 37.36
CA ARG T 620 42.10 17.64 36.46
C ARG T 620 43.24 17.14 35.61
N ASP T 621 44.15 16.37 36.22
CA ASP T 621 45.25 15.75 35.52
C ASP T 621 44.83 14.82 34.45
N ILE T 622 43.82 13.93 34.74
CA ILE T 622 43.26 12.97 33.80
C ILE T 622 42.59 13.63 32.63
N VAL T 623 41.82 14.75 32.94
CA VAL T 623 41.06 15.47 31.97
C VAL T 623 41.95 16.00 30.92
N ASN T 624 43.16 16.50 31.35
CA ASN T 624 44.09 17.11 30.42
C ASN T 624 44.51 16.13 29.36
N LEU T 625 44.88 14.83 29.75
CA LEU T 625 45.27 13.76 28.83
C LEU T 625 44.22 13.35 27.89
N GLN T 626 42.94 13.20 28.42
CA GLN T 626 41.77 12.96 27.61
C GLN T 626 41.47 13.97 26.49
N VAL T 627 41.48 15.27 26.80
CA VAL T 627 41.14 16.31 25.86
C VAL T 627 42.21 16.54 24.77
N GLU T 628 43.53 16.42 25.10
CA GLU T 628 44.69 16.45 24.18
C GLU T 628 44.71 15.33 23.16
N MET T 629 44.35 14.04 23.60
CA MET T 629 44.33 12.86 22.84
C MET T 629 43.40 13.04 21.75
N ILE T 630 42.19 13.53 22.03
CA ILE T 630 41.09 13.75 21.08
C ILE T 630 41.43 14.89 20.11
N LYS T 631 42.02 15.95 20.53
CA LYS T 631 42.53 16.94 19.61
C LYS T 631 43.53 16.34 18.64
N GLN T 632 44.50 15.52 19.10
CA GLN T 632 45.46 14.88 18.25
C GLN T 632 44.82 13.96 17.27
N PHE T 633 43.89 13.14 17.64
CA PHE T 633 43.09 12.31 16.71
C PHE T 633 42.37 13.01 15.61
N HIS T 634 41.60 14.10 15.89
CA HIS T 634 40.89 14.93 14.88
C HIS T 634 41.81 15.61 13.94
N ILE T 635 42.93 16.23 14.45
CA ILE T 635 43.82 16.91 13.60
C ILE T 635 44.41 15.87 12.69
N GLN T 636 44.92 14.75 13.27
CA GLN T 636 45.76 13.84 12.48
C GLN T 636 44.95 13.26 11.37
N SER T 637 43.68 12.89 11.66
CA SER T 637 42.71 12.20 10.83
C SER T 637 42.39 13.07 9.62
N SER T 638 42.22 14.37 9.82
CA SER T 638 41.88 15.24 8.75
C SER T 638 42.98 15.32 7.73
N GLU T 639 44.27 15.48 8.27
CA GLU T 639 45.54 15.49 7.52
C GLU T 639 45.81 14.17 6.78
N ILE T 640 45.48 13.03 7.38
CA ILE T 640 45.50 11.72 6.84
C ILE T 640 44.53 11.55 5.61
N GLN T 641 43.30 12.10 5.73
CA GLN T 641 42.24 12.02 4.72
C GLN T 641 42.65 12.68 3.43
N MET T 642 43.21 13.90 3.48
CA MET T 642 43.78 14.64 2.31
C MET T 642 44.87 13.90 1.66
N LEU T 643 45.81 13.35 2.49
CA LEU T 643 47.01 12.65 2.07
C LEU T 643 46.73 11.37 1.34
N LEU T 644 45.70 10.68 1.82
CA LEU T 644 45.31 9.33 1.29
C LEU T 644 44.82 9.52 -0.11
N GLU T 645 44.04 10.59 -0.21
CA GLU T 645 43.46 10.99 -1.46
C GLU T 645 44.47 11.31 -2.53
N ARG T 646 45.60 12.00 -2.15
CA ARG T 646 46.72 12.28 -3.05
C ARG T 646 47.41 11.20 -3.75
N TYR T 647 47.66 10.05 -3.15
CA TYR T 647 48.50 9.05 -3.86
C TYR T 647 47.78 8.01 -4.56
N SER T 648 46.55 7.71 -4.07
CA SER T 648 45.57 6.84 -4.60
C SER T 648 44.85 7.37 -5.75
N LEU T 649 44.66 8.71 -5.86
CA LEU T 649 44.14 9.46 -7.01
C LEU T 649 42.60 9.61 -6.98
N ASN T 650 42.06 10.84 -7.06
CA ASN T 650 40.64 11.05 -7.06
C ASN T 650 39.94 10.61 -8.40
N GLU T 651 38.57 10.45 -8.48
CA GLU T 651 37.70 10.01 -9.52
C GLU T 651 37.89 10.88 -10.84
N SER T 652 38.16 12.23 -10.69
CA SER T 652 38.45 13.18 -11.80
C SER T 652 39.62 12.65 -12.59
N LEU T 653 40.72 12.26 -11.80
CA LEU T 653 41.94 11.80 -12.25
C LEU T 653 41.86 10.44 -13.01
N VAL T 654 41.04 9.41 -12.52
CA VAL T 654 40.85 8.18 -13.16
C VAL T 654 40.24 8.33 -14.56
N SER T 655 39.17 9.17 -14.67
CA SER T 655 38.49 9.45 -15.91
C SER T 655 39.40 10.13 -16.94
N GLU T 656 40.28 11.06 -16.48
CA GLU T 656 41.13 11.79 -17.39
C GLU T 656 42.32 10.89 -17.90
N ILE T 657 42.72 9.91 -17.07
CA ILE T 657 43.75 9.00 -17.49
C ILE T 657 43.23 8.19 -18.65
N GLU T 658 41.97 7.72 -18.53
CA GLU T 658 41.32 7.02 -19.62
C GLU T 658 41.19 7.80 -20.94
N LYS T 659 40.91 9.18 -20.90
CA LYS T 659 40.84 10.01 -22.06
C LYS T 659 42.07 10.02 -22.92
N LEU T 660 43.25 10.21 -22.22
CA LEU T 660 44.60 10.20 -22.82
C LEU T 660 45.02 8.85 -23.43
N ARG T 661 44.68 7.71 -22.71
CA ARG T 661 44.84 6.38 -23.16
C ARG T 661 44.00 6.06 -24.48
N GLU T 662 42.74 6.55 -24.63
CA GLU T 662 41.98 6.46 -25.83
C GLU T 662 42.62 7.17 -26.97
N GLU T 663 43.10 8.42 -26.70
CA GLU T 663 43.70 9.24 -27.73
C GLU T 663 44.93 8.57 -28.31
N ASN T 664 45.82 8.05 -27.39
CA ASN T 664 47.14 7.48 -27.79
C ASN T 664 46.99 6.24 -28.62
N LYS T 665 46.04 5.29 -28.21
CA LYS T 665 45.70 4.09 -28.91
C LYS T 665 45.16 4.50 -30.30
N ARG T 666 44.33 5.50 -30.42
CA ARG T 666 43.76 5.91 -31.66
C ARG T 666 44.80 6.38 -32.74
N LEU T 667 45.81 7.16 -32.40
CA LEU T 667 46.92 7.51 -33.30
C LEU T 667 47.76 6.30 -33.67
N ARG T 668 48.11 5.44 -32.74
CA ARG T 668 48.89 4.30 -33.09
C ARG T 668 48.22 3.16 -33.83
N ALA T 669 46.84 3.02 -33.95
CA ALA T 669 46.28 1.84 -34.58
C ALA T 669 44.90 1.98 -35.03
N ASN T 670 44.46 3.27 -35.15
CA ASN T 670 43.21 3.60 -35.83
C ASN T 670 43.32 4.80 -36.75
N PHE T 671 44.54 4.92 -37.33
CA PHE T 671 44.99 6.00 -38.28
C PHE T 671 45.89 5.25 -39.26
N ALA U 597 47.72 21.34 70.44
CA ALA U 597 48.17 21.94 69.15
C ALA U 597 49.58 21.90 68.81
N ILE U 598 50.47 21.78 69.81
CA ILE U 598 51.95 21.54 69.63
C ILE U 598 52.20 20.21 68.99
N GLN U 599 51.58 19.07 69.45
CA GLN U 599 51.72 17.82 68.85
C GLN U 599 51.21 17.76 67.48
N ILE U 600 50.07 18.46 67.27
CA ILE U 600 49.40 18.60 66.01
C ILE U 600 50.29 19.34 64.98
N ASN U 601 50.95 20.47 65.34
CA ASN U 601 51.68 21.28 64.38
C ASN U 601 52.81 20.47 63.81
N PHE U 602 53.43 19.65 64.66
CA PHE U 602 54.51 18.82 64.15
C PHE U 602 54.01 17.80 63.11
N ILE U 603 52.92 17.06 63.52
CA ILE U 603 52.34 15.99 62.68
C ILE U 603 51.87 16.48 61.36
N LYS U 604 51.23 17.62 61.40
CA LYS U 604 50.54 18.23 60.33
C LYS U 604 51.49 18.55 59.22
N ASN U 605 52.60 19.12 59.67
CA ASN U 605 53.65 19.35 58.67
C ASN U 605 54.20 18.11 57.95
N MET U 606 54.46 17.01 58.65
CA MET U 606 54.95 15.84 58.09
C MET U 606 54.06 15.25 56.98
N ILE U 607 52.76 15.25 57.31
CA ILE U 607 51.71 14.68 56.55
C ILE U 607 51.50 15.39 55.24
N GLU U 608 51.39 16.69 55.28
CA GLU U 608 51.19 17.44 54.09
C GLU U 608 52.30 17.25 53.09
N GLU U 609 53.60 17.18 53.59
CA GLU U 609 54.81 17.11 52.79
C GLU U 609 54.95 15.84 52.03
N THR U 610 54.56 14.70 52.65
CA THR U 610 54.60 13.40 52.02
C THR U 610 53.45 13.27 50.98
N LEU U 611 52.27 13.90 51.25
CA LEU U 611 51.09 13.78 50.32
C LEU U 611 51.53 14.61 49.08
N ASP U 612 52.36 15.73 49.27
CA ASP U 612 52.84 16.59 48.20
C ASP U 612 53.84 15.89 47.36
N ASP U 613 54.76 15.08 48.01
CA ASP U 613 55.72 14.30 47.31
C ASP U 613 54.98 13.30 46.40
N PHE U 614 53.93 12.70 46.95
CA PHE U 614 53.14 11.74 46.12
C PHE U 614 52.53 12.45 44.94
N ARG U 615 51.97 13.68 45.13
CA ARG U 615 51.29 14.51 44.08
C ARG U 615 52.33 14.97 43.05
N GLU U 616 53.55 15.43 43.38
CA GLU U 616 54.47 15.78 42.41
C GLU U 616 55.07 14.65 41.54
N ALA U 617 55.42 13.46 42.20
CA ALA U 617 55.79 12.29 41.51
C ALA U 617 54.66 11.74 40.52
N CYS U 618 53.41 11.67 40.99
CA CYS U 618 52.27 11.18 40.18
C CYS U 618 52.06 12.12 39.01
N HIS U 619 52.24 13.45 39.28
CA HIS U 619 52.05 14.50 38.28
C HIS U 619 52.99 14.36 37.11
N ARG U 620 54.27 14.07 37.41
CA ARG U 620 55.39 13.85 36.48
C ARG U 620 55.12 12.67 35.53
N ASP U 621 54.51 11.63 36.12
CA ASP U 621 54.19 10.39 35.37
C ASP U 621 53.13 10.62 34.30
N ILE U 622 52.07 11.37 34.72
CA ILE U 622 51.04 11.71 33.85
C ILE U 622 51.48 12.60 32.64
N VAL U 623 52.44 13.48 32.89
CA VAL U 623 53.22 14.29 31.83
C VAL U 623 53.92 13.33 30.91
N ASN U 624 54.55 12.22 31.43
CA ASN U 624 55.18 11.23 30.60
C ASN U 624 54.19 10.41 29.75
N LEU U 625 53.03 9.91 30.24
CA LEU U 625 51.98 9.27 29.39
C LEU U 625 51.52 10.18 28.30
N GLN U 626 51.19 11.50 28.60
CA GLN U 626 50.64 12.37 27.63
C GLN U 626 51.58 12.52 26.43
N VAL U 627 52.91 12.75 26.80
CA VAL U 627 54.01 12.92 25.84
C VAL U 627 54.28 11.71 24.97
N GLU U 628 54.24 10.49 25.60
CA GLU U 628 54.42 9.20 25.01
C GLU U 628 53.30 8.98 24.04
N MET U 629 52.06 9.37 24.38
CA MET U 629 50.96 9.35 23.46
C MET U 629 51.07 10.10 22.25
N ILE U 630 51.40 11.44 22.35
CA ILE U 630 51.54 12.29 21.17
C ILE U 630 52.56 11.84 20.23
N LYS U 631 53.68 11.41 20.83
CA LYS U 631 54.81 10.87 20.10
C LYS U 631 54.46 9.62 19.26
N GLN U 632 53.73 8.68 19.91
CA GLN U 632 53.19 7.58 19.19
C GLN U 632 52.23 7.85 18.06
N PHE U 633 51.40 8.95 18.17
CA PHE U 633 50.57 9.38 17.08
C PHE U 633 51.48 9.84 15.98
N HIS U 634 52.54 10.56 16.25
CA HIS U 634 53.55 10.93 15.20
C HIS U 634 54.18 9.77 14.47
N ILE U 635 54.69 8.78 15.26
CA ILE U 635 55.36 7.58 14.72
C ILE U 635 54.47 6.74 13.86
N GLN U 636 53.21 6.39 14.24
CA GLN U 636 52.36 5.58 13.53
C GLN U 636 51.87 6.20 12.28
N SER U 637 51.62 7.58 12.30
CA SER U 637 51.23 8.39 11.16
C SER U 637 52.34 8.38 10.09
N SER U 638 53.69 8.41 10.38
CA SER U 638 54.78 8.31 9.52
C SER U 638 54.83 6.94 8.84
N GLU U 639 54.65 5.88 9.66
CA GLU U 639 54.70 4.47 9.33
C GLU U 639 53.68 4.03 8.41
N ILE U 640 52.35 4.41 8.69
CA ILE U 640 51.25 4.01 7.90
C ILE U 640 51.24 4.66 6.56
N GLN U 641 51.70 5.91 6.58
CA GLN U 641 51.87 6.69 5.39
C GLN U 641 52.87 6.10 4.44
N MET U 642 54.04 5.62 4.99
CA MET U 642 55.07 5.02 4.24
C MET U 642 54.72 3.78 3.57
N LEU U 643 54.09 2.83 4.31
CA LEU U 643 53.68 1.50 3.82
C LEU U 643 52.59 1.61 2.80
N LEU U 644 51.61 2.57 2.97
CA LEU U 644 50.57 2.92 2.14
C LEU U 644 51.15 3.36 0.82
N GLU U 645 52.11 4.35 0.88
CA GLU U 645 52.69 4.97 -0.31
C GLU U 645 53.28 4.15 -1.39
N ARG U 646 53.99 3.07 -0.96
CA ARG U 646 54.65 2.12 -1.79
C ARG U 646 53.78 1.44 -2.79
N TYR U 647 52.55 1.13 -2.41
CA TYR U 647 51.61 0.35 -3.17
C TYR U 647 50.57 1.17 -3.90
N SER U 648 50.34 2.39 -3.40
CA SER U 648 49.39 3.28 -3.95
C SER U 648 49.95 3.74 -5.29
N LEU U 649 51.21 4.16 -5.29
CA LEU U 649 52.04 4.50 -6.41
C LEU U 649 52.92 3.37 -6.86
N ASN U 650 52.43 2.10 -6.87
CA ASN U 650 53.10 0.85 -7.29
C ASN U 650 53.61 0.91 -8.71
N GLU U 651 54.52 -0.05 -9.01
CA GLU U 651 55.18 -0.15 -10.30
C GLU U 651 54.22 -0.22 -11.51
N SER U 652 53.06 -0.84 -11.28
CA SER U 652 51.96 -1.05 -12.23
C SER U 652 51.55 0.24 -12.76
N LEU U 653 51.30 1.25 -11.93
CA LEU U 653 51.02 2.69 -12.31
C LEU U 653 52.21 3.39 -12.97
N VAL U 654 53.42 3.23 -12.40
CA VAL U 654 54.57 3.95 -12.82
C VAL U 654 54.89 3.57 -14.31
N SER U 655 54.87 2.32 -14.67
CA SER U 655 55.14 1.85 -16.00
C SER U 655 54.21 2.38 -17.13
N GLU U 656 52.90 2.42 -16.80
CA GLU U 656 51.89 2.93 -17.66
C GLU U 656 51.84 4.50 -17.82
N ILE U 657 52.25 5.24 -16.78
CA ILE U 657 52.49 6.64 -16.86
C ILE U 657 53.59 6.97 -17.80
N GLU U 658 54.81 6.30 -17.69
CA GLU U 658 55.98 6.33 -18.42
C GLU U 658 55.79 6.06 -19.85
N LYS U 659 55.00 5.00 -20.06
CA LYS U 659 54.58 4.55 -21.36
C LYS U 659 53.75 5.63 -22.11
N LEU U 660 52.80 6.28 -21.45
CA LEU U 660 51.95 7.28 -22.02
C LEU U 660 52.73 8.54 -22.53
N ARG U 661 53.71 9.11 -21.72
CA ARG U 661 54.48 10.35 -22.07
C ARG U 661 55.35 10.16 -23.31
N GLU U 662 56.03 8.98 -23.39
CA GLU U 662 57.02 8.76 -24.43
C GLU U 662 56.49 8.58 -25.82
N GLU U 663 55.37 7.86 -25.78
CA GLU U 663 54.52 7.67 -26.97
C GLU U 663 53.89 8.96 -27.52
N ASN U 664 53.32 9.85 -26.63
CA ASN U 664 52.66 11.04 -27.10
C ASN U 664 53.55 12.01 -27.78
N LYS U 665 54.79 12.21 -27.27
CA LYS U 665 55.83 13.05 -27.84
C LYS U 665 56.36 12.46 -29.09
N ARG U 666 56.55 11.11 -29.23
CA ARG U 666 57.09 10.52 -30.45
C ARG U 666 56.17 10.61 -31.64
N LEU U 667 54.87 10.55 -31.30
CA LEU U 667 53.82 10.79 -32.26
C LEU U 667 53.81 12.16 -33.00
N ARG U 668 53.92 13.23 -32.20
CA ARG U 668 54.01 14.61 -32.56
C ARG U 668 55.30 14.94 -33.32
N ALA U 669 56.35 14.13 -33.10
CA ALA U 669 57.60 14.08 -33.82
C ALA U 669 57.46 13.61 -35.22
N ASN U 670 56.52 12.71 -35.53
CA ASN U 670 56.17 12.15 -36.79
C ASN U 670 55.07 12.93 -37.50
N PHE U 671 54.44 13.87 -36.76
CA PHE U 671 53.59 14.95 -37.29
C PHE U 671 54.40 16.24 -37.22
N MET V 8 -11.13 1.75 2.60
CA MET V 8 -12.36 0.94 2.75
C MET V 8 -13.22 1.54 3.74
N SER V 9 -12.69 1.88 5.00
CA SER V 9 -13.36 2.48 6.11
C SER V 9 -14.06 3.86 5.84
N ALA V 10 -13.34 4.76 5.12
CA ALA V 10 -13.84 6.03 4.69
C ALA V 10 -14.92 5.89 3.75
N VAL V 11 -14.86 4.81 2.87
CA VAL V 11 -15.93 4.49 1.98
C VAL V 11 -17.15 4.03 2.66
N ARG V 12 -17.06 3.28 3.77
CA ARG V 12 -18.22 2.95 4.62
C ARG V 12 -18.82 4.22 5.29
N GLU V 13 -17.92 5.12 5.91
CA GLU V 13 -18.39 6.31 6.67
C GLU V 13 -19.17 7.26 5.79
N THR V 14 -18.70 7.40 4.50
CA THR V 14 -19.24 8.29 3.50
C THR V 14 -20.62 7.79 3.11
N MET V 15 -20.80 6.49 2.95
CA MET V 15 -22.12 5.96 2.60
C MET V 15 -23.17 6.22 3.59
N ASP V 16 -22.78 6.28 4.90
CA ASP V 16 -23.57 6.54 6.15
C ASP V 16 -24.04 7.94 6.08
N VAL V 17 -23.17 8.91 5.70
CA VAL V 17 -23.58 10.29 5.49
C VAL V 17 -24.66 10.39 4.42
N LEU V 18 -24.44 9.69 3.30
CA LEU V 18 -25.38 9.76 2.20
C LEU V 18 -26.77 9.21 2.55
N LEU V 19 -26.82 8.17 3.40
CA LEU V 19 -28.06 7.48 3.84
C LEU V 19 -28.91 8.41 4.68
N GLU V 20 -28.17 9.23 5.49
CA GLU V 20 -28.75 10.32 6.27
C GLU V 20 -29.31 11.44 5.43
N ILE V 21 -28.63 11.83 4.32
CA ILE V 21 -29.15 12.74 3.28
C ILE V 21 -30.44 12.26 2.60
N SER V 22 -30.49 10.93 2.27
CA SER V 22 -31.68 10.21 1.81
C SER V 22 -32.95 10.14 2.73
N ARG V 23 -32.71 9.98 4.09
CA ARG V 23 -33.83 9.85 5.06
C ARG V 23 -34.58 11.10 5.25
N LEU V 24 -33.75 12.18 5.31
CA LEU V 24 -34.33 13.52 5.42
C LEU V 24 -35.16 13.90 4.24
N LEU V 25 -34.69 13.61 3.01
CA LEU V 25 -35.47 14.02 1.86
C LEU V 25 -36.54 13.04 1.51
N ASN V 26 -36.83 11.93 2.19
CA ASN V 26 -37.92 11.03 1.85
C ASN V 26 -37.86 10.45 0.41
N THR V 27 -36.67 10.01 -0.08
CA THR V 27 -36.46 9.53 -1.43
C THR V 27 -37.03 8.22 -1.58
N GLY V 28 -37.02 7.38 -0.53
CA GLY V 28 -37.31 5.95 -0.52
C GLY V 28 -36.37 5.12 -1.27
N LEU V 29 -35.09 5.44 -1.12
CA LEU V 29 -33.95 4.66 -1.65
C LEU V 29 -33.33 3.92 -0.46
N ASP V 30 -33.18 2.58 -0.63
CA ASP V 30 -32.51 1.64 0.32
C ASP V 30 -30.99 1.84 0.23
N MET V 31 -30.23 1.09 1.12
CA MET V 31 -28.79 0.98 1.10
C MET V 31 -28.29 0.44 -0.29
N GLU V 32 -28.98 -0.51 -0.87
CA GLU V 32 -28.62 -1.07 -2.21
C GLU V 32 -28.94 -0.06 -3.28
N THR V 33 -30.13 0.61 -3.32
CA THR V 33 -30.57 1.50 -4.40
C THR V 33 -29.69 2.77 -4.46
N LEU V 34 -29.36 3.32 -3.28
CA LEU V 34 -28.43 4.42 -3.17
C LEU V 34 -27.06 4.13 -3.65
N SER V 35 -26.48 2.98 -3.29
CA SER V 35 -25.19 2.65 -3.75
C SER V 35 -25.01 2.53 -5.27
N ILE V 36 -25.99 1.90 -5.95
CA ILE V 36 -26.08 1.93 -7.41
C ILE V 36 -26.16 3.24 -8.09
N CYS V 37 -27.04 4.14 -7.50
CA CYS V 37 -27.23 5.53 -7.94
C CYS V 37 -25.97 6.30 -7.91
N VAL V 38 -25.19 6.18 -6.84
CA VAL V 38 -23.91 6.82 -6.64
C VAL V 38 -23.03 6.43 -7.73
N ARG V 39 -22.99 5.12 -8.00
CA ARG V 39 -22.01 4.60 -8.97
C ARG V 39 -22.29 5.17 -10.43
N LEU V 40 -23.59 5.31 -10.78
CA LEU V 40 -24.00 5.92 -12.04
C LEU V 40 -23.59 7.37 -12.10
N CYS V 41 -23.78 8.06 -10.93
CA CYS V 41 -23.53 9.40 -10.76
C CYS V 41 -22.04 9.72 -10.90
N GLU V 42 -21.16 8.88 -10.37
CA GLU V 42 -19.74 9.01 -10.50
C GLU V 42 -19.12 8.86 -11.91
N GLN V 43 -19.86 8.16 -12.78
CA GLN V 43 -19.48 8.01 -14.15
C GLN V 43 -19.95 9.10 -15.00
N GLY V 44 -20.52 10.23 -14.52
CA GLY V 44 -20.70 11.35 -15.40
C GLY V 44 -21.93 11.22 -16.20
N ILE V 45 -23.02 10.75 -15.50
CA ILE V 45 -24.32 10.70 -16.08
C ILE V 45 -25.06 11.95 -15.56
N ASN V 46 -25.89 12.50 -16.47
CA ASN V 46 -26.75 13.67 -16.30
C ASN V 46 -27.82 13.31 -15.30
N PRO V 47 -28.00 14.02 -14.18
CA PRO V 47 -28.93 13.59 -13.06
C PRO V 47 -30.38 13.73 -13.54
N GLU V 48 -30.63 14.61 -14.51
CA GLU V 48 -31.93 14.89 -15.04
C GLU V 48 -32.61 13.65 -15.66
N ALA V 49 -31.86 13.02 -16.54
CA ALA V 49 -32.11 11.73 -17.21
C ALA V 49 -32.26 10.63 -16.26
N LEU V 50 -31.31 10.55 -15.24
CA LEU V 50 -31.27 9.53 -14.23
C LEU V 50 -32.54 9.54 -13.36
N SER V 51 -33.03 10.73 -12.95
CA SER V 51 -34.24 10.83 -12.14
C SER V 51 -35.50 10.31 -12.87
N SER V 52 -35.53 10.59 -14.21
CA SER V 52 -36.68 10.17 -14.97
C SER V 52 -36.88 8.67 -15.09
N VAL V 53 -35.74 7.92 -15.29
CA VAL V 53 -35.63 6.49 -15.40
C VAL V 53 -36.13 5.91 -14.07
N ILE V 54 -35.74 6.44 -12.89
CA ILE V 54 -36.04 5.91 -11.65
C ILE V 54 -37.48 5.83 -11.35
N LYS V 55 -38.21 6.92 -11.75
CA LYS V 55 -39.66 7.07 -11.52
C LYS V 55 -40.41 6.05 -12.19
N GLU V 56 -40.04 5.72 -13.44
CA GLU V 56 -40.63 4.65 -14.26
C GLU V 56 -40.41 3.26 -13.70
N LEU V 57 -39.17 3.01 -13.20
CA LEU V 57 -38.80 1.75 -12.60
C LEU V 57 -39.54 1.42 -11.39
N ARG V 58 -40.01 2.45 -10.58
CA ARG V 58 -40.88 2.26 -9.48
C ARG V 58 -42.28 2.01 -9.91
N ARG V 59 -42.71 2.49 -11.06
CA ARG V 59 -44.05 2.09 -11.61
C ARG V 59 -44.13 0.57 -11.99
N GLU W 13 -35.77 -13.24 -46.37
CA GLU W 13 -36.51 -12.37 -45.47
C GLU W 13 -35.58 -12.11 -44.29
N THR W 14 -35.55 -13.11 -43.44
CA THR W 14 -34.84 -13.26 -42.22
C THR W 14 -33.39 -13.11 -42.35
N MET W 15 -32.80 -13.69 -43.41
CA MET W 15 -31.45 -13.61 -43.86
C MET W 15 -31.08 -12.27 -44.39
N ASP W 16 -31.98 -11.49 -45.04
CA ASP W 16 -31.61 -10.14 -45.44
C ASP W 16 -31.55 -9.22 -44.28
N VAL W 17 -32.50 -9.48 -43.38
CA VAL W 17 -32.72 -8.83 -42.16
C VAL W 17 -31.54 -9.00 -41.20
N LEU W 18 -31.05 -10.25 -41.04
CA LEU W 18 -29.90 -10.64 -40.22
C LEU W 18 -28.65 -10.02 -40.82
N LEU W 19 -28.54 -9.88 -42.19
CA LEU W 19 -27.34 -9.43 -42.92
C LEU W 19 -27.23 -7.95 -42.65
N GLU W 20 -28.40 -7.19 -42.51
CA GLU W 20 -28.27 -5.80 -42.09
C GLU W 20 -27.68 -5.73 -40.65
N ILE W 21 -28.22 -6.58 -39.66
CA ILE W 21 -27.88 -6.52 -38.22
C ILE W 21 -26.41 -6.78 -37.97
N SER W 22 -25.92 -7.80 -38.71
CA SER W 22 -24.51 -8.17 -38.82
C SER W 22 -23.62 -7.02 -39.23
N ARG W 23 -24.11 -6.17 -40.14
CA ARG W 23 -23.42 -5.01 -40.64
C ARG W 23 -23.42 -3.85 -39.73
N LEU W 24 -24.57 -3.60 -38.98
CA LEU W 24 -24.71 -2.48 -38.01
C LEU W 24 -23.78 -2.73 -36.82
N LEU W 25 -23.65 -4.05 -36.46
CA LEU W 25 -22.77 -4.48 -35.36
C LEU W 25 -21.33 -4.61 -35.82
N ASN W 26 -20.97 -4.34 -37.14
CA ASN W 26 -19.71 -4.37 -37.81
C ASN W 26 -18.97 -5.71 -37.51
N THR W 27 -19.53 -6.92 -37.59
CA THR W 27 -18.99 -8.12 -36.96
C THR W 27 -17.81 -8.76 -37.72
N GLY W 28 -17.98 -8.76 -39.09
CA GLY W 28 -16.95 -9.29 -39.99
C GLY W 28 -17.51 -10.30 -40.90
N LEU W 29 -18.85 -10.55 -40.82
CA LEU W 29 -19.60 -11.56 -41.64
C LEU W 29 -20.16 -11.05 -42.96
N ASP W 30 -19.93 -11.78 -44.01
CA ASP W 30 -20.59 -11.69 -45.28
C ASP W 30 -21.77 -12.58 -45.41
N MET W 31 -22.61 -12.57 -46.50
CA MET W 31 -23.83 -13.30 -46.71
C MET W 31 -23.61 -14.74 -46.84
N GLU W 32 -22.46 -15.17 -47.52
CA GLU W 32 -22.21 -16.56 -47.86
C GLU W 32 -21.92 -17.25 -46.59
N THR W 33 -20.92 -16.72 -45.77
CA THR W 33 -20.47 -17.45 -44.52
C THR W 33 -21.58 -17.59 -43.51
N LEU W 34 -22.50 -16.53 -43.39
CA LEU W 34 -23.57 -16.35 -42.36
C LEU W 34 -24.53 -17.55 -42.53
N SER W 35 -24.80 -17.81 -43.79
CA SER W 35 -25.66 -18.87 -44.21
C SER W 35 -25.20 -20.29 -43.75
N ILE W 36 -23.86 -20.51 -43.85
CA ILE W 36 -23.29 -21.72 -43.34
C ILE W 36 -23.42 -21.81 -41.83
N CYS W 37 -23.14 -20.72 -41.04
CA CYS W 37 -23.24 -20.58 -39.57
C CYS W 37 -24.61 -20.83 -39.01
N VAL W 38 -25.72 -20.30 -39.69
CA VAL W 38 -27.09 -20.51 -39.36
C VAL W 38 -27.35 -22.04 -39.31
N ARG W 39 -26.83 -22.78 -40.34
CA ARG W 39 -27.08 -24.24 -40.31
C ARG W 39 -26.34 -24.95 -39.29
N LEU W 40 -25.22 -24.40 -38.77
CA LEU W 40 -24.50 -24.87 -37.68
C LEU W 40 -25.23 -24.74 -36.29
N CYS W 41 -25.86 -23.56 -35.97
CA CYS W 41 -26.72 -23.23 -34.81
C CYS W 41 -27.86 -24.15 -34.66
N GLU W 42 -28.60 -24.39 -35.78
CA GLU W 42 -29.75 -25.34 -35.92
C GLU W 42 -29.34 -26.79 -35.77
N GLN W 43 -28.10 -27.13 -35.99
CA GLN W 43 -27.55 -28.40 -35.63
C GLN W 43 -26.99 -28.42 -34.26
N GLY W 44 -27.23 -27.40 -33.41
CA GLY W 44 -27.00 -27.44 -32.01
C GLY W 44 -25.55 -27.23 -31.60
N ILE W 45 -24.80 -26.53 -32.50
CA ILE W 45 -23.41 -26.16 -32.16
C ILE W 45 -23.50 -24.83 -31.38
N ASN W 46 -22.90 -24.79 -30.19
CA ASN W 46 -22.93 -23.71 -29.21
C ASN W 46 -22.41 -22.38 -29.89
N PRO W 47 -23.03 -21.18 -29.48
CA PRO W 47 -22.60 -19.94 -30.09
C PRO W 47 -21.22 -19.63 -29.73
N GLU W 48 -20.81 -19.92 -28.52
CA GLU W 48 -19.49 -19.61 -28.00
C GLU W 48 -18.47 -20.43 -28.72
N ALA W 49 -18.72 -21.76 -28.95
CA ALA W 49 -17.83 -22.59 -29.75
C ALA W 49 -17.68 -22.12 -31.14
N LEU W 50 -18.83 -21.83 -31.85
CA LEU W 50 -18.92 -21.45 -33.20
C LEU W 50 -18.15 -20.09 -33.39
N SER W 51 -18.26 -19.09 -32.48
CA SER W 51 -17.50 -17.88 -32.54
C SER W 51 -16.05 -18.14 -32.49
N SER W 52 -15.58 -19.11 -31.59
CA SER W 52 -14.20 -19.56 -31.50
C SER W 52 -13.66 -20.11 -32.72
N VAL W 53 -14.48 -21.00 -33.35
CA VAL W 53 -14.16 -21.64 -34.55
C VAL W 53 -13.97 -20.64 -35.69
N ILE W 54 -14.81 -19.58 -35.83
CA ILE W 54 -14.68 -18.62 -36.92
C ILE W 54 -13.36 -17.92 -36.84
N LYS W 55 -12.99 -17.47 -35.64
CA LYS W 55 -11.72 -16.75 -35.42
C LYS W 55 -10.43 -17.40 -35.73
N GLU W 56 -10.35 -18.70 -35.29
CA GLU W 56 -9.18 -19.50 -35.63
C GLU W 56 -8.99 -19.75 -37.17
N LEU W 57 -10.13 -20.09 -37.83
CA LEU W 57 -10.12 -20.37 -39.26
C LEU W 57 -9.75 -19.18 -40.12
N ARG W 58 -10.31 -17.99 -39.76
CA ARG W 58 -9.87 -16.72 -40.34
C ARG W 58 -8.35 -16.40 -40.16
N ARG W 59 -7.82 -16.57 -38.97
CA ARG W 59 -6.44 -16.24 -38.75
C ARG W 59 -5.52 -16.99 -39.64
N ALA W 60 -5.76 -18.32 -39.72
CA ALA W 60 -5.00 -19.13 -40.62
C ALA W 60 -5.20 -18.76 -42.04
N SER W 61 -6.50 -18.52 -42.46
CA SER W 61 -6.87 -18.16 -43.84
C SER W 61 -6.19 -16.95 -44.42
N ASP W 62 -6.11 -15.90 -43.58
CA ASP W 62 -5.45 -14.60 -43.92
C ASP W 62 -3.96 -14.87 -44.06
N THR W 63 -3.29 -15.73 -43.19
CA THR W 63 -1.87 -15.96 -43.20
C THR W 63 -1.52 -16.63 -44.53
N LEU W 64 -2.38 -17.52 -44.97
CA LEU W 64 -2.20 -18.16 -46.23
C LEU W 64 -2.35 -17.22 -47.37
N LYS W 65 -3.31 -16.24 -47.31
CA LYS W 65 -3.52 -15.27 -48.40
C LYS W 65 -2.36 -14.35 -48.59
N ALA W 66 -1.70 -13.87 -47.51
CA ALA W 66 -0.57 -12.97 -47.65
C ALA W 66 0.68 -13.62 -48.33
N SER W 67 0.73 -15.00 -48.28
CA SER W 67 1.79 -15.77 -48.86
C SER W 67 1.57 -15.93 -50.33
N GLU W 68 0.27 -15.79 -50.80
CA GLU W 68 -0.13 -15.96 -52.18
C GLU W 68 0.04 -14.60 -52.77
N ALA X 10 79.03 -14.94 35.42
CA ALA X 10 78.41 -13.89 36.33
C ALA X 10 76.91 -13.98 36.23
N VAL X 11 76.43 -14.11 34.97
CA VAL X 11 75.01 -14.16 34.55
C VAL X 11 74.24 -15.39 35.13
N ARG X 12 74.91 -16.55 35.04
CA ARG X 12 74.51 -17.88 35.54
C ARG X 12 74.42 -17.88 37.05
N GLU X 13 75.49 -17.29 37.79
CA GLU X 13 75.67 -17.34 39.22
C GLU X 13 74.48 -16.58 39.85
N THR X 14 74.18 -15.44 39.22
CA THR X 14 73.11 -14.55 39.59
C THR X 14 71.77 -15.29 39.32
N MET X 15 71.62 -16.01 38.19
CA MET X 15 70.39 -16.67 37.80
C MET X 15 69.96 -17.69 38.75
N ASP X 16 70.89 -18.44 39.36
CA ASP X 16 70.54 -19.34 40.40
C ASP X 16 69.98 -18.72 41.68
N VAL X 17 70.62 -17.64 42.15
CA VAL X 17 70.03 -16.97 43.31
C VAL X 17 68.64 -16.37 43.01
N LEU X 18 68.43 -15.74 41.81
CA LEU X 18 67.15 -15.21 41.39
C LEU X 18 66.07 -16.30 41.25
N LEU X 19 66.49 -17.48 40.73
CA LEU X 19 65.65 -18.65 40.63
C LEU X 19 65.10 -19.14 41.96
N GLU X 20 65.94 -19.05 43.01
CA GLU X 20 65.54 -19.33 44.41
C GLU X 20 64.41 -18.42 44.88
N ILE X 21 64.57 -17.05 44.64
CA ILE X 21 63.59 -16.03 44.99
C ILE X 21 62.25 -16.26 44.34
N SER X 22 62.19 -16.56 42.98
CA SER X 22 60.97 -16.76 42.25
C SER X 22 60.11 -17.90 42.74
N ARG X 23 60.76 -18.92 43.20
CA ARG X 23 60.16 -20.08 43.75
C ARG X 23 59.47 -19.89 45.03
N LEU X 24 60.00 -18.98 45.93
CA LEU X 24 59.38 -18.52 47.07
C LEU X 24 58.09 -17.77 46.84
N LEU X 25 58.04 -16.86 45.83
CA LEU X 25 56.86 -16.09 45.53
C LEU X 25 55.82 -16.84 44.88
N ASN X 26 56.03 -18.15 44.44
CA ASN X 26 55.07 -18.97 43.76
C ASN X 26 54.81 -18.43 42.38
N THR X 27 55.83 -17.62 41.91
CA THR X 27 55.75 -17.01 40.57
C THR X 27 56.66 -17.74 39.61
N GLY X 28 56.11 -18.22 38.53
CA GLY X 28 56.89 -19.00 37.61
C GLY X 28 57.54 -18.03 36.62
N LEU X 29 58.86 -18.17 36.42
CA LEU X 29 59.60 -17.51 35.39
C LEU X 29 60.52 -18.60 34.96
N ASP X 30 61.08 -18.45 33.69
CA ASP X 30 62.02 -19.47 33.25
C ASP X 30 63.48 -19.08 33.55
N MET X 31 64.44 -20.02 33.34
CA MET X 31 65.85 -19.86 33.63
C MET X 31 66.42 -18.82 32.73
N GLU X 32 66.00 -19.00 31.48
CA GLU X 32 66.40 -18.17 30.38
C GLU X 32 66.07 -16.66 30.51
N THR X 33 64.85 -16.32 31.13
CA THR X 33 64.24 -15.00 31.14
C THR X 33 65.16 -14.11 31.96
N LEU X 34 65.50 -14.59 33.14
CA LEU X 34 66.34 -13.89 34.13
C LEU X 34 67.76 -13.57 33.52
N SER X 35 68.29 -14.59 32.72
CA SER X 35 69.61 -14.35 32.14
C SER X 35 69.62 -13.26 31.10
N ILE X 36 68.57 -13.17 30.29
CA ILE X 36 68.35 -12.11 29.31
C ILE X 36 68.15 -10.75 29.98
N CYS X 37 67.43 -10.80 31.16
CA CYS X 37 67.21 -9.67 31.98
C CYS X 37 68.52 -8.96 32.39
N VAL X 38 69.54 -9.71 32.85
CA VAL X 38 70.88 -9.15 33.19
C VAL X 38 71.42 -8.44 32.03
N ARG X 39 71.28 -8.98 30.76
CA ARG X 39 71.77 -8.34 29.51
C ARG X 39 71.10 -6.97 29.24
N LEU X 40 69.77 -6.82 29.37
CA LEU X 40 68.95 -5.67 29.24
C LEU X 40 69.30 -4.64 30.27
N CYS X 41 69.51 -5.02 31.58
CA CYS X 41 69.87 -4.10 32.63
C CYS X 41 71.19 -3.34 32.44
N GLU X 42 72.20 -4.10 31.90
CA GLU X 42 73.51 -3.68 31.75
C GLU X 42 73.54 -2.74 30.57
N GLN X 43 72.51 -2.76 29.65
CA GLN X 43 72.39 -1.85 28.54
C GLN X 43 71.61 -0.69 28.97
N GLY X 44 70.99 -0.76 30.20
CA GLY X 44 70.09 0.28 30.53
C GLY X 44 68.66 0.00 30.16
N ILE X 45 67.79 -0.20 31.17
CA ILE X 45 66.29 -0.44 31.01
C ILE X 45 65.74 0.12 32.23
N ASN X 46 64.59 0.87 31.99
CA ASN X 46 63.77 1.37 33.05
C ASN X 46 63.08 0.19 33.84
N PRO X 47 62.84 0.20 35.18
CA PRO X 47 62.37 -0.98 35.92
C PRO X 47 60.95 -1.33 35.51
N GLU X 48 60.19 -0.28 35.07
CA GLU X 48 58.80 -0.42 34.70
C GLU X 48 58.62 -1.15 33.41
N ALA X 49 59.44 -0.78 32.40
CA ALA X 49 59.50 -1.35 31.16
C ALA X 49 59.86 -2.83 31.11
N LEU X 50 60.92 -3.19 31.86
CA LEU X 50 61.44 -4.56 31.92
C LEU X 50 60.36 -5.46 32.39
N SER X 51 59.69 -5.07 33.52
CA SER X 51 58.56 -5.79 34.03
C SER X 51 57.43 -5.87 33.15
N SER X 52 57.03 -4.77 32.48
CA SER X 52 55.91 -4.79 31.62
C SER X 52 56.05 -5.65 30.43
N VAL X 53 57.19 -5.77 29.75
CA VAL X 53 57.27 -6.61 28.49
C VAL X 53 57.01 -8.06 28.74
N ILE X 54 57.59 -8.60 29.84
CA ILE X 54 57.58 -9.93 30.35
C ILE X 54 56.29 -10.38 30.92
N LYS X 55 55.55 -9.42 31.63
CA LYS X 55 54.26 -9.73 32.18
C LYS X 55 53.26 -10.08 31.12
N GLU X 56 53.29 -9.24 30.05
CA GLU X 56 52.44 -9.39 28.87
C GLU X 56 52.86 -10.72 28.19
N LEU X 57 54.20 -11.03 28.04
CA LEU X 57 54.73 -12.15 27.30
C LEU X 57 54.31 -13.48 27.92
N ARG X 58 54.27 -13.48 29.22
CA ARG X 58 53.66 -14.61 29.96
C ARG X 58 52.22 -14.83 29.68
N ARG X 59 51.31 -13.77 29.70
CA ARG X 59 49.92 -13.86 29.32
C ARG X 59 49.67 -14.28 27.89
N ALA X 60 50.51 -13.80 26.93
CA ALA X 60 50.50 -14.17 25.48
C ALA X 60 50.66 -15.67 25.34
N SER X 61 51.66 -16.23 26.13
CA SER X 61 51.97 -17.69 26.12
C SER X 61 50.81 -18.49 26.59
N ASP X 62 50.01 -17.87 27.54
CA ASP X 62 48.87 -18.61 28.07
C ASP X 62 47.75 -18.83 27.11
N THR X 63 47.42 -17.73 26.38
CA THR X 63 46.35 -17.56 25.35
C THR X 63 46.69 -18.39 24.21
N LEU X 64 47.96 -18.38 23.77
CA LEU X 64 48.48 -19.03 22.58
C LEU X 64 48.27 -20.44 22.57
N LYS X 65 48.55 -21.25 23.64
CA LYS X 65 48.40 -22.67 23.67
C LYS X 65 46.92 -22.95 23.91
N ASN Y 7 6.94 36.40 32.47
CA ASN Y 7 7.89 35.39 32.05
C ASN Y 7 9.22 35.90 31.70
N MET Y 8 9.22 37.00 30.88
CA MET Y 8 10.32 37.82 30.44
C MET Y 8 11.12 38.36 31.62
N SER Y 9 10.39 38.91 32.64
CA SER Y 9 10.91 39.36 33.94
C SER Y 9 11.61 38.30 34.73
N ALA Y 10 10.98 37.12 34.86
CA ALA Y 10 11.46 35.98 35.61
C ALA Y 10 12.76 35.36 35.21
N VAL Y 11 12.97 35.21 33.91
CA VAL Y 11 14.18 34.75 33.20
C VAL Y 11 15.24 35.74 33.35
N ARG Y 12 14.98 37.05 33.34
CA ARG Y 12 15.93 38.04 33.50
C ARG Y 12 16.59 37.92 34.87
N GLU Y 13 15.82 37.72 36.00
CA GLU Y 13 16.16 37.61 37.40
C GLU Y 13 16.97 36.35 37.56
N THR Y 14 16.64 35.21 36.93
CA THR Y 14 17.32 33.95 36.93
C THR Y 14 18.67 34.18 36.38
N MET Y 15 18.82 34.90 35.27
CA MET Y 15 20.06 35.27 34.66
C MET Y 15 20.85 36.15 35.54
N ASP Y 16 20.19 37.11 36.16
CA ASP Y 16 20.73 38.12 36.95
C ASP Y 16 21.46 37.63 38.12
N VAL Y 17 20.96 36.64 38.86
CA VAL Y 17 21.60 36.04 39.95
C VAL Y 17 22.77 35.24 39.66
N LEU Y 18 22.66 34.36 38.58
CA LEU Y 18 23.79 33.62 38.05
C LEU Y 18 24.89 34.50 37.64
N LEU Y 19 24.60 35.66 37.06
CA LEU Y 19 25.54 36.64 36.53
C LEU Y 19 26.30 37.28 37.60
N GLU Y 20 25.61 37.52 38.67
CA GLU Y 20 26.31 38.06 39.88
C GLU Y 20 27.35 37.08 40.41
N ILE Y 21 26.99 35.75 40.54
CA ILE Y 21 27.88 34.70 40.97
C ILE Y 21 29.03 34.56 40.04
N SER Y 22 28.92 34.61 38.69
CA SER Y 22 29.98 34.44 37.73
C SER Y 22 31.03 35.52 37.89
N ARG Y 23 30.63 36.76 38.12
CA ARG Y 23 31.45 37.90 38.31
C ARG Y 23 32.29 37.85 39.58
N LEU Y 24 31.72 37.39 40.72
CA LEU Y 24 32.42 37.22 41.97
C LEU Y 24 33.62 36.26 41.84
N LEU Y 25 33.39 35.17 41.06
CA LEU Y 25 34.28 34.07 40.85
C LEU Y 25 35.27 34.34 39.80
N ASN Y 26 35.03 35.53 39.03
CA ASN Y 26 35.80 36.06 37.92
C ASN Y 26 35.61 35.10 36.70
N THR Y 27 35.24 35.72 35.57
CA THR Y 27 34.90 34.95 34.42
C THR Y 27 35.46 35.83 33.32
N GLY Y 28 35.53 35.30 32.05
CA GLY Y 28 35.94 36.02 30.87
C GLY Y 28 34.79 35.99 29.85
N LEU Y 29 33.73 35.17 30.23
CA LEU Y 29 32.51 35.03 29.47
C LEU Y 29 31.76 36.32 29.62
N ASP Y 30 30.97 36.79 28.57
CA ASP Y 30 30.04 37.83 28.72
C ASP Y 30 28.71 37.22 29.01
N MET Y 31 27.69 38.08 29.26
CA MET Y 31 26.31 37.78 29.55
C MET Y 31 25.67 36.81 28.45
N GLU Y 32 26.02 37.04 27.13
CA GLU Y 32 25.47 36.35 25.99
C GLU Y 32 25.96 34.96 26.04
N THR Y 33 27.27 34.74 26.26
CA THR Y 33 27.76 33.41 26.29
C THR Y 33 27.22 32.59 27.43
N LEU Y 34 27.08 33.27 28.61
CA LEU Y 34 26.62 32.71 29.86
C LEU Y 34 25.22 32.17 29.72
N SER Y 35 24.33 32.92 29.01
CA SER Y 35 23.00 32.55 28.65
C SER Y 35 22.98 31.26 27.90
N ILE Y 36 23.89 31.09 26.91
CA ILE Y 36 24.00 29.94 26.05
C ILE Y 36 24.32 28.76 26.90
N CYS Y 37 25.26 28.86 27.86
CA CYS Y 37 25.68 27.75 28.77
C CYS Y 37 24.58 27.09 29.56
N VAL Y 38 23.65 27.98 30.07
CA VAL Y 38 22.52 27.58 30.88
C VAL Y 38 21.59 26.74 30.04
N ARG Y 39 21.34 27.26 28.81
CA ARG Y 39 20.50 26.53 27.80
C ARG Y 39 21.01 25.19 27.45
N LEU Y 40 22.38 25.08 27.33
CA LEU Y 40 23.02 23.77 27.29
C LEU Y 40 22.77 22.90 28.52
N CYS Y 41 22.82 23.45 29.75
CA CYS Y 41 22.61 22.77 31.05
C CYS Y 41 21.27 22.18 31.17
N GLU Y 42 20.26 22.92 30.72
CA GLU Y 42 18.93 22.46 30.73
C GLU Y 42 18.69 21.29 29.75
N GLN Y 43 19.39 21.34 28.62
CA GLN Y 43 19.33 20.40 27.52
C GLN Y 43 20.13 19.13 27.70
N GLY Y 44 20.79 18.99 28.87
CA GLY Y 44 21.49 17.77 29.29
C GLY Y 44 22.92 18.22 29.49
N ILE Y 45 23.93 17.36 29.20
CA ILE Y 45 25.35 17.71 29.02
C ILE Y 45 26.03 17.79 30.34
N ASN Y 46 26.71 16.68 30.72
CA ASN Y 46 27.45 16.60 31.97
C ASN Y 46 28.30 17.81 32.20
N PRO Y 47 28.60 18.33 33.43
CA PRO Y 47 29.32 19.64 33.60
C PRO Y 47 30.75 19.61 33.20
N GLU Y 48 31.48 18.44 33.18
CA GLU Y 48 32.90 18.36 32.78
C GLU Y 48 33.23 18.51 31.32
N ALA Y 49 32.42 18.00 30.43
CA ALA Y 49 32.61 18.19 29.01
C ALA Y 49 32.52 19.65 28.56
N LEU Y 50 31.52 20.38 29.15
CA LEU Y 50 31.35 21.78 28.94
C LEU Y 50 32.48 22.54 29.43
N SER Y 51 33.02 22.22 30.62
CA SER Y 51 34.16 22.96 31.16
C SER Y 51 35.39 22.79 30.32
N SER Y 52 35.70 21.61 29.83
CA SER Y 52 36.81 21.34 29.00
C SER Y 52 36.81 22.02 27.69
N VAL Y 53 35.65 22.00 26.94
CA VAL Y 53 35.58 22.51 25.59
C VAL Y 53 35.89 24.01 25.68
N ILE Y 54 35.41 24.65 26.79
CA ILE Y 54 35.66 26.07 27.02
C ILE Y 54 37.09 26.42 27.16
N LYS Y 55 37.86 25.62 27.89
CA LYS Y 55 39.27 25.93 28.17
C LYS Y 55 40.10 25.80 26.88
N GLU Y 56 39.82 24.79 26.07
CA GLU Y 56 40.55 24.59 24.85
C GLU Y 56 40.27 25.67 23.91
N LEU Y 57 38.99 26.11 23.71
CA LEU Y 57 38.61 27.21 22.90
C LEU Y 57 39.15 28.60 23.35
N ARG Y 58 39.22 28.86 24.70
CA ARG Y 58 39.81 30.05 25.25
C ARG Y 58 41.29 30.12 24.91
N ARG Y 59 41.99 28.98 25.10
CA ARG Y 59 43.42 28.88 24.73
C ARG Y 59 43.80 29.07 23.31
N ALA Y 60 43.03 28.51 22.33
CA ALA Y 60 43.25 28.66 20.96
C ALA Y 60 43.06 30.11 20.53
N SER Y 61 42.13 30.86 21.21
CA SER Y 61 41.90 32.26 20.81
C SER Y 61 43.06 33.20 21.03
N ASP Y 62 43.81 33.00 22.14
CA ASP Y 62 45.01 33.71 22.55
C ASP Y 62 46.14 33.42 21.59
N THR Y 63 46.29 32.15 21.09
CA THR Y 63 47.38 31.84 20.18
C THR Y 63 47.23 32.57 18.88
N LEU Y 64 45.92 32.64 18.36
CA LEU Y 64 45.53 33.32 17.16
C LEU Y 64 45.73 34.87 17.22
N LYS Y 65 45.31 35.52 18.34
CA LYS Y 65 45.30 36.98 18.47
C LYS Y 65 46.60 37.53 19.13
N MET Z 8 21.01 -28.82 35.19
CA MET Z 8 20.08 -27.62 35.07
C MET Z 8 19.63 -27.11 36.43
N SER Z 9 19.42 -28.04 37.42
CA SER Z 9 18.92 -27.68 38.77
C SER Z 9 19.90 -26.75 39.49
N ALA Z 10 21.20 -27.06 39.49
CA ALA Z 10 22.22 -26.32 40.24
C ALA Z 10 22.44 -24.90 39.82
N VAL Z 11 22.53 -24.81 38.46
CA VAL Z 11 22.74 -23.57 37.71
C VAL Z 11 21.60 -22.48 38.01
N ARG Z 12 20.40 -22.98 37.97
CA ARG Z 12 19.19 -22.10 38.10
C ARG Z 12 19.12 -21.50 39.53
N GLU Z 13 19.54 -22.40 40.50
CA GLU Z 13 19.50 -22.00 41.86
C GLU Z 13 20.60 -20.98 42.19
N THR Z 14 21.83 -20.97 41.55
CA THR Z 14 22.73 -19.84 41.76
C THR Z 14 22.20 -18.61 41.14
N MET Z 15 21.58 -18.68 39.95
CA MET Z 15 21.07 -17.50 39.30
C MET Z 15 20.03 -16.80 40.05
N ASP Z 16 19.11 -17.58 40.72
CA ASP Z 16 18.04 -16.97 41.38
C ASP Z 16 18.54 -16.17 42.53
N VAL Z 17 19.58 -16.74 43.23
CA VAL Z 17 20.26 -16.03 44.40
C VAL Z 17 20.98 -14.83 43.88
N LEU Z 18 21.64 -14.96 42.67
CA LEU Z 18 22.35 -13.94 41.95
C LEU Z 18 21.40 -12.77 41.57
N LEU Z 19 20.14 -12.97 41.11
CA LEU Z 19 19.13 -11.97 40.74
C LEU Z 19 18.65 -11.23 41.94
N GLU Z 20 18.65 -11.94 43.13
CA GLU Z 20 18.35 -11.19 44.37
C GLU Z 20 19.28 -10.15 44.67
N ILE Z 21 20.60 -10.46 44.63
CA ILE Z 21 21.63 -9.42 44.83
C ILE Z 21 21.53 -8.31 43.79
N SER Z 22 21.33 -8.67 42.47
CA SER Z 22 21.40 -7.66 41.38
C SER Z 22 20.37 -6.60 41.58
N ARG Z 23 19.15 -7.01 41.92
CA ARG Z 23 18.03 -5.99 42.12
C ARG Z 23 18.32 -5.12 43.34
N LEU Z 24 18.85 -5.61 44.44
CA LEU Z 24 19.18 -4.78 45.64
C LEU Z 24 20.33 -3.73 45.41
N LEU Z 25 21.43 -4.14 44.73
CA LEU Z 25 22.70 -3.49 44.60
C LEU Z 25 22.57 -2.49 43.55
N ASN Z 26 21.47 -2.57 42.81
CA ASN Z 26 21.07 -1.58 41.76
C ASN Z 26 21.91 -1.69 40.52
N THR Z 27 22.14 -2.88 40.07
CA THR Z 27 22.78 -3.23 38.73
C THR Z 27 22.03 -2.67 37.63
N GLY Z 28 20.75 -2.88 37.64
CA GLY Z 28 19.81 -2.42 36.64
C GLY Z 28 19.88 -3.16 35.30
N LEU Z 29 20.40 -4.36 35.32
CA LEU Z 29 20.47 -5.22 34.14
C LEU Z 29 19.26 -6.10 34.08
N ASP Z 30 18.98 -6.81 32.97
CA ASP Z 30 17.95 -7.83 32.82
C ASP Z 30 18.46 -9.22 33.22
N MET Z 31 17.54 -10.25 33.44
CA MET Z 31 17.82 -11.63 33.86
C MET Z 31 18.68 -12.36 32.90
N GLU Z 32 18.25 -12.32 31.58
CA GLU Z 32 18.83 -12.99 30.47
C GLU Z 32 20.27 -12.56 30.23
N THR Z 33 20.48 -11.22 30.33
CA THR Z 33 21.70 -10.63 30.03
C THR Z 33 22.69 -11.11 31.11
N LEU Z 34 22.23 -11.17 32.39
CA LEU Z 34 23.11 -11.57 33.52
C LEU Z 34 23.66 -12.99 33.34
N SER Z 35 22.85 -13.94 32.83
CA SER Z 35 23.24 -15.28 32.62
C SER Z 35 24.42 -15.30 31.66
N ILE Z 36 24.38 -14.49 30.59
CA ILE Z 36 25.45 -14.36 29.64
C ILE Z 36 26.74 -13.79 30.37
N CYS Z 37 26.61 -12.85 31.34
CA CYS Z 37 27.70 -12.27 31.95
C CYS Z 37 28.45 -13.35 32.74
N VAL Z 38 27.67 -14.25 33.47
CA VAL Z 38 28.15 -15.29 34.26
C VAL Z 38 28.81 -16.39 33.55
N ARG Z 39 28.27 -16.81 32.38
CA ARG Z 39 28.88 -17.83 31.43
C ARG Z 39 30.14 -17.31 30.93
N LEU Z 40 30.26 -16.08 30.47
CA LEU Z 40 31.52 -15.57 30.05
C LEU Z 40 32.61 -15.58 31.11
N CYS Z 41 32.25 -15.18 32.37
CA CYS Z 41 33.20 -15.29 33.53
C CYS Z 41 33.78 -16.66 33.80
N GLU Z 42 32.95 -17.70 33.73
CA GLU Z 42 33.29 -19.06 34.07
C GLU Z 42 34.25 -19.62 33.04
N GLN Z 43 34.08 -19.08 31.79
CA GLN Z 43 34.98 -19.33 30.65
C GLN Z 43 36.21 -18.42 30.69
N GLY Z 44 36.35 -17.49 31.71
CA GLY Z 44 37.47 -16.55 31.88
C GLY Z 44 37.11 -15.31 30.98
N ILE Z 45 36.94 -14.10 31.61
CA ILE Z 45 36.82 -12.84 31.00
C ILE Z 45 37.42 -11.96 32.08
N ASN Z 46 37.90 -10.70 31.80
CA ASN Z 46 38.18 -9.69 32.77
C ASN Z 46 36.97 -8.96 33.12
N PRO Z 47 36.78 -8.57 34.37
CA PRO Z 47 35.51 -8.00 34.87
C PRO Z 47 35.41 -6.55 34.37
N GLU Z 48 36.58 -5.84 34.35
CA GLU Z 48 36.63 -4.43 34.04
C GLU Z 48 36.21 -4.06 32.63
N ALA Z 49 36.68 -4.92 31.71
CA ALA Z 49 36.30 -4.86 30.31
C ALA Z 49 34.81 -5.16 30.13
N LEU Z 50 34.32 -6.20 30.81
CA LEU Z 50 32.99 -6.57 30.67
C LEU Z 50 31.97 -5.49 31.10
N SER Z 51 32.20 -4.77 32.26
CA SER Z 51 31.38 -3.67 32.67
C SER Z 51 31.44 -2.55 31.64
N SER Z 52 32.67 -2.21 31.13
CA SER Z 52 32.79 -1.22 30.13
C SER Z 52 31.96 -1.40 28.87
N VAL Z 53 31.95 -2.63 28.34
CA VAL Z 53 31.15 -2.93 27.18
C VAL Z 53 29.64 -2.72 27.42
N ILE Z 54 29.15 -3.20 28.62
CA ILE Z 54 27.78 -3.13 29.07
C ILE Z 54 27.27 -1.72 29.04
N LYS Z 55 28.12 -0.78 29.51
CA LYS Z 55 27.94 0.64 29.64
C LYS Z 55 27.78 1.42 28.35
N GLU Z 56 28.59 1.13 27.38
CA GLU Z 56 28.49 1.72 26.07
C GLU Z 56 27.19 1.25 25.39
N LEU Z 57 26.88 -0.06 25.46
CA LEU Z 57 25.66 -0.63 24.94
C LEU Z 57 24.46 -0.05 25.58
N ARG Z 58 24.52 0.24 26.87
CA ARG Z 58 23.36 0.72 27.64
C ARG Z 58 22.96 2.11 27.28
N ARG Z 59 23.95 3.03 27.20
CA ARG Z 59 23.84 4.42 26.87
C ARG Z 59 23.27 4.48 25.40
N ALA Z 60 23.78 3.56 24.51
CA ALA Z 60 23.49 3.50 23.05
C ALA Z 60 22.02 3.23 22.78
N SER Z 61 21.43 2.27 23.55
CA SER Z 61 20.00 1.96 23.61
C SER Z 61 19.15 3.17 24.04
N ASP Z 62 19.47 3.94 25.08
CA ASP Z 62 18.57 4.97 25.50
C ASP Z 62 18.36 6.06 24.50
N THR Z 63 19.49 6.45 23.77
CA THR Z 63 19.56 7.53 22.95
C THR Z 63 18.76 7.30 21.68
N LEU Z 64 18.86 5.99 21.28
CA LEU Z 64 18.29 5.43 20.08
C LEU Z 64 16.77 5.55 20.16
N LYS Z 65 16.12 5.18 21.30
CA LYS Z 65 14.70 5.02 21.51
C LYS Z 65 14.06 6.39 21.35
N ALA Z 66 14.65 7.43 21.97
CA ALA Z 66 14.20 8.83 21.85
C ALA Z 66 14.61 9.50 20.54
N MET AA 8 72.55 39.77 24.30
CA MET AA 8 73.34 38.57 24.20
C MET AA 8 74.30 38.40 25.38
N SER AA 9 74.96 39.47 25.78
CA SER AA 9 75.83 39.46 27.00
C SER AA 9 74.97 39.17 28.27
N ALA AA 10 73.78 39.84 28.41
CA ALA AA 10 72.84 39.68 29.53
C ALA AA 10 72.24 38.25 29.52
N VAL AA 11 71.90 37.70 28.34
CA VAL AA 11 71.30 36.40 28.08
C VAL AA 11 72.32 35.29 28.51
N ARG AA 12 73.62 35.51 28.24
CA ARG AA 12 74.70 34.59 28.57
C ARG AA 12 74.96 34.51 30.12
N GLU AA 13 74.83 35.65 30.80
CA GLU AA 13 75.06 35.81 32.17
C GLU AA 13 74.04 35.03 33.03
N THR AA 14 72.82 35.11 32.58
CA THR AA 14 71.70 34.34 33.07
C THR AA 14 71.90 32.85 32.82
N MET AA 15 72.40 32.52 31.60
CA MET AA 15 72.64 31.23 30.99
C MET AA 15 73.68 30.50 31.83
N ASP AA 16 74.75 31.23 32.35
CA ASP AA 16 75.71 30.66 33.25
C ASP AA 16 75.04 30.22 34.53
N VAL AA 17 74.06 31.01 35.09
CA VAL AA 17 73.37 30.67 36.29
C VAL AA 17 72.56 29.43 36.15
N LEU AA 18 71.84 29.23 35.05
CA LEU AA 18 71.08 28.03 34.71
C LEU AA 18 71.94 26.85 34.43
N LEU AA 19 73.21 27.06 33.95
CA LEU AA 19 74.10 25.93 33.66
C LEU AA 19 74.55 25.15 34.88
N GLU AA 20 74.82 25.90 35.96
CA GLU AA 20 75.12 25.48 37.30
C GLU AA 20 74.04 24.77 37.96
N ILE AA 21 72.79 25.30 37.83
CA ILE AA 21 71.60 24.62 38.40
C ILE AA 21 71.42 23.27 37.76
N SER AA 22 71.63 23.20 36.50
CA SER AA 22 71.57 21.99 35.67
C SER AA 22 72.61 20.94 36.14
N ARG AA 23 73.81 21.38 36.63
CA ARG AA 23 74.79 20.44 37.19
C ARG AA 23 74.33 19.70 38.48
N LEU AA 24 73.65 20.45 39.43
CA LEU AA 24 73.10 20.01 40.70
C LEU AA 24 72.08 18.88 40.50
N LEU AA 25 71.20 18.92 39.53
CA LEU AA 25 70.30 17.89 39.24
C LEU AA 25 70.89 16.75 38.45
N ASN AA 26 72.10 16.99 37.93
CA ASN AA 26 72.89 16.07 37.22
C ASN AA 26 72.42 15.70 35.82
N THR AA 27 72.00 16.72 35.03
CA THR AA 27 71.49 16.60 33.65
C THR AA 27 72.54 17.23 32.81
N GLY AA 28 72.85 16.57 31.62
CA GLY AA 28 73.76 17.20 30.63
C GLY AA 28 72.86 18.12 29.77
N LEU AA 29 73.27 19.41 29.53
CA LEU AA 29 72.65 20.22 28.59
C LEU AA 29 73.78 20.99 27.94
N ASP AA 30 73.72 21.31 26.58
CA ASP AA 30 74.69 22.24 25.99
C ASP AA 30 74.31 23.68 26.52
N MET AA 31 75.32 24.59 26.56
CA MET AA 31 75.24 25.95 26.85
C MET AA 31 74.32 26.70 25.88
N GLU AA 32 74.30 26.26 24.66
CA GLU AA 32 73.61 26.82 23.58
C GLU AA 32 72.10 26.70 23.84
N THR AA 33 71.63 25.51 24.32
CA THR AA 33 70.21 25.16 24.61
C THR AA 33 69.70 25.92 25.74
N LEU AA 34 70.57 26.15 26.75
CA LEU AA 34 70.21 26.92 27.95
C LEU AA 34 69.94 28.38 27.53
N SER AA 35 70.69 28.98 26.62
CA SER AA 35 70.36 30.30 26.06
C SER AA 35 69.04 30.28 25.30
N ILE AA 36 68.74 29.30 24.50
CA ILE AA 36 67.50 29.28 23.77
C ILE AA 36 66.21 29.23 24.65
N CYS AA 37 66.23 28.52 25.79
CA CYS AA 37 65.14 28.42 26.76
C CYS AA 37 64.69 29.79 27.21
N VAL AA 38 65.66 30.71 27.41
CA VAL AA 38 65.44 32.08 27.82
C VAL AA 38 64.59 32.87 26.88
N ARG AA 39 64.91 32.73 25.53
CA ARG AA 39 64.06 33.33 24.47
C ARG AA 39 62.60 32.80 24.52
N LEU AA 40 62.43 31.48 24.65
CA LEU AA 40 61.14 30.80 24.66
C LEU AA 40 60.23 31.34 25.84
N CYS AA 41 60.69 31.49 27.12
CA CYS AA 41 59.88 32.04 28.29
C CYS AA 41 59.75 33.57 28.11
N GLU AA 42 60.69 34.31 27.49
CA GLU AA 42 60.42 35.74 27.30
C GLU AA 42 59.26 35.97 26.35
N GLN AA 43 59.06 35.02 25.38
CA GLN AA 43 57.99 35.11 24.42
C GLN AA 43 56.66 34.58 25.05
N GLY AA 44 56.70 34.00 26.23
CA GLY AA 44 55.52 33.69 27.06
C GLY AA 44 55.11 32.36 26.68
N ILE AA 45 56.04 31.55 26.06
CA ILE AA 45 55.88 30.10 25.85
C ILE AA 45 55.62 29.45 27.18
N ASN AA 46 54.67 28.50 27.21
CA ASN AA 46 54.23 27.52 28.14
C ASN AA 46 55.42 26.67 28.64
N PRO AA 47 55.71 26.64 29.99
CA PRO AA 47 56.92 26.03 30.50
C PRO AA 47 56.69 24.53 30.43
N GLU AA 48 55.39 24.09 30.46
CA GLU AA 48 55.04 22.65 30.51
C GLU AA 48 55.30 21.95 29.22
N ALA AA 49 54.96 22.56 28.06
CA ALA AA 49 55.42 22.16 26.73
C ALA AA 49 56.92 22.27 26.62
N LEU AA 50 57.54 23.23 27.20
CA LEU AA 50 58.94 23.39 27.06
C LEU AA 50 59.81 22.20 27.61
N SER AA 51 59.45 21.77 28.84
CA SER AA 51 59.99 20.70 29.61
C SER AA 51 59.80 19.37 28.94
N SER AA 52 58.68 19.16 28.34
CA SER AA 52 58.32 17.94 27.59
C SER AA 52 59.34 17.80 26.38
N VAL AA 53 59.66 18.91 25.66
CA VAL AA 53 60.72 18.95 24.67
C VAL AA 53 62.09 18.62 25.18
N ILE AA 54 62.55 19.29 26.32
CA ILE AA 54 63.86 19.15 26.87
C ILE AA 54 64.12 17.69 27.28
N LYS AA 55 63.12 17.06 28.04
CA LYS AA 55 63.21 15.78 28.66
C LYS AA 55 63.46 14.72 27.66
N GLU AA 56 62.52 14.76 26.64
CA GLU AA 56 62.46 13.73 25.63
C GLU AA 56 63.51 13.72 24.63
N LEU AA 57 63.96 14.91 24.08
CA LEU AA 57 65.07 14.95 23.11
C LEU AA 57 66.42 14.68 23.72
N ARG AA 58 66.73 15.13 25.03
CA ARG AA 58 68.02 14.85 25.69
C ARG AA 58 68.20 13.39 25.96
N ARG AA 59 67.09 12.71 26.42
CA ARG AA 59 66.99 11.27 26.72
C ARG AA 59 67.23 10.45 25.40
N ALA AA 60 66.75 10.94 24.25
CA ALA AA 60 66.78 10.29 22.94
C ALA AA 60 68.19 10.17 22.47
N SER AA 61 68.90 11.28 22.70
CA SER AA 61 70.27 11.46 22.40
C SER AA 61 71.15 10.49 23.27
N ASP AA 62 70.93 10.36 24.62
CA ASP AA 62 71.67 9.47 25.47
C ASP AA 62 71.47 7.98 25.23
N THR AA 63 70.28 7.45 25.02
CA THR AA 63 69.90 6.05 24.77
C THR AA 63 70.50 5.62 23.48
N LEU AA 64 70.45 6.42 22.43
CA LEU AA 64 71.00 6.18 21.10
C LEU AA 64 72.46 5.97 21.06
N LYS AA 65 73.15 6.85 21.82
CA LYS AA 65 74.62 6.80 21.91
C LYS AA 65 74.94 5.92 23.18
#